data_6H6V
#
_entry.id   6H6V
#
_cell.length_a   84.910
_cell.length_b   139.250
_cell.length_c   136.880
_cell.angle_alpha   90.00
_cell.angle_beta   93.74
_cell.angle_gamma   90.00
#
_symmetry.space_group_name_H-M   'P 1 21 1'
#
loop_
_entity.id
_entity.type
_entity.pdbx_description
1 polymer '3-polyprenyl-4-hydroxybenzoate decarboxylase and related decarboxylases'
2 non-polymer 'FLAVIN MONONUCLEOTIDE'
3 non-polymer 'POTASSIUM ION'
4 non-polymer 'MANGANESE (II) ION'
5 non-polymer 'CALCIUM ION'
6 water water
#
_entity_poly.entity_id   1
_entity_poly.type   'polypeptide(L)'
_entity_poly.pdbx_seq_one_letter_code
;(MSE)SHSLREWLAFLEGKGKLKRVRKEVDPVFEIAALGKQADGICSLLFERVKGYAVPVVTGLAGDRELFAAA(MSE)S
VPVEG(MSE)LEKLAAAVENPVPCRLVSPDGAPVKECIIRENIDLLK(MSE)LPIPTHHAGDAGPYITAAILIARDPDSG
VRNVSIHRLQVTGPDRLGILILPRHLWHFFGKAERAGRPLEIALAIGVHPAVLLASQATTRLGVDELEIASALLPQPLEL
VKCETVDVEVPAGAEIVIEGKILPGVREVEGPFGEYPRYYGPAAPRPVVEVTAVTHRRQPVYHTIIPASREHLLLGGIAR
EAVLLQTVRQAVPTVKNVHLTPGGSCRYHAVISIEKKHEGEAKNAIFAAFTSSSEVKHVVVVDHEINIFDPEEVEWAVAT
RCQAGRDVFIVKDA(MSE)GNRLDPSSRDGVSDK(MSE)GIDATIPLNLPGERFERISIPGLDKIKLADYLE
;
_entity_poly.pdbx_strand_id   A,B,C,D,E,F
#
loop_
_chem_comp.id
_chem_comp.type
_chem_comp.name
_chem_comp.formula
CA non-polymer 'CALCIUM ION' 'Ca 2'
FMN non-polymer 'FLAVIN MONONUCLEOTIDE' 'C17 H21 N4 O9 P'
K non-polymer 'POTASSIUM ION' 'K 1'
MN non-polymer 'MANGANESE (II) ION' 'Mn 2'
#
# COMPACT_ATOMS: atom_id res chain seq x y z
N HIS A 3 -13.20 -55.40 -6.60
CA HIS A 3 -12.11 -54.39 -6.79
C HIS A 3 -11.30 -54.18 -5.46
N SER A 4 -10.12 -54.82 -5.41
CA SER A 4 -9.16 -54.77 -4.30
C SER A 4 -7.77 -54.32 -4.79
N LEU A 5 -6.78 -54.32 -3.90
CA LEU A 5 -5.39 -53.98 -4.27
C LEU A 5 -4.81 -54.88 -5.36
N ARG A 6 -4.86 -56.20 -5.16
CA ARG A 6 -4.47 -57.20 -6.19
C ARG A 6 -5.05 -56.87 -7.58
N GLU A 7 -6.36 -56.67 -7.65
CA GLU A 7 -7.03 -56.36 -8.93
C GLU A 7 -6.50 -55.03 -9.51
N TRP A 8 -6.23 -54.07 -8.63
CA TRP A 8 -5.65 -52.78 -9.02
C TRP A 8 -4.21 -52.88 -9.57
N LEU A 9 -3.35 -53.67 -8.93
CA LEU A 9 -1.97 -53.87 -9.42
C LEU A 9 -1.95 -54.54 -10.79
N ALA A 10 -2.88 -55.46 -11.02
CA ALA A 10 -3.07 -56.08 -12.34
C ALA A 10 -3.52 -55.06 -13.39
N PHE A 11 -4.45 -54.19 -13.01
CA PHE A 11 -4.90 -53.10 -13.88
C PHE A 11 -3.75 -52.19 -14.25
N LEU A 12 -2.94 -51.81 -13.27
CA LEU A 12 -1.76 -51.00 -13.54
C LEU A 12 -0.84 -51.71 -14.52
N GLU A 13 -0.57 -52.98 -14.25
CA GLU A 13 0.32 -53.75 -15.12
C GLU A 13 -0.19 -53.84 -16.55
N GLY A 14 -1.51 -53.99 -16.72
CA GLY A 14 -2.14 -53.98 -18.04
C GLY A 14 -2.05 -52.67 -18.79
N LYS A 15 -1.92 -51.58 -18.05
CA LYS A 15 -1.80 -50.24 -18.62
C LYS A 15 -0.33 -49.81 -18.76
N GLY A 16 0.63 -50.65 -18.36
CA GLY A 16 2.05 -50.33 -18.43
C GLY A 16 2.57 -49.36 -17.37
N LYS A 17 1.81 -49.20 -16.27
CA LYS A 17 2.12 -48.25 -15.21
C LYS A 17 2.60 -48.95 -13.92
N LEU A 18 3.01 -50.21 -14.00
CA LEU A 18 3.66 -50.90 -12.90
C LEU A 18 4.88 -51.60 -13.44
N LYS A 19 6.02 -51.41 -12.79
CA LYS A 19 7.26 -52.03 -13.21
C LYS A 19 7.85 -52.71 -12.00
N ARG A 20 8.52 -53.83 -12.26
CA ARG A 20 9.04 -54.69 -11.21
C ARG A 20 10.52 -54.47 -11.04
N VAL A 21 10.99 -54.53 -9.81
CA VAL A 21 12.40 -54.34 -9.51
C VAL A 21 12.87 -55.64 -8.90
N ARG A 22 13.58 -56.40 -9.72
CA ARG A 22 14.01 -57.77 -9.38
C ARG A 22 15.29 -57.73 -8.57
N LYS A 23 16.13 -56.73 -8.80
CA LYS A 23 17.40 -56.62 -8.08
C LYS A 23 17.13 -56.35 -6.60
N GLU A 24 18.04 -56.79 -5.73
CA GLU A 24 17.87 -56.60 -4.30
C GLU A 24 17.96 -55.10 -3.97
N VAL A 25 17.13 -54.63 -3.04
CA VAL A 25 17.13 -53.22 -2.58
C VAL A 25 17.03 -53.13 -1.06
N ASP A 26 17.77 -52.19 -0.48
CA ASP A 26 17.79 -51.96 0.96
C ASP A 26 16.51 -51.18 1.33
N PRO A 27 15.79 -51.60 2.38
CA PRO A 27 14.67 -50.77 2.83
C PRO A 27 15.10 -49.41 3.37
N VAL A 28 16.31 -49.32 3.90
CA VAL A 28 16.86 -48.06 4.39
C VAL A 28 17.33 -47.26 3.17
N PHE A 29 16.53 -46.27 2.78
CA PHE A 29 16.84 -45.25 1.76
C PHE A 29 16.72 -45.67 0.30
N GLU A 30 17.14 -46.88 -0.08
CA GLU A 30 17.13 -47.26 -1.52
C GLU A 30 15.72 -47.37 -2.09
N ILE A 31 14.74 -47.79 -1.30
CA ILE A 31 13.35 -47.88 -1.77
C ILE A 31 12.83 -46.48 -2.07
N ALA A 32 12.99 -45.58 -1.11
CA ALA A 32 12.60 -44.16 -1.27
C ALA A 32 13.30 -43.51 -2.46
N ALA A 33 14.59 -43.77 -2.57
CA ALA A 33 15.41 -43.22 -3.66
C ALA A 33 14.93 -43.65 -5.04
N LEU A 34 14.69 -44.94 -5.20
CA LEU A 34 14.22 -45.48 -6.48
C LEU A 34 12.81 -45.03 -6.76
N GLY A 35 11.96 -45.05 -5.73
CA GLY A 35 10.57 -44.60 -5.86
C GLY A 35 10.43 -43.16 -6.28
N LYS A 36 11.33 -42.31 -5.80
CA LYS A 36 11.32 -40.89 -6.19
C LYS A 36 11.53 -40.70 -7.68
N GLN A 37 12.34 -41.55 -8.30
CA GLN A 37 12.61 -41.46 -9.73
C GLN A 37 11.42 -41.96 -10.58
N ALA A 38 10.59 -42.82 -9.98
CA ALA A 38 9.36 -43.28 -10.61
C ALA A 38 8.15 -42.38 -10.35
N ASP A 39 8.29 -41.45 -9.40
CA ASP A 39 7.19 -40.57 -8.95
C ASP A 39 6.42 -39.93 -10.10
N GLY A 40 5.13 -40.23 -10.19
CA GLY A 40 4.28 -39.68 -11.26
C GLY A 40 4.29 -40.44 -12.57
N ILE A 41 5.25 -41.34 -12.77
CA ILE A 41 5.39 -42.07 -14.02
C ILE A 41 4.79 -43.46 -13.88
N CYS A 42 5.20 -44.18 -12.84
CA CYS A 42 4.70 -45.54 -12.61
C CYS A 42 4.89 -46.04 -11.18
N SER A 43 4.09 -47.04 -10.84
CA SER A 43 4.25 -47.79 -9.62
C SER A 43 5.47 -48.71 -9.72
N LEU A 44 6.13 -48.93 -8.59
CA LEU A 44 7.24 -49.87 -8.50
C LEU A 44 6.90 -50.98 -7.53
N LEU A 45 7.13 -52.22 -7.96
CA LEU A 45 6.99 -53.38 -7.09
C LEU A 45 8.37 -53.96 -6.86
N PHE A 46 8.89 -53.80 -5.64
CA PHE A 46 10.20 -54.31 -5.27
C PHE A 46 10.07 -55.77 -4.82
N GLU A 47 10.38 -56.70 -5.74
CA GLU A 47 10.25 -58.14 -5.48
C GLU A 47 11.24 -58.70 -4.46
N ARG A 48 12.35 -58.00 -4.21
CA ARG A 48 13.42 -58.50 -3.36
C ARG A 48 13.94 -57.40 -2.43
N VAL A 49 13.44 -57.38 -1.21
CA VAL A 49 13.84 -56.39 -0.21
C VAL A 49 14.77 -57.04 0.81
N LYS A 50 16.01 -56.59 0.85
CA LYS A 50 17.06 -57.11 1.74
C LYS A 50 16.60 -57.31 3.20
N GLY A 51 16.55 -58.58 3.59
CA GLY A 51 16.16 -59.03 4.93
C GLY A 51 14.75 -59.64 5.04
N TYR A 52 14.04 -59.80 3.91
CA TYR A 52 12.59 -60.06 3.93
C TYR A 52 12.10 -60.83 2.72
N ALA A 53 11.13 -61.72 2.97
CA ALA A 53 10.39 -62.42 1.91
C ALA A 53 9.34 -61.52 1.23
N VAL A 54 8.78 -60.59 2.01
CA VAL A 54 7.67 -59.75 1.60
C VAL A 54 8.14 -58.66 0.64
N PRO A 55 7.47 -58.51 -0.51
CA PRO A 55 7.80 -57.41 -1.42
C PRO A 55 7.14 -56.11 -0.99
N VAL A 56 7.67 -55.01 -1.51
CA VAL A 56 7.15 -53.67 -1.23
C VAL A 56 6.60 -53.08 -2.52
N VAL A 57 5.49 -52.37 -2.42
CA VAL A 57 4.93 -51.66 -3.55
C VAL A 57 4.82 -50.19 -3.19
N THR A 58 4.93 -49.33 -4.20
CA THR A 58 4.80 -47.89 -4.00
C THR A 58 4.27 -47.21 -5.25
N GLY A 59 3.54 -46.13 -5.07
CA GLY A 59 3.01 -45.35 -6.18
C GLY A 59 1.83 -45.98 -6.87
N LEU A 60 0.89 -46.50 -6.08
CA LEU A 60 -0.39 -47.06 -6.58
C LEU A 60 -1.16 -46.12 -7.49
N ALA A 61 -1.08 -44.82 -7.21
CA ALA A 61 -1.66 -43.81 -8.09
C ALA A 61 -0.87 -42.50 -7.97
N GLY A 62 -0.16 -42.15 -9.05
CA GLY A 62 0.67 -40.97 -9.05
C GLY A 62 0.17 -39.85 -9.93
N ASP A 63 -1.06 -39.96 -10.44
CA ASP A 63 -1.62 -38.90 -11.26
C ASP A 63 -3.11 -38.96 -11.20
N ARG A 64 -3.76 -37.88 -11.63
CA ARG A 64 -5.18 -37.75 -11.40
C ARG A 64 -6.02 -38.67 -12.28
N GLU A 65 -5.49 -39.06 -13.45
CA GLU A 65 -6.16 -40.01 -14.35
C GLU A 65 -6.35 -41.38 -13.68
N LEU A 66 -5.32 -41.83 -12.94
CA LEU A 66 -5.39 -43.09 -12.20
C LEU A 66 -6.29 -43.02 -10.98
N PHE A 67 -6.37 -41.87 -10.30
CA PHE A 67 -7.35 -41.74 -9.21
C PHE A 67 -8.78 -41.81 -9.72
N ALA A 68 -8.99 -41.20 -10.89
CA ALA A 68 -10.28 -41.23 -11.57
C ALA A 68 -10.65 -42.65 -11.94
N ALA A 69 -9.68 -43.40 -12.45
CA ALA A 69 -9.91 -44.80 -12.79
C ALA A 69 -10.27 -45.61 -11.55
N ALA A 70 -9.57 -45.36 -10.45
CA ALA A 70 -9.85 -46.02 -9.17
C ALA A 70 -11.26 -45.71 -8.63
N MSE A 71 -11.85 -44.60 -9.03
CA MSE A 71 -13.27 -44.32 -8.72
C MSE A 71 -14.26 -44.69 -9.80
O MSE A 71 -15.45 -44.41 -9.65
CB MSE A 71 -13.39 -42.83 -8.47
CG MSE A 71 -12.71 -42.46 -7.16
SE MSE A 71 -12.90 -40.52 -7.01
CE MSE A 71 -11.03 -40.13 -7.46
N SER A 72 -13.78 -45.31 -10.88
CA SER A 72 -14.60 -45.68 -12.05
C SER A 72 -15.30 -44.49 -12.68
N VAL A 73 -14.54 -43.43 -12.92
CA VAL A 73 -15.03 -42.26 -13.65
C VAL A 73 -13.97 -41.67 -14.55
N PRO A 74 -14.42 -40.91 -15.55
CA PRO A 74 -13.49 -40.06 -16.26
C PRO A 74 -13.00 -38.92 -15.34
N VAL A 75 -11.78 -38.45 -15.60
CA VAL A 75 -11.17 -37.34 -14.86
C VAL A 75 -12.12 -36.17 -14.67
N GLU A 76 -12.71 -35.72 -15.77
CA GLU A 76 -13.64 -34.56 -15.76
C GLU A 76 -14.83 -34.67 -14.78
N GLY A 77 -15.22 -35.87 -14.35
CA GLY A 77 -16.27 -36.04 -13.34
C GLY A 77 -15.82 -36.56 -11.97
N MSE A 78 -14.50 -36.58 -11.74
CA MSE A 78 -13.91 -37.08 -10.50
C MSE A 78 -14.24 -36.35 -9.21
O MSE A 78 -14.48 -37.00 -8.19
CB MSE A 78 -12.42 -36.96 -10.70
CG MSE A 78 -11.63 -37.57 -9.54
SE MSE A 78 -9.67 -37.34 -9.81
CE MSE A 78 -9.63 -35.80 -11.06
N LEU A 79 -14.18 -35.03 -9.22
CA LEU A 79 -14.51 -34.27 -8.03
C LEU A 79 -15.97 -34.35 -7.66
N GLU A 80 -16.83 -34.40 -8.69
CA GLU A 80 -18.29 -34.49 -8.49
C GLU A 80 -18.66 -35.81 -7.82
N LYS A 81 -18.05 -36.91 -8.28
CA LYS A 81 -18.27 -38.24 -7.68
C LYS A 81 -17.77 -38.37 -6.25
N LEU A 82 -16.61 -37.79 -5.94
CA LEU A 82 -16.10 -37.83 -4.57
C LEU A 82 -17.03 -37.08 -3.65
N ALA A 83 -17.48 -35.90 -4.06
CA ALA A 83 -18.47 -35.13 -3.32
C ALA A 83 -19.78 -35.91 -3.12
N ALA A 84 -20.22 -36.61 -4.18
CA ALA A 84 -21.45 -37.40 -4.11
C ALA A 84 -21.34 -38.57 -3.12
N ALA A 85 -20.16 -39.20 -3.08
CA ALA A 85 -19.87 -40.30 -2.16
C ALA A 85 -19.87 -39.85 -0.69
N VAL A 86 -19.43 -38.62 -0.44
CA VAL A 86 -19.44 -38.06 0.91
C VAL A 86 -20.88 -37.73 1.35
N GLU A 87 -21.70 -37.20 0.43
CA GLU A 87 -23.11 -36.91 0.76
C GLU A 87 -23.99 -38.15 0.91
N ASN A 88 -23.74 -39.20 0.14
CA ASN A 88 -24.53 -40.45 0.21
C ASN A 88 -23.62 -41.65 0.46
N PRO A 89 -23.14 -41.80 1.70
CA PRO A 89 -22.38 -43.01 2.02
C PRO A 89 -23.27 -44.25 1.92
N VAL A 90 -22.64 -45.37 1.61
CA VAL A 90 -23.30 -46.65 1.38
C VAL A 90 -22.75 -47.62 2.42
N PRO A 91 -23.60 -48.40 3.09
CA PRO A 91 -23.01 -49.31 4.10
C PRO A 91 -22.11 -50.43 3.52
N CYS A 92 -21.27 -50.98 4.38
CA CYS A 92 -20.34 -52.04 4.04
C CYS A 92 -21.03 -53.38 4.23
N ARG A 93 -20.34 -54.49 3.93
CA ARG A 93 -20.85 -55.84 4.24
C ARG A 93 -19.90 -56.46 5.24
N LEU A 94 -20.41 -56.80 6.42
CA LEU A 94 -19.64 -57.62 7.36
C LEU A 94 -19.63 -59.04 6.78
N VAL A 95 -18.48 -59.69 6.88
CA VAL A 95 -18.20 -60.96 6.19
C VAL A 95 -17.57 -61.90 7.24
N SER A 96 -17.71 -63.21 7.02
CA SER A 96 -17.19 -64.20 7.97
C SER A 96 -15.66 -64.24 8.00
N PRO A 97 -15.04 -64.39 9.20
CA PRO A 97 -13.57 -64.51 9.33
C PRO A 97 -12.92 -65.59 8.46
N ASP A 98 -13.53 -66.77 8.37
CA ASP A 98 -12.99 -67.84 7.53
C ASP A 98 -13.24 -67.53 6.05
N GLY A 99 -12.20 -67.72 5.21
CA GLY A 99 -12.25 -67.31 3.80
C GLY A 99 -11.78 -65.89 3.51
N ALA A 100 -11.92 -64.98 4.48
CA ALA A 100 -11.41 -63.59 4.41
C ALA A 100 -9.89 -63.52 4.29
N PRO A 101 -9.36 -63.07 3.13
CA PRO A 101 -7.91 -63.19 2.87
C PRO A 101 -6.97 -62.61 3.94
N VAL A 102 -7.37 -61.55 4.63
CA VAL A 102 -6.52 -60.92 5.64
C VAL A 102 -6.35 -61.78 6.90
N LYS A 103 -7.19 -62.80 7.05
CA LYS A 103 -7.12 -63.75 8.18
C LYS A 103 -6.31 -65.03 7.92
N GLU A 104 -5.79 -65.19 6.71
CA GLU A 104 -4.95 -66.34 6.36
C GLU A 104 -3.80 -66.63 7.33
N CYS A 105 -3.16 -65.60 7.90
CA CYS A 105 -2.11 -65.78 8.92
C CYS A 105 -2.36 -64.84 10.09
N ILE A 106 -2.78 -65.37 11.23
CA ILE A 106 -2.94 -64.59 12.47
C ILE A 106 -1.62 -64.70 13.23
N ILE A 107 -1.25 -63.66 13.98
CA ILE A 107 -0.03 -63.66 14.80
C ILE A 107 -0.32 -62.85 16.06
N ARG A 108 -0.33 -63.50 17.21
CA ARG A 108 -0.70 -62.90 18.48
C ARG A 108 0.42 -62.86 19.51
N GLU A 109 1.57 -63.43 19.20
CA GLU A 109 2.63 -63.52 20.19
C GLU A 109 3.98 -63.28 19.55
N ASN A 110 4.91 -62.77 20.37
CA ASN A 110 6.26 -62.44 19.95
C ASN A 110 6.23 -61.53 18.73
N ILE A 111 5.42 -60.47 18.81
CA ILE A 111 5.23 -59.57 17.68
C ILE A 111 6.47 -58.69 17.60
N ASP A 112 7.14 -58.73 16.47
CA ASP A 112 8.31 -57.90 16.17
C ASP A 112 8.12 -57.39 14.73
N LEU A 113 7.60 -56.16 14.61
CA LEU A 113 7.17 -55.60 13.32
C LEU A 113 8.30 -55.48 12.31
N LEU A 114 9.44 -54.95 12.75
CA LEU A 114 10.61 -54.85 11.86
C LEU A 114 11.10 -56.21 11.39
N LYS A 115 10.99 -57.25 12.24
CA LYS A 115 11.30 -58.63 11.84
C LYS A 115 10.48 -59.12 10.63
N MSE A 116 9.17 -58.85 10.64
CA MSE A 116 8.22 -59.45 9.69
C MSE A 116 7.91 -58.62 8.47
O MSE A 116 7.62 -59.18 7.40
CB MSE A 116 6.82 -59.76 10.25
CG MSE A 116 6.65 -59.37 11.72
SE MSE A 116 4.89 -59.85 12.44
CE MSE A 116 3.90 -60.36 10.80
N LEU A 117 7.92 -57.30 8.64
CA LEU A 117 7.52 -56.36 7.58
C LEU A 117 8.69 -55.47 7.16
N PRO A 118 8.86 -55.25 5.84
CA PRO A 118 9.93 -54.45 5.25
C PRO A 118 9.64 -52.93 5.30
N ILE A 119 9.57 -52.41 6.52
CA ILE A 119 9.14 -51.05 6.77
C ILE A 119 10.29 -50.12 6.40
N PRO A 120 10.13 -49.29 5.34
CA PRO A 120 11.25 -48.48 4.91
C PRO A 120 11.60 -47.32 5.83
N THR A 121 12.82 -46.82 5.65
CA THR A 121 13.28 -45.58 6.23
C THR A 121 13.49 -44.65 5.03
N HIS A 122 12.77 -43.53 5.02
CA HIS A 122 12.57 -42.79 3.77
C HIS A 122 13.54 -41.63 3.54
N HIS A 123 13.58 -40.69 4.48
CA HIS A 123 14.40 -39.48 4.32
C HIS A 123 15.49 -39.38 5.40
N ALA A 124 16.59 -38.71 5.05
CA ALA A 124 17.83 -38.65 5.83
C ALA A 124 17.62 -38.38 7.32
N GLY A 125 16.84 -37.35 7.62
CA GLY A 125 16.62 -36.93 9.00
C GLY A 125 15.51 -37.66 9.75
N ASP A 126 14.93 -38.71 9.16
CA ASP A 126 13.86 -39.45 9.84
C ASP A 126 14.38 -40.18 11.05
N ALA A 127 13.61 -40.16 12.13
CA ALA A 127 14.01 -40.80 13.38
C ALA A 127 14.14 -42.31 13.27
N GLY A 128 13.50 -42.91 12.27
CA GLY A 128 13.63 -44.34 12.04
C GLY A 128 12.74 -44.81 10.90
N PRO A 129 12.45 -46.12 10.87
CA PRO A 129 11.46 -46.66 9.94
C PRO A 129 10.05 -46.20 10.28
N TYR A 130 9.27 -45.90 9.25
CA TYR A 130 7.93 -45.36 9.40
C TYR A 130 6.94 -46.14 8.53
N ILE A 131 5.77 -46.42 9.10
CA ILE A 131 4.66 -46.99 8.34
C ILE A 131 3.86 -45.79 7.87
N THR A 132 3.76 -45.64 6.55
CA THR A 132 3.25 -44.43 5.92
C THR A 132 1.91 -44.58 5.23
N ALA A 133 1.48 -45.82 4.97
CA ALA A 133 0.29 -46.08 4.16
C ALA A 133 -0.82 -46.85 4.88
N ALA A 134 -0.87 -46.77 6.21
CA ALA A 134 -1.86 -47.50 6.99
C ALA A 134 -3.05 -46.63 7.26
N ILE A 135 -4.24 -47.05 6.78
CA ILE A 135 -5.48 -46.44 7.26
C ILE A 135 -5.71 -46.89 8.70
N LEU A 136 -6.13 -45.97 9.54
CA LEU A 136 -6.37 -46.23 10.95
C LEU A 136 -7.85 -46.12 11.20
N ILE A 137 -8.44 -47.21 11.69
CA ILE A 137 -9.87 -47.29 11.99
C ILE A 137 -10.09 -47.31 13.49
N ALA A 138 -11.08 -46.55 13.94
CA ALA A 138 -11.41 -46.46 15.38
C ALA A 138 -12.86 -46.08 15.57
N ARG A 139 -13.45 -46.50 16.68
CA ARG A 139 -14.82 -46.12 17.06
C ARG A 139 -14.78 -45.11 18.17
N ASP A 140 -15.78 -44.23 18.20
CA ASP A 140 -16.01 -43.33 19.33
C ASP A 140 -16.35 -44.18 20.57
N PRO A 141 -15.65 -43.97 21.71
CA PRO A 141 -16.03 -44.71 22.93
C PRO A 141 -17.49 -44.52 23.41
N ASP A 142 -18.06 -43.33 23.19
CA ASP A 142 -19.47 -43.05 23.56
C ASP A 142 -20.44 -43.52 22.48
N SER A 143 -20.48 -42.83 21.34
CA SER A 143 -21.46 -43.13 20.29
C SER A 143 -21.23 -44.45 19.52
N GLY A 144 -20.01 -44.99 19.55
CA GLY A 144 -19.69 -46.23 18.81
C GLY A 144 -19.48 -46.12 17.30
N VAL A 145 -19.70 -44.94 16.71
CA VAL A 145 -19.54 -44.77 15.26
C VAL A 145 -18.06 -44.65 14.90
N ARG A 146 -17.70 -45.16 13.71
CA ARG A 146 -16.28 -45.24 13.37
C ARG A 146 -15.75 -44.21 12.40
N ASN A 147 -14.44 -44.01 12.48
CA ASN A 147 -13.69 -43.03 11.73
C ASN A 147 -12.50 -43.72 11.08
N VAL A 148 -12.06 -43.17 9.95
CA VAL A 148 -10.86 -43.60 9.27
C VAL A 148 -10.00 -42.38 8.97
N SER A 149 -8.71 -42.49 9.22
CA SER A 149 -7.72 -41.47 8.88
C SER A 149 -6.39 -42.15 8.70
N ILE A 150 -5.44 -41.48 8.08
CA ILE A 150 -4.09 -41.99 7.89
C ILE A 150 -3.14 -41.21 8.79
N HIS A 151 -2.24 -41.91 9.47
CA HIS A 151 -1.30 -41.31 10.41
C HIS A 151 0.04 -41.98 10.29
N ARG A 152 1.11 -41.17 10.33
CA ARG A 152 2.45 -41.72 10.30
C ARG A 152 2.72 -42.48 11.61
N LEU A 153 3.42 -43.59 11.49
CA LEU A 153 3.69 -44.47 12.62
C LEU A 153 5.15 -44.79 12.62
N GLN A 154 5.86 -44.20 13.57
CA GLN A 154 7.27 -44.53 13.81
C GLN A 154 7.35 -45.88 14.52
N VAL A 155 8.19 -46.77 14.00
CA VAL A 155 8.47 -48.04 14.68
C VAL A 155 9.49 -47.75 15.79
N THR A 156 9.03 -47.75 17.04
CA THR A 156 9.88 -47.49 18.23
C THR A 156 10.20 -48.75 19.05
N GLY A 157 9.65 -49.89 18.63
CA GLY A 157 9.93 -51.16 19.28
C GLY A 157 9.34 -52.34 18.50
N PRO A 158 9.55 -53.56 19.00
CA PRO A 158 8.91 -54.73 18.36
C PRO A 158 7.37 -54.62 18.27
N ASP A 159 6.72 -54.28 19.38
CA ASP A 159 5.25 -54.18 19.47
C ASP A 159 4.78 -52.74 19.74
N ARG A 160 5.50 -51.74 19.24
CA ARG A 160 5.32 -50.35 19.69
C ARG A 160 5.54 -49.31 18.58
N LEU A 161 4.57 -48.42 18.41
CA LEU A 161 4.60 -47.37 17.40
C LEU A 161 4.32 -46.01 18.02
N GLY A 162 5.09 -45.00 17.61
CA GLY A 162 4.75 -43.59 17.91
C GLY A 162 3.81 -43.07 16.83
N ILE A 163 2.85 -42.22 17.21
CA ILE A 163 1.84 -41.75 16.26
C ILE A 163 1.64 -40.24 16.36
N LEU A 164 1.58 -39.57 15.20
CA LEU A 164 1.18 -38.16 15.14
C LEU A 164 -0.32 -38.10 14.95
N ILE A 165 -1.00 -37.51 15.93
CA ILE A 165 -2.44 -37.28 15.82
C ILE A 165 -2.66 -35.76 15.83
N LEU A 166 -2.92 -35.20 14.64
CA LEU A 166 -3.37 -33.82 14.54
C LEU A 166 -4.80 -33.72 15.06
N PRO A 167 -5.20 -32.51 15.50
CA PRO A 167 -6.49 -32.38 16.22
C PRO A 167 -7.75 -32.41 15.34
N ARG A 168 -8.12 -33.58 14.84
CA ARG A 168 -9.37 -33.76 14.08
C ARG A 168 -10.10 -34.94 14.76
N HIS A 169 -10.63 -35.92 14.02
CA HIS A 169 -11.57 -36.87 14.60
C HIS A 169 -10.91 -37.93 15.48
N LEU A 170 -9.75 -38.44 15.09
CA LEU A 170 -9.10 -39.42 15.94
C LEU A 170 -8.73 -38.80 17.28
N TRP A 171 -8.31 -37.55 17.27
CA TRP A 171 -7.97 -36.83 18.50
C TRP A 171 -9.17 -36.70 19.44
N HIS A 172 -10.33 -36.38 18.87
CA HIS A 172 -11.57 -36.28 19.63
C HIS A 172 -11.89 -37.60 20.36
N PHE A 173 -11.76 -38.71 19.63
CA PHE A 173 -11.98 -40.04 20.19
C PHE A 173 -10.98 -40.31 21.28
N PHE A 174 -9.71 -40.08 20.97
CA PHE A 174 -8.63 -40.34 21.91
C PHE A 174 -8.76 -39.55 23.20
N GLY A 175 -9.17 -38.29 23.09
CA GLY A 175 -9.43 -37.43 24.25
C GLY A 175 -10.46 -38.02 25.21
N LYS A 176 -11.55 -38.55 24.66
CA LYS A 176 -12.61 -39.20 25.45
C LYS A 176 -12.06 -40.39 26.21
N ALA A 177 -11.37 -41.27 25.49
CA ALA A 177 -10.74 -42.43 26.09
C ALA A 177 -9.69 -42.03 27.14
N GLU A 178 -8.90 -41.02 26.85
CA GLU A 178 -7.78 -40.65 27.73
C GLU A 178 -8.26 -40.07 29.06
N ARG A 179 -9.24 -39.18 29.02
CA ARG A 179 -9.72 -38.56 30.27
C ARG A 179 -10.70 -39.47 31.04
N ALA A 180 -11.05 -40.64 30.48
CA ALA A 180 -11.66 -41.74 31.24
C ALA A 180 -10.63 -42.85 31.61
N GLY A 181 -9.34 -42.53 31.61
CA GLY A 181 -8.27 -43.47 32.00
C GLY A 181 -8.03 -44.71 31.17
N ARG A 182 -8.66 -44.80 29.98
CA ARG A 182 -8.78 -46.05 29.22
C ARG A 182 -8.07 -45.94 27.84
N PRO A 183 -7.51 -47.06 27.34
CA PRO A 183 -6.92 -47.00 25.98
C PRO A 183 -7.98 -46.89 24.87
N LEU A 184 -7.58 -46.38 23.70
CA LEU A 184 -8.46 -46.38 22.52
C LEU A 184 -8.06 -47.51 21.59
N GLU A 185 -9.01 -48.38 21.28
CA GLU A 185 -8.74 -49.54 20.42
C GLU A 185 -8.73 -49.08 18.97
N ILE A 186 -7.71 -49.50 18.23
CA ILE A 186 -7.56 -49.17 16.83
C ILE A 186 -7.14 -50.37 16.01
N ALA A 187 -7.26 -50.22 14.70
CA ALA A 187 -6.77 -51.21 13.76
C ALA A 187 -6.21 -50.47 12.54
N LEU A 188 -5.07 -50.94 12.06
CA LEU A 188 -4.35 -50.33 10.97
C LEU A 188 -4.42 -51.30 9.83
N ALA A 189 -4.94 -50.88 8.68
CA ALA A 189 -4.93 -51.72 7.46
C ALA A 189 -3.97 -51.16 6.44
N ILE A 190 -3.08 -52.00 5.94
CA ILE A 190 -2.07 -51.64 4.96
C ILE A 190 -2.27 -52.49 3.72
N GLY A 191 -2.19 -51.86 2.56
CA GLY A 191 -2.45 -52.53 1.29
C GLY A 191 -3.94 -52.62 1.04
N VAL A 192 -4.54 -51.48 0.74
CA VAL A 192 -5.96 -51.41 0.33
C VAL A 192 -6.10 -50.70 -1.01
N HIS A 193 -7.27 -50.84 -1.61
CA HIS A 193 -7.58 -50.21 -2.90
C HIS A 193 -7.47 -48.67 -2.78
N PRO A 194 -7.00 -47.98 -3.83
CA PRO A 194 -6.84 -46.50 -3.69
C PRO A 194 -8.09 -45.70 -3.35
N ALA A 195 -9.26 -46.10 -3.87
CA ALA A 195 -10.52 -45.52 -3.43
C ALA A 195 -10.67 -45.48 -1.89
N VAL A 196 -10.23 -46.53 -1.20
CA VAL A 196 -10.32 -46.60 0.26
C VAL A 196 -9.39 -45.57 0.90
N LEU A 197 -8.15 -45.49 0.42
CA LEU A 197 -7.19 -44.49 0.90
C LEU A 197 -7.74 -43.08 0.71
N LEU A 198 -8.27 -42.84 -0.50
CA LEU A 198 -8.82 -41.56 -0.85
C LEU A 198 -9.98 -41.17 0.06
N ALA A 199 -10.82 -42.15 0.40
CA ALA A 199 -11.93 -41.91 1.30
C ALA A 199 -11.50 -41.60 2.72
N SER A 200 -10.37 -42.15 3.17
CA SER A 200 -9.85 -41.83 4.50
C SER A 200 -9.53 -40.35 4.64
N GLN A 201 -9.25 -39.69 3.52
CA GLN A 201 -9.02 -38.25 3.47
C GLN A 201 -10.24 -37.39 3.31
N ALA A 202 -11.41 -37.99 3.12
CA ALA A 202 -12.64 -37.21 2.99
C ALA A 202 -12.86 -36.45 4.28
N THR A 203 -13.27 -35.21 4.12
CA THR A 203 -13.31 -34.29 5.22
C THR A 203 -14.80 -33.91 5.41
N THR A 204 -15.35 -34.31 6.56
CA THR A 204 -16.81 -34.40 6.77
C THR A 204 -17.25 -34.01 8.16
N ARG A 205 -18.57 -33.98 8.33
CA ARG A 205 -19.22 -33.93 9.65
C ARG A 205 -18.65 -35.02 10.60
N LEU A 206 -18.79 -34.82 11.91
CA LEU A 206 -18.23 -35.76 12.90
C LEU A 206 -18.84 -37.18 12.88
N GLY A 207 -20.10 -37.28 12.47
CA GLY A 207 -20.77 -38.58 12.49
C GLY A 207 -20.37 -39.64 11.47
N VAL A 208 -19.68 -39.29 10.37
CA VAL A 208 -19.73 -40.15 9.17
C VAL A 208 -18.53 -41.08 9.00
N ASP A 209 -18.86 -42.32 8.61
CA ASP A 209 -17.94 -43.40 8.46
C ASP A 209 -17.31 -43.37 7.05
N GLU A 210 -16.00 -43.15 7.00
CA GLU A 210 -15.30 -43.07 5.72
C GLU A 210 -15.21 -44.40 4.98
N LEU A 211 -15.35 -45.53 5.70
CA LEU A 211 -15.46 -46.81 5.01
C LEU A 211 -16.72 -46.85 4.19
N GLU A 212 -17.77 -46.20 4.69
CA GLU A 212 -19.03 -46.10 3.93
C GLU A 212 -18.89 -45.15 2.74
N ILE A 213 -18.02 -44.14 2.86
CA ILE A 213 -17.67 -43.30 1.72
C ILE A 213 -16.91 -44.10 0.68
N ALA A 214 -15.98 -44.93 1.16
CA ALA A 214 -15.21 -45.80 0.28
C ALA A 214 -16.11 -46.75 -0.48
N SER A 215 -17.08 -47.36 0.19
CA SER A 215 -17.92 -48.33 -0.49
C SER A 215 -18.90 -47.70 -1.49
N ALA A 216 -19.24 -46.40 -1.34
CA ALA A 216 -19.91 -45.65 -2.41
C ALA A 216 -19.00 -45.43 -3.62
N LEU A 217 -17.70 -45.24 -3.38
CA LEU A 217 -16.73 -45.07 -4.47
C LEU A 217 -16.43 -46.33 -5.27
N LEU A 218 -16.37 -47.47 -4.60
CA LEU A 218 -16.13 -48.76 -5.26
C LEU A 218 -17.38 -49.26 -6.00
N PRO A 219 -17.20 -50.17 -6.98
CA PRO A 219 -18.38 -50.72 -7.68
C PRO A 219 -19.23 -51.67 -6.80
N GLN A 220 -18.59 -52.57 -6.05
CA GLN A 220 -19.28 -53.42 -5.05
C GLN A 220 -19.09 -52.78 -3.67
N PRO A 221 -20.01 -53.00 -2.71
CA PRO A 221 -19.70 -52.62 -1.33
C PRO A 221 -18.45 -53.27 -0.78
N LEU A 222 -17.87 -52.63 0.24
CA LEU A 222 -16.56 -52.98 0.73
C LEU A 222 -16.77 -54.07 1.77
N GLU A 223 -16.11 -55.21 1.60
CA GLU A 223 -16.25 -56.33 2.51
C GLU A 223 -15.37 -56.09 3.75
N LEU A 224 -15.97 -56.15 4.94
CA LEU A 224 -15.25 -56.00 6.21
C LEU A 224 -15.29 -57.27 7.05
N VAL A 225 -14.38 -57.36 8.00
CA VAL A 225 -14.28 -58.51 8.88
C VAL A 225 -13.89 -58.05 10.28
N LYS A 226 -14.43 -58.72 11.29
CA LYS A 226 -14.14 -58.35 12.68
C LYS A 226 -12.68 -58.66 13.03
N CYS A 227 -12.10 -57.84 13.91
CA CYS A 227 -10.72 -58.02 14.36
C CYS A 227 -10.61 -59.09 15.46
N GLU A 228 -9.41 -59.62 15.61
CA GLU A 228 -9.10 -60.65 16.61
C GLU A 228 -9.14 -60.12 18.04
N THR A 229 -8.42 -59.04 18.30
CA THR A 229 -8.20 -58.56 19.65
C THR A 229 -8.82 -57.21 20.00
N VAL A 230 -9.61 -56.60 19.09
CA VAL A 230 -10.19 -55.27 19.31
C VAL A 230 -11.57 -55.17 18.69
N ASP A 231 -12.45 -54.35 19.27
CA ASP A 231 -13.84 -54.25 18.76
C ASP A 231 -13.90 -53.28 17.57
N VAL A 232 -13.28 -53.69 16.47
CA VAL A 232 -13.11 -52.88 15.27
C VAL A 232 -13.10 -53.80 14.06
N GLU A 233 -13.68 -53.33 12.96
CA GLU A 233 -13.76 -54.09 11.71
C GLU A 233 -12.68 -53.55 10.80
N VAL A 234 -12.12 -54.39 9.95
CA VAL A 234 -11.12 -53.98 8.96
C VAL A 234 -11.48 -54.55 7.60
N PRO A 235 -10.94 -53.97 6.51
CA PRO A 235 -11.23 -54.55 5.21
C PRO A 235 -10.71 -55.97 5.12
N ALA A 236 -11.58 -56.88 4.74
CA ALA A 236 -11.24 -58.31 4.67
C ALA A 236 -10.20 -58.59 3.61
N GLY A 237 -10.15 -57.74 2.56
CA GLY A 237 -9.21 -57.89 1.45
C GLY A 237 -7.81 -57.27 1.65
N ALA A 238 -7.59 -56.59 2.78
CA ALA A 238 -6.32 -55.94 3.05
C ALA A 238 -5.17 -56.92 3.00
N GLU A 239 -3.98 -56.43 2.68
CA GLU A 239 -2.81 -57.29 2.69
C GLU A 239 -2.36 -57.54 4.12
N ILE A 240 -2.32 -56.50 4.94
CA ILE A 240 -1.80 -56.58 6.31
C ILE A 240 -2.68 -55.76 7.23
N VAL A 241 -2.93 -56.25 8.44
CA VAL A 241 -3.66 -55.52 9.48
C VAL A 241 -2.89 -55.59 10.78
N ILE A 242 -2.79 -54.45 11.47
CA ILE A 242 -2.09 -54.35 12.73
C ILE A 242 -3.10 -53.84 13.74
N GLU A 243 -3.46 -54.70 14.68
CA GLU A 243 -4.43 -54.39 15.71
C GLU A 243 -3.65 -53.86 16.88
N GLY A 244 -4.19 -52.87 17.55
CA GLY A 244 -3.49 -52.27 18.68
C GLY A 244 -4.38 -51.39 19.50
N LYS A 245 -3.74 -50.59 20.35
CA LYS A 245 -4.44 -49.62 21.15
C LYS A 245 -3.54 -48.43 21.44
N ILE A 246 -4.13 -47.24 21.50
CA ILE A 246 -3.38 -46.03 21.81
C ILE A 246 -3.41 -45.91 23.33
N LEU A 247 -2.24 -45.93 23.96
CA LEU A 247 -2.14 -45.95 25.44
C LEU A 247 -2.46 -44.58 26.06
N PRO A 248 -3.27 -44.57 27.13
CA PRO A 248 -3.70 -43.32 27.75
C PRO A 248 -2.63 -42.79 28.71
N GLY A 249 -2.40 -41.48 28.68
CA GLY A 249 -1.42 -40.82 29.56
C GLY A 249 0.04 -40.95 29.16
N VAL A 250 0.35 -41.81 28.19
CA VAL A 250 1.73 -42.05 27.75
C VAL A 250 2.06 -41.12 26.59
N ARG A 251 3.21 -40.46 26.70
CA ARG A 251 3.80 -39.67 25.62
C ARG A 251 5.28 -40.03 25.47
N GLU A 252 5.68 -40.41 24.26
CA GLU A 252 7.07 -40.69 23.94
C GLU A 252 7.47 -39.91 22.69
N VAL A 253 8.74 -39.57 22.61
CA VAL A 253 9.26 -38.72 21.54
C VAL A 253 9.08 -39.41 20.18
N GLU A 254 8.37 -38.74 19.29
CA GLU A 254 8.14 -39.21 17.91
C GLU A 254 8.74 -38.19 16.98
N GLY A 255 9.34 -38.67 15.89
CA GLY A 255 9.95 -37.80 14.91
C GLY A 255 11.38 -37.40 15.27
N PRO A 256 12.02 -36.57 14.43
CA PRO A 256 11.42 -35.94 13.26
C PRO A 256 11.15 -36.86 12.06
N PHE A 257 10.45 -36.32 11.07
CA PHE A 257 10.02 -37.08 9.89
C PHE A 257 9.87 -36.13 8.71
N GLY A 258 10.37 -36.53 7.54
CA GLY A 258 10.21 -35.72 6.33
C GLY A 258 8.74 -35.74 5.92
N GLU A 259 8.13 -34.56 5.78
CA GLU A 259 6.69 -34.44 5.57
C GLU A 259 6.30 -33.91 4.18
N TYR A 260 5.00 -33.77 3.94
CA TYR A 260 4.44 -33.36 2.65
C TYR A 260 5.06 -32.11 1.97
N PRO A 261 5.49 -31.09 2.77
CA PRO A 261 6.00 -29.91 2.08
C PRO A 261 7.51 -29.93 1.81
N ARG A 262 8.12 -31.11 1.83
CA ARG A 262 9.55 -31.27 1.66
C ARG A 262 10.34 -30.60 2.80
N TYR A 263 9.78 -30.51 4.00
CA TYR A 263 10.53 -30.10 5.23
C TYR A 263 10.29 -31.11 6.35
N TYR A 264 11.11 -31.06 7.39
CA TYR A 264 11.01 -32.06 8.46
C TYR A 264 9.97 -31.61 9.48
N GLY A 265 9.03 -32.48 9.80
CA GLY A 265 8.16 -32.26 10.94
C GLY A 265 9.01 -32.39 12.20
N PRO A 266 8.94 -31.39 13.11
CA PRO A 266 9.80 -31.46 14.29
C PRO A 266 9.43 -32.61 15.24
N ALA A 267 10.45 -33.10 15.94
CA ALA A 267 10.27 -34.12 16.98
C ALA A 267 9.51 -33.55 18.18
N ALA A 268 8.69 -34.38 18.81
CA ALA A 268 8.00 -33.98 20.05
C ALA A 268 7.42 -35.20 20.76
N PRO A 269 7.13 -35.07 22.07
CA PRO A 269 6.42 -36.15 22.78
C PRO A 269 4.96 -36.28 22.32
N ARG A 270 4.61 -37.48 21.82
CA ARG A 270 3.27 -37.77 21.27
C ARG A 270 2.79 -39.19 21.64
N PRO A 271 1.49 -39.50 21.40
CA PRO A 271 0.93 -40.79 21.77
C PRO A 271 1.65 -42.01 21.23
N VAL A 272 1.32 -43.16 21.84
CA VAL A 272 1.97 -44.44 21.59
C VAL A 272 0.93 -45.53 21.32
N VAL A 273 1.17 -46.33 20.30
CA VAL A 273 0.35 -47.50 19.97
C VAL A 273 1.08 -48.75 20.45
N GLU A 274 0.38 -49.60 21.19
CA GLU A 274 0.86 -50.94 21.56
C GLU A 274 0.14 -51.93 20.68
N VAL A 275 0.87 -52.75 19.93
CA VAL A 275 0.20 -53.65 18.97
C VAL A 275 -0.06 -55.00 19.66
N THR A 276 -1.32 -55.44 19.56
CA THR A 276 -1.81 -56.67 20.19
C THR A 276 -1.95 -57.84 19.22
N ALA A 277 -1.94 -57.57 17.92
CA ALA A 277 -1.94 -58.64 16.92
C ALA A 277 -1.59 -58.11 15.53
N VAL A 278 -1.14 -59.01 14.67
CA VAL A 278 -0.90 -58.72 13.27
C VAL A 278 -1.54 -59.83 12.47
N THR A 279 -2.30 -59.50 11.44
CA THR A 279 -2.92 -60.52 10.58
C THR A 279 -2.59 -60.14 9.15
N HIS A 280 -2.46 -61.12 8.27
CA HIS A 280 -2.09 -60.83 6.88
C HIS A 280 -2.41 -61.96 5.94
N ARG A 281 -2.38 -61.67 4.65
CA ARG A 281 -2.51 -62.71 3.63
C ARG A 281 -1.25 -63.57 3.58
N ARG A 282 -1.38 -64.77 3.00
CA ARG A 282 -0.19 -65.57 2.62
C ARG A 282 0.45 -64.86 1.42
N GLN A 283 1.77 -64.71 1.47
CA GLN A 283 2.52 -63.84 0.54
C GLN A 283 1.87 -62.45 0.44
N PRO A 284 1.97 -61.65 1.52
CA PRO A 284 1.42 -60.31 1.50
C PRO A 284 2.32 -59.34 0.72
N VAL A 285 1.73 -58.25 0.24
CA VAL A 285 2.47 -57.14 -0.37
C VAL A 285 2.41 -55.94 0.59
N TYR A 286 3.57 -55.40 0.96
CA TYR A 286 3.66 -54.19 1.81
C TYR A 286 3.59 -52.92 0.93
N HIS A 287 2.64 -52.04 1.24
CA HIS A 287 2.51 -50.76 0.57
C HIS A 287 3.14 -49.67 1.41
N THR A 288 4.05 -48.90 0.81
CA THR A 288 4.56 -47.67 1.41
C THR A 288 4.22 -46.48 0.51
N ILE A 289 3.88 -45.36 1.14
CA ILE A 289 3.73 -44.07 0.46
C ILE A 289 4.99 -43.27 0.81
N ILE A 290 5.74 -42.89 -0.22
CA ILE A 290 6.94 -42.08 -0.03
C ILE A 290 6.51 -40.65 0.25
N PRO A 291 6.94 -40.06 1.38
CA PRO A 291 6.47 -38.70 1.69
C PRO A 291 6.85 -37.69 0.62
N ALA A 292 5.94 -36.77 0.35
CA ALA A 292 6.06 -35.75 -0.70
C ALA A 292 5.93 -36.25 -2.14
N SER A 293 5.71 -37.56 -2.31
CA SER A 293 5.44 -38.14 -3.62
C SER A 293 4.07 -37.70 -4.07
N ARG A 294 3.82 -37.91 -5.34
CA ARG A 294 2.58 -37.56 -5.97
C ARG A 294 1.41 -38.33 -5.37
N GLU A 295 1.65 -39.60 -5.06
CA GLU A 295 0.69 -40.44 -4.34
C GLU A 295 0.28 -39.78 -3.03
N HIS A 296 1.26 -39.37 -2.24
CA HIS A 296 1.04 -38.66 -0.98
C HIS A 296 0.25 -37.39 -1.17
N LEU A 297 0.71 -36.55 -2.10
CA LEU A 297 0.11 -35.24 -2.27
C LEU A 297 -1.29 -35.32 -2.82
N LEU A 298 -1.52 -36.15 -3.83
CA LEU A 298 -2.84 -36.23 -4.45
C LEU A 298 -3.92 -36.84 -3.58
N LEU A 299 -3.56 -37.68 -2.61
CA LEU A 299 -4.55 -38.26 -1.70
C LEU A 299 -5.29 -37.15 -0.97
N GLY A 300 -4.52 -36.28 -0.32
CA GLY A 300 -5.07 -35.09 0.32
C GLY A 300 -5.55 -34.05 -0.67
N GLY A 301 -4.84 -33.90 -1.78
CA GLY A 301 -5.13 -32.88 -2.76
C GLY A 301 -6.52 -32.98 -3.36
N ILE A 302 -6.86 -34.18 -3.80
CA ILE A 302 -8.13 -34.41 -4.48
C ILE A 302 -9.29 -34.21 -3.51
N ALA A 303 -9.16 -34.71 -2.29
CA ALA A 303 -10.17 -34.47 -1.26
C ALA A 303 -10.37 -32.98 -1.00
N ARG A 304 -9.29 -32.24 -0.84
CA ARG A 304 -9.37 -30.78 -0.67
C ARG A 304 -9.98 -30.08 -1.88
N GLU A 305 -9.62 -30.55 -3.08
CA GLU A 305 -10.14 -29.99 -4.33
C GLU A 305 -11.65 -30.12 -4.45
N ALA A 306 -12.18 -31.25 -4.00
CA ALA A 306 -13.62 -31.46 -4.01
C ALA A 306 -14.35 -30.41 -3.17
N VAL A 307 -13.76 -30.06 -2.03
CA VAL A 307 -14.34 -29.00 -1.18
C VAL A 307 -14.13 -27.61 -1.78
N LEU A 308 -12.92 -27.37 -2.30
CA LEU A 308 -12.57 -26.10 -2.90
C LEU A 308 -13.54 -25.76 -4.03
N LEU A 309 -13.88 -26.74 -4.86
CA LEU A 309 -14.82 -26.52 -5.96
C LEU A 309 -16.18 -26.07 -5.45
N GLN A 310 -16.70 -26.76 -4.44
CA GLN A 310 -18.01 -26.41 -3.86
C GLN A 310 -18.01 -25.00 -3.25
N THR A 311 -16.94 -24.64 -2.56
CA THR A 311 -16.80 -23.35 -1.89
C THR A 311 -16.70 -22.22 -2.91
N VAL A 312 -15.87 -22.40 -3.92
CA VAL A 312 -15.78 -21.43 -5.01
C VAL A 312 -17.12 -21.28 -5.74
N ARG A 313 -17.84 -22.39 -5.91
CA ARG A 313 -19.16 -22.35 -6.55
C ARG A 313 -20.15 -21.47 -5.81
N GLN A 314 -20.05 -21.41 -4.49
CA GLN A 314 -20.90 -20.54 -3.70
C GLN A 314 -20.73 -19.07 -4.10
N ALA A 315 -19.50 -18.62 -4.26
CA ALA A 315 -19.23 -17.23 -4.62
C ALA A 315 -19.38 -16.98 -6.12
N VAL A 316 -18.95 -17.94 -6.94
CA VAL A 316 -18.92 -17.83 -8.39
C VAL A 316 -19.55 -19.09 -8.98
N PRO A 317 -20.87 -19.06 -9.24
CA PRO A 317 -21.57 -20.27 -9.72
C PRO A 317 -21.03 -20.86 -11.02
N THR A 318 -20.47 -20.00 -11.88
CA THR A 318 -19.89 -20.39 -13.16
C THR A 318 -18.40 -20.82 -13.11
N VAL A 319 -17.87 -21.15 -11.92
CA VAL A 319 -16.57 -21.79 -11.82
C VAL A 319 -16.55 -23.02 -12.72
N LYS A 320 -15.49 -23.19 -13.50
CA LYS A 320 -15.33 -24.40 -14.29
C LYS A 320 -14.47 -25.43 -13.55
N ASN A 321 -13.33 -25.03 -13.00
CA ASN A 321 -12.39 -26.01 -12.47
C ASN A 321 -11.48 -25.46 -11.41
N VAL A 322 -10.97 -26.36 -10.58
CA VAL A 322 -10.02 -25.97 -9.54
C VAL A 322 -8.89 -26.97 -9.44
N HIS A 323 -7.73 -26.49 -8.98
CA HIS A 323 -6.53 -27.28 -8.88
C HIS A 323 -5.64 -26.80 -7.76
N LEU A 324 -5.33 -27.69 -6.83
CA LEU A 324 -4.29 -27.49 -5.85
C LEU A 324 -3.00 -28.11 -6.37
N THR A 325 -2.03 -27.25 -6.69
CA THR A 325 -0.89 -27.64 -7.52
C THR A 325 0.12 -28.42 -6.70
N PRO A 326 0.82 -29.36 -7.35
CA PRO A 326 1.88 -30.11 -6.66
C PRO A 326 3.04 -29.24 -6.20
N GLY A 327 3.28 -28.13 -6.91
CA GLY A 327 4.25 -27.13 -6.49
C GLY A 327 3.94 -26.58 -5.11
N GLY A 328 2.65 -26.43 -4.80
CA GLY A 328 2.23 -26.00 -3.46
C GLY A 328 1.90 -27.13 -2.47
N SER A 329 2.45 -28.33 -2.72
CA SER A 329 2.13 -29.53 -1.93
C SER A 329 0.62 -29.85 -1.89
N CYS A 330 -0.09 -29.56 -2.99
CA CYS A 330 -1.50 -29.83 -3.12
C CYS A 330 -2.29 -29.34 -1.89
N ARG A 331 -2.14 -28.06 -1.61
CA ARG A 331 -2.54 -27.45 -0.34
C ARG A 331 -2.47 -25.92 -0.40
N TYR A 332 -1.26 -25.44 -0.70
CA TYR A 332 -0.88 -24.05 -0.49
C TYR A 332 -1.22 -23.16 -1.68
N HIS A 333 -1.06 -23.69 -2.89
CA HIS A 333 -1.36 -22.94 -4.12
C HIS A 333 -2.62 -23.48 -4.77
N ALA A 334 -3.53 -22.59 -5.11
CA ALA A 334 -4.78 -22.96 -5.78
C ALA A 334 -4.90 -22.21 -7.09
N VAL A 335 -5.34 -22.88 -8.13
CA VAL A 335 -5.63 -22.23 -9.40
C VAL A 335 -7.07 -22.52 -9.73
N ILE A 336 -7.84 -21.47 -9.94
CA ILE A 336 -9.26 -21.56 -10.24
C ILE A 336 -9.48 -21.10 -11.69
N SER A 337 -10.25 -21.84 -12.46
CA SER A 337 -10.74 -21.30 -13.73
C SER A 337 -12.22 -21.00 -13.58
N ILE A 338 -12.64 -19.84 -14.09
CA ILE A 338 -14.04 -19.41 -14.07
C ILE A 338 -14.46 -18.96 -15.46
N GLU A 339 -15.72 -19.15 -15.81
CA GLU A 339 -16.34 -18.45 -16.93
C GLU A 339 -16.90 -17.18 -16.32
N LYS A 340 -16.16 -16.09 -16.48
CA LYS A 340 -16.48 -14.84 -15.83
C LYS A 340 -17.72 -14.21 -16.44
N LYS A 341 -18.75 -13.98 -15.62
CA LYS A 341 -19.95 -13.29 -16.02
C LYS A 341 -20.07 -11.86 -15.49
N HIS A 342 -19.42 -11.56 -14.36
CA HIS A 342 -19.52 -10.24 -13.73
C HIS A 342 -18.13 -9.68 -13.50
N GLU A 343 -17.90 -8.41 -13.79
CA GLU A 343 -16.58 -7.87 -13.53
C GLU A 343 -16.34 -7.90 -12.01
N GLY A 344 -15.10 -8.17 -11.63
CA GLY A 344 -14.77 -8.39 -10.21
C GLY A 344 -14.82 -9.83 -9.72
N GLU A 345 -15.55 -10.71 -10.40
CA GLU A 345 -15.77 -12.09 -9.94
C GLU A 345 -14.53 -12.81 -9.48
N ALA A 346 -13.39 -12.59 -10.15
CA ALA A 346 -12.19 -13.29 -9.78
C ALA A 346 -11.75 -13.02 -8.35
N LYS A 347 -11.91 -11.79 -7.88
CA LYS A 347 -11.55 -11.46 -6.47
C LYS A 347 -12.40 -12.29 -5.50
N ASN A 348 -13.68 -12.43 -5.81
CA ASN A 348 -14.61 -13.15 -4.96
C ASN A 348 -14.30 -14.65 -4.98
N ALA A 349 -13.85 -15.14 -6.11
CA ALA A 349 -13.40 -16.53 -6.22
C ALA A 349 -12.23 -16.78 -5.30
N ILE A 350 -11.29 -15.86 -5.30
CA ILE A 350 -10.12 -15.92 -4.42
C ILE A 350 -10.54 -15.93 -2.94
N PHE A 351 -11.53 -15.14 -2.55
CA PHE A 351 -12.00 -15.18 -1.17
C PHE A 351 -12.51 -16.56 -0.87
N ALA A 352 -13.30 -17.14 -1.77
CA ALA A 352 -13.79 -18.50 -1.58
C ALA A 352 -12.65 -19.52 -1.45
N ALA A 353 -11.61 -19.36 -2.25
CA ALA A 353 -10.47 -20.25 -2.18
C ALA A 353 -9.84 -20.18 -0.78
N PHE A 354 -9.70 -18.98 -0.25
CA PHE A 354 -9.17 -18.81 1.11
C PHE A 354 -10.07 -19.43 2.16
N THR A 355 -11.38 -19.40 1.96
CA THR A 355 -12.28 -19.93 3.01
C THR A 355 -12.40 -21.46 2.94
N SER A 356 -12.03 -22.05 1.82
CA SER A 356 -12.03 -23.51 1.67
C SER A 356 -11.12 -24.15 2.72
N SER A 357 -9.99 -23.52 3.00
CA SER A 357 -9.01 -24.04 3.93
C SER A 357 -8.00 -22.99 4.31
N SER A 358 -7.57 -22.99 5.56
CA SER A 358 -6.55 -22.07 6.01
C SER A 358 -5.15 -22.38 5.42
N GLU A 359 -4.98 -23.56 4.83
CA GLU A 359 -3.71 -23.89 4.18
C GLU A 359 -3.48 -23.07 2.90
N VAL A 360 -4.56 -22.66 2.24
CA VAL A 360 -4.45 -21.98 0.96
C VAL A 360 -3.84 -20.61 1.16
N LYS A 361 -2.73 -20.38 0.48
CA LYS A 361 -1.87 -19.23 0.70
C LYS A 361 -1.84 -18.27 -0.51
N HIS A 362 -1.60 -18.81 -1.70
CA HIS A 362 -1.58 -18.04 -2.95
C HIS A 362 -2.60 -18.62 -3.90
N VAL A 363 -3.32 -17.75 -4.60
CA VAL A 363 -4.38 -18.19 -5.48
C VAL A 363 -4.27 -17.41 -6.75
N VAL A 364 -4.36 -18.09 -7.89
CA VAL A 364 -4.51 -17.39 -9.17
C VAL A 364 -5.79 -17.85 -9.85
N VAL A 365 -6.47 -16.91 -10.48
CA VAL A 365 -7.69 -17.19 -11.20
C VAL A 365 -7.47 -16.86 -12.67
N VAL A 366 -7.89 -17.76 -13.54
CA VAL A 366 -7.77 -17.60 -14.99
C VAL A 366 -9.14 -17.86 -15.64
N ASP A 367 -9.25 -17.63 -16.94
CA ASP A 367 -10.52 -17.84 -17.64
C ASP A 367 -10.73 -19.33 -18.02
N HIS A 368 -11.99 -19.68 -18.29
CA HIS A 368 -12.44 -21.04 -18.59
C HIS A 368 -11.57 -21.79 -19.62
N GLU A 369 -11.06 -21.10 -20.63
CA GLU A 369 -10.28 -21.71 -21.71
C GLU A 369 -8.83 -22.13 -21.35
N ILE A 370 -8.29 -21.61 -20.25
CA ILE A 370 -6.92 -21.94 -19.82
C ILE A 370 -6.92 -23.28 -19.12
N ASN A 371 -5.99 -24.15 -19.50
CA ASN A 371 -5.85 -25.44 -18.87
C ASN A 371 -5.06 -25.27 -17.59
N ILE A 372 -5.74 -25.38 -16.46
CA ILE A 372 -5.10 -25.12 -15.17
C ILE A 372 -4.24 -26.27 -14.65
N PHE A 373 -4.23 -27.39 -15.34
CA PHE A 373 -3.35 -28.51 -14.98
C PHE A 373 -2.04 -28.47 -15.74
N ASP A 374 -1.87 -27.43 -16.58
CA ASP A 374 -0.59 -27.13 -17.23
C ASP A 374 0.02 -25.88 -16.58
N PRO A 375 1.07 -26.04 -15.77
CA PRO A 375 1.67 -24.88 -15.07
C PRO A 375 2.13 -23.78 -16.02
N GLU A 376 2.71 -24.18 -17.14
CA GLU A 376 3.15 -23.21 -18.14
C GLU A 376 2.01 -22.35 -18.71
N GLU A 377 0.84 -22.94 -18.91
CA GLU A 377 -0.29 -22.21 -19.46
C GLU A 377 -0.82 -21.19 -18.43
N VAL A 378 -0.80 -21.53 -17.13
CA VAL A 378 -1.28 -20.57 -16.13
C VAL A 378 -0.23 -19.48 -15.93
N GLU A 379 1.05 -19.85 -15.93
CA GLU A 379 2.13 -18.86 -15.86
C GLU A 379 2.05 -17.86 -17.03
N TRP A 380 1.77 -18.39 -18.21
CA TRP A 380 1.54 -17.56 -19.39
C TRP A 380 0.40 -16.57 -19.17
N ALA A 381 -0.71 -17.07 -18.65
CA ALA A 381 -1.84 -16.21 -18.32
C ALA A 381 -1.46 -15.11 -17.32
N VAL A 382 -0.71 -15.47 -16.29
CA VAL A 382 -0.23 -14.48 -15.31
C VAL A 382 0.68 -13.45 -15.99
N ALA A 383 1.58 -13.91 -16.87
CA ALA A 383 2.51 -13.00 -17.50
C ALA A 383 1.82 -11.97 -18.39
N THR A 384 0.73 -12.35 -19.03
CA THR A 384 0.14 -11.51 -20.06
C THR A 384 -1.24 -10.97 -19.75
N ARG A 385 -1.87 -11.43 -18.68
CA ARG A 385 -3.22 -10.96 -18.31
C ARG A 385 -3.31 -10.39 -16.89
N CYS A 386 -2.20 -10.31 -16.19
CA CYS A 386 -2.16 -9.72 -14.88
C CYS A 386 -1.34 -8.42 -14.93
N GLN A 387 -1.88 -7.41 -14.26
CA GLN A 387 -1.18 -6.18 -13.97
C GLN A 387 -1.22 -6.05 -12.45
N ALA A 388 -0.09 -6.22 -11.79
CA ALA A 388 -0.07 -6.39 -10.33
C ALA A 388 -0.71 -5.24 -9.53
N GLY A 389 -0.62 -4.03 -10.08
CA GLY A 389 -1.20 -2.86 -9.45
C GLY A 389 -2.70 -2.91 -9.27
N ARG A 390 -3.42 -3.60 -10.13
CA ARG A 390 -4.87 -3.77 -9.99
C ARG A 390 -5.36 -5.21 -9.89
N ASP A 391 -4.52 -6.18 -10.20
CA ASP A 391 -4.96 -7.58 -10.24
C ASP A 391 -4.40 -8.44 -9.09
N VAL A 392 -3.54 -7.88 -8.24
CA VAL A 392 -2.99 -8.61 -7.10
C VAL A 392 -3.45 -7.98 -5.82
N PHE A 393 -3.79 -8.78 -4.83
CA PHE A 393 -3.97 -8.24 -3.47
C PHE A 393 -3.39 -9.16 -2.41
N ILE A 394 -2.98 -8.55 -1.32
CA ILE A 394 -2.19 -9.22 -0.30
C ILE A 394 -2.90 -8.96 1.01
N VAL A 395 -3.07 -9.98 1.84
CA VAL A 395 -3.65 -9.80 3.18
C VAL A 395 -2.65 -10.28 4.20
N LYS A 396 -2.28 -9.43 5.14
CA LYS A 396 -1.26 -9.77 6.16
C LYS A 396 -1.87 -10.48 7.35
N ASP A 397 -1.08 -11.38 7.92
CA ASP A 397 -1.31 -11.95 9.27
C ASP A 397 -2.66 -12.65 9.42
N ALA A 398 -2.97 -13.50 8.46
CA ALA A 398 -4.10 -14.40 8.54
C ALA A 398 -3.62 -15.72 9.13
N MSE A 399 -4.54 -16.64 9.34
CA MSE A 399 -4.21 -17.95 9.82
C MSE A 399 -3.72 -18.78 8.68
O MSE A 399 -4.40 -18.92 7.65
CB MSE A 399 -5.48 -18.57 10.35
CG MSE A 399 -5.18 -19.95 10.94
SE MSE A 399 -6.88 -20.84 11.37
CE MSE A 399 -8.24 -20.10 10.11
N GLY A 400 -2.54 -19.36 8.87
CA GLY A 400 -1.96 -20.28 7.91
C GLY A 400 -1.71 -21.67 8.48
N ASN A 401 -0.48 -22.13 8.34
CA ASN A 401 -0.11 -23.51 8.57
C ASN A 401 1.19 -23.56 9.36
N ARG A 402 1.26 -24.38 10.40
CA ARG A 402 2.47 -24.42 11.24
C ARG A 402 3.69 -24.97 10.53
N LEU A 403 3.46 -25.90 9.61
CA LEU A 403 4.54 -26.61 8.93
C LEU A 403 5.20 -25.81 7.79
N ASP A 404 4.49 -24.84 7.25
CA ASP A 404 5.09 -23.81 6.36
C ASP A 404 6.10 -23.04 7.21
N PRO A 405 7.40 -23.20 6.92
CA PRO A 405 8.41 -22.59 7.76
C PRO A 405 8.56 -21.08 7.60
N SER A 406 7.98 -20.51 6.53
CA SER A 406 7.93 -19.07 6.39
C SER A 406 6.88 -18.44 7.32
N SER A 407 5.98 -19.25 7.86
CA SER A 407 4.95 -18.70 8.73
C SER A 407 5.50 -18.34 10.12
N ARG A 408 4.83 -17.37 10.74
CA ARG A 408 5.17 -16.81 12.04
C ARG A 408 4.28 -17.54 13.05
N ASP A 409 4.63 -18.80 13.29
CA ASP A 409 3.95 -19.63 14.30
C ASP A 409 2.53 -19.95 13.81
N GLY A 410 2.40 -20.35 12.54
CA GLY A 410 1.09 -20.59 11.93
C GLY A 410 0.34 -19.37 11.35
N VAL A 411 0.80 -18.15 11.66
CA VAL A 411 0.26 -16.93 11.04
C VAL A 411 0.94 -16.73 9.70
N SER A 412 0.16 -16.43 8.67
CA SER A 412 0.68 -16.33 7.31
C SER A 412 -0.01 -15.25 6.52
N ASP A 413 0.72 -14.63 5.61
CA ASP A 413 0.17 -13.67 4.68
C ASP A 413 -0.45 -14.45 3.52
N LYS A 414 -1.36 -13.83 2.79
CA LYS A 414 -2.10 -14.47 1.71
C LYS A 414 -2.05 -13.59 0.50
N MSE A 415 -2.12 -14.18 -0.68
CA MSE A 415 -2.10 -13.40 -1.90
C MSE A 415 -3.01 -13.96 -2.95
O MSE A 415 -3.06 -15.17 -3.16
CB MSE A 415 -0.69 -13.35 -2.44
CG MSE A 415 -0.61 -12.42 -3.61
SE MSE A 415 1.25 -12.26 -4.15
CE MSE A 415 1.85 -14.13 -4.35
N GLY A 416 -3.69 -13.06 -3.64
CA GLY A 416 -4.58 -13.40 -4.74
C GLY A 416 -4.11 -12.72 -6.00
N ILE A 417 -4.23 -13.43 -7.13
CA ILE A 417 -3.82 -12.92 -8.44
C ILE A 417 -4.98 -13.15 -9.40
N ASP A 418 -5.56 -12.07 -9.91
CA ASP A 418 -6.61 -12.14 -10.91
C ASP A 418 -5.97 -12.08 -12.30
N ALA A 419 -5.88 -13.23 -12.96
CA ALA A 419 -5.32 -13.31 -14.29
C ALA A 419 -6.41 -13.57 -15.33
N THR A 420 -7.61 -13.05 -15.08
CA THR A 420 -8.70 -13.12 -16.04
C THR A 420 -8.66 -11.88 -16.93
N ILE A 421 -9.19 -12.01 -18.13
CA ILE A 421 -9.36 -10.91 -19.09
C ILE A 421 -10.45 -9.96 -18.56
N PRO A 422 -10.24 -8.63 -18.68
CA PRO A 422 -11.32 -7.72 -18.33
C PRO A 422 -12.53 -7.94 -19.20
N LEU A 423 -13.71 -7.80 -18.63
CA LEU A 423 -14.98 -7.97 -19.35
C LEU A 423 -15.18 -6.66 -20.13
N ASN A 424 -16.00 -6.65 -21.16
CA ASN A 424 -16.24 -5.44 -21.96
C ASN A 424 -14.98 -4.69 -22.41
N LEU A 425 -14.31 -5.34 -23.33
CA LEU A 425 -13.20 -4.76 -24.09
C LEU A 425 -13.38 -5.15 -25.53
N PRO A 426 -12.54 -4.59 -26.42
CA PRO A 426 -12.39 -5.16 -27.78
C PRO A 426 -12.01 -6.67 -27.73
N GLY A 427 -12.84 -7.51 -28.32
CA GLY A 427 -12.73 -8.95 -28.18
C GLY A 427 -11.53 -9.68 -28.77
N GLU A 428 -10.73 -8.95 -29.54
CA GLU A 428 -9.58 -9.56 -30.26
C GLU A 428 -8.29 -9.23 -29.60
N ARG A 429 -8.31 -8.48 -28.52
CA ARG A 429 -7.07 -8.01 -27.87
C ARG A 429 -6.34 -9.15 -27.17
N PHE A 430 -7.09 -9.97 -26.46
CA PHE A 430 -6.55 -11.13 -25.74
C PHE A 430 -6.74 -12.44 -26.50
N GLU A 431 -7.14 -12.38 -27.76
CA GLU A 431 -7.32 -13.60 -28.56
C GLU A 431 -6.00 -14.33 -28.72
N ARG A 432 -5.96 -15.51 -28.15
CA ARG A 432 -4.83 -16.42 -28.23
C ARG A 432 -4.67 -16.99 -29.66
N ILE A 433 -3.43 -17.04 -30.15
CA ILE A 433 -3.16 -17.51 -31.52
C ILE A 433 -3.44 -19.00 -31.63
N SER A 434 -3.73 -19.47 -32.84
CA SER A 434 -4.10 -20.88 -33.02
C SER A 434 -3.84 -21.33 -34.45
N ILE A 435 -3.80 -22.65 -34.61
CA ILE A 435 -3.47 -23.26 -35.88
C ILE A 435 -4.68 -24.07 -36.29
N PRO A 436 -5.40 -23.65 -37.35
CA PRO A 436 -6.60 -24.42 -37.73
C PRO A 436 -6.25 -25.84 -38.20
N GLY A 437 -7.06 -26.81 -37.81
CA GLY A 437 -6.85 -28.21 -38.13
C GLY A 437 -5.81 -28.91 -37.26
N LEU A 438 -5.44 -28.32 -36.12
CA LEU A 438 -4.40 -28.88 -35.27
C LEU A 438 -4.88 -30.15 -34.57
N ASP A 439 -6.11 -30.14 -34.04
CA ASP A 439 -6.60 -31.32 -33.30
C ASP A 439 -6.96 -32.44 -34.26
N LYS A 440 -7.35 -32.07 -35.47
CA LYS A 440 -7.60 -33.03 -36.55
C LYS A 440 -6.33 -33.76 -37.03
N ILE A 441 -5.18 -33.08 -37.05
CA ILE A 441 -3.93 -33.67 -37.54
C ILE A 441 -3.11 -34.26 -36.37
N LYS A 442 -2.35 -35.29 -36.64
CA LYS A 442 -1.68 -36.05 -35.57
C LYS A 442 -0.31 -36.50 -36.04
N LEU A 443 0.75 -36.14 -35.30
CA LEU A 443 2.14 -36.30 -35.77
C LEU A 443 2.52 -37.75 -36.00
N ALA A 444 2.11 -38.65 -35.10
CA ALA A 444 2.46 -40.09 -35.21
C ALA A 444 2.04 -40.74 -36.57
N ASP A 445 0.96 -40.21 -37.17
CA ASP A 445 0.48 -40.62 -38.50
C ASP A 445 1.37 -40.17 -39.67
N TYR A 446 2.33 -39.28 -39.45
CA TYR A 446 3.15 -38.68 -40.50
C TYR A 446 4.65 -39.08 -40.50
N LEU A 447 5.10 -39.80 -39.47
CA LEU A 447 6.43 -40.43 -39.47
C LEU A 447 6.30 -42.00 -39.52
N HIS B 3 -26.76 30.55 40.60
CA HIS B 3 -26.77 29.19 39.93
C HIS B 3 -25.65 28.28 40.51
N SER B 4 -26.04 27.37 41.42
CA SER B 4 -25.17 26.39 42.10
C SER B 4 -25.72 24.96 41.91
N LEU B 5 -25.12 23.97 42.59
CA LEU B 5 -25.57 22.59 42.52
C LEU B 5 -27.02 22.39 43.01
N ARG B 6 -27.34 22.88 44.22
CA ARG B 6 -28.70 22.89 44.76
C ARG B 6 -29.73 23.39 43.72
N GLU B 7 -29.47 24.57 43.14
CA GLU B 7 -30.38 25.17 42.15
C GLU B 7 -30.51 24.25 40.91
N TRP B 8 -29.39 23.62 40.52
CA TRP B 8 -29.37 22.65 39.41
C TRP B 8 -30.19 21.37 39.69
N LEU B 9 -30.07 20.80 40.89
CA LEU B 9 -30.85 19.60 41.26
C LEU B 9 -32.34 19.88 41.27
N ALA B 10 -32.72 21.08 41.69
CA ALA B 10 -34.11 21.55 41.63
C ALA B 10 -34.61 21.66 40.17
N PHE B 11 -33.74 22.21 39.30
CA PHE B 11 -34.04 22.31 37.88
C PHE B 11 -34.25 20.92 37.27
N LEU B 12 -33.37 19.98 37.60
CA LEU B 12 -33.53 18.62 37.14
C LEU B 12 -34.85 18.04 37.61
N GLU B 13 -35.15 18.21 38.89
CA GLU B 13 -36.39 17.69 39.46
C GLU B 13 -37.63 18.27 38.77
N GLY B 14 -37.58 19.56 38.43
CA GLY B 14 -38.66 20.21 37.68
C GLY B 14 -38.87 19.72 36.27
N LYS B 15 -37.80 19.18 35.69
CA LYS B 15 -37.81 18.64 34.33
C LYS B 15 -38.06 17.11 34.33
N GLY B 16 -38.19 16.49 35.51
CA GLY B 16 -38.41 15.04 35.63
C GLY B 16 -37.17 14.18 35.39
N LYS B 17 -35.98 14.76 35.53
CA LYS B 17 -34.72 14.07 35.24
C LYS B 17 -33.92 13.80 36.53
N LEU B 18 -34.55 13.87 37.70
CA LEU B 18 -33.88 13.43 38.95
C LEU B 18 -34.85 12.54 39.70
N LYS B 19 -34.38 11.39 40.15
CA LYS B 19 -35.20 10.45 40.89
C LYS B 19 -34.44 10.11 42.17
N ARG B 20 -35.21 9.88 43.23
CA ARG B 20 -34.65 9.67 44.55
C ARG B 20 -34.67 8.19 44.87
N VAL B 21 -33.66 7.71 45.57
CA VAL B 21 -33.56 6.32 45.96
C VAL B 21 -33.58 6.31 47.48
N ARG B 22 -34.74 5.94 48.01
CA ARG B 22 -35.01 5.99 49.44
C ARG B 22 -34.47 4.75 50.13
N LYS B 23 -34.44 3.62 49.43
CA LYS B 23 -33.96 2.38 50.02
C LYS B 23 -32.45 2.49 50.32
N GLU B 24 -31.99 1.77 51.34
CA GLU B 24 -30.58 1.84 51.73
C GLU B 24 -29.73 1.23 50.61
N VAL B 25 -28.55 1.82 50.35
CA VAL B 25 -27.60 1.34 49.34
C VAL B 25 -26.16 1.37 49.84
N ASP B 26 -25.39 0.34 49.50
CA ASP B 26 -24.00 0.20 49.91
C ASP B 26 -23.17 1.13 49.00
N PRO B 27 -22.26 1.93 49.57
CA PRO B 27 -21.36 2.69 48.69
C PRO B 27 -20.40 1.80 47.87
N VAL B 28 -20.09 0.63 48.41
CA VAL B 28 -19.27 -0.34 47.70
C VAL B 28 -20.15 -1.04 46.65
N PHE B 29 -19.99 -0.63 45.40
CA PHE B 29 -20.58 -1.26 44.20
C PHE B 29 -22.07 -0.97 43.91
N GLU B 30 -22.94 -0.93 44.92
CA GLU B 30 -24.39 -0.77 44.66
C GLU B 30 -24.73 0.61 44.07
N ILE B 31 -24.01 1.65 44.46
CA ILE B 31 -24.26 2.99 43.91
C ILE B 31 -23.90 3.00 42.42
N ALA B 32 -22.71 2.51 42.09
CA ALA B 32 -22.27 2.40 40.70
C ALA B 32 -23.20 1.54 39.86
N ALA B 33 -23.61 0.42 40.43
CA ALA B 33 -24.53 -0.51 39.77
C ALA B 33 -25.86 0.12 39.40
N LEU B 34 -26.46 0.80 40.37
CA LEU B 34 -27.76 1.45 40.16
C LEU B 34 -27.60 2.63 39.21
N GLY B 35 -26.53 3.41 39.40
CA GLY B 35 -26.24 4.57 38.55
C GLY B 35 -26.07 4.20 37.08
N LYS B 36 -25.46 3.05 36.83
CA LYS B 36 -25.26 2.59 35.46
C LYS B 36 -26.59 2.37 34.72
N GLN B 37 -27.61 1.92 35.45
CA GLN B 37 -28.92 1.68 34.87
C GLN B 37 -29.69 2.98 34.59
N ALA B 38 -29.34 4.04 35.32
CA ALA B 38 -29.89 5.38 35.07
C ALA B 38 -29.11 6.19 34.03
N ASP B 39 -27.92 5.71 33.67
CA ASP B 39 -26.99 6.42 32.75
C ASP B 39 -27.68 6.97 31.49
N GLY B 40 -27.67 8.28 31.31
CA GLY B 40 -28.29 8.93 30.16
C GLY B 40 -29.79 9.23 30.30
N ILE B 41 -30.45 8.64 31.28
CA ILE B 41 -31.89 8.76 31.43
C ILE B 41 -32.20 9.80 32.51
N CYS B 42 -31.59 9.65 33.68
CA CYS B 42 -31.80 10.57 34.78
C CYS B 42 -30.72 10.53 35.86
N SER B 43 -30.64 11.63 36.60
CA SER B 43 -29.83 11.70 37.80
C SER B 43 -30.46 10.87 38.93
N LEU B 44 -29.63 10.30 39.78
CA LEU B 44 -30.09 9.58 40.96
C LEU B 44 -29.56 10.26 42.22
N LEU B 45 -30.45 10.48 43.18
CA LEU B 45 -30.07 10.99 44.50
C LEU B 45 -30.32 9.90 45.51
N PHE B 46 -29.23 9.32 46.04
CA PHE B 46 -29.31 8.26 47.04
C PHE B 46 -29.44 8.88 48.43
N GLU B 47 -30.68 8.93 48.93
CA GLU B 47 -30.96 9.56 50.24
C GLU B 47 -30.43 8.80 51.45
N ARG B 48 -30.12 7.52 51.30
CA ARG B 48 -29.72 6.66 52.41
C ARG B 48 -28.54 5.76 52.02
N VAL B 49 -27.34 6.20 52.35
CA VAL B 49 -26.12 5.46 52.02
C VAL B 49 -25.58 4.78 53.29
N LYS B 50 -25.57 3.46 53.28
CA LYS B 50 -25.14 2.61 54.42
C LYS B 50 -23.82 3.07 55.05
N GLY B 51 -23.93 3.55 56.29
CA GLY B 51 -22.81 4.03 57.12
C GLY B 51 -22.71 5.55 57.25
N TYR B 52 -23.67 6.31 56.71
CA TYR B 52 -23.51 7.76 56.51
C TYR B 52 -24.81 8.53 56.54
N ALA B 53 -24.76 9.73 57.10
CA ALA B 53 -25.87 10.70 57.05
C ALA B 53 -25.99 11.39 55.68
N VAL B 54 -24.83 11.56 55.02
CA VAL B 54 -24.71 12.34 53.78
C VAL B 54 -25.25 11.53 52.60
N PRO B 55 -26.14 12.14 51.79
CA PRO B 55 -26.59 11.48 50.57
C PRO B 55 -25.60 11.64 49.42
N VAL B 56 -25.73 10.78 48.42
CA VAL B 56 -24.89 10.80 47.23
C VAL B 56 -25.74 11.13 46.02
N VAL B 57 -25.20 11.92 45.12
CA VAL B 57 -25.87 12.23 43.87
C VAL B 57 -24.98 11.81 42.72
N THR B 58 -25.58 11.43 41.60
CA THR B 58 -24.83 11.08 40.40
C THR B 58 -25.63 11.36 39.14
N GLY B 59 -24.92 11.66 38.07
CA GLY B 59 -25.55 11.89 36.78
C GLY B 59 -26.23 13.24 36.64
N LEU B 60 -25.56 14.28 37.12
CA LEU B 60 -26.01 15.68 37.00
C LEU B 60 -26.36 16.10 35.57
N ALA B 61 -25.63 15.55 34.60
CA ALA B 61 -25.95 15.79 33.19
C ALA B 61 -25.47 14.63 32.35
N GLY B 62 -26.41 13.87 31.79
CA GLY B 62 -26.10 12.68 31.04
C GLY B 62 -26.39 12.78 29.56
N ASP B 63 -26.65 13.97 29.06
CA ASP B 63 -26.91 14.16 27.63
C ASP B 63 -26.60 15.59 27.25
N ARG B 64 -26.46 15.84 25.97
CA ARG B 64 -25.95 17.12 25.53
C ARG B 64 -26.97 18.26 25.72
N GLU B 65 -28.25 17.94 25.72
CA GLU B 65 -29.34 18.92 25.96
C GLU B 65 -29.23 19.54 27.35
N LEU B 66 -28.91 18.70 28.35
CA LEU B 66 -28.72 19.17 29.74
C LEU B 66 -27.44 19.97 29.93
N PHE B 67 -26.37 19.63 29.21
CA PHE B 67 -25.16 20.47 29.27
C PHE B 67 -25.41 21.84 28.66
N ALA B 68 -26.20 21.87 27.60
CA ALA B 68 -26.59 23.11 26.95
C ALA B 68 -27.42 23.96 27.89
N ALA B 69 -28.34 23.33 28.62
CA ALA B 69 -29.14 24.02 29.61
C ALA B 69 -28.27 24.60 30.72
N ALA B 70 -27.28 23.83 31.18
CA ALA B 70 -26.32 24.30 32.18
C ALA B 70 -25.50 25.49 31.74
N MSE B 71 -25.33 25.68 30.43
CA MSE B 71 -24.70 26.90 29.91
C MSE B 71 -25.65 27.98 29.47
O MSE B 71 -25.21 29.01 28.95
CB MSE B 71 -23.88 26.50 28.71
CG MSE B 71 -22.67 25.70 29.13
SE MSE B 71 -21.76 25.25 27.42
CE MSE B 71 -22.35 23.35 27.47
N SER B 72 -26.97 27.78 29.67
CA SER B 72 -28.02 28.71 29.24
C SER B 72 -27.98 28.97 27.73
N VAL B 73 -27.91 27.90 26.94
CA VAL B 73 -28.01 27.98 25.49
C VAL B 73 -28.80 26.81 24.93
N PRO B 74 -29.31 27.01 23.71
CA PRO B 74 -29.77 25.85 22.95
C PRO B 74 -28.59 24.98 22.53
N VAL B 75 -28.84 23.68 22.39
CA VAL B 75 -27.83 22.70 21.96
C VAL B 75 -27.04 23.17 20.75
N GLU B 76 -27.76 23.60 19.71
CA GLU B 76 -27.15 24.04 18.45
C GLU B 76 -26.09 25.17 18.58
N GLY B 77 -26.12 25.96 19.67
CA GLY B 77 -25.10 26.98 19.92
C GLY B 77 -24.15 26.72 21.08
N MSE B 78 -24.16 25.50 21.59
CA MSE B 78 -23.33 25.08 22.74
C MSE B 78 -21.82 25.12 22.57
O MSE B 78 -21.12 25.54 23.46
CB MSE B 78 -23.69 23.64 22.99
CG MSE B 78 -23.02 23.07 24.22
SE MSE B 78 -23.70 21.24 24.50
CE MSE B 78 -23.99 20.61 22.63
N LEU B 79 -21.32 24.64 21.45
CA LEU B 79 -19.87 24.63 21.21
C LEU B 79 -19.35 26.05 20.98
N GLU B 80 -20.18 26.89 20.33
CA GLU B 80 -19.82 28.29 20.06
C GLU B 80 -19.67 29.08 21.37
N LYS B 81 -20.61 28.88 22.30
CA LYS B 81 -20.56 29.51 23.62
C LYS B 81 -19.40 29.06 24.50
N LEU B 82 -19.06 27.77 24.46
CA LEU B 82 -17.91 27.28 25.21
C LEU B 82 -16.63 27.89 24.68
N ALA B 83 -16.49 27.93 23.37
CA ALA B 83 -15.36 28.61 22.73
C ALA B 83 -15.29 30.10 23.09
N ALA B 84 -16.44 30.75 23.13
CA ALA B 84 -16.53 32.18 23.49
C ALA B 84 -16.11 32.44 24.93
N ALA B 85 -16.49 31.53 25.82
CA ALA B 85 -16.12 31.61 27.24
C ALA B 85 -14.62 31.44 27.47
N VAL B 86 -13.97 30.62 26.64
CA VAL B 86 -12.52 30.43 26.72
C VAL B 86 -11.79 31.68 26.21
N GLU B 87 -12.29 32.30 25.13
CA GLU B 87 -11.67 33.53 24.59
C GLU B 87 -11.88 34.77 25.48
N ASN B 88 -13.04 34.88 26.12
CA ASN B 88 -13.35 36.03 27.00
C ASN B 88 -13.73 35.55 28.39
N PRO B 89 -12.72 35.14 29.20
CA PRO B 89 -13.03 34.81 30.58
C PRO B 89 -13.48 36.04 31.34
N VAL B 90 -14.29 35.83 32.37
CA VAL B 90 -14.87 36.89 33.19
C VAL B 90 -14.33 36.67 34.61
N PRO B 91 -13.84 37.72 35.28
CA PRO B 91 -13.35 37.47 36.65
C PRO B 91 -14.39 37.03 37.67
N CYS B 92 -13.91 36.39 38.74
CA CYS B 92 -14.77 35.90 39.82
C CYS B 92 -14.87 37.00 40.87
N ARG B 93 -15.69 36.80 41.90
CA ARG B 93 -15.84 37.75 42.98
C ARG B 93 -15.41 37.07 44.27
N LEU B 94 -14.42 37.63 44.93
CA LEU B 94 -14.04 37.17 46.27
C LEU B 94 -15.14 37.63 47.24
N VAL B 95 -15.49 36.78 48.18
CA VAL B 95 -16.62 36.99 49.10
C VAL B 95 -16.13 36.66 50.51
N SER B 96 -16.81 37.23 51.51
CA SER B 96 -16.41 37.05 52.91
C SER B 96 -16.68 35.60 53.40
N PRO B 97 -15.75 35.04 54.21
CA PRO B 97 -15.93 33.69 54.78
C PRO B 97 -17.24 33.46 55.55
N ASP B 98 -17.68 34.44 56.35
CA ASP B 98 -18.93 34.30 57.11
C ASP B 98 -20.14 34.47 56.16
N GLY B 99 -21.12 33.57 56.27
CA GLY B 99 -22.25 33.54 55.33
C GLY B 99 -22.07 32.62 54.12
N ALA B 100 -20.81 32.45 53.67
CA ALA B 100 -20.45 31.51 52.59
C ALA B 100 -20.77 30.04 52.93
N PRO B 101 -21.73 29.43 52.23
CA PRO B 101 -22.23 28.10 52.64
C PRO B 101 -21.19 27.00 52.87
N VAL B 102 -20.10 27.01 52.11
CA VAL B 102 -19.07 25.97 52.24
C VAL B 102 -18.28 26.05 53.55
N LYS B 103 -18.39 27.19 54.25
CA LYS B 103 -17.74 27.40 55.55
C LYS B 103 -18.59 27.09 56.79
N GLU B 104 -19.85 26.70 56.58
CA GLU B 104 -20.74 26.30 57.68
C GLU B 104 -20.14 25.29 58.67
N CYS B 105 -19.34 24.33 58.22
CA CYS B 105 -18.64 23.37 59.11
C CYS B 105 -17.17 23.26 58.71
N ILE B 106 -16.28 23.80 59.52
CA ILE B 106 -14.82 23.68 59.33
C ILE B 106 -14.38 22.44 60.11
N ILE B 107 -13.35 21.73 59.62
CA ILE B 107 -12.78 20.58 60.31
C ILE B 107 -11.28 20.57 60.03
N ARG B 108 -10.48 20.76 61.08
CA ARG B 108 -9.02 20.87 60.97
C ARG B 108 -8.27 19.79 61.71
N GLU B 109 -8.97 18.89 62.41
CA GLU B 109 -8.27 17.89 63.22
C GLU B 109 -8.97 16.56 63.14
N ASN B 110 -8.18 15.49 63.30
CA ASN B 110 -8.69 14.11 63.26
C ASN B 110 -9.48 13.87 61.97
N ILE B 111 -8.87 14.27 60.86
CA ILE B 111 -9.53 14.18 59.56
C ILE B 111 -9.50 12.72 59.14
N ASP B 112 -10.69 12.17 58.91
CA ASP B 112 -10.85 10.80 58.42
C ASP B 112 -11.95 10.84 57.34
N LEU B 113 -11.51 10.91 56.08
CA LEU B 113 -12.41 11.16 54.93
C LEU B 113 -13.45 10.07 54.75
N LEU B 114 -13.03 8.80 54.82
CA LEU B 114 -13.97 7.69 54.74
C LEU B 114 -15.01 7.69 55.85
N LYS B 115 -14.63 8.13 57.05
CA LYS B 115 -15.58 8.33 58.18
C LYS B 115 -16.72 9.29 57.83
N MSE B 116 -16.40 10.42 57.21
CA MSE B 116 -17.36 11.55 57.04
C MSE B 116 -18.09 11.56 55.73
O MSE B 116 -19.22 12.05 55.67
CB MSE B 116 -16.74 12.95 57.13
CG MSE B 116 -15.23 12.95 57.34
SE MSE B 116 -14.43 14.75 57.55
CE MSE B 116 -15.89 15.83 56.86
N LEU B 117 -17.44 11.09 54.67
CA LEU B 117 -17.96 11.17 53.31
C LEU B 117 -18.19 9.78 52.72
N PRO B 118 -19.34 9.57 52.04
CA PRO B 118 -19.74 8.30 51.44
C PRO B 118 -19.07 8.04 50.07
N ILE B 119 -17.75 7.91 50.09
CA ILE B 119 -16.94 7.86 48.89
C ILE B 119 -17.10 6.47 48.29
N PRO B 120 -17.73 6.36 47.10
CA PRO B 120 -18.01 5.03 46.56
C PRO B 120 -16.79 4.28 46.05
N THR B 121 -16.98 2.97 45.92
CA THR B 121 -16.05 2.09 45.23
C THR B 121 -16.83 1.61 44.00
N HIS B 122 -16.31 1.88 42.82
CA HIS B 122 -17.14 1.86 41.60
C HIS B 122 -17.08 0.55 40.81
N HIS B 123 -15.89 0.15 40.40
CA HIS B 123 -15.71 -1.03 39.56
C HIS B 123 -14.88 -2.13 40.25
N ALA B 124 -15.14 -3.38 39.86
CA ALA B 124 -14.59 -4.59 40.50
C ALA B 124 -13.11 -4.54 40.81
N GLY B 125 -12.33 -4.17 39.81
CA GLY B 125 -10.86 -4.14 39.94
C GLY B 125 -10.27 -2.88 40.56
N ASP B 126 -11.10 -1.97 41.06
CA ASP B 126 -10.59 -0.71 41.66
C ASP B 126 -9.82 -1.01 42.94
N ALA B 127 -8.71 -0.31 43.13
CA ALA B 127 -7.88 -0.48 44.32
C ALA B 127 -8.57 -0.08 45.61
N GLY B 128 -9.63 0.71 45.52
CA GLY B 128 -10.34 1.20 46.68
C GLY B 128 -11.40 2.22 46.34
N PRO B 129 -11.88 2.96 47.35
CA PRO B 129 -12.78 4.08 47.13
C PRO B 129 -12.07 5.25 46.46
N TYR B 130 -12.78 5.88 45.53
CA TYR B 130 -12.21 6.97 44.72
C TYR B 130 -13.13 8.19 44.74
N ILE B 131 -12.54 9.37 44.86
CA ILE B 131 -13.25 10.63 44.69
C ILE B 131 -13.11 10.99 43.23
N THR B 132 -14.25 11.05 42.54
CA THR B 132 -14.28 11.13 41.07
C THR B 132 -14.72 12.47 40.51
N ALA B 133 -15.37 13.30 41.32
CA ALA B 133 -15.99 14.53 40.85
C ALA B 133 -15.44 15.82 41.53
N ALA B 134 -14.20 15.78 41.98
CA ALA B 134 -13.62 16.95 42.65
C ALA B 134 -12.84 17.78 41.63
N ILE B 135 -13.23 19.04 41.45
CA ILE B 135 -12.35 19.99 40.76
C ILE B 135 -11.18 20.29 41.66
N LEU B 136 -9.99 20.36 41.08
CA LEU B 136 -8.77 20.63 41.81
C LEU B 136 -8.25 21.98 41.36
N ILE B 137 -8.13 22.91 42.31
CA ILE B 137 -7.65 24.27 42.06
C ILE B 137 -6.24 24.44 42.63
N ALA B 138 -5.37 25.09 41.87
CA ALA B 138 -3.99 25.32 42.26
C ALA B 138 -3.42 26.55 41.58
N ARG B 139 -2.45 27.21 42.22
CA ARG B 139 -1.75 28.35 41.64
C ARG B 139 -0.35 27.93 41.22
N ASP B 140 0.17 28.57 40.19
CA ASP B 140 1.58 28.45 39.80
C ASP B 140 2.44 29.02 40.92
N PRO B 141 3.44 28.27 41.42
CA PRO B 141 4.34 28.83 42.45
C PRO B 141 5.10 30.11 42.03
N ASP B 142 5.44 30.25 40.75
CA ASP B 142 6.11 31.46 40.24
C ASP B 142 5.11 32.57 39.90
N SER B 143 4.34 32.40 38.82
CA SER B 143 3.44 33.46 38.35
C SER B 143 2.20 33.72 39.23
N GLY B 144 1.82 32.76 40.08
CA GLY B 144 0.64 32.92 40.96
C GLY B 144 -0.73 32.71 40.31
N VAL B 145 -0.79 32.51 38.99
CA VAL B 145 -2.08 32.36 38.30
C VAL B 145 -2.62 30.95 38.50
N ARG B 146 -3.95 30.81 38.56
CA ARG B 146 -4.53 29.52 38.93
C ARG B 146 -5.11 28.69 37.79
N ASN B 147 -5.18 27.39 38.06
CA ASN B 147 -5.62 26.37 37.13
C ASN B 147 -6.66 25.50 37.81
N VAL B 148 -7.56 24.93 37.02
CA VAL B 148 -8.55 23.98 37.48
C VAL B 148 -8.50 22.76 36.56
N SER B 149 -8.52 21.59 37.18
CA SER B 149 -8.63 20.32 36.45
C SER B 149 -9.28 19.31 37.36
N ILE B 150 -9.76 18.22 36.80
CA ILE B 150 -10.35 17.13 37.57
C ILE B 150 -9.40 15.94 37.54
N HIS B 151 -9.18 15.32 38.69
CA HIS B 151 -8.27 14.18 38.83
C HIS B 151 -8.85 13.16 39.76
N ARG B 152 -8.72 11.88 39.41
CA ARG B 152 -9.16 10.82 40.29
C ARG B 152 -8.29 10.79 41.56
N LEU B 153 -8.94 10.52 42.68
CA LEU B 153 -8.26 10.56 43.98
C LEU B 153 -8.62 9.29 44.72
N GLN B 154 -7.65 8.38 44.81
CA GLN B 154 -7.77 7.18 45.62
C GLN B 154 -7.66 7.55 47.10
N VAL B 155 -8.60 7.09 47.90
CA VAL B 155 -8.52 7.25 49.35
C VAL B 155 -7.56 6.16 49.87
N THR B 156 -6.36 6.56 50.27
CA THR B 156 -5.32 5.65 50.78
C THR B 156 -5.10 5.77 52.30
N GLY B 157 -5.83 6.68 52.95
CA GLY B 157 -5.79 6.84 54.39
C GLY B 157 -6.86 7.81 54.88
N PRO B 158 -6.93 8.01 56.21
CA PRO B 158 -7.80 9.04 56.76
C PRO B 158 -7.56 10.45 56.17
N ASP B 159 -6.29 10.89 56.14
CA ASP B 159 -5.92 12.22 55.65
C ASP B 159 -5.05 12.17 54.38
N ARG B 160 -5.26 11.16 53.53
CA ARG B 160 -4.30 10.85 52.45
C ARG B 160 -4.95 10.33 51.17
N LEU B 161 -4.60 10.95 50.04
CA LEU B 161 -5.13 10.58 48.73
C LEU B 161 -4.02 10.34 47.73
N GLY B 162 -4.14 9.29 46.93
CA GLY B 162 -3.30 9.12 45.73
C GLY B 162 -3.94 9.86 44.55
N ILE B 163 -3.13 10.44 43.69
CA ILE B 163 -3.63 11.26 42.59
C ILE B 163 -2.92 10.93 41.28
N LEU B 164 -3.71 10.78 40.20
CA LEU B 164 -3.18 10.67 38.84
C LEU B 164 -3.07 12.06 38.27
N ILE B 165 -1.85 12.47 37.96
CA ILE B 165 -1.60 13.73 37.28
C ILE B 165 -0.99 13.43 35.91
N LEU B 166 -1.79 13.50 34.85
CA LEU B 166 -1.28 13.43 33.48
C LEU B 166 -0.54 14.73 33.18
N PRO B 167 0.40 14.70 32.22
CA PRO B 167 1.28 15.85 31.98
C PRO B 167 0.63 17.05 31.25
N ARG B 168 -0.19 17.82 31.96
CA ARG B 168 -0.76 19.07 31.44
C ARG B 168 -0.44 20.16 32.47
N HIS B 169 -1.38 21.02 32.86
CA HIS B 169 -1.05 22.21 33.62
C HIS B 169 -0.77 21.92 35.10
N LEU B 170 -1.51 21.01 35.72
CA LEU B 170 -1.22 20.70 37.11
C LEU B 170 0.18 20.12 37.25
N TRP B 171 0.58 19.30 36.28
CA TRP B 171 1.92 18.70 36.28
C TRP B 171 3.02 19.75 36.19
N HIS B 172 2.81 20.74 35.35
CA HIS B 172 3.75 21.86 35.19
C HIS B 172 3.97 22.58 36.53
N PHE B 173 2.87 22.85 37.24
CA PHE B 173 2.91 23.51 38.54
C PHE B 173 3.64 22.61 39.53
N PHE B 174 3.22 21.34 39.58
CA PHE B 174 3.80 20.40 40.51
C PHE B 174 5.29 20.21 40.32
N GLY B 175 5.74 20.16 39.06
CA GLY B 175 7.16 20.04 38.73
C GLY B 175 7.99 21.17 39.29
N LYS B 176 7.49 22.40 39.19
CA LYS B 176 8.19 23.58 39.75
C LYS B 176 8.34 23.47 41.25
N ALA B 177 7.23 23.16 41.93
CA ALA B 177 7.24 22.96 43.37
C ALA B 177 8.14 21.80 43.78
N GLU B 178 8.11 20.70 43.02
CA GLU B 178 8.84 19.50 43.42
C GLU B 178 10.36 19.68 43.31
N ARG B 179 10.84 20.28 42.22
CA ARG B 179 12.28 20.46 42.06
C ARG B 179 12.83 21.65 42.85
N ALA B 180 11.96 22.43 43.51
CA ALA B 180 12.35 23.36 44.58
C ALA B 180 12.10 22.79 46.00
N GLY B 181 11.97 21.46 46.14
CA GLY B 181 11.79 20.80 47.44
C GLY B 181 10.53 21.08 48.24
N ARG B 182 9.54 21.73 47.63
CA ARG B 182 8.39 22.32 48.33
C ARG B 182 7.05 21.66 47.91
N PRO B 183 6.07 21.54 48.83
CA PRO B 183 4.76 21.00 48.40
C PRO B 183 3.96 21.98 47.55
N LEU B 184 3.02 21.48 46.73
CA LEU B 184 2.10 22.33 45.97
C LEU B 184 0.75 22.37 46.69
N GLU B 185 0.30 23.57 47.02
CA GLU B 185 -0.95 23.74 47.76
C GLU B 185 -2.12 23.64 46.79
N ILE B 186 -3.11 22.84 47.17
CA ILE B 186 -4.30 22.63 46.36
C ILE B 186 -5.56 22.69 47.20
N ALA B 187 -6.68 22.81 46.51
CA ALA B 187 -7.98 22.67 47.11
C ALA B 187 -8.89 21.90 46.15
N LEU B 188 -9.69 21.01 46.70
CA LEU B 188 -10.58 20.16 45.95
C LEU B 188 -11.98 20.59 46.31
N ALA B 189 -12.79 20.97 45.32
CA ALA B 189 -14.21 21.28 45.55
C ALA B 189 -15.08 20.21 44.94
N ILE B 190 -16.00 19.67 45.75
CA ILE B 190 -16.93 18.62 45.33
C ILE B 190 -18.34 19.14 45.49
N GLY B 191 -19.18 18.89 44.49
CA GLY B 191 -20.52 19.39 44.48
C GLY B 191 -20.57 20.83 43.98
N VAL B 192 -20.31 21.00 42.69
CA VAL B 192 -20.42 22.29 42.02
C VAL B 192 -21.35 22.16 40.81
N HIS B 193 -21.75 23.32 40.29
CA HIS B 193 -22.62 23.40 39.13
C HIS B 193 -21.96 22.77 37.90
N PRO B 194 -22.72 22.13 37.01
CA PRO B 194 -22.09 21.49 35.82
C PRO B 194 -21.26 22.39 34.90
N ALA B 195 -21.69 23.60 34.69
CA ALA B 195 -20.86 24.60 34.01
C ALA B 195 -19.44 24.71 34.56
N VAL B 196 -19.29 24.62 35.88
CA VAL B 196 -17.97 24.71 36.54
C VAL B 196 -17.14 23.47 36.18
N LEU B 197 -17.74 22.29 36.28
CA LEU B 197 -17.08 21.05 35.90
C LEU B 197 -16.65 21.09 34.44
N LEU B 198 -17.57 21.53 33.59
CA LEU B 198 -17.31 21.63 32.16
C LEU B 198 -16.15 22.57 31.87
N ALA B 199 -16.07 23.66 32.60
CA ALA B 199 -14.97 24.63 32.45
C ALA B 199 -13.64 24.07 32.89
N SER B 200 -13.63 23.18 33.88
CA SER B 200 -12.38 22.53 34.30
C SER B 200 -11.75 21.74 33.18
N GLN B 201 -12.58 21.28 32.24
CA GLN B 201 -12.12 20.56 31.05
C GLN B 201 -11.76 21.42 29.87
N ALA B 202 -11.96 22.73 29.97
CA ALA B 202 -11.57 23.62 28.87
C ALA B 202 -10.08 23.51 28.68
N THR B 203 -9.69 23.47 27.41
CA THR B 203 -8.32 23.16 27.07
C THR B 203 -7.76 24.40 26.38
N THR B 204 -6.78 25.04 27.03
CA THR B 204 -6.40 26.45 26.74
C THR B 204 -4.91 26.71 26.82
N ARG B 205 -4.54 27.93 26.45
CA ARG B 205 -3.22 28.51 26.74
C ARG B 205 -2.85 28.32 28.24
N LEU B 206 -1.55 28.36 28.56
CA LEU B 206 -1.08 28.14 29.94
C LEU B 206 -1.54 29.21 30.95
N GLY B 207 -1.77 30.43 30.50
CA GLY B 207 -2.12 31.51 31.44
C GLY B 207 -3.51 31.52 32.08
N VAL B 208 -4.48 30.79 31.53
CA VAL B 208 -5.91 31.16 31.80
C VAL B 208 -6.59 30.34 32.90
N ASP B 209 -7.34 31.07 33.70
CA ASP B 209 -8.04 30.57 34.87
C ASP B 209 -9.41 30.00 34.45
N GLU B 210 -9.59 28.71 34.62
CA GLU B 210 -10.84 28.05 34.27
C GLU B 210 -12.03 28.44 35.14
N LEU B 211 -11.79 28.92 36.36
CA LEU B 211 -12.87 29.49 37.16
C LEU B 211 -13.44 30.72 36.47
N GLU B 212 -12.57 31.46 35.80
CA GLU B 212 -13.01 32.63 35.03
C GLU B 212 -13.76 32.21 33.75
N ILE B 213 -13.40 31.05 33.19
CA ILE B 213 -14.18 30.46 32.09
C ILE B 213 -15.55 30.04 32.60
N ALA B 214 -15.58 29.45 33.79
CA ALA B 214 -16.85 29.04 34.40
C ALA B 214 -17.74 30.23 34.65
N SER B 215 -17.20 31.33 35.15
CA SER B 215 -18.06 32.48 35.44
C SER B 215 -18.55 33.21 34.17
N ALA B 216 -17.87 33.07 33.04
CA ALA B 216 -18.44 33.46 31.73
C ALA B 216 -19.61 32.57 31.31
N LEU B 217 -19.54 31.28 31.66
CA LEU B 217 -20.63 30.33 31.37
C LEU B 217 -21.89 30.51 32.21
N LEU B 218 -21.71 30.84 33.48
CA LEU B 218 -22.84 31.06 34.39
C LEU B 218 -23.47 32.45 34.15
N PRO B 219 -24.73 32.64 34.59
CA PRO B 219 -25.36 33.97 34.40
C PRO B 219 -24.77 35.07 35.30
N GLN B 220 -24.53 34.78 36.58
CA GLN B 220 -23.82 35.71 37.49
C GLN B 220 -22.34 35.25 37.56
N PRO B 221 -21.40 36.17 37.85
CA PRO B 221 -20.06 35.73 38.21
C PRO B 221 -20.02 34.79 39.42
N LEU B 222 -18.95 34.02 39.49
CA LEU B 222 -18.85 32.90 40.41
C LEU B 222 -18.28 33.44 41.70
N GLU B 223 -18.99 33.22 42.80
CA GLU B 223 -18.55 33.73 44.11
C GLU B 223 -17.51 32.77 44.69
N LEU B 224 -16.34 33.31 45.05
CA LEU B 224 -15.26 32.52 45.67
C LEU B 224 -14.98 32.95 47.10
N VAL B 225 -14.30 32.07 47.84
CA VAL B 225 -13.94 32.35 49.22
C VAL B 225 -12.56 31.78 49.50
N LYS B 226 -11.78 32.48 50.33
CA LYS B 226 -10.43 32.03 50.66
C LYS B 226 -10.46 30.74 51.50
N CYS B 227 -9.44 29.91 51.32
CA CYS B 227 -9.31 28.65 52.08
C CYS B 227 -8.73 28.90 53.49
N GLU B 228 -8.99 27.95 54.38
CA GLU B 228 -8.50 27.98 55.75
C GLU B 228 -6.99 27.81 55.86
N THR B 229 -6.45 26.76 55.24
CA THR B 229 -5.07 26.35 55.44
C THR B 229 -4.17 26.48 54.21
N VAL B 230 -4.65 27.04 53.10
CA VAL B 230 -3.85 27.13 51.87
C VAL B 230 -4.15 28.42 51.13
N ASP B 231 -3.17 28.96 50.39
CA ASP B 231 -3.41 30.21 49.63
C ASP B 231 -4.11 29.90 48.29
N VAL B 232 -5.37 29.48 48.41
CA VAL B 232 -6.19 29.09 47.28
C VAL B 232 -7.64 29.45 47.58
N GLU B 233 -8.37 29.89 46.56
CA GLU B 233 -9.77 30.29 46.69
C GLU B 233 -10.59 29.14 46.14
N VAL B 234 -11.78 28.91 46.70
CA VAL B 234 -12.69 27.87 46.24
C VAL B 234 -14.09 28.42 46.09
N PRO B 235 -14.94 27.76 45.30
CA PRO B 235 -16.31 28.29 45.17
C PRO B 235 -17.01 28.27 46.50
N ALA B 236 -17.56 29.42 46.89
CA ALA B 236 -18.22 29.57 48.19
C ALA B 236 -19.46 28.71 48.31
N GLY B 237 -20.09 28.40 47.17
CA GLY B 237 -21.31 27.57 47.14
C GLY B 237 -21.12 26.06 47.08
N ALA B 238 -19.87 25.59 47.03
CA ALA B 238 -19.58 24.15 46.94
C ALA B 238 -20.19 23.41 48.12
N GLU B 239 -20.49 22.13 47.92
CA GLU B 239 -20.99 21.31 49.02
C GLU B 239 -19.85 20.95 49.97
N ILE B 240 -18.72 20.54 49.41
CA ILE B 240 -17.57 20.04 50.20
C ILE B 240 -16.29 20.56 49.61
N VAL B 241 -15.33 20.93 50.46
CA VAL B 241 -14.00 21.35 50.02
C VAL B 241 -12.95 20.62 50.85
N ILE B 242 -11.91 20.12 50.18
CA ILE B 242 -10.84 19.41 50.83
C ILE B 242 -9.56 20.15 50.48
N GLU B 243 -8.97 20.74 51.50
CA GLU B 243 -7.75 21.51 51.35
C GLU B 243 -6.62 20.56 51.62
N GLY B 244 -5.54 20.71 50.87
CA GLY B 244 -4.42 19.80 51.03
C GLY B 244 -3.19 20.30 50.31
N LYS B 245 -2.23 19.41 50.18
CA LYS B 245 -1.02 19.71 49.45
C LYS B 245 -0.45 18.44 48.82
N ILE B 246 0.13 18.58 47.64
CA ILE B 246 0.72 17.46 46.94
C ILE B 246 2.17 17.40 47.43
N LEU B 247 2.54 16.29 48.07
CA LEU B 247 3.86 16.17 48.72
C LEU B 247 4.98 15.98 47.71
N PRO B 248 6.11 16.71 47.90
CA PRO B 248 7.24 16.64 46.96
C PRO B 248 8.12 15.42 47.23
N GLY B 249 8.55 14.73 46.17
CA GLY B 249 9.42 13.57 46.28
C GLY B 249 8.75 12.26 46.67
N VAL B 250 7.49 12.30 47.08
CA VAL B 250 6.75 11.11 47.53
C VAL B 250 6.00 10.51 46.34
N ARG B 251 6.15 9.20 46.17
CA ARG B 251 5.35 8.42 45.23
C ARG B 251 4.83 7.16 45.94
N GLU B 252 3.51 6.95 45.88
CA GLU B 252 2.87 5.76 46.42
C GLU B 252 1.98 5.15 45.36
N VAL B 253 1.82 3.84 45.44
CA VAL B 253 1.09 3.08 44.43
C VAL B 253 -0.38 3.52 44.40
N GLU B 254 -0.82 3.99 43.24
CA GLU B 254 -2.20 4.41 43.00
C GLU B 254 -2.77 3.51 41.94
N GLY B 255 -4.04 3.15 42.09
CA GLY B 255 -4.72 2.29 41.13
C GLY B 255 -4.47 0.80 41.37
N PRO B 256 -5.01 -0.06 40.53
CA PRO B 256 -5.76 0.30 39.31
C PRO B 256 -7.16 0.89 39.52
N PHE B 257 -7.74 1.38 38.45
CA PHE B 257 -9.01 2.08 38.48
C PHE B 257 -9.71 1.92 37.13
N GLY B 258 -11.01 1.63 37.14
CA GLY B 258 -11.79 1.54 35.92
C GLY B 258 -11.94 2.91 35.32
N GLU B 259 -11.53 3.08 34.07
CA GLU B 259 -11.43 4.40 33.44
C GLU B 259 -12.42 4.62 32.27
N TYR B 260 -12.38 5.81 31.68
CA TYR B 260 -13.29 6.22 30.61
C TYR B 260 -13.47 5.24 29.43
N PRO B 261 -12.43 4.48 29.03
CA PRO B 261 -12.63 3.63 27.86
C PRO B 261 -13.14 2.22 28.19
N ARG B 262 -13.69 2.03 29.39
CA ARG B 262 -14.14 0.73 29.86
C ARG B 262 -12.98 -0.28 29.98
N TYR B 263 -11.78 0.20 30.28
CA TYR B 263 -10.62 -0.66 30.67
C TYR B 263 -10.03 -0.14 31.97
N TYR B 264 -9.20 -0.94 32.62
CA TYR B 264 -8.60 -0.54 33.89
C TYR B 264 -7.33 0.24 33.61
N GLY B 265 -7.21 1.42 34.20
CA GLY B 265 -5.95 2.13 34.21
C GLY B 265 -4.98 1.36 35.08
N PRO B 266 -3.77 1.06 34.57
CA PRO B 266 -2.86 0.26 35.40
C PRO B 266 -2.37 0.97 36.64
N ALA B 267 -2.07 0.17 37.67
CA ALA B 267 -1.48 0.66 38.92
C ALA B 267 -0.05 1.14 38.69
N ALA B 268 0.34 2.19 39.41
CA ALA B 268 1.73 2.66 39.35
C ALA B 268 2.01 3.60 40.52
N PRO B 269 3.31 3.79 40.87
CA PRO B 269 3.65 4.81 41.87
C PRO B 269 3.42 6.24 41.34
N ARG B 270 2.58 7.01 42.04
CA ARG B 270 2.19 8.38 41.66
C ARG B 270 2.08 9.31 42.87
N PRO B 271 1.97 10.63 42.64
CA PRO B 271 1.93 11.61 43.73
C PRO B 271 0.85 11.39 44.78
N VAL B 272 1.05 12.07 45.92
CA VAL B 272 0.22 11.90 47.11
C VAL B 272 -0.25 13.25 47.62
N VAL B 273 -1.54 13.34 47.98
CA VAL B 273 -2.11 14.53 48.61
C VAL B 273 -2.26 14.25 50.10
N GLU B 274 -1.77 15.18 50.93
CA GLU B 274 -2.01 15.16 52.38
C GLU B 274 -3.07 16.21 52.66
N VAL B 275 -4.18 15.83 53.29
CA VAL B 275 -5.27 16.79 53.46
C VAL B 275 -5.11 17.49 54.82
N THR B 276 -5.15 18.84 54.78
CA THR B 276 -4.92 19.69 55.92
C THR B 276 -6.23 20.26 56.52
N ALA B 277 -7.33 20.21 55.77
CA ALA B 277 -8.63 20.61 56.28
C ALA B 277 -9.75 20.14 55.38
N VAL B 278 -10.95 20.07 55.92
CA VAL B 278 -12.16 19.78 55.17
C VAL B 278 -13.21 20.78 55.61
N THR B 279 -13.91 21.39 54.66
CA THR B 279 -14.98 22.34 55.00
C THR B 279 -16.21 21.92 54.20
N HIS B 280 -17.41 22.13 54.72
CA HIS B 280 -18.61 21.74 54.01
C HIS B 280 -19.85 22.44 54.50
N ARG B 281 -20.93 22.34 53.73
CA ARG B 281 -22.22 22.84 54.16
C ARG B 281 -22.80 21.94 55.25
N ARG B 282 -23.76 22.48 56.02
CA ARG B 282 -24.58 21.64 56.91
C ARG B 282 -25.51 20.81 56.03
N GLN B 283 -25.62 19.51 56.32
CA GLN B 283 -26.25 18.54 55.41
C GLN B 283 -25.75 18.69 53.97
N PRO B 284 -24.48 18.29 53.74
CA PRO B 284 -23.92 18.35 52.39
C PRO B 284 -24.42 17.21 51.51
N VAL B 285 -24.36 17.41 50.19
CA VAL B 285 -24.64 16.36 49.20
C VAL B 285 -23.30 15.98 48.52
N TYR B 286 -22.96 14.69 48.54
CA TYR B 286 -21.76 14.19 47.85
C TYR B 286 -22.07 13.84 46.39
N HIS B 287 -21.29 14.42 45.48
CA HIS B 287 -21.40 14.12 44.05
C HIS B 287 -20.32 13.13 43.64
N THR B 288 -20.72 12.03 43.02
CA THR B 288 -19.78 11.11 42.37
C THR B 288 -20.10 11.05 40.87
N ILE B 289 -19.05 10.95 40.06
CA ILE B 289 -19.16 10.65 38.64
C ILE B 289 -18.74 9.18 38.47
N ILE B 290 -19.66 8.38 37.96
CA ILE B 290 -19.40 6.97 37.70
C ILE B 290 -18.53 6.88 36.43
N PRO B 291 -17.34 6.25 36.52
CA PRO B 291 -16.48 6.22 35.34
C PRO B 291 -17.13 5.52 34.15
N ALA B 292 -16.88 6.06 32.97
CA ALA B 292 -17.46 5.61 31.69
C ALA B 292 -18.94 5.93 31.50
N SER B 293 -19.57 6.59 32.48
CA SER B 293 -20.93 7.05 32.33
C SER B 293 -20.94 8.21 31.36
N ARG B 294 -22.14 8.55 30.94
CA ARG B 294 -22.36 9.62 29.98
C ARG B 294 -21.92 10.96 30.55
N GLU B 295 -22.17 11.16 31.85
CA GLU B 295 -21.69 12.33 32.58
C GLU B 295 -20.18 12.47 32.42
N HIS B 296 -19.46 11.38 32.70
CA HIS B 296 -18.01 11.34 32.54
C HIS B 296 -17.56 11.63 31.12
N LEU B 297 -18.15 10.94 30.17
CA LEU B 297 -17.71 11.05 28.77
C LEU B 297 -18.02 12.41 28.18
N LEU B 298 -19.22 12.93 28.43
CA LEU B 298 -19.60 14.22 27.84
C LEU B 298 -18.87 15.43 28.41
N LEU B 299 -18.37 15.35 29.66
CA LEU B 299 -17.62 16.46 30.24
C LEU B 299 -16.40 16.76 29.41
N GLY B 300 -15.59 15.72 29.17
CA GLY B 300 -14.46 15.84 28.27
C GLY B 300 -14.87 15.95 26.81
N GLY B 301 -15.92 15.26 26.42
CA GLY B 301 -16.36 15.21 25.02
C GLY B 301 -16.71 16.56 24.45
N ILE B 302 -17.52 17.30 25.18
CA ILE B 302 -18.01 18.58 24.71
C ILE B 302 -16.88 19.58 24.61
N ALA B 303 -15.99 19.60 25.61
CA ALA B 303 -14.81 20.46 25.56
C ALA B 303 -13.94 20.12 24.34
N ARG B 304 -13.69 18.85 24.10
CA ARG B 304 -12.93 18.43 22.92
C ARG B 304 -13.62 18.80 21.61
N GLU B 305 -14.94 18.64 21.59
CA GLU B 305 -15.76 18.96 20.41
C GLU B 305 -15.68 20.43 20.03
N ALA B 306 -15.65 21.30 21.03
CA ALA B 306 -15.52 22.72 20.79
C ALA B 306 -14.23 23.06 20.07
N VAL B 307 -13.14 22.37 20.43
CA VAL B 307 -11.85 22.54 19.76
C VAL B 307 -11.85 21.91 18.37
N LEU B 308 -12.40 20.71 18.28
CA LEU B 308 -12.48 19.97 17.03
C LEU B 308 -13.18 20.80 15.97
N LEU B 309 -14.28 21.44 16.34
CA LEU B 309 -15.02 22.28 15.40
C LEU B 309 -14.16 23.42 14.85
N GLN B 310 -13.46 24.11 15.74
CA GLN B 310 -12.59 25.21 15.32
C GLN B 310 -11.46 24.77 14.41
N THR B 311 -10.86 23.62 14.73
CA THR B 311 -9.73 23.07 13.98
C THR B 311 -10.18 22.61 12.59
N VAL B 312 -11.30 21.91 12.52
CA VAL B 312 -11.86 21.51 11.24
C VAL B 312 -12.25 22.74 10.41
N ARG B 313 -12.77 23.78 11.06
CA ARG B 313 -13.13 25.02 10.36
C ARG B 313 -11.93 25.66 9.66
N GLN B 314 -10.74 25.55 10.24
CA GLN B 314 -9.54 26.06 9.60
C GLN B 314 -9.29 25.41 8.23
N ALA B 315 -9.44 24.11 8.13
CA ALA B 315 -9.22 23.37 6.89
C ALA B 315 -10.43 23.44 5.96
N VAL B 316 -11.63 23.36 6.53
CA VAL B 316 -12.87 23.32 5.78
C VAL B 316 -13.83 24.34 6.40
N PRO B 317 -13.84 25.57 5.86
CA PRO B 317 -14.67 26.64 6.46
C PRO B 317 -16.17 26.34 6.51
N THR B 318 -16.65 25.54 5.57
CA THR B 318 -18.06 25.12 5.50
C THR B 318 -18.43 23.85 6.31
N VAL B 319 -17.60 23.46 7.28
CA VAL B 319 -17.99 22.43 8.24
C VAL B 319 -19.31 22.81 8.87
N LYS B 320 -20.24 21.86 8.95
CA LYS B 320 -21.50 22.09 9.64
C LYS B 320 -21.41 21.62 11.10
N ASN B 321 -20.93 20.40 11.33
CA ASN B 321 -21.03 19.83 12.67
C ASN B 321 -19.98 18.79 12.96
N VAL B 322 -19.70 18.59 14.25
CA VAL B 322 -18.76 17.58 14.67
C VAL B 322 -19.25 16.85 15.89
N HIS B 323 -18.82 15.60 16.02
CA HIS B 323 -19.27 14.72 17.07
C HIS B 323 -18.20 13.70 17.43
N LEU B 324 -17.81 13.70 18.71
CA LEU B 324 -17.00 12.64 19.27
C LEU B 324 -17.92 11.63 19.93
N THR B 325 -17.99 10.44 19.35
CA THR B 325 -19.08 9.50 19.63
C THR B 325 -18.85 8.80 20.96
N PRO B 326 -19.93 8.45 21.65
CA PRO B 326 -19.80 7.68 22.89
C PRO B 326 -19.21 6.29 22.69
N GLY B 327 -19.40 5.73 21.50
CA GLY B 327 -18.75 4.48 21.12
C GLY B 327 -17.23 4.58 21.17
N GLY B 328 -16.70 5.75 20.83
CA GLY B 328 -15.26 6.02 20.98
C GLY B 328 -14.82 6.66 22.29
N SER B 329 -15.62 6.53 23.34
CA SER B 329 -15.40 7.23 24.62
C SER B 329 -15.27 8.75 24.48
N CYS B 330 -16.00 9.33 23.54
CA CYS B 330 -16.01 10.78 23.31
C CYS B 330 -14.59 11.34 23.23
N ARG B 331 -13.82 10.77 22.31
CA ARG B 331 -12.37 10.93 22.26
C ARG B 331 -11.78 10.37 20.95
N TYR B 332 -12.03 9.07 20.75
CA TYR B 332 -11.31 8.26 19.80
C TYR B 332 -11.92 8.30 18.40
N HIS B 333 -13.24 8.33 18.32
CA HIS B 333 -13.96 8.38 17.06
C HIS B 333 -14.58 9.74 16.85
N ALA B 334 -14.37 10.32 15.69
CA ALA B 334 -14.93 11.62 15.33
C ALA B 334 -15.75 11.48 14.06
N VAL B 335 -16.92 12.13 14.04
CA VAL B 335 -17.71 12.20 12.84
C VAL B 335 -17.88 13.67 12.51
N ILE B 336 -17.49 14.04 11.29
CA ILE B 336 -17.59 15.42 10.83
C ILE B 336 -18.65 15.48 9.72
N SER B 337 -19.53 16.45 9.77
CA SER B 337 -20.35 16.75 8.59
C SER B 337 -19.86 18.07 7.99
N ILE B 338 -19.76 18.10 6.66
CA ILE B 338 -19.33 19.27 5.93
C ILE B 338 -20.31 19.54 4.79
N GLU B 339 -20.51 20.81 4.43
CA GLU B 339 -21.09 21.17 3.13
C GLU B 339 -19.92 21.30 2.18
N LYS B 340 -19.71 20.24 1.40
CA LYS B 340 -18.52 20.13 0.58
C LYS B 340 -18.58 21.12 -0.59
N LYS B 341 -17.60 22.01 -0.67
CA LYS B 341 -17.45 22.95 -1.78
C LYS B 341 -16.35 22.62 -2.76
N HIS B 342 -15.32 21.88 -2.32
CA HIS B 342 -14.17 21.55 -3.17
C HIS B 342 -13.96 20.06 -3.14
N GLU B 343 -13.74 19.42 -4.29
CA GLU B 343 -13.50 17.97 -4.25
C GLU B 343 -12.18 17.75 -3.47
N GLY B 344 -12.13 16.67 -2.72
CA GLY B 344 -11.05 16.38 -1.79
C GLY B 344 -11.23 16.88 -0.35
N GLU B 345 -12.09 17.88 -0.13
CA GLU B 345 -12.24 18.52 1.19
C GLU B 345 -12.36 17.56 2.35
N ALA B 346 -13.03 16.44 2.18
CA ALA B 346 -13.19 15.50 3.28
C ALA B 346 -11.87 14.99 3.83
N LYS B 347 -10.89 14.74 2.96
CA LYS B 347 -9.57 14.28 3.43
C LYS B 347 -8.92 15.33 4.32
N ASN B 348 -9.06 16.59 3.94
CA ASN B 348 -8.46 17.72 4.66
C ASN B 348 -9.16 17.90 6.00
N ALA B 349 -10.47 17.63 6.04
CA ALA B 349 -11.21 17.67 7.29
C ALA B 349 -10.68 16.63 8.25
N ILE B 350 -10.43 15.43 7.73
CA ILE B 350 -9.85 14.35 8.51
C ILE B 350 -8.47 14.73 9.09
N PHE B 351 -7.64 15.41 8.30
CA PHE B 351 -6.37 15.85 8.83
C PHE B 351 -6.60 16.79 10.00
N ALA B 352 -7.53 17.72 9.85
CA ALA B 352 -7.87 18.62 10.94
C ALA B 352 -8.36 17.87 12.19
N ALA B 353 -9.18 16.86 11.99
CA ALA B 353 -9.67 16.07 13.10
C ALA B 353 -8.50 15.43 13.86
N PHE B 354 -7.52 14.90 13.12
CA PHE B 354 -6.34 14.33 13.76
C PHE B 354 -5.53 15.37 14.51
N THR B 355 -5.49 16.61 14.02
CA THR B 355 -4.64 17.61 14.68
C THR B 355 -5.32 18.23 15.90
N SER B 356 -6.65 18.10 15.99
CA SER B 356 -7.40 18.57 17.16
C SER B 356 -6.89 17.93 18.44
N SER B 357 -6.54 16.65 18.36
CA SER B 357 -6.07 15.90 19.51
C SER B 357 -5.45 14.59 19.09
N SER B 358 -4.40 14.18 19.79
CA SER B 358 -3.76 12.91 19.48
C SER B 358 -4.64 11.70 19.87
N GLU B 359 -5.70 11.90 20.64
CA GLU B 359 -6.59 10.83 20.98
C GLU B 359 -7.44 10.35 19.78
N VAL B 360 -7.68 11.24 18.82
CA VAL B 360 -8.55 10.93 17.70
C VAL B 360 -7.88 9.91 16.80
N LYS B 361 -8.57 8.79 16.62
CA LYS B 361 -8.01 7.61 15.98
C LYS B 361 -8.70 7.27 14.65
N HIS B 362 -10.02 7.23 14.63
CA HIS B 362 -10.80 6.95 13.42
C HIS B 362 -11.75 8.10 13.16
N VAL B 363 -11.89 8.50 11.91
CA VAL B 363 -12.69 9.65 11.58
C VAL B 363 -13.48 9.32 10.35
N VAL B 364 -14.77 9.65 10.37
CA VAL B 364 -15.59 9.55 9.15
C VAL B 364 -16.20 10.92 8.87
N VAL B 365 -16.23 11.27 7.58
CA VAL B 365 -16.80 12.51 7.14
C VAL B 365 -18.00 12.22 6.25
N VAL B 366 -19.10 12.92 6.50
CA VAL B 366 -20.34 12.77 5.73
C VAL B 366 -20.80 14.15 5.27
N ASP B 367 -21.85 14.20 4.46
CA ASP B 367 -22.37 15.47 3.95
C ASP B 367 -23.31 16.16 4.96
N HIS B 368 -23.51 17.46 4.76
CA HIS B 368 -24.31 18.34 5.65
C HIS B 368 -25.67 17.76 6.06
N GLU B 369 -26.34 17.07 5.14
CA GLU B 369 -27.69 16.54 5.39
C GLU B 369 -27.77 15.31 6.32
N ILE B 370 -26.66 14.60 6.53
CA ILE B 370 -26.63 13.42 7.39
C ILE B 370 -26.58 13.86 8.85
N ASN B 371 -27.43 13.26 9.67
CA ASN B 371 -27.46 13.52 11.09
C ASN B 371 -26.37 12.71 11.76
N ILE B 372 -25.31 13.37 12.18
CA ILE B 372 -24.15 12.69 12.75
C ILE B 372 -24.32 12.23 14.19
N PHE B 373 -25.43 12.59 14.82
CA PHE B 373 -25.72 12.11 16.18
C PHE B 373 -26.59 10.85 16.14
N ASP B 374 -26.92 10.38 14.92
CA ASP B 374 -27.58 9.09 14.72
C ASP B 374 -26.57 8.08 14.12
N PRO B 375 -26.10 7.12 14.93
CA PRO B 375 -25.08 6.17 14.42
C PRO B 375 -25.51 5.40 13.18
N GLU B 376 -26.77 5.01 13.15
CA GLU B 376 -27.30 4.29 12.00
C GLU B 376 -27.24 5.11 10.70
N GLU B 377 -27.51 6.41 10.79
CA GLU B 377 -27.47 7.24 9.59
C GLU B 377 -26.05 7.40 9.08
N VAL B 378 -25.04 7.47 9.96
CA VAL B 378 -23.67 7.60 9.47
C VAL B 378 -23.18 6.26 8.94
N GLU B 379 -23.54 5.15 9.62
CA GLU B 379 -23.22 3.82 9.10
C GLU B 379 -23.81 3.59 7.71
N TRP B 380 -25.04 4.06 7.52
CA TRP B 380 -25.69 4.02 6.22
C TRP B 380 -24.88 4.77 5.17
N ALA B 381 -24.47 5.98 5.52
CA ALA B 381 -23.62 6.77 4.64
C ALA B 381 -22.31 6.03 4.29
N VAL B 382 -21.67 5.41 5.27
CA VAL B 382 -20.47 4.64 5.02
C VAL B 382 -20.76 3.44 4.10
N ALA B 383 -21.88 2.76 4.32
CA ALA B 383 -22.21 1.59 3.52
C ALA B 383 -22.42 1.93 2.04
N THR B 384 -22.97 3.09 1.77
CA THR B 384 -23.43 3.41 0.42
C THR B 384 -22.70 4.53 -0.27
N ARG B 385 -21.84 5.26 0.44
CA ARG B 385 -21.08 6.37 -0.16
C ARG B 385 -19.56 6.24 0.00
N CYS B 386 -19.10 5.13 0.55
CA CYS B 386 -17.68 4.90 0.70
C CYS B 386 -17.27 3.70 -0.16
N GLN B 387 -16.16 3.88 -0.86
CA GLN B 387 -15.47 2.81 -1.55
C GLN B 387 -14.05 2.81 -0.97
N ALA B 388 -13.72 1.80 -0.19
CA ALA B 388 -12.51 1.82 0.61
C ALA B 388 -11.19 2.05 -0.16
N GLY B 389 -11.16 1.60 -1.40
CA GLY B 389 -9.99 1.76 -2.25
C GLY B 389 -9.61 3.20 -2.55
N ARG B 390 -10.59 4.10 -2.58
CA ARG B 390 -10.32 5.53 -2.79
C ARG B 390 -10.78 6.45 -1.67
N ASP B 391 -11.61 5.97 -0.76
CA ASP B 391 -12.18 6.84 0.26
C ASP B 391 -11.62 6.57 1.68
N VAL B 392 -10.76 5.57 1.84
CA VAL B 392 -10.17 5.26 3.16
C VAL B 392 -8.68 5.47 3.08
N PHE B 393 -8.10 6.04 4.13
CA PHE B 393 -6.64 6.02 4.25
C PHE B 393 -6.21 5.77 5.68
N ILE B 394 -5.03 5.17 5.78
CA ILE B 394 -4.53 4.66 7.04
C ILE B 394 -3.15 5.25 7.21
N VAL B 395 -2.84 5.76 8.40
CA VAL B 395 -1.49 6.23 8.69
C VAL B 395 -0.95 5.42 9.84
N LYS B 396 0.19 4.79 9.67
CA LYS B 396 0.80 3.92 10.69
C LYS B 396 1.66 4.71 11.66
N ASP B 397 1.67 4.25 12.90
CA ASP B 397 2.67 4.64 13.92
C ASP B 397 2.72 6.14 14.19
N ALA B 398 1.55 6.71 14.40
CA ALA B 398 1.42 8.08 14.87
C ALA B 398 1.30 8.05 16.39
N MSE B 399 1.24 9.22 16.99
CA MSE B 399 1.05 9.33 18.41
C MSE B 399 -0.41 9.14 18.71
O MSE B 399 -1.27 9.85 18.16
CB MSE B 399 1.45 10.72 18.83
CG MSE B 399 1.32 10.87 20.32
SE MSE B 399 1.61 12.76 20.79
CE MSE B 399 1.00 13.82 19.23
N GLY B 400 -0.69 8.21 19.61
CA GLY B 400 -2.04 7.98 20.11
C GLY B 400 -2.15 8.17 21.61
N ASN B 401 -2.67 7.15 22.28
CA ASN B 401 -3.13 7.25 23.66
C ASN B 401 -2.63 6.03 24.42
N ARG B 402 -2.06 6.23 25.61
CA ARG B 402 -1.50 5.08 26.35
C ARG B 402 -2.56 4.10 26.85
N LEU B 403 -3.75 4.63 27.15
CA LEU B 403 -4.81 3.83 27.76
C LEU B 403 -5.59 2.98 26.77
N ASP B 404 -5.56 3.34 25.49
CA ASP B 404 -6.01 2.47 24.40
C ASP B 404 -5.09 1.24 24.41
N PRO B 405 -5.64 0.07 24.78
CA PRO B 405 -4.80 -1.11 24.93
C PRO B 405 -4.33 -1.72 23.61
N SER B 406 -4.94 -1.34 22.50
CA SER B 406 -4.43 -1.76 21.19
C SER B 406 -3.18 -0.98 20.78
N SER B 407 -2.90 0.12 21.47
CA SER B 407 -1.71 0.91 21.10
C SER B 407 -0.42 0.25 21.60
N ARG B 408 0.66 0.55 20.87
CA ARG B 408 2.00 0.04 21.10
C ARG B 408 2.73 1.11 21.94
N ASP B 409 2.34 1.18 23.21
CA ASP B 409 2.98 2.09 24.17
C ASP B 409 2.65 3.56 23.80
N GLY B 410 1.38 3.82 23.52
CA GLY B 410 0.95 5.15 23.07
C GLY B 410 1.08 5.46 21.59
N VAL B 411 1.81 4.64 20.83
CA VAL B 411 1.88 4.75 19.37
C VAL B 411 0.67 4.04 18.77
N SER B 412 0.00 4.70 17.82
CA SER B 412 -1.24 4.19 17.28
C SER B 412 -1.38 4.51 15.81
N ASP B 413 -2.05 3.63 15.10
CA ASP B 413 -2.39 3.84 13.71
C ASP B 413 -3.68 4.68 13.68
N LYS B 414 -3.91 5.34 12.55
CA LYS B 414 -5.04 6.25 12.40
C LYS B 414 -5.75 5.91 11.11
N MSE B 415 -7.05 6.18 11.04
CA MSE B 415 -7.80 5.91 9.85
C MSE B 415 -8.85 6.96 9.57
O MSE B 415 -9.53 7.41 10.47
CB MSE B 415 -8.47 4.56 9.96
CG MSE B 415 -9.13 4.20 8.65
SE MSE B 415 -9.90 2.37 8.75
CE MSE B 415 -10.86 2.38 10.49
N GLY B 416 -8.96 7.32 8.30
CA GLY B 416 -9.91 8.31 7.83
C GLY B 416 -10.81 7.65 6.80
N ILE B 417 -12.10 8.01 6.84
CA ILE B 417 -13.09 7.47 5.92
C ILE B 417 -13.88 8.62 5.34
N ASP B 418 -13.78 8.80 4.03
CA ASP B 418 -14.54 9.83 3.31
C ASP B 418 -15.83 9.24 2.82
N ALA B 419 -16.94 9.53 3.51
CA ALA B 419 -18.25 9.04 3.11
C ALA B 419 -19.09 10.17 2.56
N THR B 420 -18.47 11.14 1.91
CA THR B 420 -19.17 12.21 1.21
C THR B 420 -19.43 11.79 -0.23
N ILE B 421 -20.48 12.34 -0.83
CA ILE B 421 -20.83 12.16 -2.23
C ILE B 421 -19.77 12.85 -3.10
N PRO B 422 -19.36 12.24 -4.22
CA PRO B 422 -18.48 12.95 -5.14
C PRO B 422 -19.15 14.20 -5.68
N LEU B 423 -18.36 15.24 -5.86
CA LEU B 423 -18.88 16.54 -6.31
C LEU B 423 -19.03 16.46 -7.80
N ASN B 424 -19.85 17.32 -8.38
CA ASN B 424 -20.06 17.33 -9.85
C ASN B 424 -20.43 15.95 -10.42
N LEU B 425 -21.61 15.52 -10.04
CA LEU B 425 -22.25 14.33 -10.56
C LEU B 425 -23.71 14.65 -10.79
N PRO B 426 -24.44 13.79 -11.52
CA PRO B 426 -25.90 13.87 -11.51
C PRO B 426 -26.46 13.77 -10.07
N GLY B 427 -27.21 14.79 -9.66
CA GLY B 427 -27.70 14.86 -8.29
C GLY B 427 -28.82 13.89 -7.91
N GLU B 428 -29.23 13.00 -8.83
CA GLU B 428 -30.29 12.04 -8.56
C GLU B 428 -29.73 10.68 -8.18
N ARG B 429 -28.41 10.51 -8.33
CA ARG B 429 -27.80 9.21 -8.08
C ARG B 429 -27.74 8.88 -6.59
N PHE B 430 -27.35 9.87 -5.79
CA PHE B 430 -27.29 9.73 -4.33
C PHE B 430 -28.48 10.35 -3.63
N GLU B 431 -29.53 10.71 -4.37
CA GLU B 431 -30.73 11.29 -3.77
C GLU B 431 -31.39 10.25 -2.88
N ARG B 432 -31.40 10.57 -1.59
CA ARG B 432 -32.02 9.78 -0.56
C ARG B 432 -33.55 9.81 -0.68
N ILE B 433 -34.20 8.66 -0.53
CA ILE B 433 -35.65 8.55 -0.72
C ILE B 433 -36.37 9.29 0.41
N SER B 434 -37.60 9.71 0.15
CA SER B 434 -38.35 10.43 1.17
C SER B 434 -39.85 10.27 0.96
N ILE B 435 -40.58 10.60 2.02
CA ILE B 435 -42.02 10.51 2.05
C ILE B 435 -42.52 11.94 2.24
N PRO B 436 -43.16 12.53 1.21
CA PRO B 436 -43.59 13.92 1.35
C PRO B 436 -44.65 14.08 2.44
N GLY B 437 -44.55 15.16 3.24
CA GLY B 437 -45.43 15.38 4.37
C GLY B 437 -45.16 14.56 5.60
N LEU B 438 -43.96 14.00 5.73
CA LEU B 438 -43.60 13.16 6.91
C LEU B 438 -43.49 14.02 8.17
N ASP B 439 -42.81 15.15 8.07
CA ASP B 439 -42.60 16.01 9.26
C ASP B 439 -43.89 16.72 9.64
N LYS B 440 -44.72 16.99 8.64
CA LYS B 440 -46.05 17.56 8.82
C LYS B 440 -47.02 16.61 9.54
N ILE B 441 -46.95 15.31 9.29
CA ILE B 441 -47.88 14.32 9.89
C ILE B 441 -47.27 13.74 11.15
N LYS B 442 -48.12 13.38 12.10
CA LYS B 442 -47.67 12.92 13.41
C LYS B 442 -48.52 11.71 13.82
N LEU B 443 -47.88 10.59 14.12
CA LEU B 443 -48.58 9.31 14.37
C LEU B 443 -49.47 9.37 15.60
N ALA B 444 -49.02 10.01 16.68
CA ALA B 444 -49.78 10.12 17.92
C ALA B 444 -51.20 10.74 17.74
N ASP B 445 -51.36 11.61 16.74
CA ASP B 445 -52.68 12.16 16.33
C ASP B 445 -53.65 11.16 15.68
N TYR B 446 -53.18 9.98 15.31
CA TYR B 446 -53.99 8.98 14.57
C TYR B 446 -54.35 7.70 15.37
N LEU B 447 -53.73 7.50 16.53
CA LEU B 447 -54.14 6.40 17.45
C LEU B 447 -54.74 6.98 18.75
N HIS C 3 -51.96 -21.80 11.51
CA HIS C 3 -51.12 -20.54 11.62
C HIS C 3 -51.10 -19.75 10.26
N SER C 4 -51.94 -18.71 10.19
CA SER C 4 -52.10 -17.83 9.03
C SER C 4 -51.90 -16.34 9.45
N LEU C 5 -52.13 -15.41 8.52
CA LEU C 5 -52.02 -13.98 8.82
C LEU C 5 -52.97 -13.51 9.94
N ARG C 6 -54.27 -13.82 9.81
CA ARG C 6 -55.27 -13.54 10.87
C ARG C 6 -54.77 -13.97 12.26
N GLU C 7 -54.32 -15.24 12.38
CA GLU C 7 -53.84 -15.78 13.65
C GLU C 7 -52.62 -14.99 14.14
N TRP C 8 -51.75 -14.58 13.20
CA TRP C 8 -50.58 -13.76 13.50
C TRP C 8 -50.92 -12.35 14.01
N LEU C 9 -51.88 -11.68 13.38
CA LEU C 9 -52.32 -10.34 13.83
C LEU C 9 -52.91 -10.38 15.22
N ALA C 10 -53.63 -11.45 15.53
CA ALA C 10 -54.15 -11.69 16.89
C ALA C 10 -53.02 -11.89 17.91
N PHE C 11 -52.00 -12.65 17.51
CA PHE C 11 -50.81 -12.85 18.33
C PHE C 11 -50.12 -11.51 18.61
N LEU C 12 -49.95 -10.71 17.57
CA LEU C 12 -49.36 -9.38 17.75
C LEU C 12 -50.19 -8.56 18.72
N GLU C 13 -51.50 -8.55 18.52
CA GLU C 13 -52.40 -7.77 19.38
C GLU C 13 -52.30 -8.22 20.84
N GLY C 14 -52.18 -9.53 21.06
CA GLY C 14 -51.96 -10.07 22.42
C GLY C 14 -50.67 -9.68 23.09
N LYS C 15 -49.67 -9.38 22.28
CA LYS C 15 -48.34 -8.98 22.74
C LYS C 15 -48.19 -7.45 22.79
N GLY C 16 -49.23 -6.71 22.39
CA GLY C 16 -49.19 -5.23 22.38
C GLY C 16 -48.38 -4.61 21.24
N LYS C 17 -48.16 -5.37 20.16
CA LYS C 17 -47.33 -4.95 19.03
C LYS C 17 -48.18 -4.68 17.76
N LEU C 18 -49.48 -4.53 17.91
CA LEU C 18 -50.33 -4.08 16.80
C LEU C 18 -51.24 -2.97 17.30
N LYS C 19 -51.30 -1.88 16.57
CA LYS C 19 -52.17 -0.77 16.94
C LYS C 19 -53.00 -0.44 15.72
N ARG C 20 -54.23 0.00 15.98
CA ARG C 20 -55.21 0.28 14.95
C ARG C 20 -55.27 1.78 14.70
N VAL C 21 -55.46 2.17 13.45
CA VAL C 21 -55.55 3.56 13.08
C VAL C 21 -56.93 3.75 12.51
N ARG C 22 -57.80 4.34 13.32
CA ARG C 22 -59.22 4.50 13.01
C ARG C 22 -59.45 5.72 12.13
N LYS C 23 -58.62 6.73 12.28
CA LYS C 23 -58.77 7.96 11.47
C LYS C 23 -58.51 7.67 10.00
N GLU C 24 -59.15 8.41 9.11
CA GLU C 24 -58.99 8.17 7.67
C GLU C 24 -57.57 8.51 7.25
N VAL C 25 -56.98 7.72 6.35
CA VAL C 25 -55.63 7.94 5.80
C VAL C 25 -55.59 7.74 4.28
N ASP C 26 -54.85 8.60 3.61
CA ASP C 26 -54.69 8.54 2.15
C ASP C 26 -53.70 7.41 1.83
N PRO C 27 -54.03 6.54 0.85
CA PRO C 27 -53.00 5.57 0.43
C PRO C 27 -51.77 6.21 -0.22
N VAL C 28 -51.96 7.37 -0.82
CA VAL C 28 -50.85 8.12 -1.41
C VAL C 28 -50.10 8.83 -0.28
N PHE C 29 -48.97 8.25 0.10
CA PHE C 29 -47.98 8.81 1.04
C PHE C 29 -48.31 8.74 2.54
N GLU C 30 -49.55 8.95 2.96
CA GLU C 30 -49.87 8.99 4.41
C GLU C 30 -49.67 7.64 5.10
N ILE C 31 -49.94 6.54 4.39
CA ILE C 31 -49.74 5.20 4.97
C ILE C 31 -48.25 4.98 5.22
N ALA C 32 -47.43 5.23 4.20
CA ALA C 32 -45.99 5.12 4.31
C ALA C 32 -45.41 6.01 5.40
N ALA C 33 -45.90 7.25 5.44
CA ALA C 33 -45.47 8.23 6.43
C ALA C 33 -45.74 7.78 7.87
N LEU C 34 -46.96 7.32 8.13
CA LEU C 34 -47.32 6.85 9.45
C LEU C 34 -46.60 5.57 9.80
N GLY C 35 -46.51 4.66 8.83
CA GLY C 35 -45.80 3.39 9.02
C GLY C 35 -44.34 3.56 9.38
N LYS C 36 -43.69 4.57 8.78
CA LYS C 36 -42.30 4.84 9.08
C LYS C 36 -42.07 5.21 10.56
N GLN C 37 -43.04 5.88 11.17
CA GLN C 37 -42.95 6.28 12.57
C GLN C 37 -43.16 5.09 13.52
N ALA C 38 -43.87 4.07 13.04
CA ALA C 38 -44.05 2.81 13.78
C ALA C 38 -42.94 1.78 13.54
N ASP C 39 -42.10 2.02 12.52
CA ASP C 39 -41.05 1.08 12.07
C ASP C 39 -40.22 0.50 13.22
N GLY C 40 -40.27 -0.80 13.41
CA GLY C 40 -39.54 -1.48 14.49
C GLY C 40 -40.23 -1.50 15.85
N ILE C 41 -41.28 -0.72 16.03
CA ILE C 41 -41.96 -0.60 17.31
C ILE C 41 -43.22 -1.45 17.30
N CYS C 42 -44.06 -1.25 16.29
CA CYS C 42 -45.29 -2.04 16.16
C CYS C 42 -45.89 -2.05 14.75
N SER C 43 -46.72 -3.05 14.51
CA SER C 43 -47.53 -3.11 13.31
C SER C 43 -48.67 -2.09 13.39
N LEU C 44 -49.06 -1.56 12.23
CA LEU C 44 -50.21 -0.68 12.15
C LEU C 44 -51.26 -1.30 11.24
N LEU C 45 -52.50 -1.30 11.70
CA LEU C 45 -53.64 -1.70 10.91
C LEU C 45 -54.50 -0.48 10.64
N PHE C 46 -54.50 -0.02 9.39
CA PHE C 46 -55.27 1.14 8.95
C PHE C 46 -56.70 0.71 8.61
N GLU C 47 -57.62 0.90 9.55
CA GLU C 47 -59.02 0.49 9.38
C GLU C 47 -59.82 1.29 8.35
N ARG C 48 -59.35 2.48 8.00
CA ARG C 48 -60.07 3.38 7.11
C ARG C 48 -59.12 4.03 6.09
N VAL C 49 -59.07 3.44 4.90
CA VAL C 49 -58.21 3.94 3.84
C VAL C 49 -59.07 4.64 2.79
N LYS C 50 -58.86 5.96 2.63
CA LYS C 50 -59.60 6.81 1.72
C LYS C 50 -59.79 6.23 0.31
N GLY C 51 -61.06 5.90 0.01
CA GLY C 51 -61.49 5.35 -1.28
C GLY C 51 -61.82 3.86 -1.28
N TYR C 52 -61.78 3.20 -0.10
CA TYR C 52 -61.76 1.73 -0.02
C TYR C 52 -62.38 1.20 1.25
N ALA C 53 -63.07 0.07 1.12
CA ALA C 53 -63.58 -0.72 2.27
C ALA C 53 -62.47 -1.53 2.96
N VAL C 54 -61.48 -1.96 2.16
CA VAL C 54 -60.42 -2.86 2.59
C VAL C 54 -59.41 -2.12 3.45
N PRO C 55 -59.07 -2.65 4.64
CA PRO C 55 -58.03 -2.06 5.46
C PRO C 55 -56.63 -2.49 5.00
N VAL C 56 -55.63 -1.74 5.41
CA VAL C 56 -54.24 -2.02 5.10
C VAL C 56 -53.49 -2.34 6.38
N VAL C 57 -52.58 -3.31 6.30
CA VAL C 57 -51.73 -3.62 7.43
C VAL C 57 -50.28 -3.49 7.00
N THR C 58 -49.42 -3.14 7.94
CA THR C 58 -47.99 -2.99 7.66
C THR C 58 -47.17 -3.28 8.91
N GLY C 59 -45.97 -3.83 8.70
CA GLY C 59 -45.06 -4.09 9.79
C GLY C 59 -45.40 -5.32 10.60
N LEU C 60 -45.77 -6.40 9.91
CA LEU C 60 -46.06 -7.70 10.54
C LEU C 60 -44.95 -8.22 11.45
N ALA C 61 -43.69 -7.92 11.10
CA ALA C 61 -42.57 -8.24 11.95
C ALA C 61 -41.43 -7.24 11.72
N GLY C 62 -41.16 -6.42 12.73
CA GLY C 62 -40.15 -5.39 12.62
C GLY C 62 -38.91 -5.61 13.44
N ASP C 63 -38.75 -6.80 14.01
CA ASP C 63 -37.56 -7.10 14.80
C ASP C 63 -37.32 -8.58 14.83
N ARG C 64 -36.14 -8.98 15.23
CA ARG C 64 -35.75 -10.37 15.09
C ARG C 64 -36.46 -11.31 16.07
N GLU C 65 -36.90 -10.77 17.21
CA GLU C 65 -37.67 -11.56 18.21
C GLU C 65 -39.01 -12.02 17.63
N LEU C 66 -39.67 -11.15 16.86
CA LEU C 66 -40.94 -11.49 16.21
C LEU C 66 -40.77 -12.46 15.05
N PHE C 67 -39.67 -12.39 14.31
CA PHE C 67 -39.43 -13.39 13.27
C PHE C 67 -39.18 -14.77 13.88
N ALA C 68 -38.49 -14.78 15.02
CA ALA C 68 -38.24 -16.00 15.76
C ALA C 68 -39.55 -16.60 16.26
N ALA C 69 -40.45 -15.75 16.75
CA ALA C 69 -41.75 -16.20 17.19
C ALA C 69 -42.55 -16.78 16.01
N ALA C 70 -42.48 -16.14 14.86
CA ALA C 70 -43.13 -16.63 13.63
C ALA C 70 -42.62 -17.99 13.18
N MSE C 71 -41.40 -18.34 13.55
CA MSE C 71 -40.89 -19.71 13.32
C MSE C 71 -41.01 -20.65 14.49
O MSE C 71 -40.55 -21.79 14.40
CB MSE C 71 -39.42 -19.58 12.98
CG MSE C 71 -39.23 -18.94 11.63
SE MSE C 71 -37.29 -18.81 11.41
CE MSE C 71 -37.23 -16.87 11.69
N SER C 72 -41.65 -20.22 15.58
CA SER C 72 -41.79 -20.99 16.82
C SER C 72 -40.45 -21.43 17.41
N VAL C 73 -39.53 -20.48 17.52
CA VAL C 73 -38.25 -20.71 18.19
C VAL C 73 -37.83 -19.49 18.99
N PRO C 74 -36.93 -19.73 19.96
CA PRO C 74 -36.23 -18.60 20.54
C PRO C 74 -35.26 -17.99 19.52
N VAL C 75 -35.01 -16.69 19.67
CA VAL C 75 -34.09 -15.95 18.80
C VAL C 75 -32.76 -16.68 18.60
N GLU C 76 -32.15 -17.09 19.70
CA GLU C 76 -30.85 -17.77 19.67
C GLU C 76 -30.77 -19.03 18.77
N GLY C 77 -31.90 -19.68 18.47
CA GLY C 77 -31.93 -20.81 17.54
C GLY C 77 -32.60 -20.58 16.19
N MSE C 78 -32.89 -19.32 15.88
CA MSE C 78 -33.56 -18.92 14.63
C MSE C 78 -32.85 -19.19 13.34
O MSE C 78 -33.46 -19.60 12.37
CB MSE C 78 -33.71 -17.41 14.74
CG MSE C 78 -34.48 -16.81 13.59
SE MSE C 78 -34.64 -14.86 13.78
CE MSE C 78 -33.01 -14.43 14.82
N LEU C 79 -31.55 -18.90 13.26
CA LEU C 79 -30.80 -19.15 12.02
C LEU C 79 -30.61 -20.62 11.78
N GLU C 80 -30.45 -21.40 12.86
CA GLU C 80 -30.28 -22.86 12.78
C GLU C 80 -31.55 -23.51 12.21
N LYS C 81 -32.72 -23.09 12.69
CA LYS C 81 -34.01 -23.57 12.20
C LYS C 81 -34.30 -23.21 10.75
N LEU C 82 -33.95 -22.00 10.33
CA LEU C 82 -34.14 -21.61 8.93
C LEU C 82 -33.27 -22.46 8.03
N ALA C 83 -32.02 -22.66 8.40
CA ALA C 83 -31.12 -23.56 7.69
C ALA C 83 -31.65 -24.99 7.64
N ALA C 84 -32.21 -25.45 8.75
CA ALA C 84 -32.78 -26.82 8.83
C ALA C 84 -33.98 -26.99 7.90
N ALA C 85 -34.81 -25.95 7.81
CA ALA C 85 -35.98 -25.94 6.94
C ALA C 85 -35.61 -25.96 5.46
N VAL C 86 -34.49 -25.35 5.11
CA VAL C 86 -34.01 -25.37 3.73
C VAL C 86 -33.45 -26.76 3.39
N GLU C 87 -32.74 -27.39 4.32
CA GLU C 87 -32.22 -28.75 4.07
C GLU C 87 -33.29 -29.85 4.05
N ASN C 88 -34.33 -29.72 4.88
CA ASN C 88 -35.42 -30.71 4.93
C ASN C 88 -36.77 -30.04 4.71
N PRO C 89 -37.07 -29.70 3.44
CA PRO C 89 -38.41 -29.19 3.15
C PRO C 89 -39.47 -30.25 3.41
N VAL C 90 -40.67 -29.81 3.73
CA VAL C 90 -41.79 -30.67 4.08
C VAL C 90 -42.87 -30.38 3.03
N PRO C 91 -43.49 -31.43 2.45
CA PRO C 91 -44.51 -31.11 1.43
C PRO C 91 -45.77 -30.39 1.97
N CYS C 92 -46.47 -29.75 1.04
CA CYS C 92 -47.70 -29.03 1.35
C CYS C 92 -48.88 -29.97 1.19
N ARG C 93 -50.08 -29.52 1.51
CA ARG C 93 -51.31 -30.31 1.33
C ARG C 93 -52.18 -29.57 0.36
N LEU C 94 -52.53 -30.22 -0.74
CA LEU C 94 -53.56 -29.70 -1.64
C LEU C 94 -54.91 -29.87 -0.94
N VAL C 95 -55.76 -28.86 -1.06
CA VAL C 95 -57.04 -28.78 -0.34
C VAL C 95 -58.11 -28.41 -1.36
N SER C 96 -59.37 -28.75 -1.06
CA SER C 96 -60.48 -28.50 -1.99
C SER C 96 -60.80 -26.99 -2.10
N PRO C 97 -61.12 -26.50 -3.33
CA PRO C 97 -61.50 -25.10 -3.54
C PRO C 97 -62.64 -24.58 -2.66
N ASP C 98 -63.68 -25.39 -2.46
CA ASP C 98 -64.81 -24.98 -1.60
C ASP C 98 -64.40 -25.06 -0.12
N GLY C 99 -64.73 -24.02 0.64
CA GLY C 99 -64.28 -23.91 2.04
C GLY C 99 -62.95 -23.15 2.23
N ALA C 100 -62.08 -23.21 1.22
CA ALA C 100 -60.80 -22.46 1.20
C ALA C 100 -61.00 -20.94 1.20
N PRO C 101 -60.60 -20.25 2.29
CA PRO C 101 -60.97 -18.83 2.45
C PRO C 101 -60.63 -17.89 1.29
N VAL C 102 -59.54 -18.15 0.57
CA VAL C 102 -59.12 -17.28 -0.52
C VAL C 102 -60.05 -17.34 -1.74
N LYS C 103 -60.92 -18.38 -1.79
CA LYS C 103 -61.91 -18.54 -2.87
C LYS C 103 -63.31 -17.98 -2.58
N GLU C 104 -63.51 -17.41 -1.39
CA GLU C 104 -64.78 -16.77 -1.03
C GLU C 104 -65.31 -15.77 -2.07
N CYS C 105 -64.46 -14.99 -2.73
CA CYS C 105 -64.86 -14.07 -3.81
C CYS C 105 -63.95 -14.24 -5.02
N ILE C 106 -64.46 -14.83 -6.10
CA ILE C 106 -63.72 -14.96 -7.37
C ILE C 106 -64.09 -13.73 -8.21
N ILE C 107 -63.16 -13.25 -9.05
CA ILE C 107 -63.42 -12.12 -9.95
C ILE C 107 -62.63 -12.36 -11.23
N ARG C 108 -63.35 -12.57 -12.34
CA ARG C 108 -62.73 -12.92 -13.62
C ARG C 108 -62.93 -11.87 -14.71
N GLU C 109 -63.69 -10.81 -14.46
CA GLU C 109 -63.95 -9.84 -15.50
C GLU C 109 -63.95 -8.43 -14.97
N ASN C 110 -63.63 -7.49 -15.87
CA ASN C 110 -63.55 -6.06 -15.54
C ASN C 110 -62.63 -5.84 -14.34
N ILE C 111 -61.45 -6.44 -14.42
CA ILE C 111 -60.48 -6.39 -13.32
C ILE C 111 -59.85 -5.01 -13.37
N ASP C 112 -59.98 -4.28 -12.26
CA ASP C 112 -59.36 -2.96 -12.09
C ASP C 112 -58.77 -2.94 -10.66
N LEU C 113 -57.47 -3.21 -10.58
CA LEU C 113 -56.78 -3.43 -9.29
C LEU C 113 -56.83 -2.23 -8.38
N LEU C 114 -56.55 -1.05 -8.91
CA LEU C 114 -56.63 0.17 -8.12
C LEU C 114 -58.04 0.46 -7.59
N LYS C 115 -59.07 0.10 -8.37
CA LYS C 115 -60.48 0.18 -7.91
C LYS C 115 -60.73 -0.64 -6.63
N MSE C 116 -60.23 -1.87 -6.58
CA MSE C 116 -60.60 -2.85 -5.53
C MSE C 116 -59.67 -2.90 -4.34
O MSE C 116 -60.12 -3.21 -3.24
CB MSE C 116 -60.65 -4.32 -5.99
CG MSE C 116 -60.32 -4.52 -7.45
SE MSE C 116 -60.48 -6.39 -8.03
CE MSE C 116 -60.66 -7.33 -6.31
N LEU C 117 -58.38 -2.66 -4.58
CA LEU C 117 -57.34 -2.81 -3.56
C LEU C 117 -56.68 -1.46 -3.26
N PRO C 118 -56.43 -1.17 -1.97
CA PRO C 118 -55.82 0.08 -1.50
C PRO C 118 -54.28 0.08 -1.62
N ILE C 119 -53.80 0.00 -2.86
CA ILE C 119 -52.40 -0.20 -3.15
C ILE C 119 -51.69 1.13 -2.92
N PRO C 120 -50.80 1.21 -1.90
CA PRO C 120 -50.23 2.50 -1.58
C PRO C 120 -49.18 2.99 -2.58
N THR C 121 -48.93 4.29 -2.51
CA THR C 121 -47.82 4.93 -3.17
C THR C 121 -46.91 5.39 -2.03
N HIS C 122 -45.67 4.91 -2.02
CA HIS C 122 -44.85 4.94 -0.81
C HIS C 122 -43.89 6.12 -0.71
N HIS C 123 -43.01 6.27 -1.69
CA HIS C 123 -41.99 7.31 -1.66
C HIS C 123 -42.16 8.32 -2.81
N ALA C 124 -41.68 9.54 -2.56
CA ALA C 124 -41.88 10.71 -3.43
C ALA C 124 -41.64 10.46 -4.90
N GLY C 125 -40.50 9.87 -5.21
CA GLY C 125 -40.09 9.62 -6.59
C GLY C 125 -40.62 8.36 -7.23
N ASP C 126 -41.53 7.64 -6.57
CA ASP C 126 -42.08 6.39 -7.12
C ASP C 126 -42.93 6.71 -8.34
N ALA C 127 -42.81 5.88 -9.38
CA ALA C 127 -43.58 6.06 -10.60
C ALA C 127 -45.08 5.91 -10.42
N GLY C 128 -45.50 5.26 -9.34
CA GLY C 128 -46.91 5.13 -9.03
C GLY C 128 -47.15 4.23 -7.84
N PRO C 129 -48.38 3.69 -7.72
CA PRO C 129 -48.68 2.69 -6.71
C PRO C 129 -47.99 1.36 -6.99
N TYR C 130 -47.49 0.74 -5.94
CA TYR C 130 -46.72 -0.50 -6.04
C TYR C 130 -47.26 -1.55 -5.06
N ILE C 131 -47.34 -2.79 -5.53
CA ILE C 131 -47.63 -3.93 -4.67
C ILE C 131 -46.30 -4.45 -4.22
N THR C 132 -46.08 -4.41 -2.90
CA THR C 132 -44.76 -4.65 -2.31
C THR C 132 -44.61 -5.95 -1.54
N ALA C 133 -45.73 -6.59 -1.17
CA ALA C 133 -45.72 -7.75 -0.28
C ALA C 133 -46.33 -9.03 -0.90
N ALA C 134 -46.30 -9.14 -2.22
CA ALA C 134 -46.89 -10.30 -2.90
C ALA C 134 -45.82 -11.34 -3.16
N ILE C 135 -45.98 -12.54 -2.59
CA ILE C 135 -45.17 -13.68 -2.99
C ILE C 135 -45.62 -14.09 -4.38
N LEU C 136 -44.68 -14.41 -5.25
CA LEU C 136 -44.95 -14.78 -6.62
C LEU C 136 -44.56 -16.24 -6.79
N ILE C 137 -45.54 -17.06 -7.16
CA ILE C 137 -45.35 -18.50 -7.35
C ILE C 137 -45.39 -18.82 -8.85
N ALA C 138 -44.49 -19.70 -9.27
CA ALA C 138 -44.38 -20.09 -10.68
C ALA C 138 -43.73 -21.46 -10.80
N ARG C 139 -44.07 -22.20 -11.86
CA ARG C 139 -43.45 -23.49 -12.17
C ARG C 139 -42.49 -23.33 -13.33
N ASP C 140 -41.44 -24.15 -13.35
CA ASP C 140 -40.56 -24.28 -14.50
C ASP C 140 -41.38 -24.87 -15.66
N PRO C 141 -41.36 -24.23 -16.87
CA PRO C 141 -42.06 -24.83 -18.02
C PRO C 141 -41.59 -26.24 -18.42
N ASP C 142 -40.31 -26.58 -18.23
CA ASP C 142 -39.79 -27.93 -18.52
C ASP C 142 -40.02 -28.89 -17.35
N SER C 143 -39.29 -28.71 -16.25
CA SER C 143 -39.34 -29.66 -15.12
C SER C 143 -40.65 -29.62 -14.31
N GLY C 144 -41.42 -28.54 -14.38
CA GLY C 144 -42.66 -28.41 -13.60
C GLY C 144 -42.54 -28.07 -12.12
N VAL C 145 -41.31 -28.01 -11.58
CA VAL C 145 -41.12 -27.71 -10.15
C VAL C 145 -41.27 -26.22 -9.89
N ARG C 146 -41.80 -25.87 -8.71
CA ARG C 146 -42.16 -24.48 -8.45
C ARG C 146 -41.20 -23.70 -7.56
N ASN C 147 -41.27 -22.38 -7.73
CA ASN C 147 -40.41 -21.40 -7.08
C ASN C 147 -41.29 -20.31 -6.49
N VAL C 148 -40.78 -19.70 -5.42
CA VAL C 148 -41.42 -18.55 -4.80
C VAL C 148 -40.37 -17.46 -4.63
N SER C 149 -40.75 -16.23 -4.97
CA SER C 149 -39.92 -15.05 -4.73
C SER C 149 -40.84 -13.86 -4.61
N ILE C 150 -40.33 -12.76 -4.08
CA ILE C 150 -41.08 -11.53 -3.95
C ILE C 150 -40.54 -10.51 -4.94
N HIS C 151 -41.43 -9.82 -5.64
CA HIS C 151 -41.05 -8.84 -6.66
C HIS C 151 -41.94 -7.65 -6.58
N ARG C 152 -41.36 -6.46 -6.71
CA ARG C 152 -42.14 -5.23 -6.75
C ARG C 152 -42.99 -5.21 -8.04
N LEU C 153 -44.22 -4.72 -7.92
CA LEU C 153 -45.17 -4.73 -9.02
C LEU C 153 -45.77 -3.33 -9.10
N GLN C 154 -45.36 -2.58 -10.11
CA GLN C 154 -45.96 -1.30 -10.42
C GLN C 154 -47.32 -1.51 -11.05
N VAL C 155 -48.34 -0.81 -10.55
CA VAL C 155 -49.65 -0.81 -11.17
C VAL C 155 -49.61 0.15 -12.36
N THR C 156 -49.59 -0.40 -13.58
CA THR C 156 -49.55 0.40 -14.83
C THR C 156 -50.88 0.41 -15.61
N GLY C 157 -51.88 -0.30 -15.10
CA GLY C 157 -53.22 -0.31 -15.68
C GLY C 157 -54.21 -1.05 -14.79
N PRO C 158 -55.48 -1.11 -15.21
CA PRO C 158 -56.47 -1.92 -14.48
C PRO C 158 -56.05 -3.40 -14.30
N ASP C 159 -55.64 -4.05 -15.38
CA ASP C 159 -55.28 -5.47 -15.38
C ASP C 159 -53.78 -5.69 -15.71
N ARG C 160 -52.92 -4.76 -15.31
CA ARG C 160 -51.54 -4.71 -15.85
C ARG C 160 -50.51 -4.21 -14.82
N LEU C 161 -49.45 -4.99 -14.64
CA LEU C 161 -48.39 -4.69 -13.68
C LEU C 161 -47.02 -4.74 -14.37
N GLY C 162 -46.16 -3.78 -14.06
CA GLY C 162 -44.74 -3.88 -14.39
C GLY C 162 -44.01 -4.64 -13.29
N ILE C 163 -43.00 -5.43 -13.65
CA ILE C 163 -42.32 -6.28 -12.67
C ILE C 163 -40.80 -6.19 -12.84
N LEU C 164 -40.08 -6.05 -11.72
CA LEU C 164 -38.62 -6.16 -11.72
C LEU C 164 -38.27 -7.62 -11.44
N ILE C 165 -37.62 -8.26 -12.40
CA ILE C 165 -37.11 -9.60 -12.22
C ILE C 165 -35.58 -9.54 -12.29
N LEU C 166 -34.92 -9.60 -11.13
CA LEU C 166 -33.47 -9.75 -11.07
C LEU C 166 -33.13 -11.17 -11.51
N PRO C 167 -31.88 -11.38 -11.99
CA PRO C 167 -31.52 -12.68 -12.59
C PRO C 167 -31.28 -13.83 -11.62
N ARG C 168 -32.34 -14.38 -11.03
CA ARG C 168 -32.26 -15.58 -10.18
C ARG C 168 -33.27 -16.59 -10.76
N HIS C 169 -34.10 -17.23 -9.93
CA HIS C 169 -34.88 -18.38 -10.41
C HIS C 169 -36.08 -18.00 -11.27
N LEU C 170 -36.79 -16.93 -10.93
CA LEU C 170 -37.91 -16.54 -11.76
C LEU C 170 -37.43 -16.16 -13.15
N TRP C 171 -36.27 -15.52 -13.23
CA TRP C 171 -35.69 -15.14 -14.53
C TRP C 171 -35.36 -16.35 -15.39
N HIS C 172 -34.81 -17.39 -14.77
CA HIS C 172 -34.50 -18.64 -15.45
C HIS C 172 -35.76 -19.26 -16.09
N PHE C 173 -36.84 -19.28 -15.32
CA PHE C 173 -38.14 -19.80 -15.78
C PHE C 173 -38.64 -18.93 -16.93
N PHE C 174 -38.64 -17.62 -16.71
CA PHE C 174 -39.14 -16.68 -17.69
C PHE C 174 -38.39 -16.75 -19.01
N GLY C 175 -37.07 -16.89 -18.95
CA GLY C 175 -36.24 -17.05 -20.14
C GLY C 175 -36.65 -18.23 -21.00
N LYS C 176 -36.92 -19.37 -20.36
CA LYS C 176 -37.38 -20.57 -21.06
C LYS C 176 -38.70 -20.32 -21.78
N ALA C 177 -39.66 -19.78 -21.06
CA ALA C 177 -40.96 -19.42 -21.62
C ALA C 177 -40.82 -18.39 -22.74
N GLU C 178 -39.95 -17.39 -22.56
CA GLU C 178 -39.86 -16.29 -23.53
C GLU C 178 -39.26 -16.74 -24.85
N ARG C 179 -38.18 -17.51 -24.82
CA ARG C 179 -37.54 -17.95 -26.06
C ARG C 179 -38.27 -19.15 -26.72
N ALA C 180 -39.32 -19.67 -26.07
CA ALA C 180 -40.31 -20.54 -26.73
C ALA C 180 -41.62 -19.79 -27.11
N GLY C 181 -41.57 -18.46 -27.20
CA GLY C 181 -42.71 -17.63 -27.62
C GLY C 181 -43.94 -17.58 -26.72
N ARG C 182 -43.85 -18.11 -25.51
CA ARG C 182 -45.01 -18.42 -24.66
C ARG C 182 -44.99 -17.60 -23.35
N PRO C 183 -46.17 -17.21 -22.81
CA PRO C 183 -46.16 -16.52 -21.51
C PRO C 183 -45.83 -17.46 -20.34
N LEU C 184 -45.34 -16.90 -19.23
CA LEU C 184 -45.11 -17.68 -17.99
C LEU C 184 -46.27 -17.44 -17.03
N GLU C 185 -46.93 -18.51 -16.62
CA GLU C 185 -48.09 -18.40 -15.73
C GLU C 185 -47.60 -18.22 -14.30
N ILE C 186 -48.19 -17.24 -13.61
CA ILE C 186 -47.83 -16.93 -12.24
C ILE C 186 -49.07 -16.70 -11.40
N ALA C 187 -48.84 -16.70 -10.10
CA ALA C 187 -49.85 -16.32 -9.13
C ALA C 187 -49.19 -15.54 -8.01
N LEU C 188 -49.86 -14.47 -7.57
CA LEU C 188 -49.35 -13.57 -6.56
C LEU C 188 -50.24 -13.76 -5.37
N ALA C 189 -49.68 -14.09 -4.21
CA ALA C 189 -50.45 -14.16 -2.96
C ALA C 189 -50.04 -13.03 -2.04
N ILE C 190 -51.04 -12.27 -1.57
CA ILE C 190 -50.83 -11.14 -0.67
C ILE C 190 -51.56 -11.42 0.63
N GLY C 191 -50.91 -11.15 1.74
CA GLY C 191 -51.46 -11.44 3.05
C GLY C 191 -51.26 -12.87 3.43
N VAL C 192 -50.01 -13.22 3.71
CA VAL C 192 -49.63 -14.55 4.20
C VAL C 192 -48.85 -14.41 5.51
N HIS C 193 -48.70 -15.54 6.20
CA HIS C 193 -47.97 -15.59 7.46
C HIS C 193 -46.50 -15.19 7.26
N PRO C 194 -45.86 -14.54 8.22
CA PRO C 194 -44.46 -14.12 8.03
C PRO C 194 -43.44 -15.23 7.71
N ALA C 195 -43.60 -16.39 8.33
CA ALA C 195 -42.82 -17.56 7.94
C ALA C 195 -42.83 -17.83 6.43
N VAL C 196 -43.97 -17.64 5.77
CA VAL C 196 -44.10 -17.86 4.33
C VAL C 196 -43.28 -16.82 3.55
N LEU C 197 -43.40 -15.56 3.95
CA LEU C 197 -42.61 -14.48 3.34
C LEU C 197 -41.13 -14.75 3.51
N LEU C 198 -40.75 -15.12 4.73
CA LEU C 198 -39.36 -15.41 5.05
C LEU C 198 -38.81 -16.55 4.20
N ALA C 199 -39.63 -17.56 3.97
CA ALA C 199 -39.24 -18.68 3.14
C ALA C 199 -39.06 -18.31 1.67
N SER C 200 -39.84 -17.35 1.18
CA SER C 200 -39.67 -16.88 -0.20
C SER C 200 -38.29 -16.30 -0.44
N GLN C 201 -37.65 -15.82 0.64
CA GLN C 201 -36.28 -15.30 0.59
C GLN C 201 -35.21 -16.33 0.79
N ALA C 202 -35.56 -17.58 1.08
CA ALA C 202 -34.55 -18.62 1.27
C ALA C 202 -33.82 -18.79 -0.04
N THR C 203 -32.51 -18.95 0.08
CA THR C 203 -31.65 -18.88 -1.09
C THR C 203 -31.00 -20.27 -1.21
N THR C 204 -31.35 -20.98 -2.28
CA THR C 204 -31.17 -22.45 -2.38
C THR C 204 -30.76 -22.93 -3.77
N ARG C 205 -30.47 -24.22 -3.85
CA ARG C 205 -30.37 -24.96 -5.11
C ARG C 205 -31.58 -24.67 -6.03
N LEU C 206 -31.41 -24.87 -7.34
CA LEU C 206 -32.48 -24.57 -8.32
C LEU C 206 -33.75 -25.43 -8.17
N GLY C 207 -33.61 -26.65 -7.67
CA GLY C 207 -34.76 -27.55 -7.59
C GLY C 207 -35.84 -27.28 -6.55
N VAL C 208 -35.58 -26.48 -5.51
CA VAL C 208 -36.37 -26.60 -4.26
C VAL C 208 -37.49 -25.56 -4.13
N ASP C 209 -38.63 -26.08 -3.66
CA ASP C 209 -39.86 -25.35 -3.53
C ASP C 209 -39.89 -24.62 -2.16
N GLU C 210 -39.91 -23.30 -2.20
CA GLU C 210 -39.93 -22.50 -0.99
C GLU C 210 -41.23 -22.60 -0.18
N LEU C 211 -42.33 -22.99 -0.82
CA LEU C 211 -43.54 -23.29 -0.07
C LEU C 211 -43.31 -24.48 0.84
N GLU C 212 -42.51 -25.43 0.37
CA GLU C 212 -42.14 -26.58 1.20
C GLU C 212 -41.18 -26.18 2.32
N ILE C 213 -40.35 -25.16 2.09
CA ILE C 213 -39.53 -24.57 3.17
C ILE C 213 -40.43 -23.90 4.18
N ALA C 214 -41.43 -23.18 3.69
CA ALA C 214 -42.38 -22.52 4.59
C ALA C 214 -43.13 -23.51 5.43
N SER C 215 -43.57 -24.62 4.86
CA SER C 215 -44.33 -25.58 5.66
C SER C 215 -43.48 -26.35 6.68
N ALA C 216 -42.17 -26.45 6.47
CA ALA C 216 -41.24 -26.89 7.55
C ALA C 216 -41.14 -25.87 8.67
N LEU C 217 -41.23 -24.58 8.34
CA LEU C 217 -41.19 -23.50 9.35
C LEU C 217 -42.46 -23.39 10.20
N LEU C 218 -43.62 -23.61 9.59
CA LEU C 218 -44.90 -23.55 10.30
C LEU C 218 -45.11 -24.83 11.14
N PRO C 219 -45.99 -24.77 12.16
CA PRO C 219 -46.27 -26.00 12.95
C PRO C 219 -47.07 -27.07 12.19
N GLN C 220 -48.10 -26.68 11.45
CA GLN C 220 -48.83 -27.62 10.54
C GLN C 220 -48.28 -27.38 9.11
N PRO C 221 -48.34 -28.40 8.23
CA PRO C 221 -48.12 -28.13 6.81
C PRO C 221 -49.06 -27.08 6.20
N LEU C 222 -48.61 -26.49 5.12
CA LEU C 222 -49.24 -25.32 4.56
C LEU C 222 -50.30 -25.81 3.60
N GLU C 223 -51.55 -25.38 3.81
CA GLU C 223 -52.64 -25.80 2.92
C GLU C 223 -52.66 -24.97 1.65
N LEU C 224 -52.65 -25.64 0.50
CA LEU C 224 -52.70 -24.99 -0.82
C LEU C 224 -53.97 -25.31 -1.58
N VAL C 225 -54.26 -24.51 -2.58
CA VAL C 225 -55.46 -24.69 -3.41
C VAL C 225 -55.12 -24.31 -4.85
N LYS C 226 -55.72 -25.04 -5.80
CA LYS C 226 -55.47 -24.77 -7.21
C LYS C 226 -56.06 -23.41 -7.64
N CYS C 227 -55.38 -22.78 -8.60
CA CYS C 227 -55.84 -21.47 -9.14
C CYS C 227 -56.96 -21.65 -10.18
N GLU C 228 -57.71 -20.58 -10.38
CA GLU C 228 -58.80 -20.54 -11.36
C GLU C 228 -58.32 -20.60 -12.81
N THR C 229 -57.39 -19.72 -13.16
CA THR C 229 -57.00 -19.52 -14.56
C THR C 229 -55.57 -19.91 -14.91
N VAL C 230 -54.81 -20.49 -13.98
CA VAL C 230 -53.40 -20.85 -14.23
C VAL C 230 -53.03 -22.14 -13.52
N ASP C 231 -52.10 -22.92 -14.08
CA ASP C 231 -51.71 -24.20 -13.45
C ASP C 231 -50.68 -23.95 -12.33
N VAL C 232 -51.17 -23.33 -11.26
CA VAL C 232 -50.36 -22.93 -10.12
C VAL C 232 -51.22 -23.02 -8.86
N GLU C 233 -50.61 -23.42 -7.76
CA GLU C 233 -51.30 -23.57 -6.48
C GLU C 233 -50.92 -22.35 -5.65
N VAL C 234 -51.83 -21.89 -4.80
CA VAL C 234 -51.57 -20.77 -3.91
C VAL C 234 -52.03 -21.13 -2.50
N PRO C 235 -51.51 -20.42 -1.48
CA PRO C 235 -51.98 -20.73 -0.13
C PRO C 235 -53.46 -20.47 -0.01
N ALA C 236 -54.19 -21.47 0.47
CA ALA C 236 -55.64 -21.37 0.59
C ALA C 236 -56.08 -20.32 1.61
N GLY C 237 -55.22 -20.03 2.59
CA GLY C 237 -55.48 -19.04 3.63
C GLY C 237 -55.12 -17.60 3.32
N ALA C 238 -54.54 -17.35 2.14
CA ALA C 238 -54.13 -15.98 1.77
C ALA C 238 -55.32 -15.04 1.78
N GLU C 239 -55.06 -13.75 2.00
CA GLU C 239 -56.11 -12.76 1.95
C GLU C 239 -56.51 -12.49 0.52
N ILE C 240 -55.54 -12.31 -0.37
CA ILE C 240 -55.77 -11.92 -1.75
C ILE C 240 -54.85 -12.71 -2.67
N VAL C 241 -55.35 -13.12 -3.83
CA VAL C 241 -54.53 -13.78 -4.85
C VAL C 241 -54.80 -13.15 -6.20
N ILE C 242 -53.72 -12.89 -6.95
CA ILE C 242 -53.81 -12.28 -8.26
C ILE C 242 -53.14 -13.23 -9.22
N GLU C 243 -53.96 -13.80 -10.10
CA GLU C 243 -53.49 -14.76 -11.08
C GLU C 243 -53.17 -13.97 -12.32
N GLY C 244 -52.12 -14.36 -13.01
CA GLY C 244 -51.71 -13.64 -14.20
C GLY C 244 -50.69 -14.39 -15.01
N LYS C 245 -50.06 -13.67 -15.93
CA LYS C 245 -49.01 -14.24 -16.74
C LYS C 245 -48.02 -13.15 -17.14
N ILE C 246 -46.75 -13.52 -17.23
CA ILE C 246 -45.71 -12.58 -17.62
C ILE C 246 -45.62 -12.70 -19.14
N LEU C 247 -45.90 -11.60 -19.85
CA LEU C 247 -46.00 -11.62 -21.33
C LEU C 247 -44.61 -11.74 -21.99
N PRO C 248 -44.50 -12.61 -23.01
CA PRO C 248 -43.24 -12.82 -23.70
C PRO C 248 -42.94 -11.74 -24.74
N GLY C 249 -41.71 -11.27 -24.80
CA GLY C 249 -41.29 -10.26 -25.77
C GLY C 249 -41.67 -8.82 -25.44
N VAL C 250 -42.53 -8.60 -24.45
CA VAL C 250 -43.01 -7.27 -24.10
C VAL C 250 -42.11 -6.67 -23.01
N ARG C 251 -41.69 -5.43 -23.23
CA ARG C 251 -40.98 -4.63 -22.25
C ARG C 251 -41.61 -3.23 -22.17
N GLU C 252 -42.02 -2.82 -20.98
CA GLU C 252 -42.56 -1.50 -20.73
C GLU C 252 -41.82 -0.88 -19.54
N VAL C 253 -41.74 0.45 -19.56
CA VAL C 253 -40.97 1.20 -18.57
C VAL C 253 -41.58 0.98 -17.17
N GLU C 254 -40.74 0.46 -16.26
CA GLU C 254 -41.10 0.26 -14.85
C GLU C 254 -40.18 1.12 -14.02
N GLY C 255 -40.72 1.69 -12.94
CA GLY C 255 -39.94 2.53 -12.04
C GLY C 255 -39.84 3.96 -12.50
N PRO C 256 -39.13 4.81 -11.76
CA PRO C 256 -38.33 4.43 -10.59
C PRO C 256 -39.12 4.09 -9.32
N PHE C 257 -38.41 3.58 -8.32
CA PHE C 257 -39.02 3.10 -7.08
C PHE C 257 -38.01 3.20 -5.95
N GLY C 258 -38.45 3.69 -4.80
CA GLY C 258 -37.59 3.78 -3.62
C GLY C 258 -37.31 2.36 -3.11
N GLU C 259 -36.03 2.01 -3.00
CA GLU C 259 -35.62 0.63 -2.70
C GLU C 259 -34.96 0.44 -1.32
N TYR C 260 -34.59 -0.79 -1.01
CA TYR C 260 -34.01 -1.17 0.30
C TYR C 260 -32.86 -0.29 0.83
N PRO C 261 -31.98 0.24 -0.05
CA PRO C 261 -30.86 1.00 0.52
C PRO C 261 -31.13 2.50 0.67
N ARG C 262 -32.40 2.89 0.70
CA ARG C 262 -32.81 4.28 0.79
C ARG C 262 -32.33 5.10 -0.44
N TYR C 263 -32.22 4.46 -1.61
CA TYR C 263 -32.02 5.17 -2.91
C TYR C 263 -33.06 4.70 -3.92
N TYR C 264 -33.23 5.44 -4.99
CA TYR C 264 -34.24 5.09 -6.00
C TYR C 264 -33.65 4.11 -6.98
N GLY C 265 -34.33 3.00 -7.20
CA GLY C 265 -33.98 2.13 -8.32
C GLY C 265 -34.32 2.86 -9.60
N PRO C 266 -33.38 2.93 -10.56
CA PRO C 266 -33.68 3.67 -11.78
C PRO C 266 -34.76 3.02 -12.64
N ALA C 267 -35.48 3.87 -13.38
CA ALA C 267 -36.50 3.41 -14.34
C ALA C 267 -35.84 2.70 -15.52
N ALA C 268 -36.52 1.68 -16.05
CA ALA C 268 -36.03 0.99 -17.25
C ALA C 268 -37.15 0.14 -17.86
N PRO C 269 -37.02 -0.22 -19.15
CA PRO C 269 -37.95 -1.18 -19.75
C PRO C 269 -37.77 -2.60 -19.18
N ARG C 270 -38.86 -3.15 -18.62
CA ARG C 270 -38.86 -4.48 -17.97
C ARG C 270 -40.17 -5.24 -18.26
N PRO C 271 -40.22 -6.55 -17.90
CA PRO C 271 -41.40 -7.37 -18.16
C PRO C 271 -42.72 -6.84 -17.60
N VAL C 272 -43.80 -7.42 -18.13
CA VAL C 272 -45.18 -7.00 -17.85
C VAL C 272 -46.02 -8.22 -17.46
N VAL C 273 -46.83 -8.06 -16.40
CA VAL C 273 -47.80 -9.06 -15.98
C VAL C 273 -49.18 -8.62 -16.44
N GLU C 274 -49.91 -9.52 -17.10
CA GLU C 274 -51.33 -9.32 -17.42
C GLU C 274 -52.13 -10.15 -16.44
N VAL C 275 -53.05 -9.54 -15.69
CA VAL C 275 -53.77 -10.30 -14.66
C VAL C 275 -55.07 -10.87 -15.25
N THR C 276 -55.26 -12.18 -15.07
CA THR C 276 -56.38 -12.93 -15.61
C THR C 276 -57.47 -13.22 -14.58
N ALA C 277 -57.18 -13.08 -13.28
CA ALA C 277 -58.20 -13.22 -12.24
C ALA C 277 -57.71 -12.70 -10.91
N VAL C 278 -58.65 -12.37 -10.02
CA VAL C 278 -58.35 -11.97 -8.66
C VAL C 278 -59.29 -12.74 -7.75
N THR C 279 -58.78 -13.34 -6.68
CA THR C 279 -59.63 -14.05 -5.73
C THR C 279 -59.25 -13.54 -4.34
N HIS C 280 -60.20 -13.51 -3.41
CA HIS C 280 -59.92 -13.00 -2.06
C HIS C 280 -60.93 -13.45 -1.04
N ARG C 281 -60.59 -13.27 0.23
CA ARG C 281 -61.53 -13.51 1.32
C ARG C 281 -62.61 -12.43 1.34
N ARG C 282 -63.74 -12.72 1.99
CA ARG C 282 -64.72 -11.67 2.34
C ARG C 282 -64.09 -10.81 3.44
N GLN C 283 -64.18 -9.48 3.30
CA GLN C 283 -63.42 -8.52 4.11
C GLN C 283 -61.94 -8.91 4.18
N PRO C 284 -61.22 -8.74 3.05
CA PRO C 284 -59.80 -9.04 3.04
C PRO C 284 -58.97 -7.93 3.70
N VAL C 285 -57.78 -8.27 4.16
CA VAL C 285 -56.80 -7.32 4.68
C VAL C 285 -55.64 -7.21 3.69
N TYR C 286 -55.34 -6.00 3.23
CA TYR C 286 -54.19 -5.75 2.33
C TYR C 286 -52.91 -5.52 3.13
N HIS C 287 -51.88 -6.32 2.83
CA HIS C 287 -50.57 -6.16 3.44
C HIS C 287 -49.64 -5.41 2.49
N THR C 288 -49.05 -4.32 2.99
CA THR C 288 -47.97 -3.63 2.28
C THR C 288 -46.69 -3.67 3.14
N ILE C 289 -45.56 -3.84 2.47
CA ILE C 289 -44.24 -3.68 3.07
C ILE C 289 -43.71 -2.34 2.60
N ILE C 290 -43.44 -1.46 3.57
CA ILE C 290 -42.88 -0.14 3.26
C ILE C 290 -41.39 -0.33 2.93
N PRO C 291 -40.95 0.11 1.74
CA PRO C 291 -39.55 -0.15 1.39
C PRO C 291 -38.58 0.52 2.37
N ALA C 292 -37.48 -0.18 2.64
CA ALA C 292 -36.47 0.22 3.62
C ALA C 292 -36.88 0.13 5.10
N SER C 293 -38.11 -0.31 5.36
CA SER C 293 -38.55 -0.57 6.72
C SER C 293 -37.84 -1.80 7.24
N ARG C 294 -37.95 -1.97 8.54
CA ARG C 294 -37.34 -3.08 9.24
C ARG C 294 -37.90 -4.42 8.75
N GLU C 295 -39.21 -4.45 8.50
CA GLU C 295 -39.88 -5.58 7.91
C GLU C 295 -39.21 -5.98 6.59
N HIS C 296 -39.03 -4.99 5.71
CA HIS C 296 -38.35 -5.19 4.43
C HIS C 296 -36.94 -5.70 4.60
N LEU C 297 -36.17 -5.03 5.44
CA LEU C 297 -34.75 -5.37 5.59
C LEU C 297 -34.54 -6.73 6.23
N LEU C 298 -35.27 -7.03 7.29
CA LEU C 298 -35.09 -8.28 8.00
C LEU C 298 -35.55 -9.52 7.23
N LEU C 299 -36.48 -9.38 6.31
CA LEU C 299 -36.92 -10.53 5.48
C LEU C 299 -35.74 -11.11 4.72
N GLY C 300 -35.06 -10.27 3.99
CA GLY C 300 -33.82 -10.64 3.32
C GLY C 300 -32.67 -10.85 4.27
N GLY C 301 -32.59 -10.04 5.31
CA GLY C 301 -31.49 -10.08 6.27
C GLY C 301 -31.31 -11.41 6.95
N ILE C 302 -32.41 -11.93 7.47
CA ILE C 302 -32.37 -13.17 8.24
C ILE C 302 -32.00 -14.33 7.33
N ALA C 303 -32.58 -14.39 6.14
CA ALA C 303 -32.22 -15.42 5.17
C ALA C 303 -30.73 -15.36 4.82
N ARG C 304 -30.20 -14.17 4.55
CA ARG C 304 -28.78 -14.02 4.29
C ARG C 304 -27.91 -14.40 5.48
N GLU C 305 -28.36 -14.03 6.68
CA GLU C 305 -27.64 -14.35 7.92
C GLU C 305 -27.51 -15.84 8.15
N ALA C 306 -28.55 -16.59 7.82
CA ALA C 306 -28.49 -18.04 7.94
C ALA C 306 -27.39 -18.64 7.09
N VAL C 307 -27.20 -18.10 5.89
CA VAL C 307 -26.12 -18.55 4.99
C VAL C 307 -24.74 -18.06 5.49
N LEU C 308 -24.70 -16.79 5.90
CA LEU C 308 -23.47 -16.18 6.40
C LEU C 308 -22.90 -17.00 7.56
N LEU C 309 -23.77 -17.42 8.47
CA LEU C 309 -23.33 -18.22 9.61
C LEU C 309 -22.67 -19.52 9.18
N GLN C 310 -23.33 -20.24 8.26
CA GLN C 310 -22.78 -21.50 7.74
C GLN C 310 -21.44 -21.33 7.04
N THR C 311 -21.32 -20.27 6.24
CA THR C 311 -20.11 -19.97 5.46
C THR C 311 -18.96 -19.60 6.38
N VAL C 312 -19.22 -18.74 7.35
CA VAL C 312 -18.20 -18.39 8.34
C VAL C 312 -17.79 -19.63 9.16
N ARG C 313 -18.74 -20.50 9.47
CA ARG C 313 -18.45 -21.73 10.20
C ARG C 313 -17.45 -22.63 9.45
N GLN C 314 -17.50 -22.63 8.13
CA GLN C 314 -16.54 -23.38 7.34
C GLN C 314 -15.11 -22.94 7.60
N ALA C 315 -14.86 -21.64 7.64
CA ALA C 315 -13.53 -21.10 7.87
C ALA C 315 -13.15 -21.09 9.36
N VAL C 316 -14.11 -20.75 10.21
CA VAL C 316 -13.91 -20.59 11.64
C VAL C 316 -15.00 -21.37 12.37
N PRO C 317 -14.73 -22.64 12.73
CA PRO C 317 -15.76 -23.49 13.34
C PRO C 317 -16.36 -22.96 14.64
N THR C 318 -15.55 -22.20 15.38
CA THR C 318 -15.96 -21.58 16.66
C THR C 318 -16.64 -20.18 16.52
N VAL C 319 -17.12 -19.82 15.33
CA VAL C 319 -17.98 -18.66 15.19
C VAL C 319 -19.13 -18.76 16.18
N LYS C 320 -19.41 -17.67 16.89
CA LYS C 320 -20.53 -17.61 17.80
C LYS C 320 -21.75 -17.01 17.11
N ASN C 321 -21.60 -15.88 16.44
CA ASN C 321 -22.76 -15.16 15.94
C ASN C 321 -22.47 -14.29 14.75
N VAL C 322 -23.50 -14.01 13.96
CA VAL C 322 -23.36 -13.11 12.83
C VAL C 322 -24.54 -12.18 12.71
N HIS C 323 -24.29 -11.01 12.14
CA HIS C 323 -25.30 -9.97 12.04
C HIS C 323 -25.05 -9.11 10.81
N LEU C 324 -26.05 -9.04 9.94
CA LEU C 324 -26.10 -8.06 8.87
C LEU C 324 -26.90 -6.86 9.34
N THR C 325 -26.20 -5.73 9.52
CA THR C 325 -26.73 -4.62 10.29
C THR C 325 -27.76 -3.83 9.48
N PRO C 326 -28.76 -3.26 10.15
CA PRO C 326 -29.72 -2.40 9.45
C PRO C 326 -29.10 -1.14 8.85
N GLY C 327 -28.01 -0.68 9.44
CA GLY C 327 -27.22 0.41 8.87
C GLY C 327 -26.70 0.09 7.50
N GLY C 328 -26.37 -1.17 7.26
CA GLY C 328 -25.97 -1.62 5.92
C GLY C 328 -27.07 -2.21 5.06
N SER C 329 -28.32 -1.86 5.35
CA SER C 329 -29.51 -2.45 4.69
C SER C 329 -29.57 -3.99 4.79
N CYS C 330 -29.08 -4.54 5.90
CA CYS C 330 -29.08 -5.98 6.15
C CYS C 330 -28.56 -6.75 4.94
N ARG C 331 -27.33 -6.41 4.55
CA ARG C 331 -26.76 -6.80 3.26
C ARG C 331 -25.26 -6.47 3.18
N TYR C 332 -24.98 -5.17 3.36
CA TYR C 332 -23.70 -4.57 3.01
C TYR C 332 -22.69 -4.66 4.13
N HIS C 333 -23.14 -4.50 5.37
CA HIS C 333 -22.28 -4.57 6.54
C HIS C 333 -22.54 -5.85 7.31
N ALA C 334 -21.48 -6.59 7.63
CA ALA C 334 -21.56 -7.79 8.45
C ALA C 334 -20.70 -7.64 9.71
N VAL C 335 -21.22 -8.10 10.83
CA VAL C 335 -20.45 -8.17 12.06
C VAL C 335 -20.45 -9.62 12.49
N ILE C 336 -19.26 -10.18 12.66
CA ILE C 336 -19.08 -11.56 13.07
C ILE C 336 -18.50 -11.57 14.48
N SER C 337 -19.02 -12.39 15.38
CA SER C 337 -18.31 -12.68 16.62
C SER C 337 -17.78 -14.10 16.55
N ILE C 338 -16.54 -14.29 16.98
CA ILE C 338 -15.88 -15.59 17.02
C ILE C 338 -15.27 -15.82 18.38
N GLU C 339 -15.23 -17.07 18.83
CA GLU C 339 -14.33 -17.47 19.92
C GLU C 339 -13.03 -17.87 19.23
N LYS C 340 -12.07 -16.96 19.24
CA LYS C 340 -10.84 -17.14 18.51
C LYS C 340 -9.97 -18.21 19.15
N LYS C 341 -9.65 -19.24 18.38
CA LYS C 341 -8.74 -20.30 18.81
C LYS C 341 -7.36 -20.23 18.18
N HIS C 342 -7.24 -19.63 16.99
CA HIS C 342 -5.97 -19.57 16.28
C HIS C 342 -5.68 -18.13 15.91
N GLU C 343 -4.46 -17.66 16.11
CA GLU C 343 -4.16 -16.29 15.71
C GLU C 343 -4.33 -16.18 14.18
N GLY C 344 -4.83 -15.03 13.75
CA GLY C 344 -5.20 -14.83 12.35
C GLY C 344 -6.66 -15.14 11.98
N GLU C 345 -7.35 -15.95 12.79
CA GLU C 345 -8.70 -16.43 12.44
C GLU C 345 -9.67 -15.35 11.97
N ALA C 346 -9.59 -14.17 12.54
CA ALA C 346 -10.51 -13.11 12.14
C ALA C 346 -10.42 -12.76 10.67
N LYS C 347 -9.21 -12.76 10.09
CA LYS C 347 -9.06 -12.46 8.65
C LYS C 347 -9.79 -13.50 7.81
N ASN C 348 -9.69 -14.76 8.22
CA ASN C 348 -10.29 -15.88 7.50
C ASN C 348 -11.81 -15.81 7.62
N ALA C 349 -12.30 -15.35 8.77
CA ALA C 349 -13.74 -15.14 8.95
C ALA C 349 -14.24 -14.10 7.97
N ILE C 350 -13.49 -13.02 7.82
CA ILE C 350 -13.82 -11.97 6.86
C ILE C 350 -13.87 -12.49 5.42
N PHE C 351 -12.94 -13.37 5.06
CA PHE C 351 -13.00 -13.95 3.72
C PHE C 351 -14.30 -14.71 3.57
N ALA C 352 -14.66 -15.50 4.57
CA ALA C 352 -15.93 -16.22 4.53
C ALA C 352 -17.13 -15.29 4.41
N ALA C 353 -17.10 -14.17 5.12
CA ALA C 353 -18.18 -13.19 5.03
C ALA C 353 -18.32 -12.69 3.60
N PHE C 354 -17.19 -12.40 2.95
CA PHE C 354 -17.24 -11.97 1.55
C PHE C 354 -17.77 -13.04 0.62
N THR C 355 -17.50 -14.32 0.92
CA THR C 355 -17.93 -15.37 0.00
C THR C 355 -19.40 -15.74 0.20
N SER C 356 -19.96 -15.38 1.35
CA SER C 356 -21.39 -15.61 1.61
C SER C 356 -22.26 -14.94 0.57
N SER C 357 -21.86 -13.73 0.14
CA SER C 357 -22.61 -12.97 -0.84
C SER C 357 -21.78 -11.82 -1.36
N SER C 358 -21.94 -11.51 -2.64
CA SER C 358 -21.22 -10.38 -3.23
C SER C 358 -21.74 -9.03 -2.71
N GLU C 359 -22.88 -8.99 -2.05
CA GLU C 359 -23.38 -7.75 -1.47
C GLU C 359 -22.53 -7.27 -0.27
N VAL C 360 -21.90 -8.20 0.42
CA VAL C 360 -21.16 -7.86 1.64
C VAL C 360 -19.93 -7.05 1.28
N LYS C 361 -19.86 -5.86 1.87
CA LYS C 361 -18.87 -4.84 1.49
C LYS C 361 -17.87 -4.55 2.61
N HIS C 362 -18.37 -4.30 3.82
CA HIS C 362 -17.52 -4.03 4.98
C HIS C 362 -17.84 -5.04 6.08
N VAL C 363 -16.82 -5.55 6.73
CA VAL C 363 -16.99 -6.60 7.72
C VAL C 363 -16.15 -6.26 8.90
N VAL C 364 -16.70 -6.37 10.11
CA VAL C 364 -15.89 -6.28 11.33
C VAL C 364 -16.07 -7.55 12.14
N VAL C 365 -14.98 -8.03 12.72
CA VAL C 365 -14.98 -9.22 13.53
C VAL C 365 -14.58 -8.82 14.96
N VAL C 366 -15.34 -9.31 15.94
CA VAL C 366 -15.09 -9.05 17.35
C VAL C 366 -15.07 -10.38 18.10
N ASP C 367 -14.74 -10.35 19.38
CA ASP C 367 -14.68 -11.58 20.18
C ASP C 367 -16.07 -12.01 20.70
N HIS C 368 -16.17 -13.28 21.09
CA HIS C 368 -17.43 -13.93 21.53
C HIS C 368 -18.23 -13.11 22.55
N GLU C 369 -17.56 -12.41 23.47
CA GLU C 369 -18.22 -11.67 24.55
C GLU C 369 -18.89 -10.35 24.12
N ILE C 370 -18.55 -9.80 22.95
CA ILE C 370 -19.13 -8.56 22.47
C ILE C 370 -20.50 -8.83 21.88
N ASN C 371 -21.49 -8.01 22.27
CA ASN C 371 -22.83 -8.12 21.77
C ASN C 371 -22.90 -7.43 20.42
N ILE C 372 -22.98 -8.20 19.35
CA ILE C 372 -22.93 -7.66 18.01
C ILE C 372 -24.23 -7.01 17.53
N PHE C 373 -25.29 -7.13 18.32
CA PHE C 373 -26.57 -6.47 17.99
C PHE C 373 -26.67 -5.11 18.67
N ASP C 374 -25.63 -4.71 19.42
CA ASP C 374 -25.50 -3.37 19.98
C ASP C 374 -24.41 -2.60 19.21
N PRO C 375 -24.82 -1.62 18.37
CA PRO C 375 -23.82 -0.90 17.54
C PRO C 375 -22.74 -0.21 18.36
N GLU C 376 -23.11 0.36 19.48
CA GLU C 376 -22.15 1.01 20.36
C GLU C 376 -21.09 0.06 20.89
N GLU C 377 -21.46 -1.17 21.23
CA GLU C 377 -20.50 -2.12 21.76
C GLU C 377 -19.49 -2.55 20.66
N VAL C 378 -19.95 -2.67 19.41
CA VAL C 378 -19.00 -3.06 18.36
C VAL C 378 -18.12 -1.87 18.00
N GLU C 379 -18.69 -0.67 17.95
CA GLU C 379 -17.91 0.55 17.72
C GLU C 379 -16.82 0.71 18.79
N TRP C 380 -17.18 0.43 20.04
CA TRP C 380 -16.24 0.42 21.15
C TRP C 380 -15.10 -0.55 20.91
N ALA C 381 -15.44 -1.76 20.51
CA ALA C 381 -14.44 -2.76 20.17
C ALA C 381 -13.51 -2.28 19.05
N VAL C 382 -14.07 -1.66 18.00
CA VAL C 382 -13.25 -1.12 16.93
C VAL C 382 -12.34 0.00 17.44
N ALA C 383 -12.86 0.86 18.30
CA ALA C 383 -12.07 1.99 18.79
C ALA C 383 -10.87 1.55 19.61
N THR C 384 -11.01 0.45 20.36
CA THR C 384 -10.01 0.08 21.33
C THR C 384 -9.27 -1.21 21.06
N ARG C 385 -9.71 -1.98 20.08
CA ARG C 385 -9.05 -3.25 19.75
C ARG C 385 -8.59 -3.36 18.29
N CYS C 386 -8.75 -2.29 17.52
CA CYS C 386 -8.28 -2.26 16.16
C CYS C 386 -7.14 -1.25 16.01
N GLN C 387 -6.12 -1.65 15.29
CA GLN C 387 -5.05 -0.78 14.83
C GLN C 387 -5.03 -0.95 13.32
N ALA C 388 -5.46 0.08 12.60
CA ALA C 388 -5.75 -0.06 11.16
C ALA C 388 -4.57 -0.57 10.30
N GLY C 389 -3.36 -0.24 10.71
CA GLY C 389 -2.17 -0.66 10.02
C GLY C 389 -1.96 -2.15 9.95
N ARG C 390 -2.44 -2.90 10.95
CA ARG C 390 -2.37 -4.36 10.92
C ARG C 390 -3.71 -5.09 10.98
N ASP C 391 -4.78 -4.41 11.32
CA ASP C 391 -6.06 -5.07 11.53
C ASP C 391 -7.10 -4.75 10.43
N VAL C 392 -6.77 -3.89 9.46
CA VAL C 392 -7.68 -3.54 8.36
C VAL C 392 -7.08 -4.01 7.07
N PHE C 393 -7.90 -4.54 6.17
CA PHE C 393 -7.45 -4.73 4.79
C PHE C 393 -8.54 -4.41 3.79
N ILE C 394 -8.10 -3.99 2.63
CA ILE C 394 -8.98 -3.41 1.62
C ILE C 394 -8.70 -4.16 0.35
N VAL C 395 -9.73 -4.59 -0.37
CA VAL C 395 -9.54 -5.25 -1.67
C VAL C 395 -10.27 -4.43 -2.72
N LYS C 396 -9.56 -3.99 -3.76
CA LYS C 396 -10.14 -3.13 -4.80
C LYS C 396 -10.80 -3.93 -5.89
N ASP C 397 -11.86 -3.36 -6.45
CA ASP C 397 -12.48 -3.78 -7.72
C ASP C 397 -12.94 -5.24 -7.73
N ALA C 398 -13.66 -5.61 -6.69
CA ALA C 398 -14.35 -6.88 -6.61
C ALA C 398 -15.76 -6.69 -7.10
N MSE C 399 -16.50 -7.77 -7.18
CA MSE C 399 -17.90 -7.70 -7.55
C MSE C 399 -18.70 -7.27 -6.38
O MSE C 399 -18.64 -7.88 -5.30
CB MSE C 399 -18.33 -9.09 -7.93
CG MSE C 399 -19.76 -9.06 -8.43
SE MSE C 399 -20.41 -10.88 -8.72
CE MSE C 399 -19.38 -12.04 -7.47
N GLY C 400 -19.48 -6.21 -6.57
CA GLY C 400 -20.43 -5.72 -5.57
C GLY C 400 -21.87 -5.76 -6.05
N ASN C 401 -22.53 -4.61 -5.96
CA ASN C 401 -23.97 -4.51 -6.09
C ASN C 401 -24.29 -3.30 -6.96
N ARG C 402 -25.19 -3.45 -7.94
CA ARG C 402 -25.49 -2.34 -8.85
C ARG C 402 -26.18 -1.17 -8.18
N LEU C 403 -27.01 -1.46 -7.18
CA LEU C 403 -27.82 -0.46 -6.53
C LEU C 403 -27.08 0.41 -5.51
N ASP C 404 -25.95 -0.08 -5.00
CA ASP C 404 -25.00 0.74 -4.24
C ASP C 404 -24.47 1.81 -5.22
N PRO C 405 -24.85 3.08 -4.99
CA PRO C 405 -24.49 4.11 -5.93
C PRO C 405 -23.00 4.52 -5.92
N SER C 406 -22.27 4.13 -4.87
CA SER C 406 -20.83 4.32 -4.86
C SER C 406 -20.11 3.33 -5.78
N SER C 407 -20.78 2.27 -6.18
CA SER C 407 -20.13 1.27 -7.03
C SER C 407 -19.97 1.76 -8.48
N ARG C 408 -18.96 1.22 -9.13
CA ARG C 408 -18.57 1.53 -10.50
C ARG C 408 -19.21 0.44 -11.38
N ASP C 409 -20.53 0.54 -11.54
CA ASP C 409 -21.29 -0.35 -12.40
C ASP C 409 -21.32 -1.77 -11.80
N GLY C 410 -21.60 -1.85 -10.50
CA GLY C 410 -21.55 -3.13 -9.78
C GLY C 410 -20.19 -3.60 -9.26
N VAL C 411 -19.10 -2.97 -9.71
CA VAL C 411 -17.76 -3.25 -9.17
C VAL C 411 -17.56 -2.42 -7.90
N SER C 412 -17.07 -3.04 -6.86
CA SER C 412 -16.97 -2.41 -5.55
C SER C 412 -15.73 -2.85 -4.80
N ASP C 413 -15.18 -1.96 -4.01
CA ASP C 413 -14.08 -2.26 -3.11
C ASP C 413 -14.68 -2.89 -1.85
N LYS C 414 -13.86 -3.62 -1.11
CA LYS C 414 -14.28 -4.35 0.08
C LYS C 414 -13.33 -4.05 1.21
N MSE C 415 -13.81 -4.11 2.44
CA MSE C 415 -12.96 -3.85 3.59
C MSE C 415 -13.28 -4.73 4.75
O MSE C 415 -14.43 -4.98 5.06
CB MSE C 415 -13.11 -2.42 4.00
CG MSE C 415 -12.11 -2.09 5.10
SE MSE C 415 -12.22 -0.19 5.56
CE MSE C 415 -14.16 0.14 5.75
N GLY C 416 -12.23 -5.21 5.41
CA GLY C 416 -12.33 -6.08 6.57
C GLY C 416 -11.62 -5.40 7.74
N ILE C 417 -12.20 -5.55 8.92
CA ILE C 417 -11.68 -4.96 10.15
C ILE C 417 -11.62 -6.03 11.22
N ASP C 418 -10.42 -6.38 11.66
CA ASP C 418 -10.23 -7.35 12.73
C ASP C 418 -10.16 -6.60 14.06
N ALA C 419 -11.26 -6.64 14.82
CA ALA C 419 -11.32 -5.99 16.11
C ALA C 419 -11.32 -7.02 17.24
N THR C 420 -10.62 -8.14 17.03
CA THR C 420 -10.45 -9.14 18.07
C THR C 420 -9.18 -8.84 18.86
N ILE C 421 -9.13 -9.27 20.11
CA ILE C 421 -7.96 -9.19 20.97
C ILE C 421 -6.88 -10.14 20.45
N PRO C 422 -5.60 -9.75 20.48
CA PRO C 422 -4.55 -10.71 20.16
C PRO C 422 -4.55 -11.87 21.11
N LEU C 423 -4.25 -13.06 20.60
CA LEU C 423 -4.23 -14.28 21.40
C LEU C 423 -2.93 -14.27 22.19
N ASN C 424 -2.84 -15.05 23.24
CA ASN C 424 -1.57 -15.22 24.01
C ASN C 424 -0.96 -13.88 24.44
N LEU C 425 -1.67 -13.22 25.35
CA LEU C 425 -1.31 -11.93 25.89
C LEU C 425 -1.49 -11.91 27.38
N PRO C 426 -1.08 -10.81 28.06
CA PRO C 426 -1.23 -10.68 29.48
C PRO C 426 -2.63 -10.75 30.07
N GLY C 427 -3.73 -10.69 29.32
CA GLY C 427 -5.02 -11.12 29.85
C GLY C 427 -5.77 -10.06 30.62
N GLU C 428 -5.08 -9.19 31.37
CA GLU C 428 -5.75 -8.11 32.11
C GLU C 428 -5.73 -6.80 31.33
N ARG C 429 -5.03 -6.78 30.20
CA ARG C 429 -4.90 -5.59 29.37
C ARG C 429 -6.21 -5.23 28.69
N PHE C 430 -6.89 -6.24 28.12
CA PHE C 430 -8.17 -6.00 27.46
C PHE C 430 -9.38 -6.34 28.34
N GLU C 431 -9.14 -6.62 29.63
CA GLU C 431 -10.23 -6.89 30.56
C GLU C 431 -11.13 -5.66 30.68
N ARG C 432 -12.36 -5.84 30.22
CA ARG C 432 -13.41 -4.87 30.31
C ARG C 432 -13.87 -4.67 31.76
N ILE C 433 -14.08 -3.42 32.16
CA ILE C 433 -14.44 -3.08 33.54
C ILE C 433 -15.83 -3.59 33.85
N SER C 434 -16.11 -3.82 35.13
CA SER C 434 -17.43 -4.32 35.53
C SER C 434 -17.73 -3.97 36.97
N ILE C 435 -19.01 -4.06 37.30
CA ILE C 435 -19.53 -3.74 38.62
C ILE C 435 -20.09 -5.02 39.18
N PRO C 436 -19.45 -5.60 40.22
CA PRO C 436 -19.97 -6.88 40.74
C PRO C 436 -21.36 -6.73 41.34
N GLY C 437 -22.22 -7.72 41.11
CA GLY C 437 -23.62 -7.68 41.55
C GLY C 437 -24.54 -6.82 40.74
N LEU C 438 -24.14 -6.45 39.51
CA LEU C 438 -24.97 -5.59 38.65
C LEU C 438 -26.22 -6.32 38.16
N ASP C 439 -26.06 -7.57 37.71
CA ASP C 439 -27.22 -8.31 37.18
C ASP C 439 -28.15 -8.76 38.31
N LYS C 440 -27.58 -8.98 39.47
CA LYS C 440 -28.34 -9.27 40.68
C LYS C 440 -29.20 -8.10 41.19
N ILE C 441 -28.72 -6.86 41.05
CA ILE C 441 -29.44 -5.66 41.52
C ILE C 441 -30.28 -5.08 40.38
N LYS C 442 -31.40 -4.46 40.73
CA LYS C 442 -32.39 -4.02 39.76
C LYS C 442 -32.94 -2.67 40.23
N LEU C 443 -32.83 -1.64 39.37
CA LEU C 443 -33.13 -0.26 39.78
C LEU C 443 -34.59 -0.04 40.16
N ALA C 444 -35.51 -0.65 39.40
CA ALA C 444 -36.96 -0.54 39.67
C ALA C 444 -37.38 -0.91 41.11
N ASP C 445 -36.64 -1.82 41.73
CA ASP C 445 -36.82 -2.20 43.17
C ASP C 445 -36.41 -1.13 44.19
N TYR C 446 -35.71 -0.07 43.75
CA TYR C 446 -35.16 0.95 44.65
C TYR C 446 -35.81 2.35 44.55
N LEU C 447 -36.67 2.56 43.56
CA LEU C 447 -37.52 3.77 43.49
C LEU C 447 -39.03 3.41 43.72
N HIS D 3 9.46 55.62 9.07
CA HIS D 3 9.86 54.44 8.23
C HIS D 3 8.91 54.26 7.00
N SER D 4 9.39 54.72 5.83
CA SER D 4 8.71 54.64 4.54
C SER D 4 9.60 53.92 3.49
N LEU D 5 9.15 53.87 2.23
CA LEU D 5 9.94 53.26 1.15
C LEU D 5 11.31 53.94 0.94
N ARG D 6 11.31 55.27 0.77
CA ARG D 6 12.56 56.07 0.70
C ARG D 6 13.56 55.69 1.80
N GLU D 7 13.12 55.70 3.06
CA GLU D 7 13.98 55.37 4.21
C GLU D 7 14.49 53.92 4.09
N TRP D 8 13.64 53.02 3.60
CA TRP D 8 14.01 51.62 3.36
C TRP D 8 15.06 51.43 2.26
N LEU D 9 14.92 52.14 1.13
CA LEU D 9 15.91 52.07 0.04
C LEU D 9 17.29 52.57 0.49
N ALA D 10 17.29 53.59 1.33
CA ALA D 10 18.52 54.10 1.95
C ALA D 10 19.16 53.06 2.88
N PHE D 11 18.32 52.39 3.68
CA PHE D 11 18.78 51.31 4.55
C PHE D 11 19.42 50.19 3.74
N LEU D 12 18.75 49.78 2.65
CA LEU D 12 19.30 48.77 1.76
C LEU D 12 20.64 49.22 1.22
N GLU D 13 20.71 50.45 0.73
CA GLU D 13 21.95 50.97 0.15
C GLU D 13 23.09 51.00 1.17
N GLY D 14 22.77 51.34 2.43
CA GLY D 14 23.76 51.29 3.52
C GLY D 14 24.28 49.93 3.87
N LYS D 15 23.48 48.91 3.59
CA LYS D 15 23.82 47.52 3.85
C LYS D 15 24.43 46.83 2.61
N GLY D 16 24.53 47.55 1.49
CA GLY D 16 25.08 46.98 0.23
C GLY D 16 24.14 46.04 -0.52
N LYS D 17 22.84 46.15 -0.25
CA LYS D 17 21.81 45.26 -0.83
C LYS D 17 20.93 46.02 -1.85
N LEU D 18 21.37 47.18 -2.33
CA LEU D 18 20.71 47.88 -3.43
C LEU D 18 21.77 48.32 -4.40
N LYS D 19 21.58 48.04 -5.68
CA LYS D 19 22.52 48.44 -6.70
C LYS D 19 21.75 49.15 -7.77
N ARG D 20 22.40 50.13 -8.39
CA ARG D 20 21.77 50.98 -9.39
C ARG D 20 22.16 50.53 -10.78
N VAL D 21 21.22 50.63 -11.71
CA VAL D 21 21.45 50.23 -13.08
C VAL D 21 21.27 51.49 -13.90
N ARG D 22 22.41 52.06 -14.30
CA ARG D 22 22.46 53.35 -14.98
C ARG D 22 22.21 53.20 -16.46
N LYS D 23 22.60 52.06 -17.03
CA LYS D 23 22.42 51.82 -18.46
C LYS D 23 20.91 51.75 -18.79
N GLU D 24 20.54 52.12 -20.00
CA GLU D 24 19.13 52.11 -20.40
C GLU D 24 18.64 50.67 -20.45
N VAL D 25 17.39 50.44 -20.00
CA VAL D 25 16.75 49.11 -20.03
C VAL D 25 15.31 49.20 -20.53
N ASP D 26 14.92 48.20 -21.33
CA ASP D 26 13.58 48.12 -21.90
C ASP D 26 12.64 47.61 -20.79
N PRO D 27 11.47 48.25 -20.60
CA PRO D 27 10.51 47.66 -19.65
C PRO D 27 9.97 46.31 -20.11
N VAL D 28 9.92 46.09 -21.42
CA VAL D 28 9.51 44.83 -21.99
C VAL D 28 10.67 43.84 -21.85
N PHE D 29 10.56 42.95 -20.85
CA PHE D 29 11.45 41.79 -20.63
C PHE D 29 12.81 42.07 -19.98
N GLU D 30 13.51 43.15 -20.33
CA GLU D 30 14.85 43.39 -19.79
C GLU D 30 14.87 43.65 -18.29
N ILE D 31 13.84 44.31 -17.77
CA ILE D 31 13.76 44.56 -16.31
C ILE D 31 13.62 43.24 -15.56
N ALA D 32 12.66 42.42 -16.00
CA ALA D 32 12.44 41.09 -15.42
C ALA D 32 13.68 40.21 -15.53
N ALA D 33 14.31 40.24 -16.69
CA ALA D 33 15.52 39.45 -16.95
C ALA D 33 16.66 39.81 -16.01
N LEU D 34 16.93 41.10 -15.87
CA LEU D 34 18.00 41.56 -14.98
C LEU D 34 17.65 41.30 -13.52
N GLY D 35 16.39 41.57 -13.17
CA GLY D 35 15.93 41.34 -11.81
C GLY D 35 16.03 39.89 -11.36
N LYS D 36 15.79 38.96 -12.28
CA LYS D 36 15.89 37.54 -11.97
C LYS D 36 17.33 37.15 -11.55
N GLN D 37 18.32 37.79 -12.15
CA GLN D 37 19.71 37.50 -11.83
C GLN D 37 20.13 38.09 -10.47
N ALA D 38 19.43 39.14 -10.03
CA ALA D 38 19.63 39.73 -8.71
C ALA D 38 18.80 39.07 -7.61
N ASP D 39 17.84 38.23 -7.99
CA ASP D 39 16.87 37.59 -7.08
C ASP D 39 17.53 36.98 -5.84
N GLY D 40 17.18 37.48 -4.66
CA GLY D 40 17.76 37.00 -3.41
C GLY D 40 19.08 37.62 -2.98
N ILE D 41 19.76 38.31 -3.89
CA ILE D 41 21.06 38.88 -3.62
C ILE D 41 20.93 40.36 -3.29
N CYS D 42 20.23 41.10 -4.16
CA CYS D 42 20.03 42.52 -3.95
C CYS D 42 18.86 43.12 -4.73
N SER D 43 18.39 44.24 -4.22
CA SER D 43 17.45 45.09 -4.93
C SER D 43 18.14 45.79 -6.10
N LEU D 44 17.39 46.03 -7.17
CA LEU D 44 17.88 46.79 -8.31
C LEU D 44 17.04 48.03 -8.49
N LEU D 45 17.71 49.18 -8.66
CA LEU D 45 17.04 50.43 -9.01
C LEU D 45 17.45 50.81 -10.42
N PHE D 46 16.51 50.69 -11.35
CA PHE D 46 16.74 51.02 -12.75
C PHE D 46 16.52 52.53 -12.97
N GLU D 47 17.62 53.28 -13.01
CA GLU D 47 17.56 54.75 -13.15
C GLU D 47 17.09 55.24 -14.52
N ARG D 48 17.16 54.39 -15.54
CA ARG D 48 16.88 54.80 -16.91
C ARG D 48 16.06 53.74 -17.65
N VAL D 49 14.75 53.92 -17.67
CA VAL D 49 13.83 52.98 -18.30
C VAL D 49 13.35 53.60 -19.62
N LYS D 50 13.70 52.94 -20.74
CA LYS D 50 13.38 53.38 -22.10
C LYS D 50 11.91 53.80 -22.27
N GLY D 51 11.72 55.11 -22.51
CA GLY D 51 10.43 55.74 -22.75
C GLY D 51 9.87 56.56 -21.58
N TYR D 52 10.65 56.73 -20.49
CA TYR D 52 10.13 57.22 -19.21
C TYR D 52 11.16 57.95 -18.37
N ALA D 53 10.69 58.99 -17.70
CA ALA D 53 11.49 59.70 -16.67
C ALA D 53 11.59 58.92 -15.35
N VAL D 54 10.54 58.16 -15.04
CA VAL D 54 10.36 57.48 -13.76
C VAL D 54 11.26 56.24 -13.71
N PRO D 55 12.05 56.08 -12.63
CA PRO D 55 12.82 54.86 -12.44
C PRO D 55 11.98 53.73 -11.87
N VAL D 56 12.48 52.50 -12.02
CA VAL D 56 11.82 51.31 -11.50
C VAL D 56 12.69 50.69 -10.42
N VAL D 57 12.06 50.17 -9.38
CA VAL D 57 12.77 49.45 -8.34
C VAL D 57 12.17 48.06 -8.22
N THR D 58 13.00 47.09 -7.83
CA THR D 58 12.54 45.71 -7.65
C THR D 58 13.38 44.99 -6.60
N GLY D 59 12.77 44.05 -5.91
CA GLY D 59 13.47 43.25 -4.91
C GLY D 59 13.75 43.97 -3.60
N LEU D 60 12.75 44.72 -3.11
CA LEU D 60 12.84 45.43 -1.81
C LEU D 60 13.22 44.54 -0.65
N ALA D 61 12.77 43.29 -0.69
CA ALA D 61 13.18 42.29 0.30
C ALA D 61 13.17 40.90 -0.32
N GLY D 62 14.36 40.33 -0.51
CA GLY D 62 14.52 39.05 -1.15
C GLY D 62 14.97 37.95 -0.23
N ASP D 63 14.98 38.18 1.07
CA ASP D 63 15.35 37.14 2.02
C ASP D 63 14.73 37.43 3.36
N ARG D 64 14.69 36.42 4.23
CA ARG D 64 13.92 36.57 5.44
C ARG D 64 14.58 37.49 6.47
N GLU D 65 15.90 37.68 6.39
CA GLU D 65 16.63 38.61 7.28
C GLU D 65 16.17 40.05 7.03
N LEU D 66 15.96 40.40 5.76
CA LEU D 66 15.46 41.74 5.40
C LEU D 66 13.99 41.94 5.77
N PHE D 67 13.16 40.92 5.69
CA PHE D 67 11.77 41.05 6.17
C PHE D 67 11.72 41.28 7.67
N ALA D 68 12.61 40.59 8.38
CA ALA D 68 12.76 40.76 9.82
C ALA D 68 13.19 42.17 10.16
N ALA D 69 14.14 42.70 9.38
CA ALA D 69 14.60 44.07 9.58
C ALA D 69 13.45 45.06 9.34
N ALA D 70 12.66 44.82 8.28
CA ALA D 70 11.49 45.65 7.98
C ALA D 70 10.43 45.63 9.08
N MSE D 71 10.40 44.59 9.90
CA MSE D 71 9.55 44.57 11.10
C MSE D 71 10.24 44.98 12.39
O MSE D 71 9.60 44.92 13.46
CB MSE D 71 9.03 43.17 11.29
CG MSE D 71 8.04 42.84 10.19
SE MSE D 71 7.52 40.97 10.52
CE MSE D 71 8.55 40.25 9.02
N SER D 72 11.50 45.41 12.31
CA SER D 72 12.33 45.76 13.48
C SER D 72 12.44 44.64 14.49
N VAL D 73 12.77 43.44 14.01
CA VAL D 73 13.06 42.29 14.85
C VAL D 73 14.19 41.45 14.32
N PRO D 74 14.80 40.66 15.20
CA PRO D 74 15.65 39.59 14.73
C PRO D 74 14.79 38.50 14.04
N VAL D 75 15.41 37.82 13.07
CA VAL D 75 14.77 36.73 12.33
C VAL D 75 14.05 35.74 13.24
N GLU D 76 14.75 35.26 14.26
CA GLU D 76 14.19 34.28 15.21
C GLU D 76 12.86 34.67 15.88
N GLY D 77 12.54 35.96 15.96
CA GLY D 77 11.23 36.41 16.50
C GLY D 77 10.26 37.01 15.49
N MSE D 78 10.54 36.86 14.20
CA MSE D 78 9.71 37.39 13.11
C MSE D 78 8.30 36.85 12.97
O MSE D 78 7.37 37.61 12.72
CB MSE D 78 10.45 37.02 11.86
CG MSE D 78 9.79 37.59 10.61
SE MSE D 78 10.74 37.03 8.97
CE MSE D 78 11.63 35.38 9.57
N LEU D 79 8.12 35.53 13.06
CA LEU D 79 6.78 34.98 12.96
C LEU D 79 5.92 35.31 14.16
N GLU D 80 6.54 35.38 15.34
CA GLU D 80 5.84 35.74 16.58
C GLU D 80 5.30 37.15 16.53
N LYS D 81 6.11 38.09 16.03
CA LYS D 81 5.71 39.48 15.86
C LYS D 81 4.61 39.70 14.82
N LEU D 82 4.66 38.97 13.71
CA LEU D 82 3.60 39.08 12.70
C LEU D 82 2.28 38.58 13.28
N ALA D 83 2.32 37.45 13.98
CA ALA D 83 1.14 36.95 14.68
C ALA D 83 0.62 37.93 15.74
N ALA D 84 1.53 38.57 16.47
CA ALA D 84 1.15 39.57 17.48
C ALA D 84 0.47 40.80 16.87
N ALA D 85 0.96 41.22 15.71
CA ALA D 85 0.41 42.34 14.96
C ALA D 85 -1.01 42.07 14.44
N VAL D 86 -1.28 40.81 14.09
CA VAL D 86 -2.60 40.41 13.62
C VAL D 86 -3.58 40.37 14.79
N GLU D 87 -3.14 39.90 15.96
CA GLU D 87 -4.01 39.87 17.15
C GLU D 87 -4.28 41.25 17.76
N ASN D 88 -3.30 42.15 17.72
CA ASN D 88 -3.46 43.51 18.27
C ASN D 88 -3.14 44.55 17.21
N PRO D 89 -4.09 44.76 16.27
CA PRO D 89 -3.88 45.86 15.31
C PRO D 89 -3.91 47.21 16.03
N VAL D 90 -3.20 48.17 15.45
CA VAL D 90 -3.04 49.50 16.01
C VAL D 90 -3.64 50.47 15.00
N PRO D 91 -4.45 51.45 15.44
CA PRO D 91 -5.02 52.35 14.41
C PRO D 91 -3.99 53.25 13.70
N CYS D 92 -4.38 53.74 12.53
CA CYS D 92 -3.57 54.61 11.71
C CYS D 92 -3.82 56.05 12.11
N ARG D 93 -3.12 57.00 11.49
CA ARG D 93 -3.37 58.43 11.68
C ARG D 93 -3.83 58.98 10.36
N LEU D 94 -5.05 59.55 10.33
CA LEU D 94 -5.49 60.32 9.17
C LEU D 94 -4.71 61.64 9.23
N VAL D 95 -4.27 62.11 8.05
CA VAL D 95 -3.36 63.25 7.94
C VAL D 95 -3.92 64.16 6.86
N SER D 96 -3.57 65.45 6.92
CA SER D 96 -4.12 66.43 5.96
C SER D 96 -3.54 66.23 4.55
N PRO D 97 -4.38 66.38 3.49
CA PRO D 97 -3.91 66.27 2.09
C PRO D 97 -2.72 67.15 1.72
N ASP D 98 -2.70 68.39 2.18
CA ASP D 98 -1.55 69.29 1.91
C ASP D 98 -0.34 68.89 2.75
N GLY D 99 0.84 68.82 2.14
CA GLY D 99 2.05 68.28 2.80
C GLY D 99 2.28 66.78 2.62
N ALA D 100 1.21 66.01 2.46
CA ALA D 100 1.26 64.55 2.17
C ALA D 100 1.92 64.24 0.83
N PRO D 101 3.11 63.59 0.85
CA PRO D 101 3.91 63.45 -0.38
C PRO D 101 3.20 62.84 -1.61
N VAL D 102 2.25 61.93 -1.39
CA VAL D 102 1.56 61.28 -2.48
C VAL D 102 0.60 62.22 -3.25
N LYS D 103 0.31 63.38 -2.65
CA LYS D 103 -0.54 64.41 -3.27
C LYS D 103 0.20 65.52 -4.04
N GLU D 104 1.52 65.47 -4.05
CA GLU D 104 2.34 66.43 -4.80
C GLU D 104 1.92 66.61 -6.27
N CYS D 105 1.50 65.56 -6.97
CA CYS D 105 0.98 65.67 -8.36
C CYS D 105 -0.33 64.91 -8.50
N ILE D 106 -1.44 65.62 -8.62
CA ILE D 106 -2.76 65.01 -8.88
C ILE D 106 -2.95 64.97 -10.40
N ILE D 107 -3.65 63.98 -10.91
CA ILE D 107 -3.94 63.85 -12.35
C ILE D 107 -5.32 63.23 -12.50
N ARG D 108 -6.28 64.01 -13.01
CA ARG D 108 -7.67 63.59 -13.12
C ARG D 108 -8.18 63.50 -14.54
N GLU D 109 -7.37 63.86 -15.53
CA GLU D 109 -7.85 63.88 -16.90
C GLU D 109 -6.82 63.34 -17.85
N ASN D 110 -7.34 62.77 -18.96
CA ASN D 110 -6.51 62.18 -20.01
C ASN D 110 -5.53 61.17 -19.40
N ILE D 111 -6.06 60.28 -18.57
CA ILE D 111 -5.25 59.31 -17.86
C ILE D 111 -4.85 58.24 -18.87
N ASP D 112 -3.55 58.05 -19.04
CA ASP D 112 -2.97 57.02 -19.90
C ASP D 112 -1.81 56.40 -19.10
N LEU D 113 -2.08 55.26 -18.45
CA LEU D 113 -1.15 54.66 -17.49
C LEU D 113 0.17 54.25 -18.10
N LEU D 114 0.12 53.60 -19.25
CA LEU D 114 1.35 53.22 -19.97
C LEU D 114 2.18 54.43 -20.37
N LYS D 115 1.54 55.54 -20.71
CA LYS D 115 2.24 56.81 -20.99
C LYS D 115 3.10 57.31 -19.83
N MSE D 116 2.54 57.26 -18.61
CA MSE D 116 3.15 57.91 -17.43
C MSE D 116 4.02 57.02 -16.57
O MSE D 116 4.97 57.50 -15.95
CB MSE D 116 2.16 58.50 -16.42
CG MSE D 116 0.70 58.29 -16.79
SE MSE D 116 -0.53 59.11 -15.51
CE MSE D 116 0.69 59.57 -13.99
N LEU D 117 3.66 55.74 -16.50
CA LEU D 117 4.32 54.77 -15.61
C LEU D 117 5.01 53.68 -16.41
N PRO D 118 6.26 53.30 -16.01
CA PRO D 118 7.07 52.27 -16.68
C PRO D 118 6.67 50.84 -16.26
N ILE D 119 5.45 50.47 -16.61
CA ILE D 119 4.86 49.23 -16.17
C ILE D 119 5.46 48.09 -17.00
N PRO D 120 6.25 47.20 -16.36
CA PRO D 120 6.95 46.19 -17.14
C PRO D 120 6.07 45.09 -17.69
N THR D 121 6.62 44.40 -18.68
CA THR D 121 6.06 43.16 -19.20
C THR D 121 7.09 42.10 -18.82
N HIS D 122 6.67 41.11 -18.04
CA HIS D 122 7.62 40.28 -17.28
C HIS D 122 8.02 38.97 -17.96
N HIS D 123 7.04 38.13 -18.26
CA HIS D 123 7.29 36.80 -18.83
C HIS D 123 6.71 36.66 -20.24
N ALA D 124 7.34 35.78 -21.03
CA ALA D 124 7.07 35.61 -22.46
C ALA D 124 5.61 35.53 -22.82
N GLY D 125 4.88 34.67 -22.14
CA GLY D 125 3.47 34.43 -22.43
C GLY D 125 2.47 35.38 -21.80
N ASP D 126 2.95 36.45 -21.15
CA ASP D 126 2.04 37.41 -20.50
C ASP D 126 1.23 38.16 -21.55
N ALA D 127 -0.05 38.36 -21.27
CA ALA D 127 -0.94 39.06 -22.18
C ALA D 127 -0.56 40.53 -22.42
N GLY D 128 0.22 41.10 -21.50
CA GLY D 128 0.69 42.46 -21.66
C GLY D 128 1.47 42.94 -20.46
N PRO D 129 1.58 44.27 -20.31
CA PRO D 129 2.15 44.87 -19.10
C PRO D 129 1.24 44.67 -17.89
N TYR D 130 1.84 44.38 -16.74
CA TYR D 130 1.11 44.09 -15.52
C TYR D 130 1.65 44.92 -14.37
N ILE D 131 0.73 45.45 -13.55
CA ILE D 131 1.11 46.10 -12.30
C ILE D 131 1.04 45.00 -11.26
N THR D 132 2.19 44.73 -10.64
CA THR D 132 2.39 43.57 -9.79
C THR D 132 2.53 43.87 -8.31
N ALA D 133 2.80 45.12 -7.95
CA ALA D 133 3.13 45.48 -6.57
C ALA D 133 2.18 46.49 -5.90
N ALA D 134 0.94 46.55 -6.39
CA ALA D 134 -0.03 47.50 -5.86
C ALA D 134 -0.87 46.86 -4.78
N ILE D 135 -0.81 47.41 -3.56
CA ILE D 135 -1.80 47.05 -2.53
C ILE D 135 -3.14 47.68 -2.95
N LEU D 136 -4.21 46.93 -2.79
CA LEU D 136 -5.53 47.38 -3.17
C LEU D 136 -6.35 47.52 -1.90
N ILE D 137 -6.85 48.73 -1.67
CA ILE D 137 -7.64 49.07 -0.48
C ILE D 137 -9.10 49.27 -0.89
N ALA D 138 -10.01 48.74 -0.07
CA ALA D 138 -11.44 48.85 -0.33
C ALA D 138 -12.23 48.73 0.96
N ARG D 139 -13.41 49.34 1.01
CA ARG D 139 -14.32 49.23 2.15
C ARG D 139 -15.48 48.33 1.79
N ASP D 140 -16.03 47.64 2.79
CA ASP D 140 -17.29 46.90 2.65
C ASP D 140 -18.41 47.91 2.39
N PRO D 141 -19.22 47.71 1.32
CA PRO D 141 -20.37 48.62 1.09
C PRO D 141 -21.38 48.70 2.25
N ASP D 142 -21.59 47.62 3.00
CA ASP D 142 -22.50 47.61 4.15
C ASP D 142 -21.80 48.12 5.42
N SER D 143 -20.88 47.33 5.99
CA SER D 143 -20.25 47.69 7.27
C SER D 143 -19.26 48.87 7.21
N GLY D 144 -18.73 49.20 6.03
CA GLY D 144 -17.75 50.28 5.89
C GLY D 144 -16.30 49.99 6.30
N VAL D 145 -16.03 48.81 6.85
CA VAL D 145 -14.68 48.46 7.31
C VAL D 145 -13.81 48.07 6.12
N ARG D 146 -12.50 48.39 6.19
CA ARG D 146 -11.65 48.22 5.03
C ARG D 146 -10.72 47.02 5.05
N ASN D 147 -10.33 46.63 3.83
CA ASN D 147 -9.51 45.46 3.56
C ASN D 147 -8.36 45.88 2.66
N VAL D 148 -7.26 45.16 2.76
CA VAL D 148 -6.11 45.33 1.88
C VAL D 148 -5.71 43.95 1.35
N SER D 149 -5.45 43.89 0.05
CA SER D 149 -4.92 42.69 -0.60
C SER D 149 -4.14 43.11 -1.83
N ILE D 150 -3.31 42.23 -2.36
CA ILE D 150 -2.55 42.53 -3.58
C ILE D 150 -3.12 41.70 -4.73
N HIS D 151 -3.30 42.33 -5.88
CA HIS D 151 -3.88 41.66 -7.06
C HIS D 151 -3.17 42.10 -8.30
N ARG D 152 -2.91 41.15 -9.19
CA ARG D 152 -2.32 41.46 -10.48
C ARG D 152 -3.29 42.29 -11.33
N LEU D 153 -2.76 43.26 -12.04
CA LEU D 153 -3.57 44.19 -12.81
C LEU D 153 -2.97 44.28 -14.19
N GLN D 154 -3.66 43.68 -15.15
CA GLN D 154 -3.29 43.81 -16.56
C GLN D 154 -3.70 45.21 -17.06
N VAL D 155 -2.78 45.89 -17.72
CA VAL D 155 -3.09 47.15 -18.38
C VAL D 155 -3.76 46.82 -19.72
N THR D 156 -5.08 47.03 -19.79
CA THR D 156 -5.89 46.76 -20.99
C THR D 156 -6.32 48.02 -21.75
N GLY D 157 -5.97 49.19 -21.22
CA GLY D 157 -6.25 50.46 -21.87
C GLY D 157 -5.58 51.62 -21.15
N PRO D 158 -5.74 52.85 -21.68
CA PRO D 158 -5.24 54.03 -20.96
C PRO D 158 -5.75 54.16 -19.52
N ASP D 159 -7.07 54.05 -19.32
CA ASP D 159 -7.70 54.19 -18.01
C ASP D 159 -8.36 52.88 -17.51
N ARG D 160 -7.79 51.73 -17.87
CA ARG D 160 -8.50 50.44 -17.73
C ARG D 160 -7.56 49.27 -17.39
N LEU D 161 -7.91 48.54 -16.34
CA LEU D 161 -7.15 47.40 -15.85
C LEU D 161 -8.02 46.17 -15.70
N GLY D 162 -7.52 45.01 -16.12
CA GLY D 162 -8.13 43.72 -15.77
C GLY D 162 -7.58 43.25 -14.42
N ILE D 163 -8.41 42.61 -13.62
CA ILE D 163 -8.01 42.21 -12.27
C ILE D 163 -8.41 40.76 -11.97
N LEU D 164 -7.49 39.99 -11.38
CA LEU D 164 -7.80 38.65 -10.85
C LEU D 164 -8.19 38.82 -9.39
N ILE D 165 -9.43 38.46 -9.09
CA ILE D 165 -9.91 38.44 -7.71
C ILE D 165 -10.24 36.99 -7.35
N LEU D 166 -9.34 36.35 -6.59
CA LEU D 166 -9.63 35.05 -5.98
C LEU D 166 -10.67 35.26 -4.88
N PRO D 167 -11.41 34.18 -4.54
CA PRO D 167 -12.55 34.32 -3.61
C PRO D 167 -12.17 34.46 -2.12
N ARG D 168 -11.68 35.63 -1.73
CA ARG D 168 -11.41 35.95 -0.32
C ARG D 168 -12.16 37.26 -0.02
N HIS D 169 -11.55 38.24 0.65
CA HIS D 169 -12.29 39.37 1.18
C HIS D 169 -12.68 40.40 0.11
N LEU D 170 -11.80 40.68 -0.85
CA LEU D 170 -12.18 41.62 -1.89
C LEU D 170 -13.34 41.09 -2.70
N TRP D 171 -13.37 39.78 -2.93
CA TRP D 171 -14.48 39.15 -3.65
C TRP D 171 -15.81 39.30 -2.92
N HIS D 172 -15.78 39.12 -1.61
CA HIS D 172 -16.96 39.30 -0.76
C HIS D 172 -17.54 40.71 -0.90
N PHE D 173 -16.66 41.72 -0.86
CA PHE D 173 -17.03 43.12 -1.02
C PHE D 173 -17.61 43.33 -2.40
N PHE D 174 -16.88 42.87 -3.41
CA PHE D 174 -17.27 43.05 -4.80
C PHE D 174 -18.64 42.43 -5.10
N GLY D 175 -18.89 41.24 -4.55
CA GLY D 175 -20.19 40.57 -4.69
C GLY D 175 -21.35 41.40 -4.18
N LYS D 176 -21.18 42.03 -3.02
CA LYS D 176 -22.21 42.91 -2.45
C LYS D 176 -22.50 44.09 -3.36
N ALA D 177 -21.45 44.77 -3.80
CA ALA D 177 -21.58 45.87 -4.73
C ALA D 177 -22.20 45.43 -6.06
N GLU D 178 -21.79 44.27 -6.56
CA GLU D 178 -22.24 43.84 -7.88
C GLU D 178 -23.73 43.48 -7.92
N ARG D 179 -24.20 42.75 -6.91
CA ARG D 179 -25.61 42.36 -6.89
C ARG D 179 -26.55 43.48 -6.38
N ALA D 180 -25.98 44.62 -5.97
CA ALA D 180 -26.73 45.88 -5.82
C ALA D 180 -26.52 46.86 -7.01
N GLY D 181 -26.09 46.35 -8.16
CA GLY D 181 -25.91 47.15 -9.39
C GLY D 181 -24.85 48.24 -9.41
N ARG D 182 -23.99 48.29 -8.40
CA ARG D 182 -23.13 49.45 -8.12
C ARG D 182 -21.63 49.09 -8.23
N PRO D 183 -20.77 50.03 -8.66
CA PRO D 183 -19.32 49.74 -8.67
C PRO D 183 -18.72 49.69 -7.26
N LEU D 184 -17.58 49.00 -7.11
CA LEU D 184 -16.83 49.00 -5.84
C LEU D 184 -15.66 49.96 -5.95
N GLU D 185 -15.59 50.93 -5.06
CA GLU D 185 -14.54 51.94 -5.10
C GLU D 185 -13.29 51.36 -4.47
N ILE D 186 -12.16 51.53 -5.17
CA ILE D 186 -10.87 51.04 -4.72
C ILE D 186 -9.80 52.08 -4.90
N ALA D 187 -8.68 51.83 -4.23
CA ALA D 187 -7.48 52.62 -4.42
C ALA D 187 -6.27 51.67 -4.39
N LEU D 188 -5.32 51.91 -5.29
CA LEU D 188 -4.16 51.08 -5.45
C LEU D 188 -2.98 51.93 -5.02
N ALA D 189 -2.21 51.48 -4.05
CA ALA D 189 -0.96 52.18 -3.67
C ALA D 189 0.25 51.36 -4.11
N ILE D 190 1.16 52.01 -4.82
CA ILE D 190 2.40 51.38 -5.31
C ILE D 190 3.59 52.12 -4.73
N GLY D 191 4.58 51.40 -4.28
CA GLY D 191 5.74 51.96 -3.61
C GLY D 191 5.42 52.24 -2.16
N VAL D 192 5.30 51.18 -1.36
CA VAL D 192 5.12 51.29 0.08
C VAL D 192 6.18 50.48 0.81
N HIS D 193 6.30 50.72 2.11
CA HIS D 193 7.29 50.03 2.95
C HIS D 193 6.97 48.51 2.97
N PRO D 194 8.00 47.65 3.03
CA PRO D 194 7.72 46.19 3.00
C PRO D 194 6.80 45.64 4.10
N ALA D 195 6.89 46.16 5.31
CA ALA D 195 5.93 45.84 6.36
C ALA D 195 4.46 45.99 5.90
N VAL D 196 4.17 47.01 5.11
CA VAL D 196 2.81 47.26 4.60
C VAL D 196 2.40 46.17 3.62
N LEU D 197 3.30 45.83 2.69
CA LEU D 197 3.05 44.74 1.72
C LEU D 197 2.82 43.43 2.47
N LEU D 198 3.68 43.16 3.45
CA LEU D 198 3.59 41.94 4.23
C LEU D 198 2.26 41.85 4.97
N ALA D 199 1.79 42.99 5.49
CA ALA D 199 0.51 43.02 6.18
C ALA D 199 -0.68 42.79 5.26
N SER D 200 -0.57 43.20 3.99
CA SER D 200 -1.65 42.94 3.02
C SER D 200 -1.89 41.45 2.83
N GLN D 201 -0.85 40.64 3.08
CA GLN D 201 -0.95 39.18 3.03
C GLN D 201 -1.39 38.52 4.31
N ALA D 202 -1.57 39.27 5.39
CA ALA D 202 -2.01 38.66 6.65
C ALA D 202 -3.39 38.10 6.42
N THR D 203 -3.60 36.91 6.99
CA THR D 203 -4.78 36.15 6.68
C THR D 203 -5.56 36.02 7.99
N THR D 204 -6.75 36.64 8.02
CA THR D 204 -7.46 36.98 9.28
C THR D 204 -8.97 36.82 9.18
N ARG D 205 -9.61 37.01 10.33
CA ARG D 205 -11.06 37.21 10.43
C ARG D 205 -11.55 38.28 9.42
N LEU D 206 -12.84 38.25 9.06
CA LEU D 206 -13.39 39.19 8.06
C LEU D 206 -13.36 40.67 8.49
N GLY D 207 -13.44 40.94 9.78
CA GLY D 207 -13.52 42.31 10.26
C GLY D 207 -12.27 43.19 10.18
N VAL D 208 -11.07 42.63 10.03
CA VAL D 208 -9.87 43.36 10.43
C VAL D 208 -9.11 44.07 9.28
N ASP D 209 -8.70 45.28 9.60
CA ASP D 209 -8.04 46.19 8.69
C ASP D 209 -6.53 45.91 8.67
N GLU D 210 -6.03 45.47 7.52
CA GLU D 210 -4.60 45.17 7.38
C GLU D 210 -3.68 46.38 7.45
N LEU D 211 -4.20 47.57 7.17
CA LEU D 211 -3.42 48.79 7.40
C LEU D 211 -3.13 48.94 8.88
N GLU D 212 -4.09 48.53 9.71
CA GLU D 212 -3.88 48.55 11.16
C GLU D 212 -2.89 47.47 11.60
N ILE D 213 -2.83 46.35 10.87
CA ILE D 213 -1.80 45.34 11.10
C ILE D 213 -0.43 45.91 10.71
N ALA D 214 -0.39 46.62 9.59
CA ALA D 214 0.84 47.25 9.15
C ALA D 214 1.35 48.27 10.17
N SER D 215 0.46 49.08 10.72
CA SER D 215 0.92 50.09 11.66
C SER D 215 1.36 49.53 13.02
N ALA D 216 0.90 48.33 13.40
CA ALA D 216 1.52 47.58 14.51
C ALA D 216 2.92 47.09 14.19
N LEU D 217 3.16 46.75 12.93
CA LEU D 217 4.50 46.31 12.48
C LEU D 217 5.54 47.41 12.39
N LEU D 218 5.12 48.60 11.96
CA LEU D 218 6.02 49.75 11.85
C LEU D 218 6.31 50.36 13.24
N PRO D 219 7.41 51.13 13.38
CA PRO D 219 7.68 51.78 14.67
C PRO D 219 6.70 52.92 15.02
N GLN D 220 6.39 53.80 14.06
CA GLN D 220 5.34 54.83 14.20
C GLN D 220 4.08 54.30 13.53
N PRO D 221 2.88 54.77 13.96
CA PRO D 221 1.69 54.50 13.16
C PRO D 221 1.76 55.00 11.73
N LEU D 222 0.95 54.40 10.87
CA LEU D 222 1.02 54.60 9.45
C LEU D 222 0.16 55.80 9.13
N GLU D 223 0.75 56.81 8.48
CA GLU D 223 0.01 58.02 8.11
C GLU D 223 -0.81 57.76 6.85
N LEU D 224 -2.12 58.04 6.92
CA LEU D 224 -3.02 57.90 5.78
C LEU D 224 -3.63 59.23 5.35
N VAL D 225 -4.15 59.25 4.13
CA VAL D 225 -4.74 60.47 3.57
C VAL D 225 -5.94 60.10 2.72
N LYS D 226 -6.96 60.94 2.74
CA LYS D 226 -8.16 60.68 1.96
C LYS D 226 -7.88 60.78 0.44
N CYS D 227 -8.59 59.98 -0.34
CA CYS D 227 -8.46 59.98 -1.81
C CYS D 227 -9.26 61.13 -2.44
N GLU D 228 -8.85 61.49 -3.67
CA GLU D 228 -9.48 62.55 -4.44
C GLU D 228 -10.90 62.19 -4.92
N THR D 229 -11.04 61.03 -5.56
CA THR D 229 -12.26 60.66 -6.25
C THR D 229 -13.01 59.46 -5.67
N VAL D 230 -12.57 58.91 -4.53
CA VAL D 230 -13.19 57.70 -3.95
C VAL D 230 -13.16 57.75 -2.43
N ASP D 231 -14.15 57.15 -1.78
CA ASP D 231 -14.22 57.22 -0.29
C ASP D 231 -13.31 56.16 0.34
N VAL D 232 -12.02 56.36 0.17
CA VAL D 232 -10.97 55.41 0.56
C VAL D 232 -9.72 56.19 0.95
N GLU D 233 -9.01 55.70 1.95
CA GLU D 233 -7.79 56.33 2.45
C GLU D 233 -6.63 55.53 1.88
N VAL D 234 -5.51 56.20 1.60
CA VAL D 234 -4.30 55.54 1.14
C VAL D 234 -3.10 56.03 1.94
N PRO D 235 -2.00 55.25 1.93
CA PRO D 235 -0.84 55.73 2.66
C PRO D 235 -0.32 57.03 2.06
N ALA D 236 -0.16 58.03 2.91
CA ALA D 236 0.24 59.38 2.49
C ALA D 236 1.65 59.38 1.92
N GLY D 237 2.49 58.44 2.36
CA GLY D 237 3.88 58.33 1.90
C GLY D 237 4.12 57.52 0.64
N ALA D 238 3.07 56.93 0.06
CA ALA D 238 3.22 56.10 -1.13
C ALA D 238 3.85 56.86 -2.27
N GLU D 239 4.51 56.16 -3.18
CA GLU D 239 5.07 56.80 -4.34
C GLU D 239 3.98 57.13 -5.35
N ILE D 240 3.08 56.19 -5.59
CA ILE D 240 2.05 56.33 -6.62
C ILE D 240 0.74 55.76 -6.08
N VAL D 241 -0.38 56.41 -6.38
CA VAL D 241 -1.72 55.91 -6.04
C VAL D 241 -2.61 55.98 -7.28
N ILE D 242 -3.38 54.92 -7.50
CA ILE D 242 -4.29 54.85 -8.63
C ILE D 242 -5.68 54.61 -8.04
N GLU D 243 -6.53 55.61 -8.18
CA GLU D 243 -7.89 55.57 -7.68
C GLU D 243 -8.74 55.05 -8.80
N GLY D 244 -9.72 54.22 -8.47
CA GLY D 244 -10.57 53.64 -9.48
C GLY D 244 -11.78 52.97 -8.91
N LYS D 245 -12.44 52.18 -9.74
CA LYS D 245 -13.59 51.42 -9.31
C LYS D 245 -13.71 50.15 -10.14
N ILE D 246 -14.17 49.07 -9.50
CA ILE D 246 -14.35 47.80 -10.17
C ILE D 246 -15.78 47.83 -10.72
N LEU D 247 -15.92 47.74 -12.04
CA LEU D 247 -17.22 47.90 -12.71
C LEU D 247 -18.13 46.69 -12.52
N PRO D 248 -19.42 46.92 -12.19
CA PRO D 248 -20.35 45.82 -11.93
C PRO D 248 -20.90 45.23 -13.21
N GLY D 249 -20.99 43.89 -13.27
CA GLY D 249 -21.52 43.19 -14.44
C GLY D 249 -20.60 43.04 -15.64
N VAL D 250 -19.46 43.73 -15.63
CA VAL D 250 -18.50 43.70 -16.75
C VAL D 250 -17.46 42.61 -16.49
N ARG D 251 -17.25 41.77 -17.52
CA ARG D 251 -16.16 40.81 -17.53
C ARG D 251 -15.40 40.90 -18.87
N GLU D 252 -14.08 41.07 -18.80
CA GLU D 252 -13.22 41.11 -19.97
C GLU D 252 -12.06 40.15 -19.76
N VAL D 253 -11.55 39.61 -20.85
CA VAL D 253 -10.50 38.59 -20.82
C VAL D 253 -9.23 39.15 -20.19
N GLU D 254 -8.79 38.53 -19.11
CA GLU D 254 -7.54 38.88 -18.41
C GLU D 254 -6.61 37.70 -18.49
N GLY D 255 -5.33 37.96 -18.66
CA GLY D 255 -4.31 36.92 -18.74
C GLY D 255 -4.16 36.34 -20.14
N PRO D 256 -3.29 35.35 -20.32
CA PRO D 256 -2.53 34.69 -19.26
C PRO D 256 -1.39 35.52 -18.63
N PHE D 257 -0.83 34.99 -17.56
CA PHE D 257 0.19 35.68 -16.78
C PHE D 257 1.08 34.65 -16.08
N GLY D 258 2.39 34.86 -16.12
CA GLY D 258 3.32 33.97 -15.41
C GLY D 258 3.16 34.19 -13.92
N GLU D 259 2.89 33.11 -13.19
CA GLU D 259 2.53 33.18 -11.77
C GLU D 259 3.58 32.60 -10.82
N TYR D 260 3.28 32.63 -9.52
CA TYR D 260 4.20 32.19 -8.45
C TYR D 260 4.87 30.81 -8.64
N PRO D 261 4.16 29.81 -9.23
CA PRO D 261 4.81 28.50 -9.31
C PRO D 261 5.62 28.28 -10.60
N ARG D 262 6.00 29.36 -11.28
CA ARG D 262 6.70 29.29 -12.55
C ARG D 262 5.84 28.61 -13.64
N TYR D 263 4.52 28.71 -13.57
CA TYR D 263 3.60 28.31 -14.66
C TYR D 263 2.62 29.43 -15.00
N TYR D 264 1.98 29.36 -16.15
CA TYR D 264 1.11 30.45 -16.59
C TYR D 264 -0.28 30.29 -16.00
N GLY D 265 -0.79 31.32 -15.36
CA GLY D 265 -2.20 31.35 -14.99
C GLY D 265 -3.02 31.47 -16.27
N PRO D 266 -4.02 30.60 -16.46
CA PRO D 266 -4.78 30.66 -17.70
C PRO D 266 -5.62 31.92 -17.86
N ALA D 267 -5.79 32.32 -19.13
CA ALA D 267 -6.66 33.46 -19.48
C ALA D 267 -8.12 33.15 -19.20
N ALA D 268 -8.88 34.15 -18.79
CA ALA D 268 -10.33 33.99 -18.59
C ALA D 268 -11.02 35.34 -18.46
N PRO D 269 -12.35 35.40 -18.69
CA PRO D 269 -13.09 36.63 -18.44
C PRO D 269 -13.20 36.95 -16.94
N ARG D 270 -12.70 38.13 -16.54
CA ARG D 270 -12.66 38.58 -15.14
C ARG D 270 -12.96 40.08 -15.01
N PRO D 271 -13.18 40.56 -13.75
CA PRO D 271 -13.54 41.96 -13.53
C PRO D 271 -12.58 43.00 -14.10
N VAL D 272 -13.09 44.24 -14.16
CA VAL D 272 -12.41 45.36 -14.79
C VAL D 272 -12.39 46.57 -13.87
N VAL D 273 -11.23 47.23 -13.77
CA VAL D 273 -11.07 48.47 -13.01
C VAL D 273 -11.04 49.63 -14.00
N GLU D 274 -11.84 50.66 -13.74
CA GLU D 274 -11.78 51.93 -14.46
C GLU D 274 -11.08 52.93 -13.56
N VAL D 275 -10.00 53.54 -14.01
CA VAL D 275 -9.24 54.43 -13.12
C VAL D 275 -9.75 55.87 -13.30
N THR D 276 -10.06 56.50 -12.15
CA THR D 276 -10.64 57.83 -12.09
C THR D 276 -9.61 58.91 -11.71
N ALA D 277 -8.46 58.52 -11.17
CA ALA D 277 -7.38 59.45 -10.88
C ALA D 277 -6.07 58.73 -10.62
N VAL D 278 -4.97 59.46 -10.79
CA VAL D 278 -3.64 59.00 -10.42
C VAL D 278 -2.98 60.11 -9.64
N THR D 279 -2.37 59.80 -8.50
CA THR D 279 -1.67 60.81 -7.71
C THR D 279 -0.30 60.25 -7.39
N HIS D 280 0.72 61.09 -7.27
CA HIS D 280 2.08 60.60 -7.02
C HIS D 280 2.99 61.68 -6.49
N ARG D 281 4.13 61.25 -5.98
CA ARG D 281 5.17 62.18 -5.56
C ARG D 281 5.84 62.83 -6.77
N ARG D 282 6.50 63.97 -6.56
CA ARG D 282 7.42 64.53 -7.56
C ARG D 282 8.64 63.61 -7.61
N GLN D 283 9.08 63.26 -8.83
CA GLN D 283 10.07 62.19 -9.05
C GLN D 283 9.71 60.93 -8.26
N PRO D 284 8.65 60.24 -8.70
CA PRO D 284 8.24 59.01 -8.05
C PRO D 284 9.15 57.83 -8.46
N VAL D 285 9.19 56.80 -7.61
CA VAL D 285 9.83 55.51 -7.94
C VAL D 285 8.74 54.46 -8.14
N TYR D 286 8.74 53.80 -9.29
CA TYR D 286 7.81 52.67 -9.58
C TYR D 286 8.38 51.35 -9.04
N HIS D 287 7.60 50.67 -8.21
CA HIS D 287 7.95 49.36 -7.67
C HIS D 287 7.26 48.27 -8.47
N THR D 288 8.04 47.31 -8.98
CA THR D 288 7.49 46.08 -9.55
C THR D 288 8.00 44.89 -8.76
N ILE D 289 7.13 43.90 -8.59
CA ILE D 289 7.48 42.59 -8.05
C ILE D 289 7.53 41.64 -9.25
N ILE D 290 8.69 41.05 -9.49
CA ILE D 290 8.87 40.09 -10.56
C ILE D 290 8.23 38.77 -10.14
N PRO D 291 7.28 38.24 -10.93
CA PRO D 291 6.62 37.01 -10.50
C PRO D 291 7.59 35.85 -10.31
N ALA D 292 7.34 35.05 -9.26
CA ALA D 292 8.20 33.95 -8.86
C ALA D 292 9.53 34.32 -8.21
N SER D 293 9.79 35.61 -8.07
CA SER D 293 10.97 36.10 -7.35
C SER D 293 10.79 35.82 -5.89
N ARG D 294 11.89 35.94 -5.17
CA ARG D 294 11.92 35.72 -3.75
C ARG D 294 11.05 36.73 -3.01
N GLU D 295 11.05 37.97 -3.48
CA GLU D 295 10.15 39.01 -2.97
C GLU D 295 8.69 38.56 -3.06
N HIS D 296 8.30 38.08 -4.23
CA HIS D 296 6.96 37.54 -4.46
C HIS D 296 6.64 36.39 -3.54
N LEU D 297 7.52 35.41 -3.49
CA LEU D 297 7.26 34.20 -2.75
C LEU D 297 7.24 34.44 -1.25
N LEU D 298 8.21 35.19 -0.73
CA LEU D 298 8.29 35.41 0.71
C LEU D 298 7.17 36.27 1.29
N LEU D 299 6.54 37.13 0.47
CA LEU D 299 5.43 37.95 0.96
C LEU D 299 4.31 37.05 1.45
N GLY D 300 3.88 36.14 0.58
CA GLY D 300 2.91 35.12 0.97
C GLY D 300 3.48 34.07 1.91
N GLY D 301 4.74 33.71 1.72
CA GLY D 301 5.38 32.66 2.48
C GLY D 301 5.40 32.92 3.97
N ILE D 302 5.85 34.11 4.34
CA ILE D 302 6.01 34.46 5.74
C ILE D 302 4.65 34.54 6.42
N ALA D 303 3.67 35.13 5.76
CA ALA D 303 2.31 35.15 6.31
C ALA D 303 1.76 33.74 6.53
N ARG D 304 1.93 32.85 5.55
CA ARG D 304 1.53 31.45 5.70
C ARG D 304 2.29 30.74 6.82
N GLU D 305 3.59 31.03 6.92
CA GLU D 305 4.45 30.44 7.96
C GLU D 305 4.00 30.79 9.35
N ALA D 306 3.56 32.01 9.55
CA ALA D 306 3.04 32.44 10.84
C ALA D 306 1.83 31.59 11.27
N VAL D 307 0.97 31.25 10.33
CA VAL D 307 -0.18 30.38 10.59
C VAL D 307 0.26 28.91 10.78
N LEU D 308 1.15 28.46 9.92
CA LEU D 308 1.66 27.10 9.95
C LEU D 308 2.26 26.80 11.33
N LEU D 309 3.03 27.74 11.87
CA LEU D 309 3.63 27.56 13.20
C LEU D 309 2.58 27.37 14.28
N GLN D 310 1.56 28.22 14.27
CA GLN D 310 0.47 28.11 15.26
C GLN D 310 -0.28 26.78 15.16
N THR D 311 -0.56 26.34 13.94
CA THR D 311 -1.29 25.12 13.66
C THR D 311 -0.50 23.88 14.10
N VAL D 312 0.78 23.85 13.74
CA VAL D 312 1.65 22.77 14.18
C VAL D 312 1.79 22.75 15.71
N ARG D 313 1.83 23.94 16.31
CA ARG D 313 1.90 24.04 17.77
C ARG D 313 0.72 23.38 18.47
N GLN D 314 -0.46 23.44 17.87
CA GLN D 314 -1.62 22.77 18.42
C GLN D 314 -1.41 21.26 18.58
N ALA D 315 -0.86 20.63 17.56
CA ALA D 315 -0.61 19.18 17.58
C ALA D 315 0.66 18.81 18.33
N VAL D 316 1.71 19.64 18.17
CA VAL D 316 3.02 19.39 18.75
C VAL D 316 3.49 20.67 19.44
N PRO D 317 3.21 20.80 20.75
CA PRO D 317 3.53 22.05 21.46
C PRO D 317 5.01 22.43 21.45
N THR D 318 5.89 21.42 21.38
CA THR D 318 7.35 21.61 21.33
C THR D 318 7.94 21.81 19.89
N VAL D 319 7.10 22.17 18.92
CA VAL D 319 7.61 22.61 17.62
C VAL D 319 8.60 23.73 17.84
N LYS D 320 9.75 23.66 17.17
CA LYS D 320 10.73 24.75 17.22
C LYS D 320 10.52 25.70 16.04
N ASN D 321 10.41 25.19 14.81
CA ASN D 321 10.44 26.07 13.67
C ASN D 321 9.72 25.49 12.46
N VAL D 322 9.30 26.37 11.56
CA VAL D 322 8.66 25.94 10.33
C VAL D 322 9.14 26.76 9.15
N HIS D 323 9.10 26.15 7.98
CA HIS D 323 9.61 26.76 6.76
C HIS D 323 8.86 26.24 5.54
N LEU D 324 8.26 27.17 4.81
CA LEU D 324 7.72 26.90 3.50
C LEU D 324 8.79 27.28 2.46
N THR D 325 9.33 26.26 1.80
CA THR D 325 10.58 26.39 1.06
C THR D 325 10.34 27.10 -0.27
N PRO D 326 11.34 27.84 -0.75
CA PRO D 326 11.22 28.49 -2.06
C PRO D 326 11.12 27.49 -3.22
N GLY D 327 11.69 26.29 -3.03
CA GLY D 327 11.54 25.21 -3.97
C GLY D 327 10.08 24.84 -4.19
N GLY D 328 9.28 24.92 -3.12
CA GLY D 328 7.84 24.71 -3.25
C GLY D 328 6.98 25.95 -3.46
N SER D 329 7.59 27.02 -3.98
CA SER D 329 6.93 28.31 -4.12
C SER D 329 6.36 28.87 -2.80
N CYS D 330 7.05 28.59 -1.68
CA CYS D 330 6.66 29.05 -0.36
C CYS D 330 5.17 28.81 -0.09
N ARG D 331 4.78 27.55 -0.21
CA ARG D 331 3.38 27.13 -0.30
C ARG D 331 3.24 25.62 -0.19
N TYR D 332 3.91 24.92 -1.12
CA TYR D 332 3.67 23.53 -1.41
C TYR D 332 4.49 22.59 -0.55
N HIS D 333 5.72 22.97 -0.25
CA HIS D 333 6.63 22.15 0.58
C HIS D 333 6.80 22.83 1.93
N ALA D 334 6.63 22.06 2.99
CA ALA D 334 6.84 22.54 4.35
C ALA D 334 7.89 21.67 5.05
N VAL D 335 8.77 22.31 5.79
CA VAL D 335 9.71 21.61 6.64
C VAL D 335 9.48 22.08 8.06
N ILE D 336 9.22 21.13 8.95
CA ILE D 336 8.96 21.40 10.35
C ILE D 336 10.12 20.87 11.18
N SER D 337 10.64 21.63 12.11
CA SER D 337 11.52 21.06 13.13
C SER D 337 10.77 21.00 14.45
N ILE D 338 10.90 19.88 15.15
CA ILE D 338 10.28 19.66 16.46
C ILE D 338 11.31 19.16 17.44
N GLU D 339 11.16 19.50 18.72
CA GLU D 339 11.83 18.79 19.81
C GLU D 339 10.88 17.68 20.20
N LYS D 340 11.16 16.48 19.69
CA LYS D 340 10.25 15.36 19.82
C LYS D 340 10.24 14.85 21.26
N LYS D 341 9.06 14.87 21.88
CA LYS D 341 8.84 14.34 23.23
C LYS D 341 8.10 12.99 23.25
N HIS D 342 7.29 12.70 22.24
CA HIS D 342 6.49 11.47 22.21
C HIS D 342 6.73 10.75 20.90
N GLU D 343 6.92 9.43 20.93
CA GLU D 343 7.09 8.73 19.67
C GLU D 343 5.81 8.87 18.86
N GLY D 344 5.96 8.99 17.54
CA GLY D 344 4.85 9.28 16.63
C GLY D 344 4.60 10.76 16.34
N GLU D 345 5.05 11.67 17.21
CA GLU D 345 4.74 13.10 17.08
C GLU D 345 4.94 13.67 15.68
N ALA D 346 5.95 13.23 14.96
CA ALA D 346 6.19 13.77 13.65
C ALA D 346 5.02 13.58 12.69
N LYS D 347 4.34 12.44 12.77
CA LYS D 347 3.17 12.19 11.88
C LYS D 347 2.06 13.23 12.18
N ASN D 348 1.87 13.52 13.46
CA ASN D 348 0.84 14.45 13.90
C ASN D 348 1.20 15.88 13.48
N ALA D 349 2.48 16.19 13.49
CA ALA D 349 2.95 17.48 13.00
C ALA D 349 2.61 17.64 11.53
N ILE D 350 2.84 16.59 10.76
CA ILE D 350 2.49 16.57 9.33
C ILE D 350 1.00 16.78 9.12
N PHE D 351 0.15 16.19 9.94
CA PHE D 351 -1.29 16.42 9.80
C PHE D 351 -1.57 17.89 10.02
N ALA D 352 -0.97 18.49 11.03
CA ALA D 352 -1.14 19.92 11.28
C ALA D 352 -0.67 20.76 10.09
N ALA D 353 0.45 20.38 9.48
CA ALA D 353 0.95 21.10 8.32
C ALA D 353 -0.09 21.07 7.19
N PHE D 354 -0.71 19.91 6.98
CA PHE D 354 -1.76 19.80 5.97
C PHE D 354 -2.98 20.65 6.31
N THR D 355 -3.31 20.79 7.59
CA THR D 355 -4.52 21.53 7.93
C THR D 355 -4.30 23.05 7.92
N SER D 356 -3.04 23.47 7.99
CA SER D 356 -2.70 24.90 7.89
C SER D 356 -3.22 25.50 6.59
N SER D 357 -3.13 24.73 5.50
CA SER D 357 -3.54 25.19 4.19
C SER D 357 -3.64 24.04 3.22
N SER D 358 -4.61 24.11 2.31
CA SER D 358 -4.74 23.07 1.31
C SER D 358 -3.62 23.10 0.25
N GLU D 359 -2.82 24.17 0.21
CA GLU D 359 -1.71 24.25 -0.70
C GLU D 359 -0.57 23.28 -0.31
N VAL D 360 -0.44 22.99 0.97
CA VAL D 360 0.66 22.17 1.46
C VAL D 360 0.52 20.74 0.96
N LYS D 361 1.54 20.29 0.26
CA LYS D 361 1.51 19.04 -0.48
C LYS D 361 2.48 17.99 0.06
N HIS D 362 3.73 18.38 0.26
CA HIS D 362 4.77 17.48 0.80
C HIS D 362 5.35 18.12 2.05
N VAL D 363 5.58 17.31 3.05
CA VAL D 363 6.03 17.82 4.34
C VAL D 363 7.13 16.91 4.83
N VAL D 364 8.22 17.48 5.30
CA VAL D 364 9.25 16.70 6.01
C VAL D 364 9.45 17.28 7.39
N VAL D 365 9.61 16.41 8.37
CA VAL D 365 9.82 16.79 9.75
C VAL D 365 11.20 16.31 10.17
N VAL D 366 11.96 17.18 10.82
CA VAL D 366 13.29 16.87 11.33
C VAL D 366 13.39 17.27 12.79
N ASP D 367 14.50 16.94 13.45
CA ASP D 367 14.66 17.29 14.88
C ASP D 367 15.13 18.74 15.07
N HIS D 368 14.95 19.23 16.30
CA HIS D 368 15.24 20.62 16.70
C HIS D 368 16.61 21.14 16.25
N GLU D 369 17.62 20.29 16.25
CA GLU D 369 19.00 20.68 15.93
C GLU D 369 19.29 20.92 14.44
N ILE D 370 18.44 20.42 13.54
CA ILE D 370 18.63 20.58 12.10
C ILE D 370 18.18 21.97 11.70
N ASN D 371 19.02 22.65 10.92
CA ASN D 371 18.70 23.98 10.42
C ASN D 371 17.83 23.80 9.18
N ILE D 372 16.55 24.12 9.31
CA ILE D 372 15.60 23.87 8.24
C ILE D 372 15.64 24.91 7.11
N PHE D 373 16.43 25.94 7.26
CA PHE D 373 16.60 26.94 6.21
C PHE D 373 17.80 26.64 5.35
N ASP D 374 18.50 25.52 5.65
CA ASP D 374 19.55 24.98 4.80
C ASP D 374 19.04 23.72 4.10
N PRO D 375 18.75 23.78 2.78
CA PRO D 375 18.20 22.62 2.08
C PRO D 375 19.07 21.37 2.17
N GLU D 376 20.38 21.56 2.09
CA GLU D 376 21.32 20.45 2.18
C GLU D 376 21.24 19.74 3.54
N GLU D 377 21.06 20.49 4.63
CA GLU D 377 20.99 19.87 5.95
C GLU D 377 19.71 19.06 6.09
N VAL D 378 18.60 19.50 5.52
CA VAL D 378 17.35 18.71 5.65
C VAL D 378 17.43 17.50 4.71
N GLU D 379 17.98 17.67 3.51
CA GLU D 379 18.21 16.54 2.61
C GLU D 379 19.09 15.47 3.26
N TRP D 380 20.12 15.91 3.96
CA TRP D 380 20.99 15.03 4.74
C TRP D 380 20.18 14.25 5.78
N ALA D 381 19.35 14.97 6.52
CA ALA D 381 18.48 14.33 7.50
C ALA D 381 17.56 13.27 6.85
N VAL D 382 16.99 13.60 5.69
CA VAL D 382 16.15 12.64 4.97
C VAL D 382 16.97 11.43 4.52
N ALA D 383 18.19 11.66 4.05
CA ALA D 383 19.01 10.56 3.56
C ALA D 383 19.38 9.57 4.65
N THR D 384 19.58 10.07 5.86
CA THR D 384 20.15 9.25 6.92
C THR D 384 19.24 8.94 8.08
N ARG D 385 18.08 9.59 8.15
CA ARG D 385 17.13 9.36 9.25
C ARG D 385 15.73 8.94 8.80
N CYS D 386 15.54 8.75 7.51
CA CYS D 386 14.27 8.29 7.00
C CYS D 386 14.43 6.89 6.40
N GLN D 387 13.45 6.04 6.71
CA GLN D 387 13.30 4.76 6.07
C GLN D 387 11.87 4.78 5.51
N ALA D 388 11.73 4.85 4.19
CA ALA D 388 10.43 5.12 3.58
C ALA D 388 9.29 4.16 3.95
N GLY D 389 9.64 2.92 4.22
CA GLY D 389 8.68 1.91 4.61
C GLY D 389 7.93 2.19 5.88
N ARG D 390 8.53 2.91 6.82
CA ARG D 390 7.87 3.29 8.06
C ARG D 390 7.79 4.80 8.33
N ASP D 391 8.55 5.60 7.59
CA ASP D 391 8.60 7.02 7.88
C ASP D 391 7.89 7.89 6.81
N VAL D 392 7.36 7.28 5.74
CA VAL D 392 6.67 8.04 4.68
C VAL D 392 5.24 7.60 4.63
N PHE D 393 4.31 8.53 4.45
CA PHE D 393 2.94 8.14 4.11
C PHE D 393 2.33 9.07 3.09
N ILE D 394 1.40 8.53 2.32
CA ILE D 394 0.84 9.17 1.17
C ILE D 394 -0.66 9.15 1.33
N VAL D 395 -1.33 10.26 1.07
CA VAL D 395 -2.79 10.31 1.08
C VAL D 395 -3.27 10.71 -0.29
N LYS D 396 -4.12 9.91 -0.93
CA LYS D 396 -4.59 10.17 -2.29
C LYS D 396 -5.82 11.06 -2.31
N ASP D 397 -5.92 11.88 -3.34
CA ASP D 397 -7.15 12.59 -3.74
C ASP D 397 -7.71 13.50 -2.65
N ALA D 398 -6.83 14.30 -2.08
CA ALA D 398 -7.22 15.36 -1.16
C ALA D 398 -7.37 16.64 -1.96
N MSE D 399 -7.78 17.70 -1.30
CA MSE D 399 -7.89 18.99 -1.92
C MSE D 399 -6.54 19.62 -2.00
O MSE D 399 -5.86 19.77 -0.98
CB MSE D 399 -8.78 19.86 -1.08
CG MSE D 399 -9.01 21.18 -1.77
SE MSE D 399 -9.93 22.47 -0.58
CE MSE D 399 -9.49 21.87 1.25
N GLY D 400 -6.16 20.02 -3.20
CA GLY D 400 -4.92 20.76 -3.43
C GLY D 400 -5.16 22.13 -4.04
N ASN D 401 -4.49 22.38 -5.17
CA ASN D 401 -4.36 23.71 -5.72
C ASN D 401 -4.57 23.64 -7.23
N ARG D 402 -5.36 24.54 -7.80
CA ARG D 402 -5.65 24.47 -9.25
C ARG D 402 -4.43 24.77 -10.11
N LEU D 403 -3.55 25.63 -9.63
CA LEU D 403 -2.40 26.09 -10.40
C LEU D 403 -1.24 25.09 -10.44
N ASP D 404 -1.17 24.19 -9.48
CA ASP D 404 -0.28 23.01 -9.56
C ASP D 404 -0.79 22.16 -10.75
N PRO D 405 -0.01 22.10 -11.82
CA PRO D 405 -0.45 21.42 -13.03
C PRO D 405 -0.48 19.89 -12.93
N SER D 406 0.19 19.32 -11.92
CA SER D 406 0.08 17.89 -11.66
C SER D 406 -1.26 17.53 -11.02
N SER D 407 -1.99 18.51 -10.50
CA SER D 407 -3.27 18.22 -9.88
C SER D 407 -4.36 17.90 -10.90
N ARG D 408 -5.32 17.11 -10.45
CA ARG D 408 -6.47 16.63 -11.22
C ARG D 408 -7.61 17.59 -10.91
N ASP D 409 -7.50 18.80 -11.46
CA ASP D 409 -8.54 19.82 -11.33
C ASP D 409 -8.63 20.30 -9.86
N GLY D 410 -7.48 20.59 -9.27
CA GLY D 410 -7.40 20.99 -7.86
C GLY D 410 -7.34 19.83 -6.83
N VAL D 411 -7.63 18.60 -7.24
CA VAL D 411 -7.46 17.43 -6.40
C VAL D 411 -5.99 16.98 -6.45
N SER D 412 -5.40 16.70 -5.30
CA SER D 412 -3.97 16.40 -5.22
C SER D 412 -3.67 15.38 -4.15
N ASP D 413 -2.66 14.59 -4.38
CA ASP D 413 -2.15 13.65 -3.41
C ASP D 413 -1.21 14.40 -2.48
N LYS D 414 -0.99 13.86 -1.30
CA LYS D 414 -0.18 14.51 -0.26
C LYS D 414 0.82 13.51 0.28
N MSE D 415 1.95 14.00 0.76
CA MSE D 415 2.96 13.11 1.31
C MSE D 415 3.64 13.69 2.51
O MSE D 415 3.98 14.87 2.52
CB MSE D 415 3.98 12.81 0.25
CG MSE D 415 4.97 11.78 0.75
SE MSE D 415 6.18 11.29 -0.71
CE MSE D 415 6.77 12.99 -1.47
N GLY D 416 3.89 12.84 3.49
CA GLY D 416 4.59 13.21 4.71
C GLY D 416 5.82 12.35 4.86
N ILE D 417 6.90 12.95 5.35
CA ILE D 417 8.18 12.27 5.55
C ILE D 417 8.66 12.58 6.95
N ASP D 418 8.75 11.55 7.79
CA ASP D 418 9.26 11.70 9.15
C ASP D 418 10.75 11.41 9.14
N ALA D 419 11.56 12.46 9.20
CA ALA D 419 13.01 12.33 9.24
C ALA D 419 13.54 12.67 10.62
N THR D 420 12.79 12.37 11.67
CA THR D 420 13.23 12.52 13.04
C THR D 420 13.87 11.22 13.48
N ILE D 421 14.78 11.31 14.45
CA ILE D 421 15.43 10.14 15.08
C ILE D 421 14.38 9.41 15.92
N PRO D 422 14.38 8.06 15.90
CA PRO D 422 13.44 7.36 16.79
C PRO D 422 13.79 7.65 18.22
N LEU D 423 12.75 7.76 19.06
CA LEU D 423 12.92 8.09 20.47
C LEU D 423 13.28 6.77 21.15
N ASN D 424 13.91 6.83 22.31
CA ASN D 424 14.35 5.59 22.99
C ASN D 424 15.07 4.57 22.11
N LEU D 425 16.27 5.00 21.72
CA LEU D 425 17.33 4.22 21.13
C LEU D 425 18.62 4.61 21.88
N PRO D 426 19.76 4.05 21.47
CA PRO D 426 21.03 4.47 22.01
C PRO D 426 21.31 5.96 22.01
N GLY D 427 20.84 6.74 21.03
CA GLY D 427 21.01 8.19 21.06
C GLY D 427 22.38 8.69 20.62
N GLU D 428 23.44 7.88 20.71
CA GLU D 428 24.76 8.19 20.20
C GLU D 428 24.98 7.60 18.81
N ARG D 429 24.01 6.85 18.32
CA ARG D 429 24.02 6.29 16.97
C ARG D 429 23.85 7.39 15.91
N PHE D 430 22.99 8.34 16.17
CA PHE D 430 22.71 9.45 15.29
C PHE D 430 23.48 10.74 15.67
N GLU D 431 24.44 10.66 16.61
CA GLU D 431 25.26 11.82 16.94
C GLU D 431 26.09 12.28 15.73
N ARG D 432 25.76 13.47 15.28
CA ARG D 432 26.41 14.15 14.19
C ARG D 432 27.84 14.58 14.55
N ILE D 433 28.77 14.40 13.63
CA ILE D 433 30.18 14.78 13.85
C ILE D 433 30.34 16.29 13.98
N SER D 434 31.38 16.73 14.66
CA SER D 434 31.61 18.18 14.85
C SER D 434 33.07 18.48 15.10
N ILE D 435 33.42 19.76 14.96
CA ILE D 435 34.78 20.22 15.13
C ILE D 435 34.76 21.18 16.32
N PRO D 436 35.36 20.79 17.46
CA PRO D 436 35.31 21.71 18.62
C PRO D 436 36.08 23.01 18.35
N GLY D 437 35.53 24.12 18.82
CA GLY D 437 36.13 25.45 18.63
C GLY D 437 35.86 26.05 17.24
N LEU D 438 34.86 25.52 16.52
CA LEU D 438 34.53 26.01 15.21
C LEU D 438 33.91 27.42 15.23
N ASP D 439 33.00 27.65 16.15
CA ASP D 439 32.33 28.95 16.27
C ASP D 439 33.26 30.02 16.83
N LYS D 440 34.19 29.58 17.67
CA LYS D 440 35.25 30.45 18.19
C LYS D 440 36.26 30.92 17.10
N ILE D 441 36.57 30.07 16.13
CA ILE D 441 37.56 30.38 15.07
C ILE D 441 36.84 30.98 13.84
N LYS D 442 37.52 31.86 13.13
CA LYS D 442 36.93 32.60 12.04
C LYS D 442 37.99 32.76 10.93
N LEU D 443 37.65 32.32 9.71
CA LEU D 443 38.64 32.22 8.62
C LEU D 443 39.23 33.55 8.21
N ALA D 444 38.39 34.61 8.13
CA ALA D 444 38.86 35.94 7.69
C ALA D 444 40.02 36.50 8.54
N ASP D 445 40.09 36.09 9.82
CA ASP D 445 41.20 36.45 10.74
C ASP D 445 42.54 35.76 10.42
N TYR D 446 42.54 34.75 9.54
CA TYR D 446 43.74 33.94 9.25
C TYR D 446 44.34 34.11 7.83
N HIS E 3 31.54 -26.19 -39.75
CA HIS E 3 30.23 -26.26 -39.02
C HIS E 3 29.16 -25.31 -39.68
N SER E 4 28.28 -25.93 -40.48
CA SER E 4 27.18 -25.29 -41.21
C SER E 4 25.83 -25.94 -40.85
N LEU E 5 24.75 -25.52 -41.52
CA LEU E 5 23.42 -26.12 -41.30
C LEU E 5 23.38 -27.64 -41.60
N ARG E 6 23.84 -28.02 -42.79
CA ARG E 6 23.97 -29.46 -43.19
C ARG E 6 24.66 -30.28 -42.08
N GLU E 7 25.83 -29.83 -41.62
CA GLU E 7 26.59 -30.55 -40.57
C GLU E 7 25.76 -30.63 -39.28
N TRP E 8 25.02 -29.55 -38.98
CA TRP E 8 24.13 -29.50 -37.80
C TRP E 8 22.95 -30.48 -37.88
N LEU E 9 22.29 -30.56 -39.05
CA LEU E 9 21.17 -31.50 -39.23
C LEU E 9 21.63 -32.95 -39.09
N ALA E 10 22.83 -33.25 -39.56
CA ALA E 10 23.44 -34.57 -39.37
C ALA E 10 23.72 -34.86 -37.89
N PHE E 11 24.23 -33.86 -37.16
CA PHE E 11 24.45 -33.96 -35.72
C PHE E 11 23.14 -34.26 -35.00
N LEU E 12 22.09 -33.52 -35.34
CA LEU E 12 20.78 -33.77 -34.74
C LEU E 12 20.33 -35.20 -35.01
N GLU E 13 20.45 -35.61 -36.27
CA GLU E 13 20.02 -36.95 -36.66
C GLU E 13 20.79 -38.05 -35.93
N GLY E 14 22.08 -37.83 -35.70
CA GLY E 14 22.92 -38.75 -34.91
C GLY E 14 22.55 -38.86 -33.45
N LYS E 15 21.93 -37.80 -32.92
CA LYS E 15 21.49 -37.74 -31.55
C LYS E 15 20.01 -38.17 -31.40
N GLY E 16 19.33 -38.48 -32.50
CA GLY E 16 17.91 -38.86 -32.49
C GLY E 16 16.93 -37.72 -32.29
N LYS E 17 17.37 -36.49 -32.57
CA LYS E 17 16.58 -35.28 -32.35
C LYS E 17 16.13 -34.64 -33.69
N LEU E 18 16.19 -35.38 -34.78
CA LEU E 18 15.62 -34.96 -36.06
C LEU E 18 14.86 -36.13 -36.62
N LYS E 19 13.62 -35.89 -37.04
CA LYS E 19 12.78 -36.93 -37.61
C LYS E 19 12.27 -36.40 -38.94
N ARG E 20 12.05 -37.31 -39.87
CA ARG E 20 11.64 -36.96 -41.21
C ARG E 20 10.14 -37.20 -41.36
N VAL E 21 9.49 -36.34 -42.14
CA VAL E 21 8.09 -36.49 -42.45
C VAL E 21 8.01 -36.70 -43.94
N ARG E 22 7.79 -37.95 -44.31
CA ARG E 22 7.80 -38.38 -45.71
C ARG E 22 6.46 -38.11 -46.38
N LYS E 23 5.38 -38.16 -45.60
CA LYS E 23 4.04 -37.94 -46.13
C LYS E 23 3.90 -36.49 -46.60
N GLU E 24 3.06 -36.25 -47.60
CA GLU E 24 2.89 -34.89 -48.14
C GLU E 24 2.24 -34.01 -47.08
N VAL E 25 2.67 -32.76 -46.99
CA VAL E 25 2.11 -31.76 -46.04
C VAL E 25 1.89 -30.40 -46.72
N ASP E 26 0.79 -29.76 -46.36
CA ASP E 26 0.43 -28.45 -46.90
C ASP E 26 1.29 -27.39 -46.17
N PRO E 27 1.92 -26.45 -46.91
CA PRO E 27 2.59 -25.37 -46.20
C PRO E 27 1.63 -24.45 -45.42
N VAL E 28 0.39 -24.38 -45.88
CA VAL E 28 -0.64 -23.62 -45.18
C VAL E 28 -1.13 -24.44 -43.99
N PHE E 29 -0.64 -24.07 -42.81
CA PHE E 29 -1.09 -24.59 -41.50
C PHE E 29 -0.58 -25.98 -41.07
N GLU E 30 -0.49 -26.96 -41.98
CA GLU E 30 -0.08 -28.32 -41.59
C GLU E 30 1.36 -28.40 -41.07
N ILE E 31 2.26 -27.59 -41.64
CA ILE E 31 3.67 -27.58 -41.18
C ILE E 31 3.73 -27.06 -39.75
N ALA E 32 3.09 -25.91 -39.51
CA ALA E 32 3.01 -25.31 -38.18
C ALA E 32 2.35 -26.24 -37.17
N ALA E 33 1.26 -26.88 -37.60
CA ALA E 33 0.52 -27.81 -36.75
C ALA E 33 1.36 -29.00 -36.31
N LEU E 34 2.05 -29.63 -37.25
CA LEU E 34 2.90 -30.78 -36.94
C LEU E 34 4.09 -30.34 -36.12
N GLY E 35 4.70 -29.22 -36.49
CA GLY E 35 5.85 -28.68 -35.77
C GLY E 35 5.55 -28.36 -34.31
N LYS E 36 4.33 -27.90 -34.02
CA LYS E 36 3.94 -27.60 -32.66
C LYS E 36 3.94 -28.85 -31.76
N GLN E 37 3.61 -30.00 -32.34
CA GLN E 37 3.59 -31.26 -31.60
C GLN E 37 5.01 -31.79 -31.33
N ALA E 38 5.96 -31.39 -32.18
CA ALA E 38 7.38 -31.72 -31.99
C ALA E 38 8.14 -30.71 -31.11
N ASP E 39 7.51 -29.56 -30.83
CA ASP E 39 8.12 -28.44 -30.09
C ASP E 39 8.82 -28.88 -28.81
N GLY E 40 10.13 -28.65 -28.74
CA GLY E 40 10.94 -29.02 -27.58
C GLY E 40 11.47 -30.45 -27.58
N ILE E 41 10.93 -31.32 -28.44
CA ILE E 41 11.30 -32.73 -28.45
C ILE E 41 12.30 -32.97 -29.58
N CYS E 42 11.96 -32.54 -30.79
CA CYS E 42 12.81 -32.77 -31.95
C CYS E 42 12.53 -31.84 -33.13
N SER E 43 13.55 -31.71 -33.97
CA SER E 43 13.43 -31.07 -35.26
C SER E 43 12.65 -31.95 -36.22
N LEU E 44 11.91 -31.33 -37.13
CA LEU E 44 11.19 -32.03 -38.18
C LEU E 44 11.71 -31.58 -39.53
N LEU E 45 11.98 -32.55 -40.42
CA LEU E 45 12.33 -32.26 -41.80
C LEU E 45 11.21 -32.78 -42.68
N PHE E 46 10.46 -31.86 -43.27
CA PHE E 46 9.36 -32.18 -44.17
C PHE E 46 9.90 -32.42 -45.58
N GLU E 47 10.07 -33.69 -45.96
CA GLU E 47 10.66 -34.05 -47.25
C GLU E 47 9.75 -33.76 -48.45
N ARG E 48 8.44 -33.61 -48.22
CA ARG E 48 7.47 -33.47 -49.30
C ARG E 48 6.44 -32.38 -48.96
N VAL E 49 6.68 -31.18 -49.46
CA VAL E 49 5.79 -30.05 -49.22
C VAL E 49 4.97 -29.77 -50.48
N LYS E 50 3.65 -29.94 -50.37
CA LYS E 50 2.69 -29.77 -51.47
C LYS E 50 2.92 -28.48 -52.28
N GLY E 51 3.33 -28.68 -53.54
CA GLY E 51 3.58 -27.61 -54.51
C GLY E 51 5.05 -27.30 -54.79
N TYR E 52 5.98 -28.08 -54.21
CA TYR E 52 7.41 -27.70 -54.15
C TYR E 52 8.34 -28.88 -54.10
N ALA E 53 9.49 -28.73 -54.78
CA ALA E 53 10.61 -29.68 -54.67
C ALA E 53 11.39 -29.54 -53.34
N VAL E 54 11.45 -28.31 -52.84
CA VAL E 54 12.28 -27.93 -51.70
C VAL E 54 11.64 -28.43 -50.40
N PRO E 55 12.42 -29.12 -49.55
CA PRO E 55 11.91 -29.51 -48.24
C PRO E 55 12.01 -28.38 -47.23
N VAL E 56 11.25 -28.51 -46.15
CA VAL E 56 11.24 -27.52 -45.08
C VAL E 56 11.78 -28.18 -43.81
N VAL E 57 12.56 -27.42 -43.06
CA VAL E 57 13.04 -27.89 -41.78
C VAL E 57 12.57 -26.91 -40.70
N THR E 58 12.37 -27.42 -39.49
CA THR E 58 11.97 -26.58 -38.36
C THR E 58 12.44 -27.17 -37.04
N GLY E 59 12.70 -26.30 -36.08
CA GLY E 59 13.12 -26.73 -34.75
C GLY E 59 14.56 -27.19 -34.66
N LEU E 60 15.46 -26.46 -35.32
CA LEU E 60 16.92 -26.71 -35.28
C LEU E 60 17.49 -26.80 -33.89
N ALA E 61 16.93 -26.03 -32.95
CA ALA E 61 17.28 -26.16 -31.53
C ALA E 61 16.10 -25.78 -30.67
N GLY E 62 15.55 -26.76 -29.97
CA GLY E 62 14.36 -26.54 -29.14
C GLY E 62 14.60 -26.62 -27.66
N ASP E 63 15.85 -26.66 -27.24
CA ASP E 63 16.16 -26.70 -25.80
C ASP E 63 17.54 -26.15 -25.56
N ARG E 64 17.85 -25.82 -24.32
CA ARG E 64 19.07 -25.11 -24.05
C ARG E 64 20.34 -25.96 -24.20
N GLU E 65 20.20 -27.28 -24.04
CA GLU E 65 21.31 -28.23 -24.23
C GLU E 65 21.80 -28.22 -25.69
N LEU E 66 20.87 -28.14 -26.63
CA LEU E 66 21.21 -28.06 -28.06
C LEU E 66 21.80 -26.71 -28.46
N PHE E 67 21.36 -25.62 -27.84
CA PHE E 67 22.01 -24.33 -28.11
C PHE E 67 23.45 -24.31 -27.61
N ALA E 68 23.66 -24.95 -26.46
CA ALA E 68 24.99 -25.10 -25.88
C ALA E 68 25.88 -25.92 -26.80
N ALA E 69 25.33 -26.99 -27.36
CA ALA E 69 26.07 -27.81 -28.31
C ALA E 69 26.45 -27.00 -29.54
N ALA E 70 25.51 -26.19 -30.05
CA ALA E 70 25.76 -25.32 -31.19
C ALA E 70 26.85 -24.29 -30.94
N MSE E 71 27.10 -23.93 -29.68
CA MSE E 71 28.25 -23.08 -29.33
C MSE E 71 29.49 -23.83 -28.88
O MSE E 71 30.47 -23.18 -28.50
CB MSE E 71 27.82 -22.18 -28.20
CG MSE E 71 26.82 -21.16 -28.68
SE MSE E 71 26.35 -20.11 -27.07
CE MSE E 71 24.56 -20.94 -26.91
N SER E 72 29.46 -25.16 -28.93
CA SER E 72 30.56 -26.02 -28.45
C SER E 72 30.93 -25.76 -26.98
N VAL E 73 29.91 -25.75 -26.13
CA VAL E 73 30.09 -25.67 -24.69
C VAL E 73 29.09 -26.52 -23.94
N PRO E 74 29.44 -26.85 -22.69
CA PRO E 74 28.41 -27.36 -21.80
C PRO E 74 27.41 -26.25 -21.44
N VAL E 75 26.18 -26.66 -21.16
CA VAL E 75 25.09 -25.74 -20.77
C VAL E 75 25.53 -24.76 -19.68
N GLU E 76 26.14 -25.28 -18.62
CA GLU E 76 26.58 -24.45 -17.48
C GLU E 76 27.54 -23.30 -17.84
N GLY E 77 28.24 -23.36 -18.98
CA GLY E 77 29.09 -22.25 -19.43
C GLY E 77 28.61 -21.48 -20.67
N MSE E 78 27.36 -21.72 -21.07
CA MSE E 78 26.75 -21.11 -22.25
C MSE E 78 26.58 -19.60 -22.25
O MSE E 78 26.81 -18.94 -23.26
CB MSE E 78 25.36 -21.70 -22.34
CG MSE E 78 24.62 -21.26 -23.58
SE MSE E 78 22.89 -22.19 -23.64
CE MSE E 78 22.45 -22.42 -21.74
N LEU E 79 26.08 -19.04 -21.16
CA LEU E 79 25.90 -17.60 -21.06
C LEU E 79 27.23 -16.87 -21.02
N GLU E 80 28.23 -17.47 -20.37
CA GLU E 80 29.56 -16.88 -20.27
C GLU E 80 30.23 -16.79 -21.64
N LYS E 81 30.11 -17.85 -22.44
CA LYS E 81 30.63 -17.87 -23.81
C LYS E 81 29.96 -16.90 -24.77
N LEU E 82 28.64 -16.74 -24.67
CA LEU E 82 27.94 -15.77 -25.51
C LEU E 82 28.40 -14.35 -25.17
N ALA E 83 28.49 -14.05 -23.88
CA ALA E 83 29.04 -12.77 -23.45
C ALA E 83 30.48 -12.54 -23.92
N ALA E 84 31.29 -13.60 -23.88
CA ALA E 84 32.70 -13.52 -24.33
C ALA E 84 32.80 -13.25 -25.83
N ALA E 85 31.90 -13.87 -26.61
CA ALA E 85 31.85 -13.66 -28.05
C ALA E 85 31.45 -12.23 -28.43
N VAL E 86 30.60 -11.61 -27.63
CA VAL E 86 30.21 -10.23 -27.84
C VAL E 86 31.36 -9.27 -27.52
N GLU E 87 32.10 -9.55 -26.45
CA GLU E 87 33.26 -8.71 -26.08
C GLU E 87 34.47 -8.86 -27.03
N ASN E 88 34.70 -10.06 -27.55
CA ASN E 88 35.81 -10.32 -28.47
C ASN E 88 35.31 -10.92 -29.78
N PRO E 89 34.71 -10.08 -30.65
CA PRO E 89 34.34 -10.58 -31.96
C PRO E 89 35.59 -10.94 -32.77
N VAL E 90 35.43 -11.88 -33.68
CA VAL E 90 36.51 -12.42 -34.50
C VAL E 90 36.12 -12.11 -35.96
N PRO E 91 37.06 -11.60 -36.77
CA PRO E 91 36.66 -11.31 -38.16
C PRO E 91 36.28 -12.54 -39.01
N CYS E 92 35.53 -12.26 -40.07
CA CYS E 92 35.08 -13.29 -41.01
C CYS E 92 36.10 -13.41 -42.12
N ARG E 93 35.92 -14.37 -43.03
CA ARG E 93 36.80 -14.50 -44.19
C ARG E 93 35.95 -14.29 -45.42
N LEU E 94 36.32 -13.32 -46.24
CA LEU E 94 35.73 -13.16 -47.56
C LEU E 94 36.27 -14.30 -48.44
N VAL E 95 35.40 -14.86 -49.27
CA VAL E 95 35.70 -16.06 -50.06
C VAL E 95 35.22 -15.79 -51.49
N SER E 96 35.81 -16.48 -52.45
CA SER E 96 35.49 -16.29 -53.88
C SER E 96 34.07 -16.81 -54.21
N PRO E 97 33.30 -16.07 -55.06
CA PRO E 97 31.96 -16.50 -55.49
C PRO E 97 31.89 -17.91 -56.08
N ASP E 98 32.84 -18.29 -56.91
CA ASP E 98 32.84 -19.65 -57.51
C ASP E 98 33.28 -20.69 -56.46
N GLY E 99 32.56 -21.79 -56.37
CA GLY E 99 32.78 -22.79 -55.31
C GLY E 99 31.91 -22.60 -54.06
N ALA E 100 31.57 -21.33 -53.74
CA ALA E 100 30.66 -20.97 -52.63
C ALA E 100 29.25 -21.52 -52.81
N PRO E 101 28.83 -22.47 -51.93
CA PRO E 101 27.58 -23.21 -52.18
C PRO E 101 26.31 -22.37 -52.43
N VAL E 102 26.21 -21.20 -51.80
CA VAL E 102 25.02 -20.36 -51.95
C VAL E 102 24.88 -19.74 -53.35
N LYS E 103 25.98 -19.77 -54.13
CA LYS E 103 26.00 -19.26 -55.51
C LYS E 103 25.74 -20.30 -56.61
N GLU E 104 25.54 -21.56 -56.23
CA GLU E 104 25.22 -22.62 -57.19
C GLU E 104 24.07 -22.31 -58.15
N CYS E 105 23.02 -21.61 -57.70
CA CYS E 105 21.91 -21.17 -58.58
C CYS E 105 21.60 -19.70 -58.35
N ILE E 106 21.95 -18.84 -59.31
CA ILE E 106 21.61 -17.40 -59.25
C ILE E 106 20.27 -17.23 -59.97
N ILE E 107 19.46 -16.27 -59.55
CA ILE E 107 18.16 -15.98 -60.18
C ILE E 107 17.93 -14.47 -60.09
N ARG E 108 17.93 -13.81 -61.25
CA ARG E 108 17.80 -12.34 -61.34
C ARG E 108 16.55 -11.87 -62.05
N GLU E 109 15.72 -12.78 -62.55
CA GLU E 109 14.58 -12.39 -63.37
C GLU E 109 13.38 -13.27 -63.10
N ASN E 110 12.20 -12.69 -63.29
CA ASN E 110 10.92 -13.35 -63.02
C ASN E 110 10.91 -13.90 -61.60
N ILE E 111 11.29 -13.05 -60.64
CA ILE E 111 11.41 -13.48 -59.25
C ILE E 111 10.00 -13.59 -58.69
N ASP E 112 9.62 -14.80 -58.26
CA ASP E 112 8.32 -15.08 -57.66
C ASP E 112 8.59 -16.01 -56.47
N LEU E 113 8.68 -15.42 -55.28
CA LEU E 113 9.15 -16.13 -54.08
C LEU E 113 8.25 -17.29 -53.69
N LEU E 114 6.94 -17.07 -53.69
CA LEU E 114 6.00 -18.15 -53.41
C LEU E 114 6.08 -19.30 -54.40
N LYS E 115 6.37 -19.01 -55.67
CA LYS E 115 6.62 -20.04 -56.69
C LYS E 115 7.77 -20.99 -56.32
N MSE E 116 8.89 -20.42 -55.85
CA MSE E 116 10.17 -21.17 -55.69
C MSE E 116 10.39 -21.74 -54.30
O MSE E 116 11.05 -22.78 -54.17
CB MSE E 116 11.44 -20.38 -55.95
CG MSE E 116 11.19 -18.92 -56.32
SE MSE E 116 12.84 -17.93 -56.80
CE MSE E 116 14.23 -19.20 -56.11
N LEU E 117 9.91 -21.04 -53.28
CA LEU E 117 10.16 -21.39 -51.88
C LEU E 117 8.87 -21.75 -51.15
N PRO E 118 8.89 -22.82 -50.33
CA PRO E 118 7.73 -23.31 -49.58
C PRO E 118 7.47 -22.52 -48.28
N ILE E 119 7.14 -21.24 -48.46
CA ILE E 119 7.03 -20.30 -47.36
C ILE E 119 5.73 -20.58 -46.63
N PRO E 120 5.80 -21.06 -45.36
CA PRO E 120 4.56 -21.46 -44.70
C PRO E 120 3.68 -20.31 -44.25
N THR E 121 2.43 -20.66 -44.00
CA THR E 121 1.47 -19.80 -43.33
C THR E 121 1.20 -20.49 -41.99
N HIS E 122 1.48 -19.79 -40.90
CA HIS E 122 1.67 -20.46 -39.60
C HIS E 122 0.42 -20.46 -38.72
N HIS E 123 -0.11 -19.28 -38.40
CA HIS E 123 -1.23 -19.16 -37.49
C HIS E 123 -2.48 -18.56 -38.18
N ALA E 124 -3.65 -18.91 -37.64
CA ALA E 124 -4.97 -18.63 -38.23
C ALA E 124 -5.14 -17.20 -38.71
N GLY E 125 -4.83 -16.25 -37.84
CA GLY E 125 -5.02 -14.83 -38.13
C GLY E 125 -3.89 -14.15 -38.89
N ASP E 126 -2.91 -14.90 -39.38
CA ASP E 126 -1.78 -14.29 -40.11
C ASP E 126 -2.26 -13.73 -41.43
N ALA E 127 -1.76 -12.57 -41.80
CA ALA E 127 -2.13 -11.91 -43.06
C ALA E 127 -1.72 -12.68 -44.30
N GLY E 128 -0.77 -13.60 -44.15
CA GLY E 128 -0.36 -14.46 -45.26
C GLY E 128 0.82 -15.33 -44.92
N PRO E 129 1.55 -15.81 -45.94
CA PRO E 129 2.81 -16.51 -45.73
C PRO E 129 3.91 -15.57 -45.25
N TYR E 130 4.71 -16.05 -44.31
CA TYR E 130 5.76 -15.26 -43.67
C TYR E 130 7.09 -16.00 -43.69
N ILE E 131 8.17 -15.27 -43.98
CA ILE E 131 9.51 -15.79 -43.85
C ILE E 131 9.95 -15.41 -42.44
N THR E 132 10.23 -16.42 -41.64
CA THR E 132 10.43 -16.26 -40.19
C THR E 132 11.85 -16.45 -39.71
N ALA E 133 12.71 -17.07 -40.53
CA ALA E 133 14.06 -17.46 -40.10
C ALA E 133 15.20 -16.83 -40.92
N ALA E 134 14.95 -15.67 -41.52
CA ALA E 134 15.96 -15.01 -42.33
C ALA E 134 16.73 -14.00 -41.50
N ILE E 135 18.06 -14.19 -41.37
CA ILE E 135 18.91 -13.12 -40.85
C ILE E 135 18.99 -12.03 -41.92
N LEU E 136 18.91 -10.78 -41.48
CA LEU E 136 18.96 -9.64 -42.37
C LEU E 136 20.26 -8.89 -42.10
N ILE E 137 21.08 -8.76 -43.14
CA ILE E 137 22.36 -8.06 -43.07
C ILE E 137 22.28 -6.72 -43.79
N ALA E 138 22.86 -5.69 -43.19
CA ALA E 138 22.87 -4.35 -43.77
C ALA E 138 24.05 -3.54 -43.25
N ARG E 139 24.51 -2.58 -44.05
CA ARG E 139 25.59 -1.66 -43.65
C ARG E 139 25.00 -0.30 -43.36
N ASP E 140 25.63 0.42 -42.44
CA ASP E 140 25.33 1.84 -42.20
C ASP E 140 25.69 2.63 -43.47
N PRO E 141 24.76 3.45 -44.01
CA PRO E 141 25.11 4.29 -45.17
C PRO E 141 26.30 5.26 -44.97
N ASP E 142 26.48 5.77 -43.74
CA ASP E 142 27.62 6.67 -43.43
C ASP E 142 28.88 5.87 -43.08
N SER E 143 28.90 5.22 -41.93
CA SER E 143 30.13 4.52 -41.46
C SER E 143 30.49 3.24 -42.22
N GLY E 144 29.53 2.63 -42.92
CA GLY E 144 29.78 1.37 -43.66
C GLY E 144 29.84 0.09 -42.83
N VAL E 145 29.75 0.17 -41.50
CA VAL E 145 29.83 -1.04 -40.65
C VAL E 145 28.49 -1.78 -40.66
N ARG E 146 28.54 -3.11 -40.56
CA ARG E 146 27.33 -3.90 -40.76
C ARG E 146 26.69 -4.45 -39.49
N ASN E 147 25.39 -4.74 -39.64
CA ASN E 147 24.52 -5.20 -38.57
C ASN E 147 23.76 -6.41 -39.06
N VAL E 148 23.40 -7.27 -38.12
CA VAL E 148 22.56 -8.44 -38.39
C VAL E 148 21.41 -8.44 -37.38
N SER E 149 20.20 -8.70 -37.89
CA SER E 149 19.02 -8.87 -37.04
C SER E 149 18.05 -9.75 -37.78
N ILE E 150 17.08 -10.30 -37.08
CA ILE E 150 16.05 -11.13 -37.71
C ILE E 150 14.74 -10.36 -37.69
N HIS E 151 14.02 -10.37 -38.82
CA HIS E 151 12.76 -9.65 -38.94
C HIS E 151 11.79 -10.48 -39.71
N ARG E 152 10.53 -10.49 -39.25
CA ARG E 152 9.47 -11.17 -39.98
C ARG E 152 9.21 -10.48 -41.31
N LEU E 153 8.95 -11.27 -42.34
CA LEU E 153 8.79 -10.78 -43.70
C LEU E 153 7.54 -11.39 -44.26
N GLN E 154 6.49 -10.57 -44.38
CA GLN E 154 5.27 -10.97 -45.05
C GLN E 154 5.51 -10.98 -46.55
N VAL E 155 5.11 -12.07 -47.21
CA VAL E 155 5.15 -12.13 -48.67
C VAL E 155 3.90 -11.40 -49.19
N THR E 156 4.10 -10.20 -49.75
CA THR E 156 3.01 -9.35 -50.29
C THR E 156 2.99 -9.31 -51.82
N GLY E 157 3.94 -9.97 -52.47
CA GLY E 157 3.99 -10.08 -53.93
C GLY E 157 5.06 -11.05 -54.39
N PRO E 158 5.18 -11.25 -55.71
CA PRO E 158 6.28 -12.08 -56.24
C PRO E 158 7.68 -11.59 -55.79
N ASP E 159 7.94 -10.29 -55.95
CA ASP E 159 9.25 -9.70 -55.61
C ASP E 159 9.17 -8.69 -54.45
N ARG E 160 8.26 -8.92 -53.50
CA ARG E 160 7.89 -7.87 -52.52
C ARG E 160 7.55 -8.43 -51.14
N LEU E 161 8.20 -7.87 -50.12
CA LEU E 161 8.01 -8.29 -48.73
C LEU E 161 7.69 -7.09 -47.84
N GLY E 162 6.72 -7.25 -46.94
CA GLY E 162 6.50 -6.30 -45.83
C GLY E 162 7.42 -6.67 -44.68
N ILE E 163 7.94 -5.69 -43.96
CA ILE E 163 8.91 -5.96 -42.89
C ILE E 163 8.58 -5.15 -41.64
N LEU E 164 8.63 -5.82 -40.47
CA LEU E 164 8.56 -5.15 -39.17
C LEU E 164 9.96 -4.77 -38.74
N ILE E 165 10.22 -3.49 -38.62
CA ILE E 165 11.46 -2.97 -38.08
C ILE E 165 11.16 -2.24 -36.78
N LEU E 166 11.43 -2.90 -35.65
CA LEU E 166 11.38 -2.23 -34.33
C LEU E 166 12.57 -1.27 -34.25
N PRO E 167 12.47 -0.24 -33.39
CA PRO E 167 13.49 0.80 -33.34
C PRO E 167 14.82 0.42 -32.65
N ARG E 168 15.64 -0.38 -33.32
CA ARG E 168 17.00 -0.67 -32.85
C ARG E 168 17.95 -0.35 -34.03
N HIS E 169 18.90 -1.22 -34.37
CA HIS E 169 19.98 -0.83 -35.26
C HIS E 169 19.56 -0.76 -36.73
N LEU E 170 18.74 -1.69 -37.20
CA LEU E 170 18.30 -1.62 -38.59
C LEU E 170 17.50 -0.35 -38.81
N TRP E 171 16.69 0.05 -37.83
CA TRP E 171 15.90 1.28 -37.93
C TRP E 171 16.79 2.53 -38.05
N HIS E 172 17.86 2.55 -37.27
CA HIS E 172 18.84 3.65 -37.31
C HIS E 172 19.43 3.80 -38.72
N PHE E 173 19.82 2.68 -39.32
CA PHE E 173 20.36 2.65 -40.68
C PHE E 173 19.30 3.12 -41.66
N PHE E 174 18.12 2.54 -41.56
CA PHE E 174 17.02 2.85 -42.46
C PHE E 174 16.64 4.34 -42.43
N GLY E 175 16.62 4.92 -41.23
CA GLY E 175 16.35 6.35 -41.06
C GLY E 175 17.32 7.24 -41.82
N LYS E 176 18.61 6.90 -41.76
CA LYS E 176 19.65 7.65 -42.50
C LYS E 176 19.41 7.59 -44.01
N ALA E 177 19.20 6.38 -44.50
CA ALA E 177 18.89 6.17 -45.91
C ALA E 177 17.60 6.88 -46.32
N GLU E 178 16.58 6.82 -45.47
CA GLU E 178 15.27 7.37 -45.84
C GLU E 178 15.26 8.89 -45.93
N ARG E 179 15.88 9.56 -44.97
CA ARG E 179 15.90 11.02 -44.99
C ARG E 179 16.97 11.60 -45.94
N ALA E 180 17.77 10.74 -46.56
CA ALA E 180 18.57 11.10 -47.75
C ALA E 180 17.93 10.60 -49.09
N GLY E 181 16.61 10.32 -49.08
CA GLY E 181 15.87 9.91 -50.27
C GLY E 181 16.21 8.58 -50.94
N ARG E 182 17.03 7.76 -50.29
CA ARG E 182 17.69 6.61 -50.91
C ARG E 182 17.24 5.27 -50.28
N PRO E 183 17.18 4.17 -51.07
CA PRO E 183 16.87 2.88 -50.45
C PRO E 183 18.03 2.32 -49.60
N LEU E 184 17.73 1.44 -48.65
CA LEU E 184 18.76 0.74 -47.87
C LEU E 184 18.95 -0.66 -48.43
N GLU E 185 20.18 -0.98 -48.83
CA GLU E 185 20.48 -2.29 -49.42
C GLU E 185 20.60 -3.33 -48.31
N ILE E 186 19.93 -4.46 -48.52
CA ILE E 186 19.96 -5.56 -47.55
C ILE E 186 20.13 -6.90 -48.24
N ALA E 187 20.46 -7.89 -47.43
CA ALA E 187 20.49 -9.26 -47.87
C ALA E 187 19.93 -10.15 -46.75
N LEU E 188 19.14 -11.13 -47.14
CA LEU E 188 18.49 -12.02 -46.22
C LEU E 188 19.10 -13.39 -46.44
N ALA E 189 19.66 -14.00 -45.40
CA ALA E 189 20.15 -15.38 -45.49
C ALA E 189 19.25 -16.31 -44.70
N ILE E 190 18.79 -17.39 -45.35
CA ILE E 190 17.92 -18.41 -44.75
C ILE E 190 18.64 -19.74 -44.78
N GLY E 191 18.58 -20.47 -43.68
CA GLY E 191 19.26 -21.75 -43.55
C GLY E 191 20.71 -21.54 -43.18
N VAL E 192 20.93 -21.11 -41.94
CA VAL E 192 22.28 -20.95 -41.38
C VAL E 192 22.38 -21.74 -40.07
N HIS E 193 23.61 -21.92 -39.62
CA HIS E 193 23.91 -22.66 -38.39
C HIS E 193 23.28 -21.90 -37.19
N PRO E 194 22.81 -22.63 -36.16
CA PRO E 194 22.15 -21.93 -35.04
C PRO E 194 22.98 -20.87 -34.29
N ALA E 195 24.28 -21.11 -34.13
CA ALA E 195 25.19 -20.08 -33.62
C ALA E 195 25.05 -18.73 -34.34
N VAL E 196 24.86 -18.76 -35.66
CA VAL E 196 24.69 -17.53 -36.46
C VAL E 196 23.38 -16.84 -36.11
N LEU E 197 22.30 -17.61 -36.03
CA LEU E 197 20.99 -17.07 -35.62
C LEU E 197 21.08 -16.46 -34.24
N LEU E 198 21.71 -17.19 -33.32
CA LEU E 198 21.86 -16.73 -31.95
C LEU E 198 22.64 -15.42 -31.88
N ALA E 199 23.66 -15.29 -32.71
CA ALA E 199 24.46 -14.07 -32.77
C ALA E 199 23.67 -12.88 -33.31
N SER E 200 22.72 -13.11 -34.22
CA SER E 200 21.88 -12.04 -34.71
C SER E 200 21.07 -11.39 -33.61
N GLN E 201 20.80 -12.15 -32.54
CA GLN E 201 20.11 -11.65 -31.35
C GLN E 201 21.00 -11.01 -30.31
N ALA E 202 22.30 -11.03 -30.49
CA ALA E 202 23.21 -10.40 -29.53
C ALA E 202 22.89 -8.92 -29.50
N THR E 203 22.89 -8.39 -28.29
CA THR E 203 22.41 -7.04 -28.07
C THR E 203 23.61 -6.25 -27.55
N THR E 204 24.04 -5.27 -28.35
CA THR E 204 25.39 -4.67 -28.21
C THR E 204 25.42 -3.17 -28.49
N ARG E 205 26.60 -2.59 -28.25
CA ARG E 205 26.96 -1.25 -28.73
C ARG E 205 26.65 -1.11 -30.25
N LEU E 206 26.47 0.13 -30.72
CA LEU E 206 26.08 0.39 -32.13
C LEU E 206 27.12 -0.05 -33.17
N GLY E 207 28.41 -0.04 -32.81
CA GLY E 207 29.46 -0.36 -33.76
C GLY E 207 29.63 -1.79 -34.26
N VAL E 208 29.09 -2.79 -33.55
CA VAL E 208 29.64 -4.16 -33.67
C VAL E 208 28.87 -5.09 -34.62
N ASP E 209 29.65 -5.83 -35.39
CA ASP E 209 29.19 -6.72 -36.43
C ASP E 209 28.85 -8.10 -35.83
N GLU E 210 27.57 -8.46 -35.88
CA GLU E 210 27.14 -9.74 -35.32
C GLU E 210 27.62 -10.97 -36.08
N LEU E 211 27.99 -10.81 -37.35
CA LEU E 211 28.65 -11.91 -38.08
C LEU E 211 29.98 -12.20 -37.42
N GLU E 212 30.65 -11.18 -36.92
CA GLU E 212 31.91 -11.37 -36.21
C GLU E 212 31.67 -12.00 -34.82
N ILE E 213 30.53 -11.73 -34.22
CA ILE E 213 30.12 -12.44 -32.99
C ILE E 213 29.85 -13.91 -33.30
N ALA E 214 29.19 -14.16 -34.42
CA ALA E 214 28.92 -15.53 -34.86
C ALA E 214 30.20 -16.29 -35.09
N SER E 215 31.18 -15.68 -35.74
CA SER E 215 32.40 -16.42 -36.03
C SER E 215 33.27 -16.66 -34.78
N ALA E 216 33.13 -15.86 -33.72
CA ALA E 216 33.69 -16.21 -32.40
C ALA E 216 32.97 -17.42 -31.77
N LEU E 217 31.67 -17.56 -32.01
CA LEU E 217 30.90 -18.70 -31.50
C LEU E 217 31.17 -20.03 -32.20
N LEU E 218 31.39 -19.98 -33.51
CA LEU E 218 31.71 -21.18 -34.28
C LEU E 218 33.16 -21.61 -34.06
N PRO E 219 33.50 -22.88 -34.36
CA PRO E 219 34.92 -23.30 -34.22
C PRO E 219 35.85 -22.69 -35.28
N GLN E 220 35.42 -22.68 -36.56
CA GLN E 220 36.16 -21.99 -37.63
C GLN E 220 35.49 -20.61 -37.84
N PRO E 221 36.27 -19.60 -38.29
CA PRO E 221 35.63 -18.38 -38.77
C PRO E 221 34.62 -18.58 -39.90
N LEU E 222 33.73 -17.62 -40.02
CA LEU E 222 32.56 -17.77 -40.86
C LEU E 222 32.94 -17.31 -42.25
N GLU E 223 32.74 -18.16 -43.25
CA GLU E 223 33.09 -17.79 -44.63
C GLU E 223 31.96 -16.95 -45.24
N LEU E 224 32.31 -15.77 -45.77
CA LEU E 224 31.35 -14.88 -46.44
C LEU E 224 31.63 -14.70 -47.92
N VAL E 225 30.64 -14.23 -48.66
CA VAL E 225 30.75 -14.03 -50.09
C VAL E 225 29.98 -12.78 -50.49
N LYS E 226 30.50 -12.03 -51.46
CA LYS E 226 29.84 -10.81 -51.90
C LYS E 226 28.52 -11.12 -52.63
N CYS E 227 27.56 -10.22 -52.49
CA CYS E 227 26.25 -10.37 -53.16
C CYS E 227 26.30 -9.94 -54.62
N GLU E 228 25.34 -10.45 -55.39
CA GLU E 228 25.19 -10.15 -56.82
C GLU E 228 24.79 -8.69 -57.09
N THR E 229 23.73 -8.24 -56.43
CA THR E 229 23.10 -6.96 -56.76
C THR E 229 23.18 -5.89 -55.66
N VAL E 230 23.88 -6.16 -54.56
CA VAL E 230 23.94 -5.20 -53.43
C VAL E 230 25.31 -5.23 -52.76
N ASP E 231 25.75 -4.11 -52.21
CA ASP E 231 27.10 -4.06 -51.57
C ASP E 231 27.04 -4.61 -50.13
N VAL E 232 26.79 -5.91 -50.06
CA VAL E 232 26.58 -6.62 -48.79
C VAL E 232 27.11 -8.05 -48.97
N GLU E 233 27.70 -8.58 -47.90
CA GLU E 233 28.28 -9.92 -47.90
C GLU E 233 27.28 -10.81 -47.18
N VAL E 234 27.21 -12.08 -47.57
CA VAL E 234 26.34 -13.05 -46.91
C VAL E 234 27.12 -14.33 -46.65
N PRO E 235 26.64 -15.17 -45.71
CA PRO E 235 27.35 -16.42 -45.48
C PRO E 235 27.35 -17.28 -46.73
N ALA E 236 28.53 -17.70 -47.14
CA ALA E 236 28.71 -18.49 -48.37
C ALA E 236 28.05 -19.85 -48.27
N GLY E 237 27.92 -20.37 -47.04
CA GLY E 237 27.30 -21.68 -46.81
C GLY E 237 25.77 -21.71 -46.64
N ALA E 238 25.13 -20.54 -46.68
CA ALA E 238 23.68 -20.46 -46.50
C ALA E 238 22.95 -21.30 -47.53
N GLU E 239 21.74 -21.77 -47.20
CA GLU E 239 20.93 -22.50 -48.15
C GLU E 239 20.35 -21.55 -49.18
N ILE E 240 19.80 -20.42 -48.74
CA ILE E 240 19.08 -19.48 -49.60
C ILE E 240 19.47 -18.06 -49.21
N VAL E 241 19.62 -17.18 -50.19
CA VAL E 241 19.86 -15.74 -49.95
C VAL E 241 18.92 -14.92 -50.83
N ILE E 242 18.33 -13.87 -50.25
CA ILE E 242 17.42 -13.00 -50.94
C ILE E 242 17.99 -11.60 -50.82
N GLU E 243 18.42 -11.07 -51.95
CA GLU E 243 19.01 -9.73 -52.00
C GLU E 243 17.88 -8.78 -52.30
N GLY E 244 17.92 -7.61 -51.69
CA GLY E 244 16.86 -6.64 -51.89
C GLY E 244 17.22 -5.29 -51.38
N LYS E 245 16.20 -4.44 -51.26
CA LYS E 245 16.39 -3.11 -50.72
C LYS E 245 15.10 -2.64 -50.05
N ILE E 246 15.24 -1.90 -48.96
CA ILE E 246 14.09 -1.37 -48.24
C ILE E 246 13.78 -0.02 -48.88
N LEU E 247 12.59 0.12 -49.45
CA LEU E 247 12.23 1.32 -50.23
C LEU E 247 11.96 2.54 -49.33
N PRO E 248 12.51 3.71 -49.71
CA PRO E 248 12.36 4.92 -48.90
C PRO E 248 11.00 5.59 -49.14
N GLY E 249 10.36 6.06 -48.06
CA GLY E 249 9.08 6.76 -48.16
C GLY E 249 7.84 5.89 -48.35
N VAL E 250 8.02 4.60 -48.65
CA VAL E 250 6.89 3.71 -48.88
C VAL E 250 6.52 3.01 -47.57
N ARG E 251 5.21 3.02 -47.27
CA ARG E 251 4.64 2.23 -46.19
C ARG E 251 3.42 1.45 -46.71
N GLU E 252 3.41 0.15 -46.48
CA GLU E 252 2.27 -0.71 -46.82
C GLU E 252 1.89 -1.52 -45.59
N VAL E 253 0.61 -1.85 -45.50
CA VAL E 253 0.07 -2.57 -44.34
C VAL E 253 0.72 -3.96 -44.21
N GLU E 254 1.37 -4.20 -43.08
CA GLU E 254 1.99 -5.48 -42.75
C GLU E 254 1.27 -6.05 -41.55
N GLY E 255 1.07 -7.36 -41.54
CA GLY E 255 0.40 -8.04 -40.45
C GLY E 255 -1.12 -8.02 -40.58
N PRO E 256 -1.84 -8.58 -39.61
CA PRO E 256 -1.29 -9.12 -38.36
C PRO E 256 -0.53 -10.45 -38.50
N PHE E 257 0.11 -10.86 -37.42
CA PHE E 257 0.97 -12.03 -37.39
C PHE E 257 1.01 -12.58 -35.97
N GLY E 258 0.90 -13.90 -35.84
CA GLY E 258 0.99 -14.56 -34.53
C GLY E 258 2.42 -14.45 -34.04
N GLU E 259 2.60 -13.87 -32.84
CA GLU E 259 3.92 -13.54 -32.33
C GLU E 259 4.34 -14.35 -31.10
N TYR E 260 5.54 -14.07 -30.60
CA TYR E 260 6.16 -14.79 -29.48
C TYR E 260 5.29 -15.01 -28.23
N PRO E 261 4.41 -14.05 -27.87
CA PRO E 261 3.66 -14.26 -26.63
C PRO E 261 2.32 -14.99 -26.81
N ARG E 262 2.15 -15.68 -27.93
CA ARG E 262 0.91 -16.38 -28.25
C ARG E 262 -0.27 -15.38 -28.42
N TYR E 263 0.01 -14.15 -28.86
CA TYR E 263 -1.03 -13.18 -29.29
C TYR E 263 -0.66 -12.61 -30.66
N TYR E 264 -1.60 -11.94 -31.31
CA TYR E 264 -1.35 -11.43 -32.66
C TYR E 264 -0.70 -10.06 -32.57
N GLY E 265 0.41 -9.88 -33.25
CA GLY E 265 0.98 -8.56 -33.44
C GLY E 265 0.06 -7.77 -34.34
N PRO E 266 -0.33 -6.55 -33.92
CA PRO E 266 -1.33 -5.83 -34.74
C PRO E 266 -0.80 -5.40 -36.10
N ALA E 267 -1.72 -5.34 -37.06
CA ALA E 267 -1.43 -4.84 -38.41
C ALA E 267 -1.14 -3.33 -38.35
N ALA E 268 -0.25 -2.87 -39.21
CA ALA E 268 0.04 -1.43 -39.34
C ALA E 268 0.81 -1.16 -40.62
N PRO E 269 0.79 0.11 -41.11
CA PRO E 269 1.65 0.48 -42.25
C PRO E 269 3.12 0.50 -41.86
N ARG E 270 3.94 -0.31 -42.57
CA ARG E 270 5.38 -0.48 -42.29
C ARG E 270 6.19 -0.61 -43.59
N PRO E 271 7.54 -0.52 -43.49
CA PRO E 271 8.40 -0.56 -44.67
C PRO E 271 8.25 -1.77 -45.56
N VAL E 272 8.81 -1.64 -46.77
CA VAL E 272 8.67 -2.63 -47.85
C VAL E 272 10.04 -2.98 -48.43
N VAL E 273 10.27 -4.28 -48.63
CA VAL E 273 11.48 -4.78 -49.29
C VAL E 273 11.12 -5.14 -50.74
N GLU E 274 11.91 -4.65 -51.69
CA GLU E 274 11.84 -5.08 -53.09
C GLU E 274 13.01 -6.00 -53.33
N VAL E 275 12.75 -7.24 -53.79
CA VAL E 275 13.85 -8.20 -53.93
C VAL E 275 14.41 -8.10 -55.36
N THR E 276 15.74 -7.97 -55.44
CA THR E 276 16.47 -7.79 -56.69
C THR E 276 17.17 -9.06 -57.17
N ALA E 277 17.33 -10.06 -56.30
CA ALA E 277 17.88 -11.35 -56.69
C ALA E 277 17.65 -12.40 -55.62
N VAL E 278 17.70 -13.66 -56.02
CA VAL E 278 17.66 -14.80 -55.12
C VAL E 278 18.77 -15.75 -55.51
N THR E 279 19.56 -16.23 -54.55
CA THR E 279 20.62 -17.21 -54.85
C THR E 279 20.45 -18.37 -53.88
N HIS E 280 20.81 -19.57 -54.28
CA HIS E 280 20.65 -20.73 -53.39
C HIS E 280 21.50 -21.91 -53.80
N ARG E 281 21.62 -22.87 -52.91
CA ARG E 281 22.27 -24.14 -53.23
C ARG E 281 21.41 -24.98 -54.16
N ARG E 282 22.03 -25.94 -54.86
CA ARG E 282 21.27 -27.00 -55.56
C ARG E 282 20.67 -27.90 -54.49
N GLN E 283 19.39 -28.24 -54.65
CA GLN E 283 18.58 -28.88 -53.58
C GLN E 283 18.75 -28.16 -52.25
N PRO E 284 18.18 -26.95 -52.14
CA PRO E 284 18.25 -26.20 -50.89
C PRO E 284 17.24 -26.74 -49.86
N VAL E 285 17.51 -26.48 -48.59
CA VAL E 285 16.58 -26.76 -47.49
C VAL E 285 16.05 -25.44 -46.95
N TYR E 286 14.73 -25.27 -46.92
CA TYR E 286 14.10 -24.05 -46.35
C TYR E 286 13.89 -24.23 -44.84
N HIS E 287 14.42 -23.27 -44.07
CA HIS E 287 14.23 -23.24 -42.62
C HIS E 287 13.12 -22.26 -42.26
N THR E 288 12.13 -22.74 -41.51
CA THR E 288 11.13 -21.86 -40.89
C THR E 288 11.21 -22.01 -39.37
N ILE E 289 11.03 -20.88 -38.67
CA ILE E 289 10.83 -20.87 -37.23
C ILE E 289 9.34 -20.65 -36.99
N ILE E 290 8.70 -21.60 -36.32
CA ILE E 290 7.30 -21.51 -35.97
C ILE E 290 7.18 -20.53 -34.80
N PRO E 291 6.37 -19.45 -34.97
CA PRO E 291 6.28 -18.48 -33.89
C PRO E 291 5.77 -19.07 -32.58
N ALA E 292 6.33 -18.59 -31.48
CA ALA E 292 6.06 -19.10 -30.12
C ALA E 292 6.63 -20.47 -29.80
N SER E 293 7.30 -21.11 -30.76
CA SER E 293 7.98 -22.37 -30.51
C SER E 293 9.19 -22.11 -29.65
N ARG E 294 9.73 -23.19 -29.12
CA ARG E 294 10.87 -23.14 -28.24
C ARG E 294 12.10 -22.58 -28.97
N GLU E 295 12.25 -22.95 -30.25
CA GLU E 295 13.28 -22.40 -31.10
C GLU E 295 13.20 -20.86 -31.13
N HIS E 296 11.99 -20.35 -31.40
CA HIS E 296 11.74 -18.92 -31.39
C HIS E 296 12.06 -18.26 -30.06
N LEU E 297 11.53 -18.83 -28.99
CA LEU E 297 11.67 -18.22 -27.68
C LEU E 297 13.11 -18.26 -27.17
N LEU E 298 13.79 -19.38 -27.32
CA LEU E 298 15.15 -19.52 -26.80
C LEU E 298 16.20 -18.69 -27.55
N LEU E 299 15.95 -18.37 -28.83
CA LEU E 299 16.89 -17.53 -29.59
C LEU E 299 17.06 -16.18 -28.91
N GLY E 300 15.93 -15.52 -28.67
CA GLY E 300 15.89 -14.28 -27.91
C GLY E 300 16.18 -14.50 -26.43
N GLY E 301 15.69 -15.59 -25.87
CA GLY E 301 15.80 -15.86 -24.45
C GLY E 301 17.23 -15.94 -23.96
N ILE E 302 18.04 -16.72 -24.66
CA ILE E 302 19.41 -16.95 -24.25
C ILE E 302 20.23 -15.67 -24.37
N ALA E 303 20.03 -14.93 -25.45
CA ALA E 303 20.69 -13.62 -25.59
C ALA E 303 20.33 -12.67 -24.45
N ARG E 304 19.04 -12.59 -24.12
CA ARG E 304 18.60 -11.76 -22.98
C ARG E 304 19.16 -12.25 -21.67
N GLU E 305 19.21 -13.57 -21.49
CA GLU E 305 19.75 -14.18 -20.27
C GLU E 305 21.20 -13.84 -20.03
N ALA E 306 21.98 -13.80 -21.09
CA ALA E 306 23.38 -13.42 -20.99
C ALA E 306 23.55 -12.01 -20.43
N VAL E 307 22.67 -11.10 -20.85
CA VAL E 307 22.69 -9.72 -20.34
C VAL E 307 22.14 -9.66 -18.90
N LEU E 308 21.06 -10.38 -18.65
CA LEU E 308 20.42 -10.43 -17.34
C LEU E 308 21.42 -10.88 -16.29
N LEU E 309 22.21 -11.90 -16.60
CA LEU E 309 23.22 -12.39 -15.67
C LEU E 309 24.24 -11.32 -15.31
N GLN E 310 24.75 -10.62 -16.31
CA GLN E 310 25.72 -9.53 -16.09
C GLN E 310 25.14 -8.39 -15.25
N THR E 311 23.90 -8.02 -15.53
CA THR E 311 23.20 -6.93 -14.84
C THR E 311 22.93 -7.28 -13.39
N VAL E 312 22.43 -8.49 -13.15
CA VAL E 312 22.22 -8.96 -11.79
C VAL E 312 23.56 -9.06 -11.03
N ARG E 313 24.62 -9.47 -11.72
CA ARG E 313 25.95 -9.54 -11.10
C ARG E 313 26.42 -8.18 -10.58
N GLN E 314 26.07 -7.10 -11.26
CA GLN E 314 26.40 -5.77 -10.79
C GLN E 314 25.83 -5.48 -9.39
N ALA E 315 24.58 -5.84 -9.17
CA ALA E 315 23.91 -5.61 -7.89
C ALA E 315 24.26 -6.69 -6.85
N VAL E 316 24.35 -7.94 -7.30
CA VAL E 316 24.58 -9.09 -6.45
C VAL E 316 25.70 -9.93 -7.05
N PRO E 317 26.96 -9.69 -6.63
CA PRO E 317 28.10 -10.38 -7.25
C PRO E 317 28.06 -11.91 -7.13
N THR E 318 27.43 -12.42 -6.08
CA THR E 318 27.26 -13.87 -5.85
C THR E 318 26.01 -14.51 -6.52
N VAL E 319 25.42 -13.86 -7.50
CA VAL E 319 24.38 -14.50 -8.32
C VAL E 319 24.94 -15.80 -8.87
N LYS E 320 24.16 -16.87 -8.79
CA LYS E 320 24.55 -18.14 -9.38
C LYS E 320 23.96 -18.27 -10.79
N ASN E 321 22.67 -18.02 -10.96
CA ASN E 321 22.01 -18.35 -12.22
C ASN E 321 20.80 -17.52 -12.50
N VAL E 322 20.46 -17.40 -13.77
CA VAL E 322 19.25 -16.69 -14.18
C VAL E 322 18.54 -17.43 -15.28
N HIS E 323 17.23 -17.21 -15.34
CA HIS E 323 16.37 -17.92 -16.28
C HIS E 323 15.17 -17.05 -16.64
N LEU E 324 15.01 -16.81 -17.93
CA LEU E 324 13.80 -16.24 -18.48
C LEU E 324 12.90 -17.38 -18.96
N THR E 325 11.78 -17.58 -18.26
CA THR E 325 11.02 -18.81 -18.36
C THR E 325 10.20 -18.84 -19.64
N PRO E 326 9.97 -20.02 -20.20
CA PRO E 326 9.11 -20.14 -21.38
C PRO E 326 7.65 -19.75 -21.11
N GLY E 327 7.22 -19.91 -19.86
CA GLY E 327 5.91 -19.43 -19.43
C GLY E 327 5.76 -17.94 -19.63
N GLY E 328 6.84 -17.19 -19.44
CA GLY E 328 6.85 -15.76 -19.75
C GLY E 328 7.34 -15.35 -21.12
N SER E 329 7.27 -16.27 -22.08
CA SER E 329 7.83 -16.09 -23.44
C SER E 329 9.31 -15.68 -23.45
N CYS E 330 10.08 -16.22 -22.50
CA CYS E 330 11.51 -15.98 -22.40
C CYS E 330 11.83 -14.49 -22.49
N ARG E 331 11.22 -13.73 -21.60
CA ARG E 331 11.13 -12.27 -21.69
C ARG E 331 10.57 -11.64 -20.43
N TYR E 332 9.36 -12.08 -20.08
CA TYR E 332 8.50 -11.40 -19.12
C TYR E 332 8.74 -11.86 -17.70
N HIS E 333 9.01 -13.14 -17.51
CA HIS E 333 9.25 -13.72 -16.20
C HIS E 333 10.71 -14.10 -16.06
N ALA E 334 11.33 -13.66 -14.96
CA ALA E 334 12.72 -13.97 -14.68
C ALA E 334 12.83 -14.65 -13.32
N VAL E 335 13.66 -15.70 -13.25
CA VAL E 335 13.95 -16.34 -12.00
C VAL E 335 15.44 -16.25 -11.78
N ILE E 336 15.83 -15.70 -10.65
CA ILE E 336 17.23 -15.51 -10.30
C ILE E 336 17.55 -16.43 -9.11
N SER E 337 18.67 -17.14 -9.16
CA SER E 337 19.17 -17.76 -7.96
C SER E 337 20.43 -17.02 -7.52
N ILE E 338 20.54 -16.77 -6.22
CA ILE E 338 21.69 -16.09 -5.63
C ILE E 338 22.19 -16.89 -4.44
N GLU E 339 23.50 -16.85 -4.20
CA GLU E 339 24.06 -17.25 -2.89
C GLU E 339 24.05 -15.96 -2.07
N LYS E 340 23.05 -15.83 -1.22
CA LYS E 340 22.82 -14.60 -0.49
C LYS E 340 23.88 -14.39 0.58
N LYS E 341 24.59 -13.26 0.49
CA LYS E 341 25.58 -12.87 1.49
C LYS E 341 25.12 -11.74 2.40
N HIS E 342 24.20 -10.89 1.94
CA HIS E 342 23.72 -9.74 2.73
C HIS E 342 22.21 -9.77 2.79
N GLU E 343 21.63 -9.55 3.96
CA GLU E 343 20.17 -9.53 4.03
C GLU E 343 19.67 -8.35 3.15
N GLY E 344 18.53 -8.60 2.50
CA GLY E 344 17.99 -7.67 1.51
C GLY E 344 18.42 -7.90 0.06
N GLU E 345 19.50 -8.64 -0.17
CA GLU E 345 20.08 -8.78 -1.51
C GLU E 345 19.08 -9.16 -2.60
N ALA E 346 18.10 -9.98 -2.27
CA ALA E 346 17.13 -10.40 -3.26
C ALA E 346 16.36 -9.24 -3.87
N LYS E 347 16.01 -8.22 -3.07
CA LYS E 347 15.29 -7.05 -3.62
C LYS E 347 16.16 -6.34 -4.67
N ASN E 348 17.45 -6.23 -4.39
CA ASN E 348 18.39 -5.54 -5.27
C ASN E 348 18.59 -6.35 -6.55
N ALA E 349 18.57 -7.68 -6.43
CA ALA E 349 18.64 -8.54 -7.60
C ALA E 349 17.45 -8.28 -8.51
N ILE E 350 16.26 -8.18 -7.92
CA ILE E 350 15.04 -7.87 -8.65
C ILE E 350 15.14 -6.51 -9.39
N PHE E 351 15.72 -5.51 -8.75
CA PHE E 351 15.90 -4.23 -9.43
C PHE E 351 16.77 -4.44 -10.64
N ALA E 352 17.86 -5.19 -10.50
CA ALA E 352 18.74 -5.48 -11.62
C ALA E 352 18.00 -6.22 -12.74
N ALA E 353 17.14 -7.16 -12.37
CA ALA E 353 16.36 -7.88 -13.37
C ALA E 353 15.49 -6.91 -14.18
N PHE E 354 14.87 -5.96 -13.49
CA PHE E 354 14.06 -4.95 -14.19
C PHE E 354 14.90 -4.07 -15.09
N THR E 355 16.15 -3.78 -14.72
CA THR E 355 16.94 -2.87 -15.54
C THR E 355 17.58 -3.57 -16.73
N SER E 356 17.66 -4.90 -16.68
CA SER E 356 18.16 -5.68 -17.82
C SER E 356 17.34 -5.42 -19.08
N SER E 357 16.03 -5.28 -18.92
CA SER E 357 15.13 -5.05 -20.04
C SER E 357 13.77 -4.59 -19.56
N SER E 358 13.13 -3.71 -20.30
CA SER E 358 11.79 -3.25 -19.96
C SER E 358 10.73 -4.35 -20.15
N GLU E 359 11.06 -5.43 -20.84
CA GLU E 359 10.12 -6.53 -21.00
C GLU E 359 9.89 -7.29 -19.68
N VAL E 360 10.87 -7.28 -18.79
CA VAL E 360 10.80 -8.05 -17.54
C VAL E 360 9.74 -7.47 -16.63
N LYS E 361 8.77 -8.31 -16.29
CA LYS E 361 7.57 -7.89 -15.60
C LYS E 361 7.46 -8.48 -14.18
N HIS E 362 7.64 -9.77 -14.03
CA HIS E 362 7.58 -10.45 -12.74
C HIS E 362 8.87 -11.18 -12.50
N VAL E 363 9.39 -11.11 -11.28
CA VAL E 363 10.69 -11.68 -10.98
C VAL E 363 10.59 -12.40 -9.67
N VAL E 364 11.12 -13.62 -9.60
CA VAL E 364 11.25 -14.30 -8.32
C VAL E 364 12.71 -14.66 -8.09
N VAL E 365 13.15 -14.50 -6.85
CA VAL E 365 14.51 -14.81 -6.46
C VAL E 365 14.48 -15.95 -5.45
N VAL E 366 15.33 -16.94 -5.65
CA VAL E 366 15.45 -18.09 -4.76
C VAL E 366 16.91 -18.29 -4.38
N ASP E 367 17.19 -19.22 -3.46
CA ASP E 367 18.58 -19.47 -3.04
C ASP E 367 19.33 -20.40 -4.02
N HIS E 368 20.66 -20.36 -3.94
CA HIS E 368 21.57 -21.09 -4.84
C HIS E 368 21.21 -22.57 -5.07
N GLU E 369 20.71 -23.25 -4.05
CA GLU E 369 20.37 -24.69 -4.12
C GLU E 369 19.11 -25.05 -4.92
N ILE E 370 18.22 -24.09 -5.17
CA ILE E 370 16.99 -24.34 -5.92
C ILE E 370 17.30 -24.35 -7.41
N ASN E 371 16.80 -25.36 -8.11
CA ASN E 371 16.99 -25.49 -9.53
C ASN E 371 15.94 -24.62 -10.23
N ILE E 372 16.39 -23.52 -10.79
CA ILE E 372 15.49 -22.56 -11.40
C ILE E 372 14.98 -22.94 -12.78
N PHE E 373 15.47 -24.04 -13.34
CA PHE E 373 14.96 -24.54 -14.62
C PHE E 373 13.86 -25.58 -14.40
N ASP E 374 13.52 -25.85 -13.14
CA ASP E 374 12.37 -26.67 -12.77
C ASP E 374 11.27 -25.78 -12.19
N PRO E 375 10.19 -25.54 -12.96
CA PRO E 375 9.12 -24.64 -12.49
C PRO E 375 8.51 -25.06 -11.16
N GLU E 376 8.33 -26.36 -10.98
CA GLU E 376 7.78 -26.88 -9.75
C GLU E 376 8.66 -26.56 -8.52
N GLU E 377 9.98 -26.64 -8.67
CA GLU E 377 10.88 -26.36 -7.57
C GLU E 377 10.84 -24.88 -7.18
N VAL E 378 10.68 -23.98 -8.16
CA VAL E 378 10.63 -22.55 -7.80
C VAL E 378 9.25 -22.24 -7.20
N GLU E 379 8.18 -22.82 -7.75
CA GLU E 379 6.86 -22.65 -7.16
C GLU E 379 6.82 -23.15 -5.70
N TRP E 380 7.49 -24.27 -5.45
CA TRP E 380 7.66 -24.79 -4.10
C TRP E 380 8.34 -23.77 -3.18
N ALA E 381 9.43 -23.20 -3.68
CA ALA E 381 10.13 -22.16 -2.94
C ALA E 381 9.23 -20.97 -2.63
N VAL E 382 8.44 -20.53 -3.61
CA VAL E 382 7.50 -19.43 -3.41
C VAL E 382 6.44 -19.82 -2.37
N ALA E 383 5.94 -21.06 -2.43
CA ALA E 383 4.88 -21.47 -1.52
C ALA E 383 5.34 -21.47 -0.06
N THR E 384 6.61 -21.81 0.17
CA THR E 384 7.08 -22.07 1.52
C THR E 384 8.11 -21.11 2.04
N ARG E 385 8.65 -20.23 1.21
CA ARG E 385 9.66 -19.25 1.64
C ARG E 385 9.29 -17.80 1.38
N CYS E 386 8.09 -17.57 0.86
CA CYS E 386 7.60 -16.23 0.63
C CYS E 386 6.44 -15.95 1.58
N GLN E 387 6.45 -14.76 2.15
CA GLN E 387 5.33 -14.18 2.86
C GLN E 387 5.04 -12.86 2.17
N ALA E 388 3.93 -12.78 1.45
CA ALA E 388 3.69 -11.66 0.52
C ALA E 388 3.74 -10.26 1.16
N GLY E 389 3.37 -10.18 2.43
CA GLY E 389 3.40 -8.93 3.16
C GLY E 389 4.76 -8.31 3.29
N ARG E 390 5.82 -9.09 3.33
CA ARG E 390 7.19 -8.58 3.39
C ARG E 390 8.10 -8.98 2.26
N ASP E 391 7.71 -9.98 1.46
CA ASP E 391 8.59 -10.50 0.43
C ASP E 391 8.14 -10.15 -1.00
N VAL E 392 7.00 -9.46 -1.15
CA VAL E 392 6.51 -9.07 -2.48
C VAL E 392 6.48 -7.57 -2.56
N PHE E 393 6.88 -7.00 -3.69
CA PHE E 393 6.61 -5.59 -3.94
C PHE E 393 6.20 -5.33 -5.37
N ILE E 394 5.40 -4.29 -5.54
CA ILE E 394 4.72 -4.01 -6.77
C ILE E 394 5.04 -2.57 -7.11
N VAL E 395 5.39 -2.31 -8.37
CA VAL E 395 5.62 -0.94 -8.81
C VAL E 395 4.65 -0.63 -9.94
N LYS E 396 3.86 0.43 -9.81
CA LYS E 396 2.85 0.78 -10.81
C LYS E 396 3.41 1.64 -11.93
N ASP E 397 2.86 1.43 -13.13
CA ASP E 397 3.00 2.35 -14.28
C ASP E 397 4.43 2.60 -14.70
N ALA E 398 5.17 1.52 -14.84
CA ALA E 398 6.52 1.55 -15.40
C ALA E 398 6.40 1.26 -16.89
N MSE E 399 7.51 1.32 -17.58
CA MSE E 399 7.56 1.01 -18.98
C MSE E 399 7.59 -0.48 -19.14
O MSE E 399 8.47 -1.16 -18.60
CB MSE E 399 8.81 1.56 -19.56
CG MSE E 399 8.76 1.38 -21.05
SE MSE E 399 10.47 1.78 -21.88
CE MSE E 399 11.84 1.63 -20.43
N GLY E 400 6.64 -1.00 -19.92
CA GLY E 400 6.60 -2.41 -20.29
C GLY E 400 6.72 -2.62 -21.80
N ASN E 401 5.76 -3.36 -22.33
CA ASN E 401 5.84 -3.92 -23.66
C ASN E 401 4.51 -3.72 -24.35
N ARG E 402 4.50 -3.27 -25.60
CA ARG E 402 3.21 -3.00 -26.30
C ARG E 402 2.42 -4.27 -26.59
N LEU E 403 3.13 -5.37 -26.82
CA LEU E 403 2.51 -6.62 -27.25
C LEU E 403 1.87 -7.41 -26.09
N ASP E 404 2.31 -7.16 -24.86
CA ASP E 404 1.60 -7.63 -23.66
C ASP E 404 0.23 -6.92 -23.65
N PRO E 405 -0.85 -7.67 -23.87
CA PRO E 405 -2.16 -7.05 -23.99
C PRO E 405 -2.76 -6.55 -22.68
N SER E 406 -2.21 -6.96 -21.54
CA SER E 406 -2.60 -6.39 -20.25
C SER E 406 -2.03 -5.00 -20.05
N SER E 407 -1.04 -4.61 -20.84
CA SER E 407 -0.44 -3.29 -20.67
C SER E 407 -1.35 -2.18 -21.22
N ARG E 408 -1.19 -1.00 -20.64
CA ARG E 408 -1.93 0.21 -20.95
C ARG E 408 -1.06 0.99 -21.94
N ASP E 409 -1.02 0.49 -23.17
CA ASP E 409 -0.31 1.14 -24.28
C ASP E 409 1.22 1.10 -24.02
N GLY E 410 1.72 -0.06 -23.63
CA GLY E 410 3.12 -0.22 -23.25
C GLY E 410 3.51 0.11 -21.80
N VAL E 411 2.63 0.77 -21.06
CA VAL E 411 2.83 1.01 -19.62
C VAL E 411 2.38 -0.23 -18.84
N SER E 412 3.20 -0.68 -17.90
CA SER E 412 2.95 -1.92 -17.20
C SER E 412 3.39 -1.86 -15.75
N ASP E 413 2.68 -2.58 -14.89
CA ASP E 413 3.06 -2.72 -13.51
C ASP E 413 4.11 -3.83 -13.43
N LYS E 414 4.89 -3.84 -12.36
CA LYS E 414 5.99 -4.80 -12.19
C LYS E 414 5.87 -5.41 -10.81
N MSE E 415 6.37 -6.64 -10.67
CA MSE E 415 6.32 -7.29 -9.38
C MSE E 415 7.54 -8.11 -9.11
O MSE E 415 8.04 -8.82 -9.98
CB MSE E 415 5.10 -8.18 -9.32
CG MSE E 415 4.93 -8.75 -7.93
SE MSE E 415 3.26 -9.78 -7.84
CE MSE E 415 3.36 -10.96 -9.41
N GLY E 416 8.00 -8.05 -7.86
CA GLY E 416 9.15 -8.80 -7.38
C GLY E 416 8.72 -9.69 -6.24
N ILE E 417 9.28 -10.90 -6.18
CA ILE E 417 8.97 -11.88 -5.15
C ILE E 417 10.30 -12.40 -4.61
N ASP E 418 10.57 -12.12 -3.33
CA ASP E 418 11.76 -12.61 -2.67
C ASP E 418 11.44 -13.94 -1.99
N ALA E 419 11.86 -15.04 -2.60
CA ALA E 419 11.63 -16.36 -2.04
C ALA E 419 12.92 -16.97 -1.50
N THR E 420 13.82 -16.12 -0.99
CA THR E 420 15.03 -16.56 -0.33
C THR E 420 14.75 -16.72 1.16
N ILE E 421 15.51 -17.61 1.80
CA ILE E 421 15.47 -17.83 3.25
C ILE E 421 16.08 -16.59 3.94
N PRO E 422 15.52 -16.16 5.07
CA PRO E 422 16.17 -15.13 5.85
C PRO E 422 17.56 -15.56 6.31
N LEU E 423 18.49 -14.60 6.30
CA LEU E 423 19.87 -14.90 6.55
C LEU E 423 20.23 -15.26 7.97
N ASN E 424 19.69 -14.55 8.94
CA ASN E 424 20.01 -14.77 10.35
C ASN E 424 18.92 -15.57 11.07
N LEU E 425 18.96 -16.88 10.82
CA LEU E 425 18.02 -17.82 11.40
C LEU E 425 18.75 -19.03 11.92
N PRO E 426 18.06 -19.85 12.74
CA PRO E 426 18.69 -21.05 13.27
C PRO E 426 19.29 -22.00 12.25
N GLY E 427 18.75 -22.11 11.03
CA GLY E 427 19.43 -22.88 9.99
C GLY E 427 18.85 -24.22 9.66
N GLU E 428 18.13 -24.87 10.61
CA GLU E 428 17.53 -26.19 10.33
C GLU E 428 16.05 -26.07 9.94
N ARG E 429 15.52 -24.85 10.02
CA ARG E 429 14.09 -24.59 9.85
C ARG E 429 13.67 -24.78 8.39
N PHE E 430 14.50 -24.29 7.46
CA PHE E 430 14.22 -24.40 6.04
C PHE E 430 15.02 -25.53 5.38
N GLU E 431 15.65 -26.41 6.17
CA GLU E 431 16.36 -27.55 5.60
C GLU E 431 15.40 -28.47 4.84
N ARG E 432 15.63 -28.52 3.54
CA ARG E 432 14.90 -29.37 2.62
C ARG E 432 15.21 -30.84 2.84
N ILE E 433 14.19 -31.70 2.83
CA ILE E 433 14.36 -33.14 3.06
C ILE E 433 15.10 -33.77 1.90
N SER E 434 15.76 -34.88 2.15
CA SER E 434 16.60 -35.54 1.14
C SER E 434 16.76 -37.02 1.42
N ILE E 435 17.20 -37.73 0.39
CA ILE E 435 17.36 -39.18 0.45
C ILE E 435 18.82 -39.45 0.23
N PRO E 436 19.55 -39.90 1.27
CA PRO E 436 21.00 -40.15 1.04
C PRO E 436 21.23 -41.29 0.06
N GLY E 437 22.23 -41.12 -0.82
CA GLY E 437 22.52 -42.09 -1.88
C GLY E 437 21.59 -42.04 -3.08
N LEU E 438 20.84 -40.96 -3.24
CA LEU E 438 19.92 -40.78 -4.38
C LEU E 438 20.71 -40.54 -5.66
N ASP E 439 21.73 -39.69 -5.62
CA ASP E 439 22.50 -39.38 -6.82
C ASP E 439 23.39 -40.55 -7.22
N LYS E 440 23.82 -41.31 -6.24
CA LYS E 440 24.58 -42.54 -6.44
C LYS E 440 23.75 -43.67 -7.12
N ILE E 441 22.46 -43.78 -6.80
CA ILE E 441 21.60 -44.85 -7.34
C ILE E 441 20.86 -44.36 -8.58
N LYS E 442 20.57 -45.27 -9.50
CA LYS E 442 19.96 -44.92 -10.77
C LYS E 442 18.91 -45.98 -11.12
N LEU E 443 17.67 -45.55 -11.37
CA LEU E 443 16.54 -46.46 -11.54
C LEU E 443 16.68 -47.38 -12.75
N ALA E 444 17.17 -46.84 -13.88
CA ALA E 444 17.32 -47.63 -15.13
C ALA E 444 18.21 -48.88 -14.96
N ASP E 445 19.15 -48.85 -14.00
CA ASP E 445 19.96 -50.03 -13.62
C ASP E 445 19.21 -51.16 -12.89
N TYR E 446 17.97 -50.91 -12.45
CA TYR E 446 17.19 -51.86 -11.63
C TYR E 446 15.96 -52.47 -12.35
N LEU E 447 15.57 -51.94 -13.52
CA LEU E 447 14.54 -52.56 -14.35
C LEU E 447 15.13 -53.07 -15.68
N HIS F 3 52.31 16.98 -15.31
CA HIS F 3 51.14 17.34 -14.43
C HIS F 3 51.20 16.55 -13.09
N SER F 4 51.66 17.22 -12.03
CA SER F 4 51.80 16.72 -10.65
C SER F 4 51.05 17.65 -9.66
N LEU F 5 51.17 17.38 -8.35
CA LEU F 5 50.55 18.21 -7.33
C LEU F 5 51.03 19.68 -7.36
N ARG F 6 52.35 19.89 -7.33
CA ARG F 6 52.96 21.23 -7.51
C ARG F 6 52.34 22.01 -8.67
N GLU F 7 52.31 21.39 -9.86
CA GLU F 7 51.75 22.04 -11.07
C GLU F 7 50.26 22.36 -10.86
N TRP F 8 49.54 21.47 -10.16
CA TRP F 8 48.12 21.67 -9.82
C TRP F 8 47.88 22.84 -8.85
N LEU F 9 48.69 22.94 -7.80
CA LEU F 9 48.57 24.06 -6.84
C LEU F 9 48.82 25.41 -7.51
N ALA F 10 49.75 25.44 -8.46
CA ALA F 10 50.01 26.62 -9.28
C ALA F 10 48.80 26.98 -10.16
N PHE F 11 48.20 25.95 -10.77
CA PHE F 11 46.99 26.12 -11.56
C PHE F 11 45.86 26.70 -10.72
N LEU F 12 45.66 26.14 -9.53
CA LEU F 12 44.65 26.68 -8.61
C LEU F 12 44.94 28.13 -8.29
N GLU F 13 46.19 28.44 -7.96
CA GLU F 13 46.57 29.81 -7.61
C GLU F 13 46.30 30.78 -8.76
N GLY F 14 46.58 30.34 -10.00
CA GLY F 14 46.27 31.13 -11.19
C GLY F 14 44.80 31.40 -11.45
N LYS F 15 43.96 30.51 -10.95
CA LYS F 15 42.51 30.59 -11.10
C LYS F 15 41.85 31.26 -9.88
N GLY F 16 42.64 31.63 -8.86
CA GLY F 16 42.12 32.27 -7.64
C GLY F 16 41.42 31.32 -6.67
N LYS F 17 41.71 30.03 -6.77
CA LYS F 17 41.06 28.99 -5.95
C LYS F 17 42.03 28.39 -4.92
N LEU F 18 43.15 29.05 -4.64
CA LEU F 18 44.03 28.64 -3.53
C LEU F 18 44.39 29.86 -2.73
N LYS F 19 44.24 29.79 -1.42
CA LYS F 19 44.57 30.91 -0.53
C LYS F 19 45.48 30.36 0.54
N ARG F 20 46.38 31.22 1.00
CA ARG F 20 47.41 30.84 1.96
C ARG F 20 47.01 31.31 3.34
N VAL F 21 47.36 30.52 4.35
CA VAL F 21 47.09 30.86 5.73
C VAL F 21 48.44 30.97 6.40
N ARG F 22 48.87 32.21 6.61
CA ARG F 22 50.19 32.52 7.12
C ARG F 22 50.23 32.42 8.64
N LYS F 23 49.10 32.71 9.29
CA LYS F 23 49.03 32.66 10.76
C LYS F 23 49.21 31.21 11.24
N GLU F 24 49.75 31.04 12.44
CA GLU F 24 50.00 29.70 12.97
C GLU F 24 48.65 29.02 13.24
N VAL F 25 48.58 27.71 12.96
CA VAL F 25 47.37 26.89 13.20
C VAL F 25 47.71 25.55 13.83
N ASP F 26 46.87 25.12 14.77
CA ASP F 26 47.05 23.85 15.48
C ASP F 26 46.58 22.71 14.54
N PRO F 27 47.38 21.64 14.39
CA PRO F 27 46.85 20.50 13.62
C PRO F 27 45.65 19.82 14.28
N VAL F 28 45.58 19.91 15.61
CA VAL F 28 44.45 19.38 16.35
C VAL F 28 43.28 20.36 16.21
N PHE F 29 42.33 20.01 15.33
CA PHE F 29 41.03 20.68 15.15
C PHE F 29 41.02 22.00 14.34
N GLU F 30 42.01 22.88 14.52
CA GLU F 30 41.98 24.17 13.82
C GLU F 30 42.10 24.06 12.30
N ILE F 31 42.85 23.08 11.81
CA ILE F 31 42.99 22.88 10.36
C ILE F 31 41.64 22.46 9.77
N ALA F 32 41.03 21.45 10.39
CA ALA F 32 39.70 20.97 9.99
C ALA F 32 38.65 22.07 10.05
N ALA F 33 38.68 22.84 11.14
CA ALA F 33 37.75 23.94 11.35
C ALA F 33 37.84 25.01 10.27
N LEU F 34 39.05 25.44 9.97
CA LEU F 34 39.26 26.46 8.94
C LEU F 34 38.94 25.92 7.57
N GLY F 35 39.36 24.68 7.30
CA GLY F 35 39.08 24.02 6.02
C GLY F 35 37.61 23.88 5.72
N LYS F 36 36.82 23.61 6.76
CA LYS F 36 35.37 23.48 6.59
C LYS F 36 34.73 24.78 6.09
N GLN F 37 35.27 25.92 6.50
CA GLN F 37 34.74 27.22 6.07
C GLN F 37 35.13 27.55 4.62
N ALA F 38 36.22 26.95 4.14
CA ALA F 38 36.64 27.06 2.75
C ALA F 38 36.01 26.02 1.82
N ASP F 39 35.37 25.00 2.40
CA ASP F 39 34.79 23.85 1.68
C ASP F 39 33.96 24.25 0.46
N GLY F 40 34.39 23.83 -0.73
CA GLY F 40 33.69 24.16 -1.97
C GLY F 40 34.05 25.51 -2.60
N ILE F 41 34.74 26.37 -1.87
CA ILE F 41 35.08 27.70 -2.35
C ILE F 41 36.52 27.71 -2.85
N CYS F 42 37.45 27.26 -2.01
CA CYS F 42 38.86 27.26 -2.36
C CYS F 42 39.72 26.32 -1.51
N SER F 43 40.85 25.96 -2.08
CA SER F 43 41.89 25.23 -1.36
C SER F 43 42.58 26.16 -0.37
N LEU F 44 43.02 25.59 0.76
CA LEU F 44 43.79 26.32 1.75
C LEU F 44 45.17 25.67 1.87
N LEU F 45 46.21 26.50 1.86
CA LEU F 45 47.57 26.06 2.14
C LEU F 45 48.01 26.69 3.44
N PHE F 46 48.12 25.86 4.48
CA PHE F 46 48.55 26.30 5.82
C PHE F 46 50.08 26.33 5.88
N GLU F 47 50.66 27.52 5.71
CA GLU F 47 52.12 27.68 5.68
C GLU F 47 52.82 27.44 7.02
N ARG F 48 52.08 27.53 8.14
CA ARG F 48 52.66 27.46 9.47
C ARG F 48 51.80 26.58 10.40
N VAL F 49 52.19 25.33 10.52
CA VAL F 49 51.47 24.37 11.36
C VAL F 49 52.25 24.14 12.65
N LYS F 50 51.66 24.52 13.77
CA LYS F 50 52.27 24.44 15.11
C LYS F 50 52.94 23.07 15.41
N GLY F 51 54.26 23.11 15.52
CA GLY F 51 55.12 21.95 15.81
C GLY F 51 55.89 21.39 14.62
N TYR F 52 55.83 22.05 13.46
CA TYR F 52 56.27 21.45 12.18
C TYR F 52 56.76 22.46 11.17
N ALA F 53 57.78 22.09 10.42
CA ALA F 53 58.26 22.86 9.25
C ALA F 53 57.35 22.69 8.02
N VAL F 54 56.74 21.50 7.92
CA VAL F 54 55.97 21.07 6.74
C VAL F 54 54.61 21.77 6.74
N PRO F 55 54.23 22.39 5.61
CA PRO F 55 52.89 22.95 5.49
C PRO F 55 51.85 21.90 5.13
N VAL F 56 50.58 22.23 5.37
CA VAL F 56 49.47 21.35 5.06
C VAL F 56 48.61 21.99 3.98
N VAL F 57 48.12 21.17 3.06
CA VAL F 57 47.20 21.65 2.05
C VAL F 57 45.90 20.85 2.14
N THR F 58 44.79 21.48 1.79
CA THR F 58 43.50 20.82 1.79
C THR F 58 42.56 21.42 0.76
N GLY F 59 41.67 20.60 0.22
CA GLY F 59 40.69 21.06 -0.74
C GLY F 59 41.23 21.28 -2.14
N LEU F 60 42.07 20.36 -2.60
CA LEU F 60 42.62 20.38 -3.97
C LEU F 60 41.57 20.48 -5.06
N ALA F 61 40.40 19.89 -4.83
CA ALA F 61 39.27 20.07 -5.73
C ALA F 61 37.96 19.93 -4.97
N GLY F 62 37.21 21.03 -4.87
CA GLY F 62 35.99 21.07 -4.09
C GLY F 62 34.74 21.22 -4.93
N ASP F 63 34.85 21.10 -6.25
CA ASP F 63 33.67 21.21 -7.11
C ASP F 63 33.94 20.48 -8.40
N ARG F 64 32.87 20.22 -9.14
CA ARG F 64 33.00 19.33 -10.29
C ARG F 64 33.75 19.96 -11.47
N GLU F 65 33.73 21.30 -11.56
CA GLU F 65 34.47 22.04 -12.60
C GLU F 65 35.99 21.81 -12.46
N LEU F 66 36.48 21.80 -11.22
CA LEU F 66 37.89 21.56 -10.95
C LEU F 66 38.30 20.11 -11.18
N PHE F 67 37.41 19.15 -10.90
CA PHE F 67 37.73 17.75 -11.23
C PHE F 67 37.83 17.55 -12.73
N ALA F 68 36.95 18.24 -13.47
CA ALA F 68 36.95 18.22 -14.92
C ALA F 68 38.25 18.80 -15.46
N ALA F 69 38.69 19.90 -14.86
CA ALA F 69 39.96 20.52 -15.25
C ALA F 69 41.13 19.56 -14.99
N ALA F 70 41.11 18.88 -13.85
CA ALA F 70 42.12 17.88 -13.50
C ALA F 70 42.19 16.72 -14.49
N MSE F 71 41.09 16.44 -15.18
CA MSE F 71 41.10 15.45 -16.28
C MSE F 71 41.28 16.03 -17.66
O MSE F 71 41.23 15.28 -18.64
CB MSE F 71 39.78 14.72 -16.24
CG MSE F 71 39.70 13.84 -15.03
SE MSE F 71 37.93 13.00 -15.10
CE MSE F 71 37.19 14.12 -13.64
N SER F 72 41.49 17.34 -17.77
CA SER F 72 41.60 18.07 -19.05
C SER F 72 40.38 17.88 -19.94
N VAL F 73 39.20 18.09 -19.36
CA VAL F 73 37.95 18.10 -20.11
C VAL F 73 36.99 19.15 -19.60
N PRO F 74 36.03 19.52 -20.46
CA PRO F 74 34.89 20.26 -19.95
C PRO F 74 34.02 19.38 -19.04
N VAL F 75 33.34 20.01 -18.09
CA VAL F 75 32.43 19.32 -17.16
C VAL F 75 31.48 18.36 -17.89
N GLU F 76 30.83 18.86 -18.92
CA GLU F 76 29.85 18.08 -19.70
C GLU F 76 30.39 16.75 -20.28
N GLY F 77 31.70 16.59 -20.47
CA GLY F 77 32.29 15.32 -20.91
C GLY F 77 33.11 14.55 -19.88
N MSE F 78 33.02 14.96 -18.61
CA MSE F 78 33.80 14.36 -17.51
C MSE F 78 33.53 12.91 -17.17
O MSE F 78 34.44 12.15 -16.91
CB MSE F 78 33.43 15.17 -16.29
CG MSE F 78 34.25 14.78 -15.09
SE MSE F 78 33.71 15.84 -13.52
CE MSE F 78 31.84 16.35 -13.98
N LEU F 79 32.27 12.51 -17.10
CA LEU F 79 31.92 11.14 -16.79
C LEU F 79 32.29 10.20 -17.94
N GLU F 80 32.15 10.70 -19.19
CA GLU F 80 32.49 9.92 -20.38
C GLU F 80 34.00 9.60 -20.42
N LYS F 81 34.82 10.60 -20.11
CA LYS F 81 36.28 10.43 -20.04
C LYS F 81 36.75 9.51 -18.93
N LEU F 82 36.13 9.56 -17.75
CA LEU F 82 36.48 8.66 -16.66
C LEU F 82 36.16 7.22 -17.05
N ALA F 83 34.98 7.02 -17.63
CA ALA F 83 34.62 5.71 -18.16
C ALA F 83 35.58 5.21 -19.25
N ALA F 84 36.00 6.11 -20.12
CA ALA F 84 36.95 5.78 -21.20
C ALA F 84 38.32 5.37 -20.65
N ALA F 85 38.76 6.05 -19.60
CA ALA F 85 40.03 5.75 -18.94
C ALA F 85 40.03 4.37 -18.25
N VAL F 86 38.87 3.96 -17.74
CA VAL F 86 38.73 2.65 -17.12
C VAL F 86 38.74 1.56 -18.20
N GLU F 87 38.09 1.78 -19.34
CA GLU F 87 38.10 0.81 -20.44
C GLU F 87 39.44 0.68 -21.16
N ASN F 88 40.18 1.78 -21.31
CA ASN F 88 41.49 1.77 -21.98
C ASN F 88 42.57 2.34 -21.06
N PRO F 89 43.01 1.54 -20.07
CA PRO F 89 44.14 2.01 -19.27
C PRO F 89 45.41 2.09 -20.11
N VAL F 90 46.30 2.98 -19.71
CA VAL F 90 47.54 3.27 -20.43
C VAL F 90 48.68 2.91 -19.46
N PRO F 91 49.72 2.19 -19.92
CA PRO F 91 50.79 1.87 -18.95
C PRO F 91 51.59 3.08 -18.42
N CYS F 92 52.22 2.87 -17.28
CA CYS F 92 53.05 3.88 -16.61
C CYS F 92 54.48 3.75 -17.13
N ARG F 93 55.36 4.67 -16.71
CA ARG F 93 56.79 4.59 -17.06
C ARG F 93 57.55 4.42 -15.77
N LEU F 94 58.33 3.35 -15.67
CA LEU F 94 59.29 3.21 -14.58
C LEU F 94 60.44 4.19 -14.85
N VAL F 95 60.92 4.83 -13.79
CA VAL F 95 61.91 5.90 -13.89
C VAL F 95 63.01 5.61 -12.85
N SER F 96 64.20 6.13 -13.07
CA SER F 96 65.34 5.87 -12.18
C SER F 96 65.17 6.56 -10.81
N PRO F 97 65.56 5.88 -9.70
CA PRO F 97 65.49 6.46 -8.35
C PRO F 97 66.19 7.80 -8.18
N ASP F 98 67.38 7.96 -8.75
CA ASP F 98 68.12 9.25 -8.66
C ASP F 98 67.47 10.29 -9.57
N GLY F 99 67.26 11.51 -9.04
CA GLY F 99 66.51 12.56 -9.74
C GLY F 99 65.01 12.59 -9.48
N ALA F 100 64.42 11.43 -9.16
CA ALA F 100 63.00 11.30 -8.76
C ALA F 100 62.70 12.05 -7.45
N PRO F 101 61.87 13.13 -7.52
CA PRO F 101 61.70 14.02 -6.38
C PRO F 101 61.34 13.36 -5.03
N VAL F 102 60.56 12.28 -5.06
CA VAL F 102 60.13 11.62 -3.83
C VAL F 102 61.27 10.92 -3.08
N LYS F 103 62.41 10.73 -3.75
CA LYS F 103 63.61 10.11 -3.16
C LYS F 103 64.65 11.09 -2.59
N GLU F 104 64.40 12.39 -2.71
CA GLU F 104 65.28 13.42 -2.16
C GLU F 104 65.67 13.21 -0.68
N CYS F 105 64.76 12.72 0.17
CA CYS F 105 65.08 12.39 1.58
C CYS F 105 64.55 11.01 1.94
N ILE F 106 65.44 10.03 2.10
CA ILE F 106 65.07 8.69 2.56
C ILE F 106 65.20 8.66 4.08
N ILE F 107 64.36 7.89 4.76
CA ILE F 107 64.40 7.75 6.23
C ILE F 107 64.03 6.31 6.58
N ARG F 108 65.00 5.55 7.11
CA ARG F 108 64.83 4.13 7.42
C ARG F 108 64.96 3.79 8.88
N GLU F 109 65.25 4.76 9.75
CA GLU F 109 65.47 4.45 11.16
C GLU F 109 64.86 5.51 12.05
N ASN F 110 64.49 5.09 13.26
CA ASN F 110 63.84 5.95 14.24
C ASN F 110 62.63 6.67 13.63
N ILE F 111 61.77 5.88 12.97
CA ILE F 111 60.62 6.43 12.27
C ILE F 111 59.59 6.80 13.32
N ASP F 112 59.22 8.08 13.36
CA ASP F 112 58.19 8.60 14.26
C ASP F 112 57.33 9.57 13.42
N LEU F 113 56.20 9.06 12.93
CA LEU F 113 55.37 9.78 11.94
C LEU F 113 54.82 11.09 12.46
N LEU F 114 54.28 11.07 13.68
CA LEU F 114 53.78 12.31 14.29
C LEU F 114 54.88 13.35 14.48
N LYS F 115 56.11 12.92 14.77
CA LYS F 115 57.27 13.82 14.83
C LYS F 115 57.52 14.61 13.54
N MSE F 116 57.45 13.91 12.39
CA MSE F 116 57.89 14.46 11.09
C MSE F 116 56.80 15.09 10.26
O MSE F 116 57.08 16.01 9.49
CB MSE F 116 58.52 13.45 10.13
CG MSE F 116 58.59 12.03 10.67
SE MSE F 116 59.44 10.79 9.44
CE MSE F 116 59.57 11.86 7.78
N LEU F 117 55.59 14.54 10.36
CA LEU F 117 54.46 14.95 9.50
C LEU F 117 53.34 15.56 10.35
N PRO F 118 52.74 16.68 9.88
CA PRO F 118 51.66 17.41 10.56
C PRO F 118 50.28 16.77 10.35
N ILE F 119 50.13 15.56 10.87
CA ILE F 119 48.97 14.74 10.63
C ILE F 119 47.83 15.27 11.49
N PRO F 120 46.77 15.83 10.86
CA PRO F 120 45.74 16.48 11.67
C PRO F 120 44.84 15.52 12.43
N THR F 121 44.17 16.06 13.43
CA THR F 121 43.09 15.41 14.14
C THR F 121 41.84 16.23 13.77
N HIS F 122 40.86 15.58 13.15
CA HIS F 122 39.83 16.31 12.39
C HIS F 122 38.54 16.58 13.16
N HIS F 123 37.91 15.53 13.66
CA HIS F 123 36.61 15.65 14.33
C HIS F 123 36.70 15.22 15.81
N ALA F 124 35.81 15.79 16.62
CA ALA F 124 35.83 15.68 18.09
C ALA F 124 36.01 14.27 18.60
N GLY F 125 35.21 13.35 18.09
CA GLY F 125 35.22 11.97 18.55
C GLY F 125 36.24 11.05 17.90
N ASP F 126 37.16 11.60 17.10
CA ASP F 126 38.19 10.78 16.44
C ASP F 126 39.15 10.21 17.47
N ALA F 127 39.52 8.95 17.31
CA ALA F 127 40.43 8.29 18.25
C ALA F 127 41.82 8.89 18.27
N GLY F 128 42.19 9.63 17.23
CA GLY F 128 43.47 10.32 17.21
C GLY F 128 43.71 11.02 15.88
N PRO F 129 44.99 11.30 15.58
CA PRO F 129 45.37 11.81 14.26
C PRO F 129 45.23 10.74 13.19
N TYR F 130 44.74 11.15 12.02
CA TYR F 130 44.45 10.24 10.93
C TYR F 130 45.08 10.76 9.63
N ILE F 131 45.66 9.85 8.86
CA ILE F 131 46.12 10.16 7.52
C ILE F 131 44.95 9.83 6.60
N THR F 132 44.46 10.85 5.91
CA THR F 132 43.20 10.77 5.17
C THR F 132 43.34 10.77 3.66
N ALA F 133 44.49 11.18 3.13
CA ALA F 133 44.67 11.40 1.68
C ALA F 133 45.76 10.53 1.04
N ALA F 134 46.07 9.38 1.64
CA ALA F 134 47.11 8.50 1.12
C ALA F 134 46.51 7.45 0.20
N ILE F 135 46.91 7.45 -1.07
CA ILE F 135 46.64 6.30 -1.93
C ILE F 135 47.50 5.13 -1.45
N LEU F 136 46.90 3.94 -1.42
CA LEU F 136 47.58 2.74 -0.97
C LEU F 136 47.73 1.82 -2.17
N ILE F 137 48.99 1.48 -2.48
CA ILE F 137 49.32 0.61 -3.61
C ILE F 137 49.79 -0.75 -3.09
N ALA F 138 49.33 -1.81 -3.74
CA ALA F 138 49.70 -3.18 -3.35
C ALA F 138 49.56 -4.11 -4.53
N ARG F 139 50.34 -5.20 -4.54
CA ARG F 139 50.26 -6.24 -5.57
C ARG F 139 49.59 -7.46 -5.00
N ASP F 140 48.90 -8.21 -5.85
CA ASP F 140 48.38 -9.54 -5.50
C ASP F 140 49.58 -10.47 -5.25
N PRO F 141 49.62 -11.18 -4.10
CA PRO F 141 50.71 -12.14 -3.87
C PRO F 141 50.84 -13.27 -4.92
N ASP F 142 49.72 -13.70 -5.50
CA ASP F 142 49.74 -14.73 -6.56
C ASP F 142 50.01 -14.11 -7.94
N SER F 143 49.04 -13.39 -8.50
CA SER F 143 49.16 -12.86 -9.87
C SER F 143 50.18 -11.72 -10.05
N GLY F 144 50.54 -11.03 -8.96
CA GLY F 144 51.48 -9.89 -9.04
C GLY F 144 50.94 -8.55 -9.57
N VAL F 145 49.68 -8.52 -10.02
CA VAL F 145 49.10 -7.28 -10.56
C VAL F 145 48.68 -6.35 -9.42
N ARG F 146 48.79 -5.04 -9.66
CA ARG F 146 48.60 -4.09 -8.56
C ARG F 146 47.26 -3.34 -8.54
N ASN F 147 46.93 -2.88 -7.35
CA ASN F 147 45.68 -2.21 -7.04
C ASN F 147 45.99 -0.93 -6.29
N VAL F 148 45.11 0.05 -6.42
CA VAL F 148 45.18 1.31 -5.69
C VAL F 148 43.82 1.56 -5.06
N SER F 149 43.83 1.97 -3.79
CA SER F 149 42.62 2.40 -3.08
C SER F 149 43.05 3.35 -1.98
N ILE F 150 42.10 4.09 -1.43
CA ILE F 150 42.39 5.02 -0.34
C ILE F 150 41.78 4.47 0.94
N HIS F 151 42.54 4.52 2.03
CA HIS F 151 42.09 3.99 3.32
C HIS F 151 42.50 4.89 4.43
N ARG F 152 41.61 5.11 5.39
CA ARG F 152 41.94 5.90 6.57
C ARG F 152 42.98 5.16 7.42
N LEU F 153 43.93 5.92 7.96
CA LEU F 153 45.05 5.36 8.70
C LEU F 153 45.16 6.11 10.00
N GLN F 154 44.77 5.46 11.09
CA GLN F 154 44.97 5.99 12.43
C GLN F 154 46.44 5.86 12.82
N VAL F 155 47.03 6.95 13.31
CA VAL F 155 48.38 6.90 13.86
C VAL F 155 48.27 6.32 15.28
N THR F 156 48.70 5.07 15.46
CA THR F 156 48.66 4.38 16.76
C THR F 156 50.05 4.22 17.42
N GLY F 157 51.09 4.67 16.74
CA GLY F 157 52.45 4.65 17.27
C GLY F 157 53.41 5.41 16.37
N PRO F 158 54.69 5.48 16.78
CA PRO F 158 55.70 6.08 15.89
C PRO F 158 55.78 5.42 14.49
N ASP F 159 55.85 4.09 14.45
CA ASP F 159 55.98 3.33 13.19
C ASP F 159 54.76 2.43 12.91
N ARG F 160 53.57 2.86 13.34
CA ARG F 160 52.39 1.97 13.40
C ARG F 160 51.06 2.68 13.09
N LEU F 161 50.30 2.11 12.16
CA LEU F 161 49.02 2.65 11.73
C LEU F 161 47.93 1.59 11.79
N GLY F 162 46.76 1.97 12.29
CA GLY F 162 45.54 1.14 12.15
C GLY F 162 44.88 1.46 10.82
N ILE F 163 44.29 0.46 10.17
CA ILE F 163 43.73 0.64 8.84
C ILE F 163 42.35 0.00 8.72
N LEU F 164 41.39 0.73 8.14
CA LEU F 164 40.08 0.17 7.78
C LEU F 164 40.17 -0.37 6.36
N ILE F 165 39.98 -1.68 6.23
CA ILE F 165 39.92 -2.32 4.93
C ILE F 165 38.51 -2.88 4.76
N LEU F 166 37.66 -2.19 3.98
CA LEU F 166 36.37 -2.75 3.58
C LEU F 166 36.63 -3.87 2.56
N PRO F 167 35.66 -4.81 2.44
CA PRO F 167 35.88 -5.99 1.62
C PRO F 167 35.80 -5.78 0.08
N ARG F 168 36.83 -5.17 -0.50
CA ARG F 168 36.96 -5.06 -1.95
C ARG F 168 38.36 -5.60 -2.31
N HIS F 169 39.15 -4.93 -3.15
CA HIS F 169 40.34 -5.54 -3.73
C HIS F 169 41.51 -5.66 -2.75
N LEU F 170 41.73 -4.65 -1.91
CA LEU F 170 42.83 -4.76 -0.96
C LEU F 170 42.56 -5.91 0.01
N TRP F 171 41.30 -6.09 0.41
CA TRP F 171 40.93 -7.19 1.30
C TRP F 171 41.21 -8.57 0.68
N HIS F 172 40.91 -8.71 -0.60
CA HIS F 172 41.19 -9.94 -1.35
C HIS F 172 42.68 -10.29 -1.31
N PHE F 173 43.52 -9.28 -1.56
CA PHE F 173 44.97 -9.44 -1.51
C PHE F 173 45.40 -9.82 -0.11
N PHE F 174 44.93 -9.05 0.86
CA PHE F 174 45.31 -9.26 2.26
C PHE F 174 44.93 -10.65 2.76
N GLY F 175 43.74 -11.13 2.38
CA GLY F 175 43.29 -12.47 2.73
C GLY F 175 44.25 -13.57 2.25
N LYS F 176 44.73 -13.44 1.01
CA LYS F 176 45.71 -14.39 0.47
C LYS F 176 47.00 -14.41 1.27
N ALA F 177 47.54 -13.22 1.51
CA ALA F 177 48.73 -13.07 2.33
C ALA F 177 48.52 -13.59 3.75
N GLU F 178 47.36 -13.31 4.34
CA GLU F 178 47.13 -13.64 5.74
C GLU F 178 47.01 -15.16 5.97
N ARG F 179 46.27 -15.86 5.11
CA ARG F 179 46.11 -17.29 5.27
C ARG F 179 47.31 -18.11 4.76
N ALA F 180 48.30 -17.44 4.15
CA ALA F 180 49.65 -18.01 3.95
C ALA F 180 50.68 -17.52 5.00
N GLY F 181 50.21 -17.03 6.15
CA GLY F 181 51.09 -16.60 7.27
C GLY F 181 52.00 -15.39 7.05
N ARG F 182 51.82 -14.67 5.95
CA ARG F 182 52.81 -13.70 5.44
C ARG F 182 52.23 -12.26 5.45
N PRO F 183 53.06 -11.23 5.70
CA PRO F 183 52.55 -9.85 5.58
C PRO F 183 52.29 -9.43 4.14
N LEU F 184 51.42 -8.43 3.94
CA LEU F 184 51.19 -7.84 2.61
C LEU F 184 51.96 -6.54 2.51
N GLU F 185 52.84 -6.44 1.51
CA GLU F 185 53.67 -5.26 1.32
C GLU F 185 52.84 -4.17 0.65
N ILE F 186 52.92 -2.96 1.20
CA ILE F 186 52.18 -1.82 0.68
C ILE F 186 53.06 -0.58 0.64
N ALA F 187 52.58 0.40 -0.11
CA ALA F 187 53.17 1.72 -0.12
C ALA F 187 52.04 2.76 -0.15
N LEU F 188 52.21 3.83 0.62
CA LEU F 188 51.24 4.87 0.74
C LEU F 188 51.85 6.10 0.11
N ALA F 189 51.20 6.69 -0.88
CA ALA F 189 51.66 7.97 -1.46
C ALA F 189 50.71 9.09 -1.06
N ILE F 190 51.27 10.16 -0.51
CA ILE F 190 50.51 11.33 -0.05
C ILE F 190 51.00 12.55 -0.83
N GLY F 191 50.07 13.36 -1.29
CA GLY F 191 50.39 14.49 -2.14
C GLY F 191 50.58 14.05 -3.58
N VAL F 192 49.47 13.67 -4.22
CA VAL F 192 49.45 13.37 -5.65
C VAL F 192 48.42 14.22 -6.38
N HIS F 193 48.52 14.22 -7.71
CA HIS F 193 47.60 14.97 -8.56
C HIS F 193 46.15 14.46 -8.38
N PRO F 194 45.15 15.33 -8.46
CA PRO F 194 43.76 14.85 -8.25
C PRO F 194 43.26 13.73 -9.17
N ALA F 195 43.63 13.77 -10.44
CA ALA F 195 43.38 12.66 -11.36
C ALA F 195 43.82 11.30 -10.78
N VAL F 196 44.95 11.25 -10.08
CA VAL F 196 45.44 10.01 -9.47
C VAL F 196 44.52 9.56 -8.33
N LEU F 197 44.13 10.49 -7.47
CA LEU F 197 43.18 10.21 -6.39
C LEU F 197 41.86 9.70 -6.96
N LEU F 198 41.37 10.39 -7.98
CA LEU F 198 40.13 10.03 -8.62
C LEU F 198 40.18 8.63 -9.22
N ALA F 199 41.31 8.27 -9.79
CA ALA F 199 41.51 6.94 -10.35
C ALA F 199 41.53 5.86 -9.30
N SER F 200 42.03 6.16 -8.09
CA SER F 200 42.01 5.20 -7.00
C SER F 200 40.60 4.77 -6.65
N GLN F 201 39.63 5.64 -6.91
CA GLN F 201 38.21 5.36 -6.70
C GLN F 201 37.51 4.68 -7.86
N ALA F 202 38.19 4.49 -8.99
CA ALA F 202 37.56 3.83 -10.12
C ALA F 202 37.23 2.41 -9.71
N THR F 203 36.05 1.98 -10.12
CA THR F 203 35.50 0.75 -9.61
C THR F 203 35.38 -0.21 -10.80
N THR F 204 36.16 -1.28 -10.76
CA THR F 204 36.49 -2.08 -11.96
C THR F 204 36.56 -3.59 -11.71
N ARG F 205 36.76 -4.32 -12.80
CA ARG F 205 37.17 -5.72 -12.77
C ARG F 205 38.39 -5.93 -11.83
N LEU F 206 38.58 -7.16 -11.35
CA LEU F 206 39.68 -7.46 -10.39
C LEU F 206 41.09 -7.28 -10.98
N GLY F 207 41.24 -7.47 -12.30
CA GLY F 207 42.56 -7.39 -12.91
C GLY F 207 43.27 -6.05 -13.04
N VAL F 208 42.55 -4.93 -12.95
CA VAL F 208 43.07 -3.68 -13.56
C VAL F 208 43.74 -2.72 -12.57
N ASP F 209 44.85 -2.17 -13.05
CA ASP F 209 45.72 -1.29 -12.31
C ASP F 209 45.21 0.16 -12.42
N GLU F 210 44.82 0.73 -11.28
CA GLU F 210 44.30 2.09 -11.27
C GLU F 210 45.35 3.16 -11.55
N LEU F 211 46.63 2.85 -11.35
CA LEU F 211 47.69 3.77 -11.78
C LEU F 211 47.66 3.91 -13.29
N GLU F 212 47.32 2.82 -13.98
CA GLU F 212 47.19 2.85 -15.44
C GLU F 212 45.91 3.62 -15.86
N ILE F 213 44.88 3.58 -15.02
CA ILE F 213 43.71 4.43 -15.25
C ILE F 213 44.08 5.89 -15.05
N ALA F 214 44.88 6.18 -14.03
CA ALA F 214 45.34 7.53 -13.77
C ALA F 214 46.16 8.05 -14.94
N SER F 215 47.05 7.24 -15.49
CA SER F 215 47.89 7.74 -16.57
C SER F 215 47.13 7.93 -17.90
N ALA F 216 46.00 7.25 -18.10
CA ALA F 216 45.06 7.62 -19.19
C ALA F 216 44.38 8.97 -18.94
N LEU F 217 44.12 9.30 -17.68
CA LEU F 217 43.50 10.59 -17.32
C LEU F 217 44.44 11.79 -17.46
N LEU F 218 45.71 11.60 -17.12
CA LEU F 218 46.71 12.66 -17.23
C LEU F 218 47.15 12.87 -18.69
N PRO F 219 47.72 14.05 -19.02
CA PRO F 219 48.21 14.26 -20.40
C PRO F 219 49.46 13.43 -20.75
N GLN F 220 50.44 13.36 -19.85
CA GLN F 220 51.61 12.47 -20.01
C GLN F 220 51.35 11.21 -19.17
N PRO F 221 51.93 10.05 -19.56
CA PRO F 221 51.94 8.92 -18.63
C PRO F 221 52.58 9.21 -17.28
N LEU F 222 52.22 8.41 -16.30
CA LEU F 222 52.53 8.68 -14.92
C LEU F 222 53.88 8.06 -14.64
N GLU F 223 54.83 8.86 -14.17
CA GLU F 223 56.18 8.36 -13.88
C GLU F 223 56.20 7.68 -12.50
N LEU F 224 56.67 6.43 -12.47
CA LEU F 224 56.79 5.65 -11.22
C LEU F 224 58.22 5.33 -10.87
N VAL F 225 58.44 4.97 -9.61
CA VAL F 225 59.78 4.63 -9.12
C VAL F 225 59.68 3.49 -8.12
N LYS F 226 60.66 2.60 -8.10
CA LYS F 226 60.65 1.48 -7.17
C LYS F 226 60.84 1.95 -5.72
N CYS F 227 60.23 1.24 -4.78
CA CYS F 227 60.35 1.53 -3.35
C CYS F 227 61.66 0.99 -2.76
N GLU F 228 62.06 1.58 -1.63
CA GLU F 228 63.27 1.19 -0.90
C GLU F 228 63.17 -0.20 -0.26
N THR F 229 62.11 -0.43 0.50
CA THR F 229 61.99 -1.62 1.34
C THR F 229 60.88 -2.60 0.95
N VAL F 230 60.17 -2.36 -0.15
CA VAL F 230 59.05 -3.23 -0.56
C VAL F 230 58.98 -3.37 -2.07
N ASP F 231 58.49 -4.50 -2.58
CA ASP F 231 58.43 -4.70 -4.05
C ASP F 231 57.16 -4.05 -4.62
N VAL F 232 57.15 -2.72 -4.58
CA VAL F 232 56.01 -1.90 -4.97
C VAL F 232 56.55 -0.59 -5.55
N GLU F 233 55.87 -0.08 -6.58
CA GLU F 233 56.26 1.16 -7.25
C GLU F 233 55.34 2.24 -6.74
N VAL F 234 55.85 3.48 -6.66
CA VAL F 234 55.06 4.63 -6.26
C VAL F 234 55.28 5.78 -7.23
N PRO F 235 54.36 6.75 -7.27
CA PRO F 235 54.59 7.87 -8.16
C PRO F 235 55.84 8.63 -7.75
N ALA F 236 56.73 8.83 -8.72
CA ALA F 236 58.02 9.48 -8.45
C ALA F 236 57.87 10.93 -8.02
N GLY F 237 56.77 11.57 -8.45
CA GLY F 237 56.48 12.97 -8.11
C GLY F 237 55.75 13.23 -6.80
N ALA F 238 55.38 12.17 -6.08
CA ALA F 238 54.64 12.32 -4.82
C ALA F 238 55.40 13.18 -3.82
N GLU F 239 54.69 13.83 -2.92
CA GLU F 239 55.35 14.62 -1.88
C GLU F 239 55.94 13.72 -0.83
N ILE F 240 55.16 12.73 -0.38
CA ILE F 240 55.56 11.85 0.72
C ILE F 240 55.15 10.42 0.38
N VAL F 241 56.00 9.45 0.73
CA VAL F 241 55.69 8.03 0.58
C VAL F 241 56.01 7.30 1.87
N ILE F 242 55.10 6.42 2.28
CA ILE F 242 55.26 5.65 3.50
C ILE F 242 55.18 4.18 3.09
N GLU F 243 56.32 3.50 3.21
CA GLU F 243 56.43 2.11 2.84
C GLU F 243 56.16 1.33 4.10
N GLY F 244 55.46 0.20 3.95
CA GLY F 244 55.10 -0.59 5.11
C GLY F 244 54.59 -1.95 4.73
N LYS F 245 53.98 -2.60 5.70
CA LYS F 245 53.38 -3.90 5.48
C LYS F 245 52.21 -4.10 6.44
N ILE F 246 51.18 -4.78 5.95
CA ILE F 246 50.01 -5.06 6.77
C ILE F 246 50.31 -6.39 7.46
N LEU F 247 50.36 -6.39 8.80
CA LEU F 247 50.77 -7.58 9.56
C LEU F 247 49.69 -8.66 9.59
N PRO F 248 50.09 -9.94 9.37
CA PRO F 248 49.14 -11.04 9.32
C PRO F 248 48.75 -11.51 10.72
N GLY F 249 47.46 -11.79 10.94
CA GLY F 249 46.96 -12.28 12.22
C GLY F 249 46.78 -11.25 13.32
N VAL F 250 47.29 -10.02 13.13
CA VAL F 250 47.20 -8.97 14.13
C VAL F 250 45.94 -8.13 13.90
N ARG F 251 45.19 -7.92 14.98
CA ARG F 251 44.07 -6.98 14.99
C ARG F 251 44.17 -6.07 16.23
N GLU F 252 44.14 -4.76 16.01
CA GLU F 252 44.14 -3.77 17.08
C GLU F 252 42.99 -2.80 16.86
N VAL F 253 42.48 -2.26 17.95
CA VAL F 253 41.31 -1.38 17.91
C VAL F 253 41.61 -0.11 17.10
N GLU F 254 40.84 0.11 16.04
CA GLU F 254 40.92 1.31 15.20
C GLU F 254 39.61 2.06 15.32
N GLY F 255 39.71 3.39 15.34
CA GLY F 255 38.53 4.24 15.43
C GLY F 255 38.07 4.46 16.85
N PRO F 256 36.97 5.20 17.06
CA PRO F 256 36.11 5.72 15.97
C PRO F 256 36.69 6.88 15.16
N PHE F 257 35.99 7.23 14.09
CA PHE F 257 36.45 8.27 13.15
C PHE F 257 35.23 8.89 12.47
N GLY F 258 35.22 10.22 12.36
CA GLY F 258 34.13 10.92 11.67
C GLY F 258 34.23 10.61 10.18
N GLU F 259 33.14 10.10 9.61
CA GLU F 259 33.14 9.59 8.25
C GLU F 259 32.28 10.41 7.26
N TYR F 260 32.25 9.98 6.00
CA TYR F 260 31.56 10.69 4.92
C TYR F 260 30.12 11.15 5.18
N PRO F 261 29.31 10.36 5.95
CA PRO F 261 27.93 10.80 6.10
C PRO F 261 27.67 11.69 7.31
N ARG F 262 28.72 12.32 7.83
CA ARG F 262 28.64 13.17 9.01
C ARG F 262 28.21 12.36 10.26
N TYR F 263 28.55 11.06 10.32
CA TYR F 263 28.41 10.25 11.55
C TYR F 263 29.73 9.53 11.84
N TYR F 264 29.89 9.02 13.06
CA TYR F 264 31.15 8.39 13.45
C TYR F 264 31.13 6.92 13.02
N GLY F 265 32.17 6.50 12.32
CA GLY F 265 32.36 5.07 12.07
C GLY F 265 32.74 4.42 13.41
N PRO F 266 32.05 3.33 13.80
CA PRO F 266 32.34 2.76 15.12
C PRO F 266 33.73 2.13 15.21
N ALA F 267 34.28 2.16 16.43
CA ALA F 267 35.56 1.53 16.73
C ALA F 267 35.45 0.00 16.65
N ALA F 268 36.51 -0.65 16.20
CA ALA F 268 36.55 -2.12 16.17
C ALA F 268 37.98 -2.61 15.97
N PRO F 269 38.26 -3.89 16.32
CA PRO F 269 39.57 -4.48 16.01
C PRO F 269 39.76 -4.71 14.51
N ARG F 270 40.82 -4.10 13.94
CA ARG F 270 41.12 -4.14 12.50
C ARG F 270 42.64 -4.24 12.25
N PRO F 271 43.03 -4.52 10.98
CA PRO F 271 44.45 -4.70 10.65
C PRO F 271 45.37 -3.55 11.01
N VAL F 272 46.67 -3.86 10.98
CA VAL F 272 47.73 -2.94 11.43
C VAL F 272 48.83 -2.85 10.36
N VAL F 273 49.27 -1.63 10.08
CA VAL F 273 50.41 -1.39 9.18
C VAL F 273 51.63 -1.08 10.04
N GLU F 274 52.75 -1.76 9.75
CA GLU F 274 54.05 -1.43 10.35
C GLU F 274 54.85 -0.72 9.27
N VAL F 275 55.33 0.50 9.54
CA VAL F 275 56.01 1.26 8.49
C VAL F 275 57.51 0.99 8.56
N THR F 276 58.08 0.63 7.40
CA THR F 276 59.47 0.23 7.26
C THR F 276 60.35 1.34 6.67
N ALA F 277 59.75 2.37 6.07
CA ALA F 277 60.49 3.53 5.57
C ALA F 277 59.56 4.68 5.24
N VAL F 278 60.13 5.88 5.21
CA VAL F 278 59.43 7.07 4.76
C VAL F 278 60.35 7.81 3.82
N THR F 279 59.84 8.22 2.66
CA THR F 279 60.65 8.98 1.70
C THR F 279 59.85 10.22 1.33
N HIS F 280 60.52 11.33 1.02
CA HIS F 280 59.80 12.56 0.68
C HIS F 280 60.66 13.55 -0.05
N ARG F 281 60.02 14.55 -0.64
CA ARG F 281 60.72 15.67 -1.24
C ARG F 281 61.35 16.56 -0.17
N ARG F 282 62.35 17.36 -0.55
CA ARG F 282 62.85 18.46 0.30
C ARG F 282 61.75 19.52 0.32
N GLN F 283 61.43 20.05 1.50
CA GLN F 283 60.23 20.87 1.73
C GLN F 283 58.98 20.24 1.11
N PRO F 284 58.51 19.14 1.72
CA PRO F 284 57.30 18.49 1.24
C PRO F 284 56.04 19.26 1.67
N VAL F 285 54.95 19.06 0.93
CA VAL F 285 53.62 19.56 1.30
C VAL F 285 52.75 18.37 1.71
N TYR F 286 52.19 18.42 2.92
CA TYR F 286 51.26 17.38 3.41
C TYR F 286 49.82 17.68 2.95
N HIS F 287 49.20 16.72 2.28
CA HIS F 287 47.81 16.83 1.86
C HIS F 287 46.92 16.07 2.84
N THR F 288 45.90 16.76 3.37
CA THR F 288 44.84 16.11 4.13
C THR F 288 43.50 16.35 3.43
N ILE F 289 42.64 15.33 3.45
CA ILE F 289 41.25 15.45 3.04
C ILE F 289 40.42 15.48 4.32
N ILE F 290 39.69 16.56 4.51
CA ILE F 290 38.81 16.71 5.67
C ILE F 290 37.57 15.85 5.44
N PRO F 291 37.27 14.91 6.36
CA PRO F 291 36.13 14.04 6.13
C PRO F 291 34.82 14.81 5.99
N ALA F 292 33.97 14.33 5.09
CA ALA F 292 32.69 14.96 4.72
C ALA F 292 32.79 16.27 3.93
N SER F 293 34.01 16.71 3.63
CA SER F 293 34.22 17.86 2.76
C SER F 293 33.85 17.48 1.34
N ARG F 294 33.72 18.49 0.52
CA ARG F 294 33.36 18.34 -0.87
C ARG F 294 34.42 17.54 -1.62
N GLU F 295 35.69 17.78 -1.30
CA GLU F 295 36.82 17.01 -1.81
C GLU F 295 36.59 15.50 -1.55
N HIS F 296 36.30 15.18 -0.29
CA HIS F 296 36.01 13.81 0.11
C HIS F 296 34.84 13.21 -0.64
N LEU F 297 33.73 13.94 -0.65
CA LEU F 297 32.50 13.43 -1.24
C LEU F 297 32.60 13.27 -2.76
N LEU F 298 33.15 14.26 -3.43
CA LEU F 298 33.23 14.21 -4.90
C LEU F 298 34.21 13.18 -5.46
N LEU F 299 35.23 12.80 -4.68
CA LEU F 299 36.16 11.76 -5.14
C LEU F 299 35.42 10.47 -5.42
N GLY F 300 34.67 10.02 -4.43
CA GLY F 300 33.80 8.87 -4.57
C GLY F 300 32.59 9.16 -5.45
N GLY F 301 32.04 10.36 -5.34
CA GLY F 301 30.82 10.73 -6.04
C GLY F 301 30.94 10.62 -7.55
N ILE F 302 32.01 11.20 -8.08
CA ILE F 302 32.20 11.25 -9.52
C ILE F 302 32.45 9.85 -10.08
N ALA F 303 33.24 9.06 -9.40
CA ALA F 303 33.44 7.67 -9.80
C ALA F 303 32.13 6.89 -9.81
N ARG F 304 31.33 7.02 -8.77
CA ARG F 304 30.00 6.39 -8.73
C ARG F 304 29.07 6.90 -9.83
N GLU F 305 29.12 8.20 -10.09
CA GLU F 305 28.32 8.84 -11.14
C GLU F 305 28.61 8.29 -12.52
N ALA F 306 29.88 8.03 -12.78
CA ALA F 306 30.26 7.45 -14.06
C ALA F 306 29.61 6.08 -14.28
N VAL F 307 29.51 5.28 -13.22
CA VAL F 307 28.83 3.99 -13.29
C VAL F 307 27.31 4.15 -13.38
N LEU F 308 26.77 5.06 -12.56
CA LEU F 308 25.35 5.33 -12.52
C LEU F 308 24.84 5.72 -13.90
N LEU F 309 25.59 6.56 -14.61
CA LEU F 309 25.21 6.98 -15.96
C LEU F 309 25.10 5.79 -16.90
N GLN F 310 26.12 4.92 -16.89
CA GLN F 310 26.13 3.74 -17.75
C GLN F 310 24.96 2.79 -17.46
N THR F 311 24.68 2.60 -16.16
CA THR F 311 23.62 1.69 -15.71
C THR F 311 22.25 2.21 -16.08
N VAL F 312 22.02 3.50 -15.84
CA VAL F 312 20.76 4.13 -16.25
C VAL F 312 20.61 4.09 -17.78
N ARG F 313 21.70 4.27 -18.51
CA ARG F 313 21.66 4.19 -19.97
C ARG F 313 21.16 2.84 -20.48
N GLN F 314 21.49 1.76 -19.77
CA GLN F 314 20.98 0.45 -20.13
C GLN F 314 19.46 0.39 -20.14
N ALA F 315 18.82 0.95 -19.12
CA ALA F 315 17.37 0.95 -19.00
C ALA F 315 16.72 2.05 -19.85
N VAL F 316 17.34 3.23 -19.88
CA VAL F 316 16.82 4.40 -20.53
C VAL F 316 17.92 5.00 -21.41
N PRO F 317 17.98 4.60 -22.70
CA PRO F 317 19.07 5.05 -23.57
C PRO F 317 19.21 6.56 -23.73
N THR F 318 18.08 7.27 -23.63
CA THR F 318 18.02 8.74 -23.72
C THR F 318 18.24 9.50 -22.39
N VAL F 319 18.82 8.86 -21.39
CA VAL F 319 19.26 9.56 -20.18
C VAL F 319 20.16 10.71 -20.60
N LYS F 320 19.94 11.90 -20.03
CA LYS F 320 20.81 13.03 -20.29
C LYS F 320 21.89 13.12 -19.19
N ASN F 321 21.51 13.05 -17.93
CA ASN F 321 22.46 13.36 -16.86
C ASN F 321 22.13 12.69 -15.56
N VAL F 322 23.14 12.51 -14.72
CA VAL F 322 22.95 11.96 -13.40
C VAL F 322 23.78 12.68 -12.36
N HIS F 323 23.28 12.66 -11.14
CA HIS F 323 23.91 13.39 -10.04
C HIS F 323 23.65 12.70 -8.71
N LEU F 324 24.73 12.37 -8.02
CA LEU F 324 24.68 11.95 -6.64
C LEU F 324 24.93 13.17 -5.76
N THR F 325 23.89 13.60 -5.04
CA THR F 325 23.87 14.92 -4.43
C THR F 325 24.72 14.96 -3.17
N PRO F 326 25.31 16.11 -2.88
CA PRO F 326 26.07 16.27 -1.63
C PRO F 326 25.22 16.13 -0.36
N GLY F 327 23.93 16.45 -0.49
CA GLY F 327 22.98 16.22 0.59
C GLY F 327 22.89 14.77 0.98
N GLY F 328 23.03 13.88 -0.01
CA GLY F 328 23.09 12.44 0.26
C GLY F 328 24.49 11.85 0.42
N SER F 329 25.47 12.68 0.76
CA SER F 329 26.89 12.28 0.82
C SER F 329 27.41 11.65 -0.49
N CYS F 330 26.90 12.15 -1.62
CA CYS F 330 27.32 11.71 -2.95
C CYS F 330 27.33 10.18 -3.05
N ARG F 331 26.17 9.60 -2.76
CA ARG F 331 26.01 8.17 -2.50
C ARG F 331 24.55 7.75 -2.43
N TYR F 332 23.84 8.39 -1.51
CA TYR F 332 22.53 7.95 -1.03
C TYR F 332 21.39 8.50 -1.88
N HIS F 333 21.52 9.74 -2.33
CA HIS F 333 20.49 10.39 -3.15
C HIS F 333 20.97 10.54 -4.58
N ALA F 334 20.14 10.14 -5.53
CA ALA F 334 20.46 10.26 -6.95
C ALA F 334 19.37 11.06 -7.66
N VAL F 335 19.77 11.95 -8.55
CA VAL F 335 18.85 12.66 -9.40
C VAL F 335 19.21 12.36 -10.83
N ILE F 336 18.26 11.85 -11.58
CA ILE F 336 18.46 11.48 -12.97
C ILE F 336 17.63 12.44 -13.84
N SER F 337 18.22 12.97 -14.90
CA SER F 337 17.39 13.61 -15.92
C SER F 337 17.37 12.73 -17.16
N ILE F 338 16.18 12.59 -17.75
CA ILE F 338 16.00 11.80 -18.97
C ILE F 338 15.22 12.60 -19.98
N GLU F 339 15.48 12.38 -21.27
CA GLU F 339 14.57 12.82 -22.33
C GLU F 339 13.63 11.65 -22.54
N LYS F 340 12.45 11.75 -21.95
CA LYS F 340 11.51 10.65 -21.90
C LYS F 340 10.91 10.38 -23.29
N LYS F 341 11.11 9.16 -23.78
CA LYS F 341 10.53 8.71 -25.05
C LYS F 341 9.36 7.73 -24.87
N HIS F 342 9.30 7.00 -23.75
CA HIS F 342 8.25 6.02 -23.52
C HIS F 342 7.60 6.28 -22.18
N GLU F 343 6.27 6.24 -22.10
CA GLU F 343 5.64 6.45 -20.81
C GLU F 343 6.09 5.31 -19.86
N GLY F 344 6.28 5.67 -18.59
CA GLY F 344 6.83 4.76 -17.60
C GLY F 344 8.35 4.79 -17.42
N GLU F 345 9.09 5.31 -18.41
CA GLU F 345 10.56 5.23 -18.41
C GLU F 345 11.21 5.65 -17.10
N ALA F 346 10.66 6.65 -16.42
CA ALA F 346 11.25 7.12 -15.19
C ALA F 346 11.34 6.03 -14.13
N LYS F 347 10.33 5.17 -14.02
CA LYS F 347 10.38 4.08 -13.02
C LYS F 347 11.55 3.14 -13.32
N ASN F 348 11.77 2.86 -14.60
CA ASN F 348 12.82 1.95 -15.03
C ASN F 348 14.20 2.59 -14.78
N ALA F 349 14.29 3.90 -14.94
CA ALA F 349 15.50 4.63 -14.61
C ALA F 349 15.83 4.48 -13.14
N ILE F 350 14.82 4.60 -12.30
CA ILE F 350 14.98 4.43 -10.85
C ILE F 350 15.48 3.02 -10.51
N PHE F 351 14.98 2.00 -11.19
CA PHE F 351 15.47 0.66 -10.94
C PHE F 351 16.95 0.61 -11.28
N ALA F 352 17.34 1.19 -12.40
CA ALA F 352 18.75 1.24 -12.77
C ALA F 352 19.59 1.97 -11.73
N ALA F 353 19.08 3.07 -11.20
CA ALA F 353 19.79 3.80 -10.16
C ALA F 353 20.05 2.91 -8.95
N PHE F 354 19.04 2.14 -8.55
CA PHE F 354 19.21 1.20 -7.44
C PHE F 354 20.24 0.12 -7.75
N THR F 355 20.32 -0.32 -9.01
CA THR F 355 21.23 -1.42 -9.32
C THR F 355 22.67 -0.94 -9.50
N SER F 356 22.86 0.36 -9.72
CA SER F 356 24.21 0.94 -9.81
C SER F 356 25.00 0.67 -8.54
N SER F 357 24.34 0.76 -7.39
CA SER F 357 24.98 0.57 -6.10
C SER F 357 23.94 0.39 -5.01
N SER F 358 24.25 -0.46 -4.04
CA SER F 358 23.36 -0.66 -2.91
C SER F 358 23.28 0.56 -1.98
N GLU F 359 24.19 1.51 -2.12
CA GLU F 359 24.14 2.72 -1.32
C GLU F 359 22.96 3.63 -1.71
N VAL F 360 22.53 3.57 -2.96
CA VAL F 360 21.49 4.46 -3.47
C VAL F 360 20.16 4.14 -2.81
N LYS F 361 19.59 5.14 -2.15
CA LYS F 361 18.44 4.97 -1.28
C LYS F 361 17.19 5.69 -1.80
N HIS F 362 17.32 6.96 -2.15
CA HIS F 362 16.19 7.76 -2.69
C HIS F 362 16.59 8.30 -4.05
N VAL F 363 15.69 8.26 -5.00
CA VAL F 363 16.00 8.65 -6.35
C VAL F 363 14.86 9.50 -6.87
N VAL F 364 15.18 10.63 -7.50
CA VAL F 364 14.15 11.40 -8.21
C VAL F 364 14.56 11.54 -9.66
N VAL F 365 13.59 11.44 -10.56
CA VAL F 365 13.80 11.57 -11.98
C VAL F 365 13.03 12.78 -12.48
N VAL F 366 13.69 13.61 -13.28
CA VAL F 366 13.09 14.81 -13.85
C VAL F 366 13.34 14.82 -15.37
N ASP F 367 12.75 15.78 -16.08
CA ASP F 367 12.94 15.84 -17.54
C ASP F 367 14.26 16.54 -17.93
N HIS F 368 14.69 16.30 -19.17
CA HIS F 368 15.97 16.80 -19.72
C HIS F 368 16.25 18.28 -19.44
N GLU F 369 15.22 19.12 -19.46
CA GLU F 369 15.37 20.57 -19.30
C GLU F 369 15.67 21.06 -17.88
N ILE F 370 15.41 20.22 -16.87
CA ILE F 370 15.65 20.59 -15.46
C ILE F 370 17.13 20.43 -15.15
N ASN F 371 17.71 21.44 -14.53
CA ASN F 371 19.11 21.40 -14.12
C ASN F 371 19.19 20.65 -12.81
N ILE F 372 19.74 19.44 -12.88
CA ILE F 372 19.78 18.57 -11.71
C ILE F 372 20.88 18.90 -10.70
N PHE F 373 21.74 19.86 -11.03
CA PHE F 373 22.78 20.31 -10.11
C PHE F 373 22.31 21.52 -9.31
N ASP F 374 21.06 21.95 -9.54
CA ASP F 374 20.39 22.96 -8.72
C ASP F 374 19.31 22.30 -7.86
N PRO F 375 19.56 22.17 -6.55
CA PRO F 375 18.58 21.47 -5.68
C PRO F 375 17.19 22.09 -5.72
N GLU F 376 17.14 23.41 -5.74
CA GLU F 376 15.87 24.11 -5.80
C GLU F 376 15.07 23.79 -7.07
N GLU F 377 15.72 23.65 -8.21
CA GLU F 377 15.03 23.35 -9.45
C GLU F 377 14.46 21.93 -9.42
N VAL F 378 15.15 20.97 -8.81
CA VAL F 378 14.57 19.61 -8.77
C VAL F 378 13.46 19.56 -7.72
N GLU F 379 13.64 20.25 -6.59
CA GLU F 379 12.56 20.34 -5.59
C GLU F 379 11.29 20.98 -6.20
N TRP F 380 11.48 22.00 -7.02
CA TRP F 380 10.41 22.63 -7.76
C TRP F 380 9.68 21.61 -8.65
N ALA F 381 10.47 20.84 -9.40
CA ALA F 381 9.91 19.78 -10.23
C ALA F 381 9.10 18.77 -9.39
N VAL F 382 9.63 18.36 -8.24
CA VAL F 382 8.90 17.46 -7.35
C VAL F 382 7.61 18.09 -6.84
N ALA F 383 7.66 19.37 -6.49
CA ALA F 383 6.48 20.03 -5.93
C ALA F 383 5.33 20.10 -6.95
N THR F 384 5.67 20.26 -8.23
CA THR F 384 4.66 20.57 -9.22
C THR F 384 4.43 19.52 -10.27
N ARG F 385 5.28 18.49 -10.33
CA ARG F 385 5.13 17.42 -11.33
C ARG F 385 5.03 16.02 -10.74
N CYS F 386 5.01 15.92 -9.41
CA CYS F 386 4.84 14.65 -8.75
C CYS F 386 3.49 14.63 -8.03
N GLN F 387 2.81 13.51 -8.17
CA GLN F 387 1.64 13.18 -7.39
C GLN F 387 1.98 11.85 -6.72
N ALA F 388 2.17 11.87 -5.41
CA ALA F 388 2.76 10.72 -4.71
C ALA F 388 2.02 9.39 -4.88
N GLY F 389 0.70 9.48 -5.05
CA GLY F 389 -0.13 8.30 -5.23
C GLY F 389 0.18 7.49 -6.46
N ARG F 390 0.66 8.14 -7.52
CA ARG F 390 1.08 7.42 -8.74
C ARG F 390 2.55 7.58 -9.13
N ASP F 391 3.25 8.54 -8.56
CA ASP F 391 4.61 8.83 -9.00
C ASP F 391 5.69 8.43 -7.96
N VAL F 392 5.29 7.93 -6.80
CA VAL F 392 6.25 7.49 -5.77
C VAL F 392 6.09 6.01 -5.56
N PHE F 393 7.20 5.29 -5.38
CA PHE F 393 7.11 3.92 -4.88
C PHE F 393 8.21 3.61 -3.89
N ILE F 394 7.90 2.70 -2.98
CA ILE F 394 8.71 2.43 -1.82
C ILE F 394 8.94 0.93 -1.82
N VAL F 395 10.18 0.50 -1.62
CA VAL F 395 10.48 -0.92 -1.50
C VAL F 395 11.09 -1.17 -0.14
N LYS F 396 10.51 -2.07 0.64
CA LYS F 396 10.98 -2.36 2.00
C LYS F 396 12.08 -3.40 2.02
N ASP F 397 13.00 -3.24 2.97
CA ASP F 397 13.98 -4.28 3.38
C ASP F 397 14.85 -4.78 2.26
N ALA F 398 15.43 -3.85 1.53
CA ALA F 398 16.45 -4.14 0.53
C ALA F 398 17.81 -3.98 1.20
N MSE F 399 18.86 -4.26 0.47
CA MSE F 399 20.20 -4.09 0.95
C MSE F 399 20.59 -2.66 0.84
O MSE F 399 20.52 -2.07 -0.23
CB MSE F 399 21.12 -4.91 0.08
CG MSE F 399 22.53 -4.85 0.66
SE MSE F 399 23.83 -5.65 -0.59
CE MSE F 399 22.99 -5.49 -2.39
N GLY F 400 21.02 -2.10 1.97
CA GLY F 400 21.54 -0.73 2.02
C GLY F 400 22.99 -0.67 2.49
N ASN F 401 23.23 0.14 3.50
CA ASN F 401 24.56 0.56 3.91
C ASN F 401 24.65 0.49 5.41
N ARG F 402 25.72 -0.07 5.96
CA ARG F 402 25.82 -0.22 7.43
C ARG F 402 25.98 1.10 8.15
N LEU F 403 26.63 2.07 7.51
CA LEU F 403 26.97 3.34 8.13
C LEU F 403 25.78 4.32 8.18
N ASP F 404 24.79 4.15 7.31
CA ASP F 404 23.50 4.82 7.43
C ASP F 404 22.85 4.33 8.74
N PRO F 405 22.75 5.22 9.74
CA PRO F 405 22.26 4.80 11.04
C PRO F 405 20.77 4.51 11.11
N SER F 406 20.01 4.95 10.12
CA SER F 406 18.60 4.57 10.02
C SER F 406 18.43 3.14 9.56
N SER F 407 19.47 2.52 9.00
CA SER F 407 19.34 1.16 8.51
C SER F 407 19.33 0.14 9.66
N ARG F 408 18.68 -0.99 9.39
CA ARG F 408 18.50 -2.10 10.31
C ARG F 408 19.60 -3.10 9.98
N ASP F 409 20.83 -2.75 10.39
CA ASP F 409 22.00 -3.61 10.23
C ASP F 409 22.35 -3.76 8.74
N GLY F 410 22.37 -2.65 8.02
CA GLY F 410 22.59 -2.65 6.57
C GLY F 410 21.36 -2.88 5.67
N VAL F 411 20.25 -3.32 6.24
CA VAL F 411 18.98 -3.45 5.52
C VAL F 411 18.28 -2.10 5.49
N SER F 412 17.80 -1.68 4.33
CA SER F 412 17.25 -0.35 4.16
C SER F 412 16.09 -0.35 3.19
N ASP F 413 15.14 0.54 3.43
CA ASP F 413 14.04 0.78 2.52
C ASP F 413 14.53 1.73 1.43
N LYS F 414 13.86 1.72 0.29
CA LYS F 414 14.26 2.50 -0.87
C LYS F 414 13.06 3.26 -1.38
N MSE F 415 13.29 4.40 -2.03
CA MSE F 415 12.20 5.16 -2.58
C MSE F 415 12.54 5.80 -3.88
O MSE F 415 13.63 6.34 -4.06
CB MSE F 415 11.79 6.23 -1.59
CG MSE F 415 10.54 6.94 -2.08
SE MSE F 415 9.92 8.20 -0.70
CE MSE F 415 11.59 9.15 -0.13
N GLY F 416 11.57 5.77 -4.81
CA GLY F 416 11.70 6.38 -6.12
C GLY F 416 10.62 7.42 -6.30
N ILE F 417 10.97 8.53 -6.95
CA ILE F 417 10.04 9.63 -7.19
C ILE F 417 10.12 10.01 -8.66
N ASP F 418 9.04 9.80 -9.39
CA ASP F 418 8.97 10.17 -10.80
C ASP F 418 8.40 11.59 -10.92
N ALA F 419 9.28 12.56 -11.17
CA ALA F 419 8.87 13.94 -11.32
C ALA F 419 8.98 14.39 -12.77
N THR F 420 8.73 13.47 -13.70
CA THR F 420 8.68 13.79 -15.12
C THR F 420 7.24 14.14 -15.50
N ILE F 421 7.08 14.95 -16.53
CA ILE F 421 5.78 15.30 -17.12
C ILE F 421 5.21 14.06 -17.83
N PRO F 422 3.90 13.82 -17.72
CA PRO F 422 3.29 12.78 -18.53
C PRO F 422 3.48 13.02 -20.03
N LEU F 423 3.70 11.95 -20.76
CA LEU F 423 4.00 12.04 -22.17
C LEU F 423 3.00 12.57 -23.16
N ASN F 424 1.80 12.04 -23.28
CA ASN F 424 0.90 12.50 -24.34
C ASN F 424 0.01 13.45 -23.57
N LEU F 425 0.35 14.73 -23.53
CA LEU F 425 -0.45 15.77 -23.01
C LEU F 425 -0.31 16.97 -23.89
N PRO F 426 -1.27 17.92 -23.75
CA PRO F 426 -1.04 19.28 -24.31
C PRO F 426 0.24 19.90 -23.68
N GLY F 427 1.20 20.26 -24.52
CA GLY F 427 2.49 20.73 -24.03
C GLY F 427 2.54 22.11 -23.39
N GLU F 428 1.40 22.77 -23.22
CA GLU F 428 1.29 24.09 -22.65
C GLU F 428 0.92 24.02 -21.17
N ARG F 429 0.56 22.82 -20.69
CA ARG F 429 0.10 22.69 -19.31
C ARG F 429 1.27 22.77 -18.33
N PHE F 430 2.36 22.10 -18.67
CA PHE F 430 3.57 22.12 -17.86
C PHE F 430 4.63 23.09 -18.37
N GLU F 431 4.28 23.96 -19.32
CA GLU F 431 5.25 24.91 -19.88
C GLU F 431 5.69 25.88 -18.79
N ARG F 432 6.98 25.77 -18.49
CA ARG F 432 7.66 26.63 -17.54
C ARG F 432 7.79 28.05 -18.07
N ILE F 433 7.53 29.04 -17.20
CA ILE F 433 7.55 30.45 -17.63
C ILE F 433 8.99 30.88 -17.94
N SER F 434 9.14 31.88 -18.79
CA SER F 434 10.47 32.30 -19.21
C SER F 434 10.47 33.75 -19.66
N ILE F 435 11.68 34.31 -19.71
CA ILE F 435 11.89 35.70 -20.06
C ILE F 435 12.71 35.68 -21.35
N PRO F 436 12.11 36.09 -22.48
CA PRO F 436 12.89 36.03 -23.74
C PRO F 436 14.09 36.98 -23.71
N GLY F 437 15.21 36.52 -24.26
CA GLY F 437 16.48 37.26 -24.23
C GLY F 437 17.23 37.20 -22.91
N LEU F 438 16.90 36.22 -22.07
CA LEU F 438 17.60 36.03 -20.77
C LEU F 438 19.03 35.57 -20.96
N ASP F 439 19.26 34.61 -21.84
CA ASP F 439 20.62 34.09 -22.08
C ASP F 439 21.49 35.12 -22.79
N LYS F 440 20.86 35.92 -23.64
CA LYS F 440 21.50 37.03 -24.33
C LYS F 440 21.95 38.17 -23.39
N ILE F 441 21.18 38.46 -22.35
CA ILE F 441 21.49 39.56 -21.41
C ILE F 441 22.26 39.04 -20.21
N LYS F 442 23.11 39.87 -19.63
CA LYS F 442 24.00 39.45 -18.53
C LYS F 442 24.03 40.59 -17.49
N LEU F 443 23.72 40.25 -16.24
CA LEU F 443 23.55 41.26 -15.18
C LEU F 443 24.83 42.05 -14.89
N ALA F 444 25.99 41.35 -14.85
CA ALA F 444 27.27 41.97 -14.52
C ALA F 444 27.64 43.15 -15.46
N ASP F 445 27.14 43.12 -16.71
CA ASP F 445 27.29 44.22 -17.67
C ASP F 445 26.49 45.50 -17.34
N TYR F 446 25.54 45.42 -16.39
CA TYR F 446 24.62 46.53 -16.08
C TYR F 446 24.84 47.19 -14.70
N LEU F 447 25.66 46.60 -13.83
CA LEU F 447 26.05 47.23 -12.57
C LEU F 447 27.54 47.59 -12.56
N GLU F 448 27.82 48.91 -12.56
CA GLU F 448 29.16 49.55 -12.43
C GLU F 448 30.15 48.95 -11.44
N1 FMN G . -2.82 -36.72 9.89
C2 FMN G . -2.27 -36.71 11.13
O2 FMN G . -2.89 -36.16 12.07
N3 FMN G . -1.07 -37.24 11.36
C4 FMN G . -0.37 -37.84 10.41
O4 FMN G . 0.73 -38.35 10.69
C4A FMN G . -0.91 -37.91 9.03
N5 FMN G . -0.26 -38.50 8.02
C5A FMN G . -0.81 -38.57 6.79
C6 FMN G . -0.14 -39.22 5.76
C7 FMN G . -0.68 -39.31 4.49
C7M FMN G . 0.12 -40.04 3.43
C8 FMN G . -2.00 -38.73 4.17
C8M FMN G . -2.57 -38.80 2.75
C9 FMN G . -2.67 -38.08 5.19
C9A FMN G . -2.14 -37.98 6.48
N10 FMN G . -2.83 -37.33 7.55
C10 FMN G . -2.21 -37.30 8.82
C1' FMN G . -4.09 -36.62 7.37
C2' FMN G . -5.35 -37.24 7.85
O2' FMN G . -5.23 -38.65 7.58
C3' FMN G . -6.47 -36.55 7.10
O3' FMN G . -6.41 -35.15 7.31
C4' FMN G . -7.79 -37.12 7.51
O4' FMN G . -8.78 -36.78 6.53
C5' FMN G . -8.26 -36.68 8.89
O5' FMN G . -9.50 -37.37 9.03
P FMN G . -10.57 -37.03 10.20
O1P FMN G . -9.70 -36.92 11.46
O2P FMN G . -11.24 -35.73 9.83
O3P FMN G . -11.59 -38.17 10.17
K K H . -11.13 -38.62 7.58
MN MN I . -13.81 -38.32 9.96
CA CA J . -6.85 -9.33 -14.82
N1 FMN K . -6.70 14.05 34.13
C2 FMN K . -5.68 13.48 34.79
O2 FMN K . -4.53 13.83 34.50
N3 FMN K . -5.87 12.56 35.74
C4 FMN K . -7.09 12.13 36.10
O4 FMN K . -7.28 11.28 37.00
C4A FMN K . -8.26 12.71 35.41
N5 FMN K . -9.51 12.34 35.77
C5A FMN K . -10.54 12.92 35.14
C6 FMN K . -11.80 12.54 35.51
C7 FMN K . -12.89 13.13 34.90
C7M FMN K . -14.23 12.66 35.35
C8 FMN K . -12.72 14.15 33.83
C8M FMN K . -13.88 14.80 33.13
C9 FMN K . -11.45 14.50 33.47
C9A FMN K . -10.34 13.94 34.07
N10 FMN K . -9.03 14.33 33.71
C10 FMN K . -7.97 13.71 34.38
C1' FMN K . -8.71 15.30 32.67
C2' FMN K . -8.49 16.71 33.12
O2' FMN K . -9.44 17.02 34.15
C3' FMN K . -8.63 17.59 31.86
O3' FMN K . -7.85 17.10 30.78
C4' FMN K . -8.23 19.02 32.12
O4' FMN K . -8.66 19.91 31.05
C5' FMN K . -6.74 19.25 32.35
O5' FMN K . -6.64 20.64 32.61
P FMN K . -5.37 21.49 32.18
O1P FMN K . -4.26 20.75 32.92
O2P FMN K . -5.21 21.41 30.67
O3P FMN K . -5.75 22.83 32.78
K K L . -8.42 22.57 32.53
MN MN M . -5.51 24.74 32.30
CA CA N . -16.78 8.96 -0.74
N1 FMN O . -36.24 -9.40 -6.21
C2 FMN O . -36.37 -8.96 -7.48
O2 FMN O . -35.75 -9.56 -8.39
N3 FMN O . -37.15 -7.91 -7.77
C4 FMN O . -37.81 -7.24 -6.84
O4 FMN O . -38.52 -6.27 -7.15
C4A FMN O . -37.73 -7.69 -5.43
N5 FMN O . -38.40 -7.07 -4.44
C5A FMN O . -38.32 -7.54 -3.19
C6 FMN O . -39.04 -6.91 -2.20
C7 FMN O . -38.97 -7.34 -0.88
C7M FMN O . -39.76 -6.61 0.14
C8 FMN O . -38.11 -8.48 -0.55
C8M FMN O . -37.99 -8.98 0.86
C9 FMN O . -37.39 -9.12 -1.53
C9A FMN O . -37.46 -8.71 -2.86
N10 FMN O . -36.73 -9.35 -3.90
C10 FMN O . -36.87 -8.85 -5.17
C1' FMN O . -35.80 -10.47 -3.70
C2' FMN O . -36.28 -11.84 -4.08
O2' FMN O . -37.62 -11.92 -3.61
C3' FMN O . -35.36 -12.85 -3.41
O3' FMN O . -34.01 -12.70 -3.81
C4' FMN O . -35.73 -14.26 -3.71
O4' FMN O . -34.99 -15.05 -2.78
C5' FMN O . -35.50 -14.72 -5.17
O5' FMN O . -36.01 -16.05 -5.36
P FMN O . -35.17 -17.20 -6.09
O1P FMN O . -35.16 -16.60 -7.47
O2P FMN O . -33.82 -17.31 -5.39
O3P FMN O . -36.02 -18.45 -5.89
K K P . -36.32 -17.74 -3.24
MN MN Q . -35.73 -20.39 -5.37
CA CA R . -7.34 -6.57 16.35
N1 FMN S . -4.65 37.38 -5.01
C2 FMN S . -5.54 37.40 -6.02
O2 FMN S . -6.71 37.06 -5.78
N3 FMN S . -5.21 37.75 -7.28
C4 FMN S . -3.97 38.09 -7.63
O4 FMN S . -3.67 38.43 -8.79
C4A FMN S . -2.94 38.10 -6.58
N5 FMN S . -1.67 38.47 -6.83
C5A FMN S . -0.79 38.49 -5.83
C6 FMN S . 0.48 38.90 -6.13
C7 FMN S . 1.44 38.96 -5.14
C7M FMN S . 2.78 39.42 -5.64
C8 FMN S . 1.16 38.58 -3.72
C8M FMN S . 2.23 38.60 -2.63
C9 FMN S . -0.14 38.15 -3.42
C9A FMN S . -1.13 38.10 -4.43
N10 FMN S . -2.47 37.70 -4.20
C10 FMN S . -3.39 37.71 -5.23
C1' FMN S . -2.99 37.27 -2.93
C2' FMN S . -3.55 38.32 -2.04
O2' FMN S . -2.70 39.49 -2.01
C3' FMN S . -3.60 37.58 -0.69
O3' FMN S . -4.17 36.27 -0.82
C4' FMN S . -4.40 38.37 0.30
O4' FMN S . -3.95 37.99 1.60
C5' FMN S . -5.91 38.21 0.15
O5' FMN S . -6.36 38.88 1.30
P FMN S . -7.87 38.88 1.84
O1P FMN S . -8.65 38.96 0.54
O2P FMN S . -7.97 37.64 2.71
O3P FMN S . -8.02 40.12 2.71
K K T . -5.47 40.32 3.32
MN MN U . -8.61 40.64 4.76
CA CA V . 12.37 8.64 11.30
N1 FMN W . 12.78 -7.64 -34.48
C2 FMN W . 12.00 -6.85 -35.26
O2 FMN W . 12.23 -5.62 -35.15
N3 FMN W . 11.04 -7.32 -36.09
C4 FMN W . 10.80 -8.63 -36.19
O4 FMN W . 9.96 -9.20 -36.95
C4A FMN W . 11.60 -9.51 -35.39
N5 FMN W . 11.38 -10.80 -35.52
C5A FMN W . 12.15 -11.64 -34.81
C6 FMN W . 11.89 -12.99 -34.99
C7 FMN W . 12.63 -13.93 -34.30
C7M FMN W . 12.26 -15.36 -34.59
C8 FMN W . 13.70 -13.49 -33.35
C8M FMN W . 14.50 -14.50 -32.55
C9 FMN W . 13.95 -12.14 -33.18
C9A FMN W . 13.22 -11.17 -33.86
N10 FMN W . 13.44 -9.78 -33.76
C10 FMN W . 12.62 -8.94 -34.50
C1' FMN W . 14.39 -9.19 -32.84
C2' FMN W . 15.67 -8.79 -33.42
O2' FMN W . 16.12 -9.73 -34.38
C3' FMN W . 16.62 -8.75 -32.25
O3' FMN W . 16.12 -7.95 -31.19
C4' FMN W . 17.95 -8.23 -32.69
O4' FMN W . 18.89 -8.36 -31.60
C5' FMN W . 17.94 -6.75 -33.04
O5' FMN W . 19.24 -6.45 -33.48
P FMN W . 19.85 -4.99 -33.45
O1P FMN W . 18.81 -4.21 -34.22
O2P FMN W . 20.00 -4.63 -31.96
O3P FMN W . 21.12 -5.18 -34.28
K K X . 21.38 -7.89 -33.30
MN MN Y . 23.23 -4.67 -33.82
CA CA Z . 11.60 -14.68 1.65
N1 FMN AA . 37.75 2.44 1.91
C2 FMN AA . 38.00 1.72 3.02
O2 FMN AA . 37.85 0.47 2.96
N3 FMN AA . 38.41 2.29 4.18
C4 FMN AA . 38.61 3.61 4.31
O4 FMN AA . 39.01 4.14 5.38
C4A FMN AA . 38.34 4.42 3.13
N5 FMN AA . 38.52 5.72 3.18
C5A FMN AA . 38.30 6.48 2.12
C6 FMN AA . 38.52 7.83 2.27
C7 FMN AA . 38.33 8.68 1.21
C7M FMN AA . 38.64 10.11 1.55
C8 FMN AA . 37.85 8.14 -0.13
C8M FMN AA . 37.58 9.01 -1.34
C9 FMN AA . 37.63 6.78 -0.27
C9A FMN AA . 37.84 5.92 0.81
N10 FMN AA . 37.65 4.52 0.75
C10 FMN AA . 37.88 3.77 1.90
C1' FMN AA . 37.13 3.84 -0.45
C2' FMN AA . 38.10 3.11 -1.34
O2' FMN AA . 39.38 3.73 -1.48
C3' FMN AA . 37.41 3.11 -2.67
O3' FMN AA . 36.08 2.68 -2.55
C4' FMN AA . 38.16 2.26 -3.65
O4' FMN AA . 37.46 2.47 -4.90
C5' FMN AA . 38.30 0.78 -3.22
O5' FMN AA . 38.32 -0.05 -4.41
P FMN AA . 39.32 -1.26 -4.83
O1P FMN AA . 39.31 -2.11 -3.58
O2P FMN AA . 38.70 -1.77 -6.11
O3P FMN AA . 40.66 -0.62 -5.09
K K BA . 39.78 1.03 -6.80
MN MN CA . 40.71 -2.09 -7.85
CA CA DA . 5.32 12.58 -12.61
#